data_3KDP
#
_entry.id   3KDP
#
_cell.length_a   68.930
_cell.length_b   261.500
_cell.length_c   334.780
_cell.angle_alpha   90.00
_cell.angle_beta   90.00
_cell.angle_gamma   90.00
#
_symmetry.space_group_name_H-M   'P 21 21 21'
#
loop_
_entity.id
_entity.type
_entity.pdbx_description
1 polymer 'Sodium/potassium-transporting ATPase subunit alpha-1'
2 polymer 'Sodium/potassium-transporting ATPase subunit beta-1'
3 polymer 'Na+/K+ ATPase gamma subunit transcript variant a'
4 non-polymer TETRAFLUOROMAGNESATE(2-)
5 non-polymer 'MAGNESIUM ION'
6 non-polymer 'RUBIDIUM ION'
7 non-polymer CHOLESTEROL
#
loop_
_entity_poly.entity_id
_entity_poly.type
_entity_poly.pdbx_seq_one_letter_code
_entity_poly.pdbx_strand_id
1 'polypeptide(L)'
;AKKERDMDELKKEVSMDDHKLSLDELHRKYGTDLSRGLTPARAAEILARDGPNALTPPPTTPEWVKFCRQLFGGFSMLLW
IGAILCFLAYGIQAATEEEPQNDNLYLGVVLSAVVIITGCFSYYQEAKSSKIMESFKNMVPQQALVIRNGEKMSINAEEV
VVGDLVEVKGGDRIPADLRIISANGCKVDNSSLTGESEPQTRSPDFTNENPLETRNIAFFSTNCVEGTARGIVVYTGDRT
VMGRIATLASGLEGGQTPIAAEIEHFIHIITGVAVFLGVSFFILSLILEYTWLEAVIFLIGIIVANVPEGLLATVTVCLT
LTAKRMARKNCLVKNLEAVETLGSTSTICSDKTGTLTQNRMTVAHMWSDNQIHEADTTENQSGVSFDKTSATWLALSRIA
GLCNRAVFQANQENLPILKRAVAGDASESALLKCIELCCGSVKEMRERYTKIVEIPFNSTNKYQLSIHKNPNTAEPRHLL
VMKGAPERILDRCSSILIHGKEQPLDEELKDAFQNAYLELGGLGERVLGFCHLFLPDEQFPEGFQFDTDDVNFPLDNLCF
VGLISMIDPPRAAVPDAVGKCRSAGIKVIMVTGDHPITAKAIAKGVGIISEGNETVEDIAARLNIPVSQVNPRDAKACVV
HGSDLKDMTSEQLDDILKYHTEIVFARTSPQQKLIIVEGCQRQGAIVAVTGDGVNDSPASKKADIGVAMGIAGSDVSKQA
ADMILLDDNFASIVTGVEEGRLIFDNLKKSIAYTLTSNIPEITPFLIFIIANIPLPLGTVTILCIDLGTDMVPAISLAYE
QAESDIMKRQPRNPKTDKLVNEQLISMAYGQIGMIQALGGFFTYFVILAENGFLPIHLLGLRVNWDDRWINDVEDSYGQQ
WTYEQRKIVEFTCHTPFFVTIVVVQWADLVICKTRRNSVFQQGMKNKILIFGLFEETALAAFLSYCPGMGVALRMYPLKP
TWWFCAFPYSLLIFVYDEVRKLIIRRRPGGWVEKETYY
;
A,C
2 'polypeptide(L)'
;NSEKKEFLGRTGGSWFKILLFYVIFYGCLAGIFIGTIQVMLLTISEFKPTYQDRVAPPGLTQIPQSQKTEISFRPNDPQS
YESYVVSIVRFLEKYKDLAQKDDMIFEDCGNVPSELKERGEYNNERGERKVCRSRLEWLGNCSGLNDETYGYKDGKPCVI
IKLNRVLGFKPKPPKNESLETYPVMKYNPYVLPVHCTGKRDEDKEKVGTMEYFGLGGYPGFPLQYYPYYGKLLQPKYLQP
LMAVQFTNLTMDTEIRIECKAYGENIGYSEKDRFQGRFDVKIEVKS
;
B,D
3 'polypeptide(L)' YETVRNGGLIFAALAFIVGLIILLSKR G,H
#
# COMPACT_ATOMS: atom_id res chain seq x y z
N ALA A 1 8.51 -39.64 -14.15
CA ALA A 1 9.42 -38.51 -14.40
C ALA A 1 10.88 -38.91 -14.19
N LYS A 2 11.54 -39.31 -15.27
CA LYS A 2 12.94 -39.72 -15.21
C LYS A 2 13.84 -38.58 -15.67
N LYS A 3 14.96 -38.91 -16.31
CA LYS A 3 15.86 -37.89 -16.84
C LYS A 3 15.14 -36.99 -17.83
N GLU A 4 15.90 -36.14 -18.52
CA GLU A 4 15.35 -35.34 -19.63
C GLU A 4 15.32 -36.18 -20.90
N ARG A 5 16.38 -36.95 -21.12
CA ARG A 5 16.49 -37.82 -22.27
C ARG A 5 15.42 -38.91 -22.27
N ASP A 6 14.42 -38.75 -21.40
CA ASP A 6 13.31 -39.68 -21.28
C ASP A 6 11.99 -38.90 -21.19
N MET A 7 11.84 -38.14 -20.11
CA MET A 7 10.67 -37.30 -19.91
C MET A 7 10.39 -36.47 -21.15
N ASP A 8 11.43 -36.27 -21.96
CA ASP A 8 11.39 -35.41 -23.14
C ASP A 8 11.67 -36.24 -24.41
N GLU A 9 12.15 -37.47 -24.25
CA GLU A 9 12.41 -38.29 -25.42
C GLU A 9 11.17 -39.06 -25.78
N LEU A 10 10.38 -39.40 -24.77
CA LEU A 10 9.12 -40.11 -24.98
C LEU A 10 8.15 -39.14 -25.62
N LYS A 11 8.25 -37.87 -25.24
CA LYS A 11 7.45 -36.84 -25.89
C LYS A 11 7.83 -36.71 -27.37
N LYS A 12 8.63 -37.61 -27.91
CA LYS A 12 9.10 -37.44 -29.29
C LYS A 12 8.66 -38.54 -30.26
N GLU A 13 8.27 -39.69 -29.71
CA GLU A 13 7.77 -40.79 -30.51
C GLU A 13 6.32 -40.45 -30.79
N VAL A 14 5.77 -40.89 -31.93
CA VAL A 14 4.39 -40.54 -32.23
C VAL A 14 3.51 -41.44 -31.40
N SER A 15 2.26 -41.06 -31.23
CA SER A 15 1.39 -41.74 -30.28
C SER A 15 0.74 -43.04 -30.80
N MET A 16 -0.30 -43.52 -30.10
CA MET A 16 -0.92 -44.83 -30.37
C MET A 16 -2.27 -44.87 -29.66
N ASP A 17 -3.28 -45.53 -30.21
CA ASP A 17 -4.64 -45.23 -29.71
C ASP A 17 -5.72 -46.41 -29.50
N ASP A 18 -7.00 -46.07 -29.73
CA ASP A 18 -8.14 -46.88 -29.33
C ASP A 18 -9.40 -46.37 -30.05
N HIS A 19 -9.20 -45.84 -31.23
CA HIS A 19 -10.27 -45.63 -32.18
C HIS A 19 -10.56 -46.93 -32.85
N LYS A 20 -9.77 -47.96 -32.56
CA LYS A 20 -9.95 -49.26 -33.18
C LYS A 20 -10.85 -50.16 -32.35
N LEU A 21 -11.13 -49.73 -31.13
CA LEU A 21 -12.12 -50.41 -30.30
C LEU A 21 -13.54 -50.31 -30.85
N SER A 22 -14.40 -51.23 -30.43
CA SER A 22 -15.81 -51.23 -30.80
C SER A 22 -16.48 -50.36 -29.78
N LEU A 23 -17.78 -50.14 -29.93
CA LEU A 23 -18.44 -49.37 -28.91
C LEU A 23 -18.54 -50.09 -27.59
N ASP A 24 -18.46 -51.41 -27.60
CA ASP A 24 -18.49 -52.09 -26.33
C ASP A 24 -17.07 -52.42 -25.90
N GLU A 25 -16.09 -52.12 -26.75
CA GLU A 25 -14.71 -52.24 -26.33
C GLU A 25 -14.37 -51.05 -25.47
N LEU A 26 -15.01 -49.90 -25.71
CA LEU A 26 -15.02 -48.79 -24.76
C LEU A 26 -15.87 -49.21 -23.56
N HIS A 27 -17.08 -48.64 -23.46
CA HIS A 27 -18.00 -48.94 -22.36
C HIS A 27 -17.27 -49.49 -21.16
N ARG A 28 -16.92 -50.76 -21.18
CA ARG A 28 -16.07 -51.31 -20.14
C ARG A 28 -14.91 -50.37 -19.84
N LYS A 29 -13.97 -50.32 -20.78
CA LYS A 29 -12.72 -49.54 -20.64
C LYS A 29 -12.75 -48.19 -19.94
N TYR A 30 -13.84 -47.44 -20.04
CA TYR A 30 -13.92 -46.23 -19.27
C TYR A 30 -15.00 -46.30 -18.21
N GLY A 31 -15.98 -47.17 -18.41
CA GLY A 31 -17.02 -47.34 -17.43
C GLY A 31 -18.13 -46.36 -17.72
N THR A 32 -17.78 -45.34 -18.48
CA THR A 32 -18.75 -44.35 -18.91
C THR A 32 -19.95 -45.05 -19.57
N ASP A 33 -21.15 -44.54 -19.30
CA ASP A 33 -22.33 -45.06 -19.99
C ASP A 33 -22.14 -44.74 -21.45
N LEU A 34 -23.12 -44.09 -22.04
CA LEU A 34 -23.02 -43.76 -23.45
C LEU A 34 -24.38 -43.27 -23.91
N SER A 35 -25.44 -44.01 -23.63
CA SER A 35 -26.72 -43.40 -23.87
C SER A 35 -26.73 -42.10 -23.07
N ARG A 36 -25.86 -42.06 -22.06
CA ARG A 36 -26.00 -41.02 -21.02
C ARG A 36 -24.84 -40.62 -20.06
N GLY A 37 -23.59 -40.94 -20.43
CA GLY A 37 -22.41 -40.36 -19.80
C GLY A 37 -21.80 -41.07 -18.60
N LEU A 38 -21.16 -40.31 -17.72
CA LEU A 38 -20.71 -40.86 -16.44
C LEU A 38 -21.72 -40.56 -15.35
N THR A 39 -21.41 -40.99 -14.14
CA THR A 39 -22.10 -40.48 -13.00
C THR A 39 -21.46 -39.11 -12.89
N PRO A 40 -22.09 -38.13 -12.22
CA PRO A 40 -21.33 -36.91 -11.94
C PRO A 40 -20.40 -37.18 -10.74
N ALA A 41 -20.82 -38.16 -9.94
CA ALA A 41 -20.11 -38.57 -8.75
C ALA A 41 -18.81 -39.31 -9.08
N ARG A 42 -18.81 -40.15 -10.10
CA ARG A 42 -17.58 -40.81 -10.50
C ARG A 42 -16.81 -39.86 -11.40
N ALA A 43 -17.27 -38.62 -11.46
CA ALA A 43 -16.58 -37.61 -12.26
C ALA A 43 -15.53 -36.90 -11.44
N ALA A 44 -15.96 -35.90 -10.67
CA ALA A 44 -15.05 -35.22 -9.77
C ALA A 44 -14.25 -36.26 -9.01
N GLU A 45 -14.78 -37.48 -9.01
CA GLU A 45 -14.10 -38.59 -8.35
C GLU A 45 -13.05 -39.22 -9.26
N ILE A 46 -13.15 -39.01 -10.55
CA ILE A 46 -12.04 -39.36 -11.42
C ILE A 46 -11.09 -38.18 -11.39
N LEU A 47 -11.63 -37.04 -11.01
CA LEU A 47 -10.81 -35.82 -10.96
C LEU A 47 -9.66 -36.03 -10.00
N ALA A 48 -9.98 -36.27 -8.73
CA ALA A 48 -8.95 -36.58 -7.75
C ALA A 48 -7.92 -37.60 -8.28
N ARG A 49 -8.37 -38.80 -8.63
CA ARG A 49 -7.44 -39.83 -9.03
C ARG A 49 -6.57 -39.39 -10.20
N ASP A 50 -7.14 -38.70 -11.18
CA ASP A 50 -6.40 -38.40 -12.41
C ASP A 50 -5.90 -36.95 -12.49
N GLY A 51 -6.64 -36.03 -11.89
CA GLY A 51 -6.18 -34.65 -11.73
C GLY A 51 -6.37 -33.64 -12.83
N PRO A 52 -7.00 -32.50 -12.51
CA PRO A 52 -7.53 -31.42 -13.36
C PRO A 52 -7.04 -31.39 -14.79
N ASN A 53 -7.94 -31.04 -15.70
CA ASN A 53 -7.65 -30.98 -17.11
C ASN A 53 -7.15 -29.62 -17.49
N ALA A 54 -5.88 -29.55 -17.85
CA ALA A 54 -5.22 -28.40 -18.49
C ALA A 54 -3.74 -28.44 -18.17
N LEU A 55 -2.98 -27.57 -18.81
CA LEU A 55 -1.53 -27.66 -18.72
C LEU A 55 -0.95 -26.61 -17.77
N THR A 56 0.21 -26.93 -17.22
CA THR A 56 0.85 -26.08 -16.24
C THR A 56 2.23 -25.71 -16.74
N PRO A 57 2.52 -24.40 -16.83
CA PRO A 57 3.71 -23.82 -17.47
C PRO A 57 4.99 -23.94 -16.64
N PRO A 58 6.15 -24.02 -17.30
CA PRO A 58 7.40 -24.25 -16.57
C PRO A 58 7.67 -23.05 -15.68
N PRO A 59 8.36 -23.27 -14.56
CA PRO A 59 8.56 -22.18 -13.61
C PRO A 59 9.50 -21.11 -14.19
N THR A 60 9.51 -19.93 -13.58
CA THR A 60 10.27 -18.81 -14.11
C THR A 60 11.37 -18.32 -13.17
N THR A 61 12.62 -18.47 -13.59
CA THR A 61 13.75 -17.87 -12.86
C THR A 61 13.68 -16.36 -13.06
N PRO A 62 13.47 -15.64 -11.95
CA PRO A 62 13.05 -14.23 -11.96
C PRO A 62 14.11 -13.29 -12.51
N GLU A 63 13.98 -12.00 -12.21
CA GLU A 63 14.94 -11.01 -12.68
C GLU A 63 16.05 -10.68 -11.67
N TRP A 64 16.17 -11.51 -10.63
CA TRP A 64 17.43 -11.65 -9.93
C TRP A 64 18.23 -12.51 -10.88
N VAL A 65 18.49 -13.74 -10.43
CA VAL A 65 19.31 -14.69 -11.17
C VAL A 65 19.59 -14.37 -12.65
N LYS A 66 18.53 -14.18 -13.44
CA LYS A 66 18.70 -13.92 -14.86
C LYS A 66 19.78 -12.87 -15.12
N PHE A 67 20.05 -12.03 -14.12
CA PHE A 67 21.00 -10.91 -14.21
C PHE A 67 22.40 -11.29 -13.80
N CYS A 68 22.49 -11.70 -12.54
CA CYS A 68 23.75 -11.94 -11.88
C CYS A 68 24.55 -13.05 -12.53
N ARG A 69 23.89 -14.11 -12.95
CA ARG A 69 24.59 -15.18 -13.66
C ARG A 69 25.44 -14.55 -14.78
N GLN A 70 25.18 -13.27 -15.03
CA GLN A 70 25.96 -12.43 -15.94
C GLN A 70 27.25 -11.88 -15.32
N LEU A 71 27.16 -11.48 -14.06
CA LEU A 71 28.27 -10.85 -13.36
C LEU A 71 29.43 -11.82 -13.15
N PHE A 72 29.61 -12.73 -14.10
CA PHE A 72 30.77 -13.62 -14.13
C PHE A 72 31.17 -13.96 -15.56
N GLY A 73 30.74 -13.12 -16.50
CA GLY A 73 30.98 -13.34 -17.91
C GLY A 73 32.42 -13.19 -18.40
N GLY A 74 33.20 -14.26 -18.23
CA GLY A 74 34.54 -14.35 -18.79
C GLY A 74 35.54 -13.33 -18.24
N PHE A 75 35.62 -12.18 -18.91
CA PHE A 75 36.45 -11.09 -18.45
C PHE A 75 36.00 -10.62 -17.09
N SER A 76 34.83 -11.07 -16.65
CA SER A 76 34.26 -10.55 -15.41
C SER A 76 34.81 -11.19 -14.14
N MET A 77 35.57 -12.28 -14.25
CA MET A 77 36.34 -12.72 -13.10
C MET A 77 37.51 -11.77 -12.93
N LEU A 78 38.34 -11.70 -13.96
CA LEU A 78 39.49 -10.81 -13.97
C LEU A 78 39.09 -9.40 -13.53
N LEU A 79 38.13 -8.79 -14.20
CA LEU A 79 37.64 -7.48 -13.75
C LEU A 79 37.10 -7.48 -12.32
N TRP A 80 36.73 -8.64 -11.79
CA TRP A 80 36.20 -8.70 -10.43
C TRP A 80 37.30 -8.74 -9.38
N ILE A 81 38.35 -9.51 -9.68
CA ILE A 81 39.44 -9.71 -8.74
C ILE A 81 40.38 -8.51 -8.73
N GLY A 82 40.36 -7.74 -9.81
CA GLY A 82 41.12 -6.50 -9.84
C GLY A 82 40.56 -5.51 -8.84
N ALA A 83 39.25 -5.49 -8.70
CA ALA A 83 38.61 -4.55 -7.79
C ALA A 83 38.51 -5.15 -6.40
N ILE A 84 38.84 -6.43 -6.26
CA ILE A 84 38.94 -7.01 -4.92
C ILE A 84 40.36 -6.75 -4.38
N LEU A 85 41.37 -7.12 -5.14
CA LEU A 85 42.74 -6.78 -4.81
C LEU A 85 42.86 -5.28 -4.52
N CYS A 86 42.00 -4.48 -5.13
CA CYS A 86 42.00 -3.04 -4.87
C CYS A 86 41.53 -2.77 -3.46
N PHE A 87 40.42 -3.39 -3.08
CA PHE A 87 39.89 -3.26 -1.74
C PHE A 87 40.81 -3.93 -0.71
N LEU A 88 41.62 -4.90 -1.16
CA LEU A 88 42.73 -5.36 -0.35
C LEU A 88 43.67 -4.17 -0.29
N ALA A 89 44.83 -4.27 -0.94
CA ALA A 89 45.75 -3.14 -1.10
C ALA A 89 45.39 -1.91 -0.26
N TYR A 90 44.48 -1.07 -0.74
CA TYR A 90 44.09 0.12 0.01
C TYR A 90 44.11 -0.12 1.52
N GLY A 91 43.40 -1.15 1.97
CA GLY A 91 43.42 -1.52 3.37
C GLY A 91 44.85 -1.50 3.88
N ILE A 92 45.70 -2.33 3.29
CA ILE A 92 47.13 -2.34 3.58
C ILE A 92 47.73 -0.93 3.78
N GLN A 93 47.28 0.02 2.95
CA GLN A 93 47.78 1.39 3.01
C GLN A 93 47.04 2.20 4.07
N ALA A 94 45.99 1.62 4.64
CA ALA A 94 45.30 2.22 5.79
C ALA A 94 45.78 1.49 7.03
N ALA A 95 47.09 1.22 7.04
CA ALA A 95 47.73 0.52 8.14
C ALA A 95 49.21 0.91 8.25
N THR A 96 49.81 1.27 7.11
CA THR A 96 51.20 1.76 7.11
C THR A 96 51.29 3.28 7.01
N GLU A 97 52.49 3.78 6.69
CA GLU A 97 52.77 5.21 6.64
C GLU A 97 51.62 6.00 6.03
N GLU A 98 50.78 6.57 6.89
CA GLU A 98 49.55 7.26 6.49
C GLU A 98 49.43 7.59 5.01
N GLU A 99 48.62 6.81 4.31
CA GLU A 99 48.23 7.10 2.93
C GLU A 99 46.71 7.16 2.76
N PRO A 100 46.05 8.14 3.45
CA PRO A 100 44.64 8.43 3.24
C PRO A 100 44.43 8.90 1.81
N GLN A 101 45.12 8.23 0.89
CA GLN A 101 45.03 8.54 -0.51
C GLN A 101 43.73 8.03 -1.09
N ASN A 102 43.06 8.89 -1.83
CA ASN A 102 41.90 8.49 -2.60
C ASN A 102 42.24 7.27 -3.47
N ASP A 103 43.48 7.24 -3.96
CA ASP A 103 43.95 6.29 -4.96
C ASP A 103 43.17 4.95 -5.10
N ASN A 104 43.86 3.84 -4.86
CA ASN A 104 43.26 2.53 -5.06
C ASN A 104 41.80 2.40 -4.66
N LEU A 105 41.44 2.90 -3.48
CA LEU A 105 40.07 2.73 -3.01
C LEU A 105 39.05 3.06 -4.09
N TYR A 106 39.37 4.08 -4.89
CA TYR A 106 38.52 4.44 -6.01
C TYR A 106 38.58 3.38 -7.10
N LEU A 107 39.79 2.94 -7.44
CA LEU A 107 39.93 1.89 -8.43
C LEU A 107 39.10 0.65 -8.06
N GLY A 108 38.85 0.45 -6.77
CA GLY A 108 38.01 -0.66 -6.35
C GLY A 108 36.56 -0.46 -6.73
N VAL A 109 36.02 0.68 -6.33
CA VAL A 109 34.65 1.05 -6.67
C VAL A 109 34.49 1.24 -8.17
N VAL A 110 35.45 1.95 -8.78
CA VAL A 110 35.44 2.14 -10.23
C VAL A 110 35.34 0.79 -10.91
N LEU A 111 36.45 0.05 -10.94
CA LEU A 111 36.44 -1.27 -11.55
C LEU A 111 35.13 -2.01 -11.25
N SER A 112 34.80 -2.22 -9.98
CA SER A 112 33.59 -2.96 -9.64
C SER A 112 32.39 -2.49 -10.49
N ALA A 113 32.13 -1.20 -10.51
CA ALA A 113 31.07 -0.64 -11.35
C ALA A 113 31.10 -1.22 -12.77
N VAL A 114 32.21 -1.01 -13.47
CA VAL A 114 32.42 -1.49 -14.83
C VAL A 114 32.05 -2.96 -14.99
N VAL A 115 32.29 -3.75 -13.96
CA VAL A 115 32.02 -5.17 -14.04
C VAL A 115 30.51 -5.39 -14.10
N ILE A 116 29.80 -4.52 -13.38
CA ILE A 116 28.35 -4.55 -13.33
C ILE A 116 27.75 -4.07 -14.66
N ILE A 117 27.78 -2.76 -14.85
CA ILE A 117 27.54 -2.14 -16.15
C ILE A 117 27.87 -3.02 -17.36
N THR A 118 29.03 -3.67 -17.33
CA THR A 118 29.47 -4.52 -18.43
C THR A 118 28.51 -5.67 -18.60
N GLY A 119 27.96 -6.15 -17.48
CA GLY A 119 27.03 -7.28 -17.46
C GLY A 119 25.66 -7.02 -18.10
N CYS A 120 24.98 -5.97 -17.65
CA CYS A 120 23.77 -5.50 -18.31
C CYS A 120 23.95 -5.63 -19.81
N PHE A 121 24.67 -4.68 -20.39
CA PHE A 121 25.10 -4.80 -21.78
C PHE A 121 25.10 -6.22 -22.34
N SER A 122 25.71 -7.16 -21.64
CA SER A 122 25.68 -8.56 -22.07
C SER A 122 24.57 -9.34 -21.35
N TYR A 123 23.39 -8.75 -21.32
CA TYR A 123 22.26 -9.29 -20.60
C TYR A 123 21.02 -8.86 -21.34
N TYR A 124 20.96 -7.58 -21.64
CA TYR A 124 20.12 -7.09 -22.70
C TYR A 124 20.65 -7.74 -23.98
N GLN A 125 21.19 -8.94 -23.83
CA GLN A 125 21.68 -9.69 -24.96
C GLN A 125 21.13 -11.11 -24.88
N GLU A 126 21.58 -11.83 -23.86
CA GLU A 126 21.15 -13.20 -23.59
C GLU A 126 19.77 -13.13 -22.94
N ALA A 127 18.87 -12.43 -23.62
CA ALA A 127 17.49 -12.31 -23.18
C ALA A 127 16.64 -13.35 -23.93
N LYS A 128 15.41 -13.59 -23.47
CA LYS A 128 14.71 -14.80 -23.88
C LYS A 128 13.37 -15.08 -23.17
N SER A 129 12.67 -14.04 -22.74
CA SER A 129 11.41 -14.25 -22.05
C SER A 129 10.41 -14.98 -22.95
N SER A 130 10.27 -16.29 -22.78
CA SER A 130 9.53 -17.09 -23.76
C SER A 130 8.17 -17.65 -23.33
N LYS A 131 7.18 -16.78 -23.24
CA LYS A 131 5.85 -17.19 -22.83
C LYS A 131 5.18 -18.11 -23.85
N ILE A 132 5.54 -19.40 -23.87
CA ILE A 132 4.91 -20.33 -24.83
C ILE A 132 3.62 -20.96 -24.31
N MET A 133 3.63 -21.54 -23.12
CA MET A 133 2.43 -22.16 -22.62
C MET A 133 1.38 -21.09 -22.41
N GLU A 134 1.76 -19.88 -22.06
CA GLU A 134 0.72 -18.87 -21.98
C GLU A 134 0.33 -18.43 -23.39
N SER A 135 0.38 -19.43 -24.28
CA SER A 135 -0.19 -19.38 -25.63
C SER A 135 -1.01 -20.65 -25.98
N PHE A 136 -0.48 -21.84 -25.70
CA PHE A 136 -1.23 -23.08 -25.87
C PHE A 136 -2.42 -23.16 -24.94
N LYS A 137 -2.16 -22.96 -23.66
CA LYS A 137 -3.22 -23.02 -22.67
C LYS A 137 -4.39 -22.10 -23.06
N ASN A 138 -4.14 -21.20 -24.00
CA ASN A 138 -5.21 -20.33 -24.52
C ASN A 138 -6.13 -20.97 -25.57
N MET A 139 -5.81 -22.20 -25.97
CA MET A 139 -6.57 -22.92 -27.00
C MET A 139 -7.53 -23.97 -26.45
N VAL A 140 -7.41 -24.30 -25.17
CA VAL A 140 -8.50 -24.95 -24.47
C VAL A 140 -9.53 -23.86 -24.28
N PRO A 141 -10.77 -24.24 -24.00
CA PRO A 141 -11.87 -23.28 -23.85
C PRO A 141 -12.31 -23.06 -22.42
N GLN A 142 -13.12 -22.03 -22.24
CA GLN A 142 -13.60 -21.68 -20.91
C GLN A 142 -14.44 -22.84 -20.33
N GLN A 143 -15.52 -23.16 -21.02
CA GLN A 143 -16.37 -24.26 -20.63
C GLN A 143 -16.32 -25.39 -21.68
N ALA A 144 -16.89 -26.54 -21.31
CA ALA A 144 -17.04 -27.67 -22.21
C ALA A 144 -18.40 -28.28 -21.93
N LEU A 145 -18.95 -28.97 -22.93
CA LEU A 145 -20.27 -29.62 -22.85
C LEU A 145 -20.18 -31.14 -22.61
N VAL A 146 -20.53 -31.56 -21.41
CA VAL A 146 -20.56 -32.98 -21.17
C VAL A 146 -21.92 -33.32 -20.60
N ILE A 147 -22.28 -34.61 -20.70
CA ILE A 147 -23.53 -35.17 -20.17
C ILE A 147 -23.28 -36.19 -19.05
N ARG A 148 -24.21 -36.23 -18.08
CA ARG A 148 -24.10 -37.12 -16.92
C ARG A 148 -25.45 -37.57 -16.38
N ASN A 149 -25.60 -38.85 -16.08
CA ASN A 149 -26.89 -39.29 -15.60
C ASN A 149 -27.90 -39.12 -16.71
N GLY A 150 -27.56 -38.25 -17.64
CA GLY A 150 -28.47 -37.89 -18.71
C GLY A 150 -28.58 -36.40 -18.91
N GLU A 151 -28.56 -35.64 -17.83
CA GLU A 151 -28.49 -34.20 -17.94
C GLU A 151 -27.37 -33.83 -18.90
N LYS A 152 -27.58 -32.83 -19.75
CA LYS A 152 -26.41 -32.22 -20.40
C LYS A 152 -26.03 -30.92 -19.70
N MET A 153 -24.74 -30.79 -19.43
CA MET A 153 -24.29 -29.65 -18.66
C MET A 153 -22.93 -29.18 -19.11
N SER A 154 -22.84 -27.88 -19.34
CA SER A 154 -21.56 -27.28 -19.61
C SER A 154 -20.91 -27.10 -18.27
N ILE A 155 -19.59 -27.04 -18.29
CA ILE A 155 -18.81 -26.78 -17.10
C ILE A 155 -17.37 -26.35 -17.42
N ASN A 156 -16.68 -25.86 -16.40
CA ASN A 156 -15.30 -25.46 -16.52
C ASN A 156 -14.47 -26.54 -17.17
N ALA A 157 -13.90 -26.19 -18.31
CA ALA A 157 -13.20 -27.17 -19.11
C ALA A 157 -12.23 -28.04 -18.34
N GLU A 158 -11.89 -27.64 -17.14
CA GLU A 158 -10.85 -28.38 -16.46
C GLU A 158 -11.50 -29.45 -15.62
N GLU A 159 -12.83 -29.41 -15.54
CA GLU A 159 -13.55 -30.42 -14.79
C GLU A 159 -14.00 -31.62 -15.71
N VAL A 160 -13.50 -31.64 -16.95
CA VAL A 160 -13.60 -32.79 -17.87
C VAL A 160 -12.70 -33.93 -17.38
N VAL A 161 -13.15 -35.18 -17.41
CA VAL A 161 -12.29 -36.20 -16.88
C VAL A 161 -12.00 -37.36 -17.81
N VAL A 162 -10.94 -38.11 -17.56
CA VAL A 162 -10.66 -39.19 -18.47
C VAL A 162 -11.75 -40.21 -18.39
N GLY A 163 -12.80 -39.95 -19.14
CA GLY A 163 -13.94 -40.83 -19.17
C GLY A 163 -15.31 -40.34 -19.67
N ASP A 164 -15.66 -39.07 -19.47
CA ASP A 164 -17.02 -38.65 -19.81
C ASP A 164 -17.33 -38.25 -21.27
N LEU A 165 -18.58 -37.78 -21.41
CA LEU A 165 -19.29 -37.65 -22.67
C LEU A 165 -19.38 -36.22 -23.12
N VAL A 166 -18.70 -35.92 -24.22
CA VAL A 166 -18.60 -34.54 -24.64
C VAL A 166 -19.24 -34.27 -25.99
N GLU A 167 -20.03 -33.21 -26.09
CA GLU A 167 -20.71 -32.90 -27.32
C GLU A 167 -20.10 -31.66 -27.86
N VAL A 168 -19.26 -31.79 -28.88
CA VAL A 168 -18.74 -30.60 -29.55
C VAL A 168 -19.77 -30.15 -30.58
N LYS A 169 -20.06 -28.86 -30.64
CA LYS A 169 -21.05 -28.35 -31.58
C LYS A 169 -20.30 -27.60 -32.66
N GLY A 170 -20.94 -26.70 -33.39
CA GLY A 170 -20.25 -25.98 -34.46
C GLY A 170 -19.58 -24.67 -34.07
N GLY A 171 -18.35 -24.48 -34.56
CA GLY A 171 -17.62 -23.26 -34.30
C GLY A 171 -16.70 -23.32 -33.10
N ASP A 172 -17.18 -23.90 -32.00
CA ASP A 172 -16.43 -23.92 -30.74
C ASP A 172 -15.28 -24.94 -30.72
N ARG A 173 -14.57 -24.98 -29.60
CA ARG A 173 -13.29 -25.69 -29.53
C ARG A 173 -13.42 -27.04 -28.88
N ILE A 174 -12.46 -27.91 -29.16
CA ILE A 174 -12.52 -29.29 -28.68
C ILE A 174 -11.78 -29.53 -27.33
N PRO A 175 -12.52 -29.63 -26.23
CA PRO A 175 -12.12 -29.73 -24.82
C PRO A 175 -11.01 -30.72 -24.50
N ALA A 176 -11.18 -31.99 -24.81
CA ALA A 176 -10.06 -32.90 -24.60
C ALA A 176 -9.72 -33.66 -25.87
N ASP A 177 -9.26 -34.89 -25.72
CA ASP A 177 -9.13 -35.78 -26.85
C ASP A 177 -10.34 -36.70 -26.90
N LEU A 178 -11.07 -36.59 -28.01
CA LEU A 178 -12.29 -37.33 -28.19
C LEU A 178 -12.16 -38.58 -29.10
N ARG A 179 -12.84 -39.65 -28.68
CA ARG A 179 -13.20 -40.74 -29.58
C ARG A 179 -14.68 -40.59 -29.82
N ILE A 180 -15.04 -40.42 -31.09
CA ILE A 180 -16.38 -40.03 -31.46
C ILE A 180 -17.29 -41.23 -31.55
N ILE A 181 -18.34 -41.22 -30.77
CA ILE A 181 -19.33 -42.25 -30.83
C ILE A 181 -20.50 -41.76 -31.70
N SER A 182 -21.42 -40.96 -31.18
CA SER A 182 -22.38 -40.38 -32.09
C SER A 182 -21.60 -39.37 -32.91
N ALA A 183 -22.22 -38.79 -33.94
CA ALA A 183 -21.59 -37.71 -34.67
C ALA A 183 -22.40 -37.11 -35.80
N ASN A 184 -22.37 -35.80 -35.94
CA ASN A 184 -23.07 -35.35 -37.10
C ASN A 184 -22.48 -34.27 -37.94
N GLY A 185 -22.60 -34.51 -39.24
CA GLY A 185 -22.20 -33.56 -40.26
C GLY A 185 -21.08 -32.69 -39.77
N CYS A 186 -19.99 -33.33 -39.40
CA CYS A 186 -19.08 -32.68 -38.47
C CYS A 186 -17.76 -32.57 -39.14
N LYS A 187 -17.42 -31.36 -39.53
CA LYS A 187 -16.11 -31.12 -40.08
C LYS A 187 -15.33 -30.34 -39.02
N VAL A 188 -14.01 -30.25 -39.17
CA VAL A 188 -13.19 -29.81 -38.05
C VAL A 188 -11.84 -29.31 -38.49
N ASP A 189 -11.49 -28.10 -38.04
CA ASP A 189 -10.27 -27.38 -38.45
C ASP A 189 -9.05 -28.03 -37.86
N ASN A 190 -8.43 -28.94 -38.58
CA ASN A 190 -7.33 -29.65 -37.99
C ASN A 190 -6.01 -28.90 -38.13
N SER A 191 -6.05 -27.59 -38.36
CA SER A 191 -4.85 -26.81 -38.71
C SER A 191 -3.70 -27.00 -37.73
N SER A 192 -3.99 -26.82 -36.43
CA SER A 192 -3.01 -27.02 -35.34
C SER A 192 -2.20 -28.34 -35.43
N LEU A 193 -2.39 -29.08 -36.52
CA LEU A 193 -1.90 -30.42 -36.52
C LEU A 193 -1.39 -30.73 -37.88
N THR A 194 -2.24 -30.56 -38.87
CA THR A 194 -1.89 -30.81 -40.23
C THR A 194 -1.13 -29.61 -40.70
N GLY A 195 -1.61 -28.46 -40.29
CA GLY A 195 -1.07 -27.24 -40.83
C GLY A 195 -2.02 -26.60 -41.84
N GLU A 196 -2.95 -27.37 -42.39
CA GLU A 196 -3.93 -26.78 -43.32
C GLU A 196 -5.22 -26.56 -42.60
N SER A 197 -5.99 -25.61 -43.10
CA SER A 197 -7.15 -25.17 -42.36
C SER A 197 -8.44 -25.59 -43.02
N GLU A 198 -8.31 -26.46 -44.03
CA GLU A 198 -9.49 -26.99 -44.70
C GLU A 198 -10.07 -28.04 -43.79
N PRO A 199 -11.40 -28.07 -43.65
CA PRO A 199 -12.03 -28.87 -42.62
C PRO A 199 -11.97 -30.34 -43.02
N GLN A 200 -11.73 -31.26 -42.07
CA GLN A 200 -11.84 -32.69 -42.33
C GLN A 200 -13.09 -33.10 -41.64
N THR A 201 -13.61 -34.28 -42.00
CA THR A 201 -14.90 -34.77 -41.48
C THR A 201 -14.76 -35.75 -40.35
N ARG A 202 -15.64 -35.63 -39.38
CA ARG A 202 -15.59 -36.51 -38.25
C ARG A 202 -16.83 -37.36 -38.22
N SER A 203 -16.59 -38.66 -38.26
CA SER A 203 -17.63 -39.66 -38.20
C SER A 203 -17.14 -40.67 -37.18
N PRO A 204 -17.99 -41.58 -36.74
CA PRO A 204 -17.39 -42.69 -35.98
C PRO A 204 -16.76 -43.73 -36.91
N ASP A 205 -16.81 -43.47 -38.21
CA ASP A 205 -16.12 -44.34 -39.13
C ASP A 205 -14.69 -44.51 -38.66
N PHE A 206 -14.37 -45.55 -37.89
CA PHE A 206 -12.94 -45.86 -37.73
C PHE A 206 -12.48 -46.00 -39.12
N THR A 207 -11.42 -45.39 -39.55
CA THR A 207 -11.12 -45.68 -40.93
C THR A 207 -9.73 -46.19 -41.07
N ASN A 208 -8.90 -45.85 -40.12
CA ASN A 208 -7.49 -45.90 -40.42
C ASN A 208 -6.65 -46.33 -39.26
N GLU A 209 -5.57 -47.02 -39.59
CA GLU A 209 -4.59 -47.43 -38.61
C GLU A 209 -4.20 -46.23 -37.77
N ASN A 210 -3.71 -45.19 -38.43
CA ASN A 210 -3.07 -44.08 -37.74
C ASN A 210 -3.98 -43.05 -37.10
N PRO A 211 -3.90 -42.92 -35.78
CA PRO A 211 -4.85 -42.13 -35.02
C PRO A 211 -4.91 -40.67 -35.43
N LEU A 212 -3.95 -40.20 -36.21
CA LEU A 212 -4.00 -38.82 -36.68
C LEU A 212 -4.88 -38.67 -37.92
N GLU A 213 -5.27 -39.81 -38.50
CA GLU A 213 -5.94 -39.83 -39.79
C GLU A 213 -7.36 -40.34 -39.76
N THR A 214 -7.69 -41.16 -38.76
CA THR A 214 -9.05 -41.67 -38.60
C THR A 214 -10.01 -40.54 -38.38
N ARG A 215 -11.22 -40.72 -38.87
CA ARG A 215 -12.14 -39.64 -38.78
C ARG A 215 -12.93 -39.80 -37.52
N ASN A 216 -12.50 -40.69 -36.64
CA ASN A 216 -13.25 -40.91 -35.37
C ASN A 216 -12.57 -40.44 -34.08
N ILE A 217 -11.47 -39.71 -34.26
CA ILE A 217 -10.73 -39.05 -33.20
C ILE A 217 -10.81 -37.53 -33.38
N ALA A 218 -11.20 -36.83 -32.32
CA ALA A 218 -11.22 -35.37 -32.33
C ALA A 218 -10.02 -34.92 -31.50
N PHE A 219 -9.54 -33.71 -31.77
CA PHE A 219 -8.24 -33.28 -31.22
C PHE A 219 -8.18 -31.99 -30.37
N PHE A 220 -7.41 -32.04 -29.28
CA PHE A 220 -7.26 -30.90 -28.38
C PHE A 220 -6.66 -29.72 -29.13
N SER A 221 -7.24 -28.54 -28.94
CA SER A 221 -6.79 -27.32 -29.61
C SER A 221 -7.65 -26.99 -30.83
N THR A 222 -8.01 -28.03 -31.59
CA THR A 222 -8.80 -27.84 -32.79
C THR A 222 -10.20 -27.38 -32.49
N ASN A 223 -10.84 -26.90 -33.55
CA ASN A 223 -12.19 -26.37 -33.42
C ASN A 223 -13.10 -27.03 -34.45
N CYS A 224 -14.36 -27.13 -34.09
CA CYS A 224 -15.36 -27.74 -34.94
C CYS A 224 -15.92 -26.66 -35.89
N VAL A 225 -15.49 -26.68 -37.16
CA VAL A 225 -15.89 -25.66 -38.13
C VAL A 225 -17.36 -25.70 -38.50
N GLU A 226 -17.94 -26.89 -38.49
CA GLU A 226 -19.36 -27.02 -38.80
C GLU A 226 -19.84 -28.38 -38.34
N GLY A 227 -21.09 -28.46 -37.92
CA GLY A 227 -21.67 -29.74 -37.57
C GLY A 227 -21.90 -29.93 -36.09
N THR A 228 -21.74 -31.19 -35.65
CA THR A 228 -21.84 -31.58 -34.24
C THR A 228 -21.25 -33.00 -34.08
N ALA A 229 -20.84 -33.38 -32.87
CA ALA A 229 -20.33 -34.72 -32.59
C ALA A 229 -20.60 -35.08 -31.13
N ARG A 230 -20.44 -36.36 -30.79
CA ARG A 230 -20.33 -36.78 -29.39
C ARG A 230 -19.12 -37.69 -29.25
N GLY A 231 -18.46 -37.66 -28.09
CA GLY A 231 -17.19 -38.36 -27.89
C GLY A 231 -16.99 -38.85 -26.47
N ILE A 232 -16.17 -39.90 -26.35
CA ILE A 232 -15.64 -40.28 -25.04
C ILE A 232 -14.20 -39.74 -25.02
N VAL A 233 -13.87 -39.11 -23.90
CA VAL A 233 -12.60 -38.42 -23.72
C VAL A 233 -11.51 -39.42 -23.43
N VAL A 234 -10.57 -39.57 -24.34
CA VAL A 234 -9.47 -40.49 -24.08
C VAL A 234 -8.20 -39.84 -23.51
N TYR A 235 -8.04 -38.54 -23.70
CA TYR A 235 -6.93 -37.82 -23.08
C TYR A 235 -7.29 -36.44 -22.58
N THR A 236 -6.79 -36.14 -21.38
CA THR A 236 -7.23 -35.01 -20.56
C THR A 236 -6.00 -34.09 -20.30
N GLY A 237 -5.90 -32.99 -21.06
CA GLY A 237 -4.88 -31.97 -20.89
C GLY A 237 -3.40 -32.24 -21.21
N ASP A 238 -2.57 -32.09 -20.19
CA ASP A 238 -1.14 -32.36 -20.25
C ASP A 238 -0.94 -33.66 -21.02
N ARG A 239 -1.92 -34.55 -20.87
CA ARG A 239 -1.79 -35.95 -21.27
C ARG A 239 -2.20 -36.22 -22.73
N THR A 240 -2.85 -35.24 -23.34
CA THR A 240 -3.35 -35.36 -24.71
C THR A 240 -2.30 -35.53 -25.78
N VAL A 241 -2.51 -34.84 -26.91
CA VAL A 241 -1.65 -34.96 -28.09
C VAL A 241 -1.02 -33.63 -28.38
N MET A 242 -1.84 -32.58 -28.39
CA MET A 242 -1.33 -31.23 -28.55
C MET A 242 -0.61 -30.84 -27.28
N GLY A 243 -1.25 -31.08 -26.15
CA GLY A 243 -0.63 -30.89 -24.85
C GLY A 243 0.70 -31.63 -24.68
N ARG A 244 0.78 -32.87 -25.17
CA ARG A 244 2.04 -33.58 -25.16
C ARG A 244 3.06 -32.88 -26.04
N ILE A 245 2.67 -31.79 -26.70
CA ILE A 245 3.58 -31.02 -27.52
C ILE A 245 3.98 -29.74 -26.83
N ALA A 246 2.99 -28.91 -26.49
CA ALA A 246 3.21 -27.73 -25.65
C ALA A 246 4.18 -28.02 -24.52
N THR A 247 4.00 -29.16 -23.88
CA THR A 247 5.09 -29.78 -23.15
C THR A 247 6.35 -29.81 -24.08
N LEU A 248 6.59 -30.88 -24.85
CA LEU A 248 7.83 -30.98 -25.65
C LEU A 248 8.45 -29.66 -26.17
N ALA A 249 7.65 -28.64 -26.46
CA ALA A 249 8.21 -27.35 -26.89
C ALA A 249 8.63 -26.46 -25.73
N SER A 250 7.65 -25.91 -25.01
CA SER A 250 7.93 -25.27 -23.71
C SER A 250 8.70 -26.27 -22.81
N GLY A 251 9.85 -26.71 -23.30
CA GLY A 251 10.65 -27.71 -22.64
C GLY A 251 11.93 -27.76 -23.43
N LEU A 252 12.26 -26.67 -24.09
CA LEU A 252 13.41 -26.75 -24.94
C LEU A 252 14.47 -25.68 -24.73
N GLU A 253 15.62 -26.15 -24.27
CA GLU A 253 16.77 -25.30 -24.07
C GLU A 253 17.09 -24.53 -25.35
N GLY A 254 17.04 -23.20 -25.26
CA GLY A 254 17.46 -22.38 -26.36
C GLY A 254 18.88 -22.76 -26.77
N GLY A 255 19.78 -22.79 -25.79
CA GLY A 255 21.17 -23.19 -26.03
C GLY A 255 22.04 -22.13 -26.67
N GLN A 256 23.33 -22.39 -26.78
CA GLN A 256 24.24 -21.41 -27.35
C GLN A 256 23.72 -20.97 -28.69
N THR A 257 23.61 -19.67 -28.91
CA THR A 257 23.48 -19.15 -30.28
C THR A 257 24.78 -19.48 -31.03
N PRO A 258 24.96 -19.05 -32.30
CA PRO A 258 26.24 -19.48 -32.86
C PRO A 258 27.30 -18.40 -32.58
N ILE A 259 26.81 -17.23 -32.22
CA ILE A 259 27.65 -16.08 -31.93
C ILE A 259 28.18 -16.23 -30.53
N ALA A 260 27.28 -16.40 -29.58
CA ALA A 260 27.63 -16.30 -28.17
C ALA A 260 28.64 -17.37 -27.83
N ALA A 261 28.74 -18.34 -28.71
CA ALA A 261 29.79 -19.33 -28.62
C ALA A 261 30.97 -18.92 -29.49
N GLU A 262 31.09 -17.63 -29.72
CA GLU A 262 32.33 -17.09 -30.21
C GLU A 262 32.88 -16.26 -29.08
N ILE A 263 32.07 -15.35 -28.56
CA ILE A 263 32.45 -14.65 -27.34
C ILE A 263 33.04 -15.67 -26.36
N GLU A 264 32.23 -16.61 -25.90
CA GLU A 264 32.79 -17.68 -25.10
C GLU A 264 33.81 -18.49 -25.90
N HIS A 265 34.72 -17.82 -26.61
CA HIS A 265 35.94 -18.46 -27.12
C HIS A 265 37.13 -17.51 -27.18
N PHE A 266 36.97 -16.28 -27.65
CA PHE A 266 38.09 -15.34 -27.56
C PHE A 266 38.34 -15.02 -26.10
N ILE A 267 37.27 -14.91 -25.32
CA ILE A 267 37.42 -14.74 -23.89
C ILE A 267 38.38 -15.80 -23.34
N HIS A 268 38.21 -17.05 -23.73
CA HIS A 268 39.06 -18.09 -23.20
C HIS A 268 40.52 -17.85 -23.56
N ILE A 269 40.78 -17.28 -24.73
CA ILE A 269 42.14 -16.91 -25.19
C ILE A 269 42.72 -15.68 -24.45
N ILE A 270 42.06 -14.54 -24.60
CA ILE A 270 42.39 -13.38 -23.78
C ILE A 270 42.68 -13.82 -22.35
N THR A 271 41.67 -13.92 -21.49
CA THR A 271 41.85 -14.42 -20.12
C THR A 271 43.10 -15.26 -19.89
N GLY A 272 43.36 -16.19 -20.81
CA GLY A 272 44.65 -16.87 -20.90
C GLY A 272 45.85 -15.95 -20.77
N VAL A 273 46.16 -15.17 -21.82
CA VAL A 273 47.20 -14.15 -21.65
C VAL A 273 46.98 -13.41 -20.32
N ALA A 274 45.75 -12.96 -20.07
CA ALA A 274 45.46 -12.18 -18.88
C ALA A 274 45.78 -12.87 -17.55
N VAL A 275 46.18 -14.13 -17.59
CA VAL A 275 46.71 -14.73 -16.36
C VAL A 275 48.18 -15.07 -16.57
N PHE A 276 48.44 -15.88 -17.59
CA PHE A 276 49.81 -16.31 -17.87
C PHE A 276 50.76 -15.15 -17.65
N LEU A 277 50.49 -14.01 -18.30
CA LEU A 277 51.22 -12.79 -18.03
C LEU A 277 51.09 -12.47 -16.55
N GLY A 278 49.96 -11.87 -16.20
CA GLY A 278 49.65 -11.54 -14.82
C GLY A 278 50.23 -12.35 -13.65
N VAL A 279 50.50 -13.65 -13.83
CA VAL A 279 51.24 -14.44 -12.83
C VAL A 279 52.70 -14.72 -13.22
N SER A 280 53.02 -14.72 -14.50
CA SER A 280 54.43 -14.75 -14.82
C SER A 280 55.07 -13.55 -14.10
N PHE A 281 54.46 -12.38 -14.28
CA PHE A 281 54.98 -11.14 -13.72
C PHE A 281 54.29 -10.90 -12.41
N PHE A 282 54.62 -11.75 -11.46
CA PHE A 282 54.14 -11.56 -10.12
C PHE A 282 54.85 -12.52 -9.15
N ILE A 283 54.85 -13.80 -9.44
CA ILE A 283 55.88 -14.59 -8.77
C ILE A 283 57.23 -13.89 -9.08
N LEU A 284 57.46 -13.49 -10.34
CA LEU A 284 58.66 -12.67 -10.65
C LEU A 284 58.57 -11.22 -10.12
N SER A 285 57.37 -10.77 -9.81
CA SER A 285 57.23 -9.51 -9.10
C SER A 285 58.02 -9.64 -7.83
N LEU A 286 57.58 -10.53 -6.95
CA LEU A 286 58.19 -10.67 -5.65
C LEU A 286 59.27 -11.74 -5.61
N ILE A 287 59.90 -12.01 -6.75
CA ILE A 287 61.09 -12.85 -6.77
C ILE A 287 62.33 -11.93 -6.84
N LEU A 288 62.07 -10.65 -7.09
CA LEU A 288 63.03 -9.57 -7.03
C LEU A 288 62.52 -8.68 -5.90
N GLU A 289 61.30 -8.98 -5.50
CA GLU A 289 60.76 -8.46 -4.26
C GLU A 289 60.58 -6.95 -4.21
N TYR A 290 59.62 -6.48 -5.01
CA TYR A 290 58.90 -5.25 -4.74
C TYR A 290 58.16 -5.58 -3.44
N THR A 291 57.46 -4.63 -2.82
CA THR A 291 56.81 -4.94 -1.54
C THR A 291 55.91 -6.15 -1.72
N TRP A 292 54.97 -6.31 -0.79
CA TRP A 292 53.81 -7.14 -1.07
C TRP A 292 52.92 -6.26 -1.95
N LEU A 293 52.43 -5.17 -1.38
CA LEU A 293 51.50 -4.28 -2.06
C LEU A 293 52.14 -3.55 -3.19
N GLU A 294 53.37 -3.91 -3.51
CA GLU A 294 54.00 -3.38 -4.70
C GLU A 294 53.85 -4.39 -5.84
N ALA A 295 53.19 -5.50 -5.52
CA ALA A 295 52.91 -6.50 -6.54
C ALA A 295 51.41 -6.63 -6.73
N VAL A 296 50.68 -6.63 -5.61
CA VAL A 296 49.21 -6.62 -5.64
C VAL A 296 48.68 -5.28 -6.11
N ILE A 297 49.55 -4.27 -6.14
CA ILE A 297 49.25 -3.02 -6.82
C ILE A 297 49.66 -3.16 -8.28
N PHE A 298 50.59 -4.08 -8.56
CA PHE A 298 50.98 -4.36 -9.93
C PHE A 298 50.14 -5.43 -10.64
N LEU A 299 49.36 -6.21 -9.88
CA LEU A 299 48.34 -7.08 -10.51
C LEU A 299 47.23 -6.23 -11.04
N ILE A 300 46.59 -5.50 -10.12
CA ILE A 300 45.56 -4.52 -10.43
C ILE A 300 45.85 -3.74 -11.72
N GLY A 301 47.13 -3.51 -11.98
CA GLY A 301 47.57 -2.94 -13.23
C GLY A 301 47.48 -4.00 -14.30
N ILE A 302 48.28 -5.05 -14.17
CA ILE A 302 48.39 -6.03 -15.25
C ILE A 302 47.04 -6.64 -15.66
N ILE A 303 46.16 -6.82 -14.68
CA ILE A 303 44.80 -7.24 -14.94
C ILE A 303 44.21 -6.26 -15.93
N VAL A 304 43.67 -5.16 -15.40
CA VAL A 304 43.12 -4.05 -16.18
C VAL A 304 43.72 -3.80 -17.56
N ALA A 305 45.04 -3.77 -17.64
CA ALA A 305 45.74 -3.64 -18.92
C ALA A 305 45.48 -4.82 -19.85
N ASN A 306 44.86 -5.87 -19.33
CA ASN A 306 44.64 -7.09 -20.10
C ASN A 306 43.21 -7.35 -20.52
N VAL A 307 42.29 -7.35 -19.55
CA VAL A 307 40.84 -7.35 -19.78
C VAL A 307 40.43 -6.16 -20.62
N PRO A 308 39.89 -6.41 -21.84
CA PRO A 308 39.56 -5.38 -22.83
C PRO A 308 38.43 -4.39 -22.48
N GLU A 309 37.79 -4.55 -21.32
CA GLU A 309 36.70 -3.67 -20.88
C GLU A 309 35.73 -3.28 -21.98
N GLY A 310 35.99 -2.14 -22.62
CA GLY A 310 35.13 -1.58 -23.63
C GLY A 310 35.10 -2.39 -24.92
N LEU A 311 34.67 -3.64 -24.79
CA LEU A 311 34.53 -4.52 -25.95
C LEU A 311 33.31 -5.38 -25.78
N LEU A 312 33.35 -6.30 -24.83
CA LEU A 312 32.22 -7.19 -24.58
C LEU A 312 30.89 -6.46 -24.53
N ALA A 313 30.93 -5.14 -24.45
CA ALA A 313 29.72 -4.36 -24.53
C ALA A 313 29.74 -3.48 -25.77
N THR A 314 30.93 -3.20 -26.29
CA THR A 314 31.02 -2.66 -27.63
C THR A 314 30.27 -3.62 -28.56
N VAL A 315 30.46 -4.92 -28.34
CA VAL A 315 29.86 -5.94 -29.19
C VAL A 315 28.35 -6.02 -28.97
N THR A 316 27.90 -6.12 -27.73
CA THR A 316 26.48 -5.93 -27.45
C THR A 316 25.88 -4.78 -28.30
N VAL A 317 26.62 -3.70 -28.46
CA VAL A 317 26.06 -2.57 -29.19
C VAL A 317 26.13 -2.78 -30.69
N CYS A 318 27.24 -3.26 -31.22
CA CYS A 318 27.23 -3.59 -32.63
C CYS A 318 26.00 -4.37 -33.02
N LEU A 319 25.62 -5.34 -32.20
CA LEU A 319 24.43 -6.12 -32.46
C LEU A 319 23.24 -5.17 -32.50
N THR A 320 22.80 -4.71 -31.33
CA THR A 320 21.68 -3.77 -31.22
C THR A 320 21.54 -2.71 -32.32
N LEU A 321 22.57 -2.53 -33.13
CA LEU A 321 22.43 -1.65 -34.28
C LEU A 321 21.80 -2.40 -35.44
N THR A 322 22.56 -3.32 -36.04
CA THR A 322 22.07 -4.05 -37.19
C THR A 322 20.74 -4.70 -36.88
N ALA A 323 20.47 -4.94 -35.60
CA ALA A 323 19.16 -5.42 -35.19
C ALA A 323 18.12 -4.37 -35.56
N LYS A 324 18.12 -3.30 -34.78
CA LYS A 324 17.23 -2.16 -34.97
C LYS A 324 17.30 -1.62 -36.41
N ARG A 325 18.17 -2.21 -37.21
CA ARG A 325 18.28 -1.82 -38.61
C ARG A 325 17.35 -2.62 -39.49
N MET A 326 17.24 -3.93 -39.28
CA MET A 326 16.34 -4.76 -40.06
C MET A 326 14.89 -4.47 -39.73
N ALA A 327 14.64 -4.14 -38.47
CA ALA A 327 13.29 -3.79 -38.03
C ALA A 327 12.68 -2.65 -38.84
N ARG A 328 13.50 -2.00 -39.65
CA ARG A 328 13.01 -1.00 -40.59
C ARG A 328 12.64 -1.66 -41.91
N LYS A 329 13.22 -2.81 -42.21
CA LYS A 329 12.81 -3.61 -43.38
C LYS A 329 11.65 -4.49 -42.95
N ASN A 330 11.11 -4.15 -41.79
CA ASN A 330 9.91 -4.74 -41.24
C ASN A 330 10.09 -6.12 -40.65
N CYS A 331 11.34 -6.52 -40.47
CA CYS A 331 11.64 -7.76 -39.79
C CYS A 331 11.98 -7.51 -38.34
N LEU A 332 11.17 -8.01 -37.42
CA LEU A 332 11.40 -7.76 -35.99
C LEU A 332 12.29 -8.82 -35.33
N VAL A 333 13.13 -8.37 -34.40
CA VAL A 333 14.05 -9.25 -33.69
C VAL A 333 13.80 -9.25 -32.17
N LYS A 334 13.53 -10.44 -31.64
CA LYS A 334 13.03 -10.56 -30.28
C LYS A 334 14.18 -10.97 -29.43
N ASN A 335 15.24 -11.42 -30.09
CA ASN A 335 16.41 -11.90 -29.37
C ASN A 335 17.67 -11.36 -30.03
N LEU A 336 18.29 -10.36 -29.40
CA LEU A 336 19.42 -9.64 -29.97
C LEU A 336 20.39 -10.62 -30.58
N GLU A 337 20.92 -11.51 -29.74
CA GLU A 337 21.88 -12.51 -30.17
C GLU A 337 21.57 -13.06 -31.55
N ALA A 338 20.31 -12.97 -31.92
CA ALA A 338 19.85 -13.63 -33.10
C ALA A 338 20.15 -12.82 -34.36
N VAL A 339 20.37 -11.53 -34.18
CA VAL A 339 20.64 -10.67 -35.33
C VAL A 339 21.81 -11.21 -36.11
N GLU A 340 22.71 -11.90 -35.43
CA GLU A 340 23.79 -12.55 -36.13
C GLU A 340 23.18 -13.75 -36.78
N THR A 341 22.70 -14.65 -35.92
CA THR A 341 22.38 -16.04 -36.26
C THR A 341 22.02 -16.38 -37.71
N LEU A 342 21.10 -15.63 -38.29
CA LEU A 342 20.64 -15.97 -39.62
C LEU A 342 21.79 -16.13 -40.62
N GLY A 343 22.87 -15.39 -40.40
CA GLY A 343 23.95 -15.34 -41.38
C GLY A 343 24.83 -16.56 -41.41
N SER A 344 25.12 -17.10 -40.23
CA SER A 344 26.03 -18.22 -40.08
C SER A 344 25.40 -19.53 -40.55
N THR A 345 24.26 -19.39 -41.22
CA THR A 345 23.33 -20.48 -41.46
C THR A 345 23.55 -21.26 -42.74
N SER A 346 23.54 -22.58 -42.65
CA SER A 346 23.84 -23.42 -43.80
C SER A 346 22.67 -24.29 -44.25
N THR A 347 21.60 -24.32 -43.44
CA THR A 347 20.34 -25.01 -43.79
C THR A 347 19.06 -24.30 -43.28
N ILE A 348 18.08 -24.24 -44.17
CA ILE A 348 16.74 -23.73 -43.86
C ILE A 348 15.65 -24.84 -43.97
N CYS A 349 14.77 -24.91 -42.99
CA CYS A 349 13.62 -25.81 -43.02
C CYS A 349 12.38 -24.97 -42.97
N SER A 350 11.53 -25.12 -43.97
CA SER A 350 10.35 -24.28 -44.11
C SER A 350 9.04 -25.07 -44.17
N ASP A 351 8.15 -24.78 -43.22
CA ASP A 351 6.71 -25.04 -43.35
C ASP A 351 6.30 -24.50 -44.75
N LYS A 352 5.55 -25.30 -45.52
CA LYS A 352 5.06 -24.87 -46.83
C LYS A 352 3.87 -23.95 -46.67
N THR A 353 2.81 -24.54 -46.14
CA THR A 353 1.56 -23.84 -45.98
C THR A 353 1.71 -22.60 -45.13
N GLY A 354 1.34 -21.46 -45.70
CA GLY A 354 1.23 -20.24 -44.93
C GLY A 354 2.53 -19.48 -44.82
N THR A 355 3.64 -20.22 -44.83
CA THR A 355 4.99 -19.65 -44.80
C THR A 355 5.51 -19.47 -46.22
N LEU A 356 5.89 -20.59 -46.82
CA LEU A 356 6.29 -20.64 -48.23
C LEU A 356 5.18 -20.13 -49.13
N THR A 357 3.92 -20.45 -48.80
CA THR A 357 2.73 -20.08 -49.60
C THR A 357 1.82 -19.14 -48.84
N GLN A 358 0.68 -18.80 -49.41
CA GLN A 358 -0.20 -17.82 -48.75
C GLN A 358 -1.34 -18.43 -47.94
N ASN A 359 -1.44 -19.75 -47.94
CA ASN A 359 -2.56 -20.43 -47.34
C ASN A 359 -3.86 -19.74 -47.80
N ARG A 360 -3.99 -19.61 -49.11
CA ARG A 360 -5.24 -19.13 -49.71
C ARG A 360 -5.51 -19.88 -51.02
N MET A 361 -6.46 -20.83 -50.96
CA MET A 361 -6.82 -21.66 -52.11
C MET A 361 -7.13 -20.71 -53.23
N THR A 362 -6.58 -20.97 -54.41
CA THR A 362 -6.70 -19.95 -55.43
C THR A 362 -6.42 -20.31 -56.89
N VAL A 363 -7.23 -19.72 -57.77
CA VAL A 363 -7.35 -20.11 -59.18
C VAL A 363 -6.07 -19.94 -59.93
N ALA A 364 -5.52 -21.04 -60.43
CA ALA A 364 -4.18 -21.08 -61.05
C ALA A 364 -4.22 -21.16 -62.57
N HIS A 365 -5.29 -21.74 -63.09
CA HIS A 365 -5.39 -21.93 -64.53
C HIS A 365 -6.82 -22.00 -65.07
N MET A 366 -6.95 -22.14 -66.37
CA MET A 366 -8.27 -22.26 -66.99
C MET A 366 -8.26 -22.98 -68.33
N TRP A 367 -9.44 -23.40 -68.77
CA TRP A 367 -9.56 -23.99 -70.10
C TRP A 367 -10.68 -23.40 -70.98
N SER A 368 -10.73 -22.06 -71.09
CA SER A 368 -11.52 -21.40 -72.11
C SER A 368 -11.03 -21.96 -73.47
N ASP A 369 -11.88 -21.82 -74.50
CA ASP A 369 -11.52 -21.95 -75.93
C ASP A 369 -10.39 -22.86 -76.34
N ASN A 370 -10.37 -24.08 -75.82
CA ASN A 370 -9.33 -25.01 -76.23
C ASN A 370 -7.89 -24.61 -75.83
N GLN A 371 -7.70 -23.38 -75.37
CA GLN A 371 -6.37 -22.93 -74.93
C GLN A 371 -6.28 -22.89 -73.40
N ILE A 372 -5.10 -23.19 -72.86
CA ILE A 372 -4.89 -23.08 -71.41
C ILE A 372 -4.45 -21.69 -71.00
N HIS A 373 -5.20 -21.07 -70.11
CA HIS A 373 -4.84 -19.73 -69.64
C HIS A 373 -4.24 -19.82 -68.26
N GLU A 374 -3.45 -18.83 -67.86
CA GLU A 374 -2.91 -18.77 -66.49
C GLU A 374 -3.14 -17.40 -65.88
N ALA A 375 -3.43 -17.38 -64.59
CA ALA A 375 -3.78 -16.15 -63.90
C ALA A 375 -2.75 -15.85 -62.83
N ASP A 376 -2.97 -14.73 -62.13
CA ASP A 376 -1.96 -14.15 -61.24
C ASP A 376 -2.09 -14.64 -59.81
N THR A 377 -1.20 -15.54 -59.43
CA THR A 377 -1.29 -16.20 -58.15
C THR A 377 -0.53 -15.45 -57.06
N THR A 378 -0.33 -14.15 -57.27
CA THR A 378 0.37 -13.35 -56.28
C THR A 378 -0.62 -12.75 -55.30
N GLU A 379 -0.13 -11.85 -54.47
CA GLU A 379 -0.90 -11.34 -53.35
C GLU A 379 -1.23 -9.93 -53.71
N ASN A 380 -0.49 -9.42 -54.69
CA ASN A 380 -0.58 -8.02 -55.05
C ASN A 380 -0.94 -7.87 -56.53
N GLN A 381 -0.67 -8.91 -57.29
CA GLN A 381 -1.01 -8.92 -58.71
C GLN A 381 0.08 -8.24 -59.52
N SER A 382 1.30 -8.76 -59.35
CA SER A 382 2.44 -8.39 -60.18
C SER A 382 2.11 -8.66 -61.63
N GLY A 383 2.29 -9.92 -62.03
CA GLY A 383 2.07 -10.37 -63.40
C GLY A 383 0.75 -10.09 -64.10
N VAL A 384 0.48 -10.86 -65.14
CA VAL A 384 -0.51 -10.47 -66.15
C VAL A 384 -1.87 -11.10 -65.97
N SER A 385 -2.85 -10.60 -66.71
CA SER A 385 -4.19 -11.18 -66.71
C SER A 385 -4.16 -12.49 -67.49
N PHE A 386 -5.04 -12.60 -68.49
CA PHE A 386 -5.09 -13.80 -69.32
C PHE A 386 -5.96 -13.64 -70.57
N ASP A 387 -6.91 -12.71 -70.51
CA ASP A 387 -7.84 -12.43 -71.60
C ASP A 387 -9.28 -12.17 -71.09
N LYS A 388 -10.20 -12.03 -72.05
CA LYS A 388 -11.58 -11.67 -71.80
C LYS A 388 -12.09 -11.22 -73.15
N THR A 389 -11.15 -11.09 -74.08
CA THR A 389 -11.46 -10.74 -75.46
C THR A 389 -12.58 -11.63 -75.94
N SER A 390 -12.42 -12.92 -75.68
CA SER A 390 -13.41 -13.93 -76.09
C SER A 390 -14.72 -13.82 -75.32
N ALA A 391 -15.81 -14.19 -75.99
CA ALA A 391 -17.10 -14.20 -75.33
C ALA A 391 -17.11 -15.35 -74.36
N THR A 392 -16.56 -16.49 -74.78
CA THR A 392 -16.52 -17.67 -73.95
C THR A 392 -16.23 -17.29 -72.51
N TRP A 393 -15.34 -16.33 -72.30
CA TRP A 393 -15.10 -15.91 -70.93
C TRP A 393 -16.37 -15.30 -70.32
N LEU A 394 -16.92 -14.25 -70.90
CA LEU A 394 -18.13 -13.69 -70.31
C LEU A 394 -19.03 -14.81 -69.78
N ALA A 395 -18.92 -15.99 -70.40
CA ALA A 395 -19.81 -17.14 -70.14
C ALA A 395 -19.39 -18.00 -68.99
N LEU A 396 -18.11 -18.38 -69.00
CA LEU A 396 -17.47 -19.11 -67.92
C LEU A 396 -17.41 -18.29 -66.62
N SER A 397 -17.06 -17.02 -66.74
CA SER A 397 -17.18 -16.13 -65.59
C SER A 397 -18.57 -16.28 -64.99
N ARG A 398 -19.57 -16.24 -65.84
CA ARG A 398 -20.94 -16.24 -65.41
C ARG A 398 -21.22 -17.46 -64.55
N ILE A 399 -20.90 -18.63 -65.08
CA ILE A 399 -21.11 -19.87 -64.36
C ILE A 399 -20.43 -19.80 -62.99
N ALA A 400 -19.09 -19.72 -63.03
CA ALA A 400 -18.21 -19.77 -61.86
C ALA A 400 -18.63 -18.83 -60.74
N GLY A 401 -19.15 -17.67 -61.15
CA GLY A 401 -19.65 -16.69 -60.21
C GLY A 401 -21.09 -16.94 -59.79
N LEU A 402 -21.90 -17.40 -60.74
CA LEU A 402 -23.35 -17.51 -60.56
C LEU A 402 -23.73 -18.72 -59.68
N CYS A 403 -22.93 -19.77 -59.82
CA CYS A 403 -23.16 -21.07 -59.20
C CYS A 403 -22.18 -21.26 -58.05
N ASN A 404 -22.51 -20.70 -56.88
CA ASN A 404 -21.50 -20.34 -55.89
C ASN A 404 -22.24 -19.68 -54.72
N ARG A 405 -21.95 -20.10 -53.49
CA ARG A 405 -22.73 -19.63 -52.35
C ARG A 405 -21.94 -18.66 -51.48
N ALA A 406 -20.77 -18.30 -51.99
CA ALA A 406 -19.84 -17.40 -51.32
C ALA A 406 -20.21 -15.91 -51.43
N VAL A 407 -20.28 -15.22 -50.29
CA VAL A 407 -20.38 -13.78 -50.27
C VAL A 407 -19.07 -13.22 -49.79
N PHE A 408 -19.02 -11.91 -49.63
CA PHE A 408 -17.97 -11.32 -48.85
C PHE A 408 -18.52 -11.00 -47.46
N GLN A 409 -17.64 -10.88 -46.47
CA GLN A 409 -18.08 -10.47 -45.15
C GLN A 409 -18.42 -8.99 -45.15
N ALA A 410 -19.36 -8.59 -44.31
CA ALA A 410 -19.72 -7.18 -44.22
C ALA A 410 -18.48 -6.30 -43.98
N ASN A 411 -18.55 -5.06 -44.45
CA ASN A 411 -17.52 -4.09 -44.14
C ASN A 411 -16.14 -4.59 -44.53
N GLN A 412 -15.82 -4.56 -45.82
CA GLN A 412 -14.54 -5.06 -46.29
C GLN A 412 -14.13 -4.48 -47.64
N GLU A 413 -14.94 -3.58 -48.18
CA GLU A 413 -14.64 -2.95 -49.47
C GLU A 413 -13.30 -2.25 -49.37
N ASN A 414 -12.87 -2.02 -48.14
CA ASN A 414 -11.62 -1.32 -47.87
C ASN A 414 -10.42 -2.09 -48.41
N LEU A 415 -10.19 -3.27 -47.85
CA LEU A 415 -9.00 -4.05 -48.16
C LEU A 415 -8.96 -4.44 -49.63
N PRO A 416 -7.81 -4.96 -50.08
CA PRO A 416 -7.71 -5.39 -51.48
C PRO A 416 -8.57 -6.61 -51.66
N ILE A 417 -9.24 -6.71 -52.81
CA ILE A 417 -10.12 -7.83 -53.12
C ILE A 417 -9.65 -9.16 -52.50
N LEU A 418 -8.42 -9.55 -52.82
CA LEU A 418 -7.88 -10.82 -52.38
C LEU A 418 -7.86 -11.00 -50.85
N LYS A 419 -7.35 -10.02 -50.13
CA LYS A 419 -7.22 -10.12 -48.67
C LYS A 419 -8.55 -9.94 -47.95
N ARG A 420 -9.65 -10.08 -48.68
CA ARG A 420 -10.98 -9.87 -48.10
C ARG A 420 -11.53 -11.14 -47.48
N ALA A 421 -12.26 -11.00 -46.38
CA ALA A 421 -12.78 -12.14 -45.64
C ALA A 421 -13.96 -12.75 -46.35
N VAL A 422 -13.82 -13.98 -46.82
CA VAL A 422 -14.93 -14.68 -47.46
C VAL A 422 -15.88 -15.29 -46.44
N ALA A 423 -16.96 -15.85 -46.94
CA ALA A 423 -17.90 -16.54 -46.09
C ALA A 423 -18.28 -17.85 -46.76
N GLY A 424 -17.28 -18.50 -47.35
CA GLY A 424 -17.52 -19.66 -48.20
C GLY A 424 -16.65 -20.87 -47.92
N ASP A 425 -15.70 -21.11 -48.81
CA ASP A 425 -14.74 -22.20 -48.63
C ASP A 425 -13.74 -22.35 -49.76
N ALA A 426 -12.67 -23.07 -49.46
CA ALA A 426 -11.66 -23.43 -50.44
C ALA A 426 -12.00 -22.85 -51.81
N SER A 427 -12.65 -23.65 -52.63
CA SER A 427 -12.91 -23.32 -54.02
C SER A 427 -13.89 -22.18 -54.16
N GLU A 428 -15.07 -22.34 -53.58
CA GLU A 428 -16.16 -21.41 -53.86
C GLU A 428 -15.68 -19.97 -53.83
N SER A 429 -14.98 -19.60 -52.76
CA SER A 429 -14.53 -18.22 -52.56
C SER A 429 -13.30 -17.93 -53.39
N ALA A 430 -12.46 -18.93 -53.54
CA ALA A 430 -11.32 -18.78 -54.40
C ALA A 430 -11.79 -18.38 -55.79
N LEU A 431 -13.02 -18.77 -56.13
CA LEU A 431 -13.61 -18.48 -57.45
C LEU A 431 -14.28 -17.14 -57.39
N LEU A 432 -14.99 -16.91 -56.30
CA LEU A 432 -15.67 -15.65 -56.04
C LEU A 432 -14.68 -14.54 -56.26
N LYS A 433 -13.52 -14.64 -55.60
CA LYS A 433 -12.52 -13.59 -55.73
C LYS A 433 -12.02 -13.51 -57.15
N CYS A 434 -11.69 -14.64 -57.76
CA CYS A 434 -11.17 -14.58 -59.12
C CYS A 434 -12.02 -13.64 -59.92
N ILE A 435 -13.32 -13.85 -59.83
CA ILE A 435 -14.27 -13.03 -60.58
C ILE A 435 -14.31 -11.56 -60.12
N GLU A 436 -15.06 -11.27 -59.06
CA GLU A 436 -15.09 -9.93 -58.45
C GLU A 436 -13.87 -9.11 -58.85
N LEU A 437 -12.69 -9.62 -58.52
CA LEU A 437 -11.43 -9.03 -58.91
C LEU A 437 -11.41 -8.62 -60.39
N CYS A 438 -11.51 -9.58 -61.30
CA CYS A 438 -11.33 -9.26 -62.72
C CYS A 438 -12.58 -9.37 -63.59
N CYS A 439 -13.75 -9.28 -62.99
CA CYS A 439 -15.00 -9.31 -63.77
C CYS A 439 -16.11 -8.51 -63.11
N GLY A 440 -15.78 -7.31 -62.66
CA GLY A 440 -16.74 -6.45 -61.99
C GLY A 440 -17.28 -7.12 -60.74
N SER A 441 -18.24 -6.49 -60.11
CA SER A 441 -18.78 -7.02 -58.86
C SER A 441 -19.52 -8.35 -59.06
N VAL A 442 -19.84 -8.99 -57.95
CA VAL A 442 -20.70 -10.18 -57.93
C VAL A 442 -21.92 -9.93 -57.03
N LYS A 443 -21.80 -9.06 -56.03
CA LYS A 443 -23.01 -8.70 -55.30
C LYS A 443 -24.04 -8.27 -56.34
N GLU A 444 -23.54 -7.74 -57.45
CA GLU A 444 -24.39 -7.30 -58.55
C GLU A 444 -24.75 -8.45 -59.48
N MET A 445 -23.73 -9.05 -60.10
CA MET A 445 -23.92 -10.09 -61.13
C MET A 445 -24.79 -11.22 -60.66
N ARG A 446 -25.44 -11.03 -59.53
CA ARG A 446 -26.31 -12.05 -58.99
C ARG A 446 -27.61 -11.42 -58.58
N GLU A 447 -28.12 -10.56 -59.44
CA GLU A 447 -29.45 -10.03 -59.28
C GLU A 447 -29.87 -9.78 -60.69
N ARG A 448 -28.87 -9.61 -61.54
CA ARG A 448 -29.11 -9.64 -62.96
C ARG A 448 -29.74 -11.00 -63.19
N TYR A 449 -28.93 -12.04 -63.04
CA TYR A 449 -29.44 -13.38 -63.20
C TYR A 449 -29.95 -13.92 -61.90
N THR A 450 -31.21 -13.68 -61.58
CA THR A 450 -31.71 -14.14 -60.28
C THR A 450 -31.92 -15.65 -60.25
N LYS A 451 -31.54 -16.30 -59.16
CA LYS A 451 -31.72 -17.74 -59.10
C LYS A 451 -33.14 -18.08 -58.66
N ILE A 452 -33.76 -19.03 -59.40
CA ILE A 452 -35.14 -19.47 -59.16
C ILE A 452 -35.16 -20.77 -58.41
N VAL A 453 -34.27 -21.67 -58.78
CA VAL A 453 -34.02 -22.86 -57.96
C VAL A 453 -32.56 -23.34 -57.97
N GLU A 454 -32.19 -24.16 -57.00
CA GLU A 454 -30.85 -24.70 -56.99
C GLU A 454 -30.73 -26.03 -56.29
N ILE A 455 -29.62 -26.69 -56.60
CA ILE A 455 -29.35 -28.05 -56.16
C ILE A 455 -27.94 -27.99 -55.58
N PRO A 456 -27.81 -28.01 -54.25
CA PRO A 456 -26.47 -27.87 -53.66
C PRO A 456 -25.67 -29.14 -53.85
N PHE A 457 -24.35 -29.03 -53.74
CA PHE A 457 -23.47 -30.16 -53.98
C PHE A 457 -23.78 -31.40 -53.11
N ASN A 458 -24.12 -32.51 -53.77
CA ASN A 458 -24.33 -33.79 -53.09
C ASN A 458 -23.30 -34.81 -53.47
N SER A 459 -22.77 -35.48 -52.45
CA SER A 459 -21.64 -36.38 -52.62
C SER A 459 -21.89 -37.46 -53.66
N THR A 460 -23.15 -37.87 -53.76
CA THR A 460 -23.53 -38.93 -54.69
C THR A 460 -23.20 -38.50 -56.11
N ASN A 461 -23.80 -37.38 -56.53
CA ASN A 461 -23.74 -36.90 -57.92
C ASN A 461 -22.56 -35.98 -58.32
N LYS A 462 -21.78 -35.56 -57.32
CA LYS A 462 -20.55 -34.80 -57.57
C LYS A 462 -20.76 -33.54 -58.42
N TYR A 463 -22.00 -33.10 -58.55
CA TYR A 463 -22.30 -31.86 -59.29
C TYR A 463 -23.09 -30.82 -58.48
N GLN A 464 -23.14 -29.59 -58.98
CA GLN A 464 -23.90 -28.53 -58.31
C GLN A 464 -24.51 -27.66 -59.39
N LEU A 465 -25.74 -27.20 -59.18
CA LEU A 465 -26.46 -26.45 -60.24
C LEU A 465 -27.54 -25.41 -59.81
N SER A 466 -27.68 -24.37 -60.62
CA SER A 466 -28.71 -23.40 -60.38
C SER A 466 -29.37 -23.09 -61.72
N ILE A 467 -30.68 -22.88 -61.69
CA ILE A 467 -31.35 -22.30 -62.85
C ILE A 467 -31.71 -20.86 -62.49
N HIS A 468 -31.41 -19.95 -63.42
CA HIS A 468 -31.45 -18.51 -63.22
C HIS A 468 -32.27 -17.87 -64.33
N LYS A 469 -32.96 -16.78 -64.04
CA LYS A 469 -33.61 -16.03 -65.11
C LYS A 469 -32.62 -15.13 -65.82
N ASN A 470 -32.03 -15.63 -66.89
CA ASN A 470 -31.29 -14.81 -67.81
C ASN A 470 -32.25 -13.69 -68.18
N PRO A 471 -31.76 -12.44 -68.29
CA PRO A 471 -32.73 -11.34 -68.41
C PRO A 471 -32.61 -10.65 -69.74
N ASN A 472 -31.80 -11.22 -70.60
CA ASN A 472 -31.55 -10.62 -71.89
C ASN A 472 -32.80 -10.08 -72.51
N THR A 473 -32.64 -9.13 -73.41
CA THR A 473 -33.76 -8.67 -74.22
C THR A 473 -34.11 -9.75 -75.25
N ALA A 474 -33.39 -10.88 -75.20
CA ALA A 474 -33.58 -12.04 -76.07
C ALA A 474 -32.53 -13.12 -75.80
N GLU A 475 -32.60 -13.84 -74.67
CA GLU A 475 -33.66 -13.84 -73.64
C GLU A 475 -34.29 -15.23 -73.51
N PRO A 476 -33.53 -16.30 -73.73
CA PRO A 476 -34.25 -17.55 -73.55
C PRO A 476 -34.87 -17.70 -72.17
N ARG A 477 -34.60 -16.80 -71.23
CA ARG A 477 -35.13 -16.92 -69.88
C ARG A 477 -34.92 -18.33 -69.41
N HIS A 478 -34.13 -18.49 -68.37
CA HIS A 478 -33.79 -19.82 -67.87
C HIS A 478 -32.40 -20.23 -68.38
N LEU A 479 -31.42 -19.85 -67.57
CA LEU A 479 -30.06 -20.32 -67.73
C LEU A 479 -29.78 -21.35 -66.65
N LEU A 480 -29.38 -22.53 -67.09
CA LEU A 480 -28.98 -23.57 -66.17
C LEU A 480 -27.46 -23.59 -66.21
N VAL A 481 -26.87 -23.44 -65.05
CA VAL A 481 -25.44 -23.40 -64.89
C VAL A 481 -25.11 -24.48 -63.89
N MET A 482 -24.10 -25.30 -64.18
CA MET A 482 -23.64 -26.27 -63.21
C MET A 482 -22.14 -26.44 -63.29
N LYS A 483 -21.51 -26.71 -62.13
CA LYS A 483 -20.12 -27.12 -62.08
C LYS A 483 -20.05 -28.44 -61.37
N GLY A 484 -18.87 -29.01 -61.34
CA GLY A 484 -18.64 -30.21 -60.55
C GLY A 484 -17.34 -30.88 -60.95
N ALA A 485 -17.13 -32.08 -60.44
CA ALA A 485 -16.02 -32.86 -60.93
C ALA A 485 -16.02 -32.75 -62.45
N PRO A 486 -14.86 -32.79 -63.07
CA PRO A 486 -14.75 -32.65 -64.53
C PRO A 486 -14.99 -33.94 -65.31
N GLU A 487 -14.11 -34.92 -65.14
CA GLU A 487 -14.24 -36.16 -65.87
C GLU A 487 -15.69 -36.62 -65.80
N ARG A 488 -16.38 -36.24 -64.73
CA ARG A 488 -17.77 -36.63 -64.57
C ARG A 488 -18.71 -35.48 -64.84
N ILE A 489 -18.28 -34.53 -65.66
CA ILE A 489 -19.17 -33.48 -66.14
C ILE A 489 -19.14 -33.38 -67.66
N LEU A 490 -18.61 -34.41 -68.31
CA LEU A 490 -18.79 -34.60 -69.75
C LEU A 490 -19.90 -35.60 -70.02
N ASP A 491 -20.00 -36.63 -69.18
CA ASP A 491 -21.10 -37.57 -69.26
C ASP A 491 -22.42 -36.82 -69.11
N ARG A 492 -22.33 -35.50 -69.03
CA ARG A 492 -23.48 -34.64 -68.94
C ARG A 492 -23.36 -33.51 -69.94
N CYS A 493 -22.45 -33.65 -70.89
CA CYS A 493 -22.26 -32.61 -71.89
C CYS A 493 -22.23 -33.19 -73.28
N SER A 494 -22.66 -32.40 -74.25
CA SER A 494 -22.62 -32.85 -75.62
C SER A 494 -22.10 -31.76 -76.52
N SER A 495 -21.78 -30.61 -75.95
CA SER A 495 -21.29 -29.49 -76.74
C SER A 495 -20.27 -28.67 -75.99
N ILE A 496 -19.44 -27.96 -76.73
CA ILE A 496 -18.32 -27.22 -76.16
C ILE A 496 -18.21 -25.82 -76.73
N LEU A 497 -18.77 -24.85 -76.03
CA LEU A 497 -18.66 -23.45 -76.39
C LEU A 497 -17.24 -23.00 -76.86
N ILE A 498 -17.15 -22.28 -77.98
CA ILE A 498 -15.84 -21.80 -78.49
C ILE A 498 -15.82 -20.39 -79.11
N HIS A 499 -15.19 -19.45 -78.39
CA HIS A 499 -15.10 -18.05 -78.78
C HIS A 499 -16.46 -17.39 -78.81
N GLY A 500 -17.49 -18.22 -78.81
CA GLY A 500 -18.83 -17.74 -78.68
C GLY A 500 -19.85 -18.71 -79.23
N LYS A 501 -19.37 -19.69 -79.99
CA LYS A 501 -20.26 -20.53 -80.78
C LYS A 501 -20.20 -21.99 -80.36
N GLU A 502 -21.35 -22.52 -79.92
CA GLU A 502 -21.45 -23.93 -79.56
C GLU A 502 -20.96 -24.82 -80.69
N GLN A 503 -20.61 -26.05 -80.34
CA GLN A 503 -20.17 -27.00 -81.33
C GLN A 503 -20.43 -28.37 -80.77
N PRO A 504 -20.14 -29.41 -81.56
CA PRO A 504 -20.28 -30.79 -81.08
C PRO A 504 -19.12 -31.20 -80.19
N LEU A 505 -19.40 -31.98 -79.15
CA LEU A 505 -18.35 -32.50 -78.27
C LEU A 505 -17.72 -33.72 -78.92
N ASP A 506 -17.06 -33.50 -80.05
CA ASP A 506 -16.49 -34.59 -80.82
C ASP A 506 -15.42 -35.38 -80.06
N GLU A 507 -14.53 -36.01 -80.81
CA GLU A 507 -13.47 -36.77 -80.23
C GLU A 507 -12.16 -35.97 -80.19
N GLU A 508 -12.02 -34.99 -81.07
CA GLU A 508 -10.84 -34.15 -81.03
C GLU A 508 -10.70 -33.60 -79.63
N LEU A 509 -11.74 -32.89 -79.20
CA LEU A 509 -11.72 -32.20 -77.92
C LEU A 509 -11.79 -33.14 -76.72
N LYS A 510 -12.58 -34.20 -76.82
CA LYS A 510 -12.71 -35.11 -75.69
C LYS A 510 -11.34 -35.64 -75.28
N ASP A 511 -10.50 -35.95 -76.27
CA ASP A 511 -9.15 -36.40 -75.98
C ASP A 511 -8.26 -35.26 -75.47
N ALA A 512 -8.44 -34.07 -76.05
CA ALA A 512 -7.61 -32.93 -75.69
C ALA A 512 -8.04 -32.23 -74.38
N PHE A 513 -9.28 -32.47 -73.98
CA PHE A 513 -9.78 -32.03 -72.68
C PHE A 513 -9.22 -32.93 -71.59
N GLN A 514 -9.24 -34.24 -71.82
CA GLN A 514 -8.59 -35.18 -70.91
C GLN A 514 -7.08 -34.95 -71.03
N ASN A 515 -6.68 -34.38 -72.15
CA ASN A 515 -5.28 -34.06 -72.41
C ASN A 515 -4.86 -32.84 -71.64
N ALA A 516 -5.82 -32.13 -71.07
CA ALA A 516 -5.51 -30.93 -70.32
C ALA A 516 -5.85 -31.07 -68.84
N TYR A 517 -6.79 -31.96 -68.55
CA TYR A 517 -7.14 -32.30 -67.16
C TYR A 517 -5.94 -32.96 -66.50
N LEU A 518 -5.16 -33.69 -67.28
CA LEU A 518 -3.94 -34.31 -66.76
C LEU A 518 -2.88 -33.24 -66.57
N GLU A 519 -2.43 -32.63 -67.66
CA GLU A 519 -1.46 -31.56 -67.58
C GLU A 519 -1.75 -30.65 -66.40
N LEU A 520 -2.96 -30.12 -66.37
CA LEU A 520 -3.35 -29.14 -65.36
C LEU A 520 -3.19 -29.62 -63.91
N GLY A 521 -3.76 -30.76 -63.58
CA GLY A 521 -3.74 -31.28 -62.22
C GLY A 521 -2.44 -31.96 -61.85
N GLY A 522 -1.62 -32.22 -62.86
CA GLY A 522 -0.27 -32.69 -62.64
C GLY A 522 0.53 -31.59 -61.99
N LEU A 523 -0.10 -30.42 -61.81
CA LEU A 523 0.53 -29.32 -61.11
C LEU A 523 0.01 -29.25 -59.69
N GLY A 524 -0.65 -30.32 -59.26
CA GLY A 524 -1.13 -30.41 -57.91
C GLY A 524 -2.25 -29.41 -57.67
N GLU A 525 -3.12 -29.27 -58.67
CA GLU A 525 -4.24 -28.35 -58.56
C GLU A 525 -5.58 -29.07 -58.48
N ARG A 526 -6.48 -28.52 -57.68
CA ARG A 526 -7.86 -28.94 -57.68
C ARG A 526 -8.38 -28.39 -58.99
N VAL A 527 -8.99 -29.26 -59.79
CA VAL A 527 -9.57 -28.86 -61.09
C VAL A 527 -11.10 -29.06 -61.12
N LEU A 528 -11.83 -28.07 -61.60
CA LEU A 528 -13.28 -28.17 -61.65
C LEU A 528 -13.86 -28.11 -63.07
N GLY A 529 -15.06 -28.66 -63.25
CA GLY A 529 -15.71 -28.57 -64.53
C GLY A 529 -16.89 -27.61 -64.51
N PHE A 530 -16.97 -26.77 -65.53
CA PHE A 530 -18.06 -25.80 -65.60
C PHE A 530 -18.85 -25.95 -66.89
N CYS A 531 -20.17 -26.05 -66.75
CA CYS A 531 -21.07 -26.20 -67.91
C CYS A 531 -22.46 -25.60 -67.72
N HIS A 532 -23.08 -25.21 -68.82
CA HIS A 532 -24.39 -24.58 -68.77
C HIS A 532 -25.33 -25.04 -69.89
N LEU A 533 -26.59 -24.62 -69.78
CA LEU A 533 -27.61 -24.88 -70.80
C LEU A 533 -28.60 -23.73 -70.92
N PHE A 534 -28.85 -23.27 -72.13
CA PHE A 534 -29.94 -22.36 -72.29
C PHE A 534 -31.15 -23.20 -72.52
N LEU A 535 -32.04 -23.17 -71.55
CA LEU A 535 -33.15 -24.08 -71.52
C LEU A 535 -34.17 -23.78 -72.59
N PRO A 536 -34.32 -24.71 -73.55
CA PRO A 536 -35.24 -24.56 -74.69
C PRO A 536 -36.44 -23.64 -74.39
N ASP A 537 -36.67 -22.67 -75.24
CA ASP A 537 -37.62 -21.64 -74.90
C ASP A 537 -39.04 -22.19 -74.74
N GLU A 538 -39.46 -22.99 -75.72
CA GLU A 538 -40.78 -23.60 -75.73
C GLU A 538 -41.00 -24.41 -74.48
N GLN A 539 -40.33 -25.55 -74.44
CA GLN A 539 -40.38 -26.51 -73.33
C GLN A 539 -40.51 -25.97 -71.90
N PHE A 540 -40.22 -24.68 -71.69
CA PHE A 540 -40.37 -24.06 -70.38
C PHE A 540 -40.69 -22.62 -70.61
N PRO A 541 -41.92 -22.23 -70.36
CA PRO A 541 -42.29 -20.86 -70.66
C PRO A 541 -42.15 -20.02 -69.41
N GLU A 542 -42.57 -18.76 -69.50
CA GLU A 542 -42.41 -17.85 -68.38
C GLU A 542 -43.38 -18.20 -67.28
N GLY A 543 -42.90 -18.99 -66.33
CA GLY A 543 -43.70 -19.41 -65.19
C GLY A 543 -43.26 -20.77 -64.69
N PHE A 544 -42.64 -21.53 -65.56
CA PHE A 544 -42.35 -22.93 -65.29
C PHE A 544 -41.98 -23.23 -63.85
N GLN A 545 -42.63 -24.24 -63.28
CA GLN A 545 -42.34 -24.64 -61.92
C GLN A 545 -41.32 -25.72 -61.87
N PHE A 546 -40.04 -25.35 -61.93
CA PHE A 546 -38.98 -26.36 -61.82
C PHE A 546 -39.09 -27.07 -60.49
N ASP A 547 -38.82 -28.35 -60.45
CA ASP A 547 -38.88 -29.03 -59.18
C ASP A 547 -37.52 -29.59 -58.96
N THR A 548 -37.14 -29.78 -57.71
CA THR A 548 -35.86 -30.43 -57.38
C THR A 548 -35.96 -31.72 -56.54
N ASP A 549 -37.18 -32.20 -56.34
CA ASP A 549 -37.40 -33.52 -55.79
C ASP A 549 -37.49 -34.46 -56.98
N ASP A 550 -38.67 -34.56 -57.56
CA ASP A 550 -38.80 -35.13 -58.87
C ASP A 550 -37.96 -34.24 -59.74
N VAL A 551 -36.95 -34.79 -60.40
CA VAL A 551 -36.27 -33.96 -61.38
C VAL A 551 -37.36 -33.51 -62.33
N ASN A 552 -37.00 -32.70 -63.29
CA ASN A 552 -37.99 -31.91 -64.01
C ASN A 552 -37.47 -31.25 -65.28
N PHE A 553 -36.18 -30.89 -65.26
CA PHE A 553 -35.53 -30.23 -66.36
C PHE A 553 -34.31 -31.04 -66.80
N PRO A 554 -33.75 -30.72 -67.98
CA PRO A 554 -32.74 -31.54 -68.65
C PRO A 554 -31.49 -31.62 -67.82
N LEU A 555 -30.68 -32.66 -67.98
CA LEU A 555 -29.36 -32.66 -67.38
C LEU A 555 -28.34 -33.18 -68.34
N ASP A 556 -28.67 -33.21 -69.62
CA ASP A 556 -27.70 -33.73 -70.58
C ASP A 556 -27.57 -32.85 -71.78
N ASN A 557 -26.50 -33.08 -72.52
CA ASN A 557 -26.27 -32.33 -73.72
C ASN A 557 -26.11 -30.86 -73.36
N LEU A 558 -25.92 -30.61 -72.07
CA LEU A 558 -25.56 -29.30 -71.59
C LEU A 558 -24.31 -28.86 -72.33
N CYS A 559 -24.12 -27.55 -72.41
CA CYS A 559 -22.93 -27.02 -73.08
C CYS A 559 -21.77 -27.06 -72.12
N PHE A 560 -20.55 -27.25 -72.62
CA PHE A 560 -19.34 -27.30 -71.81
C PHE A 560 -18.50 -26.03 -71.95
N VAL A 561 -18.48 -25.18 -70.93
CA VAL A 561 -17.85 -23.87 -71.04
C VAL A 561 -16.34 -23.89 -70.79
N GLY A 562 -15.87 -24.62 -69.77
CA GLY A 562 -14.45 -24.74 -69.55
C GLY A 562 -14.03 -25.28 -68.20
N LEU A 563 -12.74 -25.59 -68.05
CA LEU A 563 -12.13 -26.02 -66.79
C LEU A 563 -11.51 -24.85 -66.02
N ILE A 564 -11.67 -24.82 -64.69
CA ILE A 564 -10.95 -23.88 -63.82
C ILE A 564 -10.20 -24.60 -62.71
N SER A 565 -9.03 -24.10 -62.31
CA SER A 565 -8.20 -24.82 -61.37
C SER A 565 -7.53 -23.96 -60.31
N MET A 566 -7.54 -24.44 -59.08
CA MET A 566 -6.93 -23.68 -57.99
C MET A 566 -5.76 -24.38 -57.33
N ILE A 567 -5.10 -23.66 -56.43
CA ILE A 567 -3.93 -24.17 -55.74
C ILE A 567 -3.60 -23.25 -54.55
N ASP A 568 -2.79 -23.76 -53.62
CA ASP A 568 -2.16 -22.91 -52.63
C ASP A 568 -0.78 -22.61 -53.14
N PRO A 569 -0.60 -21.38 -53.62
CA PRO A 569 0.51 -20.81 -54.39
C PRO A 569 1.59 -20.14 -53.57
N PRO A 570 2.79 -20.10 -54.12
CA PRO A 570 3.87 -19.42 -53.43
C PRO A 570 3.45 -17.97 -53.22
N ARG A 571 4.07 -17.28 -52.27
CA ARG A 571 3.97 -15.84 -52.24
C ARG A 571 4.98 -15.32 -53.27
N ALA A 572 4.86 -14.05 -53.64
CA ALA A 572 5.61 -13.52 -54.76
C ALA A 572 7.08 -13.79 -54.65
N ALA A 573 7.67 -13.34 -53.55
CA ALA A 573 9.12 -13.32 -53.47
C ALA A 573 9.67 -14.71 -53.41
N VAL A 574 8.87 -15.59 -52.79
CA VAL A 574 9.35 -16.89 -52.35
C VAL A 574 10.25 -17.59 -53.36
N PRO A 575 9.86 -17.60 -54.63
CA PRO A 575 10.67 -18.38 -55.58
C PRO A 575 11.98 -17.70 -55.94
N ASP A 576 11.90 -16.44 -56.37
CA ASP A 576 13.10 -15.66 -56.65
C ASP A 576 14.04 -15.69 -55.45
N ALA A 577 13.44 -15.54 -54.27
CA ALA A 577 14.19 -15.43 -53.03
C ALA A 577 14.43 -16.76 -52.29
N VAL A 578 14.50 -17.85 -53.04
CA VAL A 578 14.85 -19.14 -52.45
C VAL A 578 16.10 -19.55 -53.17
N GLY A 579 16.13 -19.26 -54.46
CA GLY A 579 17.29 -19.52 -55.29
C GLY A 579 18.37 -18.55 -54.87
N LYS A 580 17.95 -17.49 -54.19
CA LYS A 580 18.91 -16.56 -53.62
C LYS A 580 19.74 -17.28 -52.59
N CYS A 581 19.06 -17.94 -51.66
CA CYS A 581 19.73 -18.64 -50.57
C CYS A 581 20.66 -19.74 -51.04
N ARG A 582 20.90 -19.81 -52.35
CA ARG A 582 21.75 -20.84 -52.90
C ARG A 582 22.92 -20.24 -53.65
N SER A 583 22.78 -18.99 -54.10
CA SER A 583 23.95 -18.23 -54.52
C SER A 583 24.73 -18.07 -53.25
N ALA A 584 24.02 -18.21 -52.14
CA ALA A 584 24.60 -18.16 -50.81
C ALA A 584 25.05 -19.53 -50.31
N GLY A 585 24.65 -20.59 -50.99
CA GLY A 585 25.17 -21.91 -50.67
C GLY A 585 24.48 -22.54 -49.49
N ILE A 586 23.31 -22.00 -49.16
CA ILE A 586 22.48 -22.55 -48.11
C ILE A 586 21.66 -23.70 -48.70
N LYS A 587 21.41 -24.75 -47.90
CA LYS A 587 20.49 -25.83 -48.32
C LYS A 587 19.08 -25.49 -47.86
N VAL A 588 18.11 -25.57 -48.78
CA VAL A 588 16.68 -25.51 -48.42
C VAL A 588 15.97 -26.86 -48.44
N ILE A 589 15.10 -27.01 -47.47
CA ILE A 589 14.42 -28.26 -47.26
C ILE A 589 12.95 -27.95 -46.92
N MET A 590 12.01 -28.66 -47.55
CA MET A 590 10.60 -28.51 -47.23
C MET A 590 10.25 -29.43 -46.06
N VAL A 591 9.66 -28.87 -45.02
CA VAL A 591 9.15 -29.68 -43.90
C VAL A 591 7.70 -29.29 -43.65
N THR A 592 6.79 -30.15 -44.15
CA THR A 592 5.35 -29.87 -44.21
C THR A 592 4.44 -31.07 -43.91
N GLY A 593 3.40 -30.80 -43.13
CA GLY A 593 2.47 -31.84 -42.78
C GLY A 593 1.34 -31.92 -43.79
N ASP A 594 1.59 -31.41 -44.99
CA ASP A 594 0.61 -31.54 -46.07
C ASP A 594 0.82 -32.87 -46.80
N HIS A 595 0.20 -33.05 -47.97
CA HIS A 595 0.34 -34.33 -48.66
C HIS A 595 1.34 -34.25 -49.80
N PRO A 596 2.01 -35.36 -50.05
CA PRO A 596 3.23 -35.43 -50.89
C PRO A 596 3.02 -34.95 -52.30
N ILE A 597 1.78 -34.92 -52.77
CA ILE A 597 1.50 -34.65 -54.18
C ILE A 597 1.51 -33.16 -54.43
N THR A 598 0.96 -32.43 -53.47
CA THR A 598 1.08 -30.99 -53.45
C THR A 598 2.54 -30.64 -53.17
N ALA A 599 3.01 -31.02 -51.99
CA ALA A 599 4.40 -30.81 -51.60
C ALA A 599 5.33 -30.74 -52.80
N LYS A 600 5.64 -31.90 -53.38
CA LYS A 600 6.59 -31.98 -54.49
C LYS A 600 6.26 -31.02 -55.62
N ALA A 601 5.00 -30.67 -55.78
CA ALA A 601 4.64 -29.78 -56.86
C ALA A 601 4.95 -28.33 -56.50
N ILE A 602 4.67 -27.98 -55.26
CA ILE A 602 4.99 -26.65 -54.75
C ILE A 602 6.51 -26.54 -54.56
N ALA A 603 7.11 -27.60 -54.06
CA ALA A 603 8.54 -27.70 -54.00
C ALA A 603 9.17 -27.22 -55.31
N LYS A 604 8.86 -27.91 -56.41
CA LYS A 604 9.42 -27.56 -57.71
C LYS A 604 9.05 -26.14 -58.10
N GLY A 605 7.99 -25.63 -57.47
CA GLY A 605 7.43 -24.34 -57.82
C GLY A 605 8.22 -23.15 -57.33
N VAL A 606 8.49 -23.14 -56.03
CA VAL A 606 9.37 -22.14 -55.42
C VAL A 606 10.83 -22.35 -55.83
N GLY A 607 11.25 -23.62 -55.86
CA GLY A 607 12.52 -23.98 -56.47
C GLY A 607 13.38 -24.88 -55.63
N ILE A 608 12.77 -25.50 -54.65
CA ILE A 608 13.52 -26.42 -53.84
C ILE A 608 13.81 -27.71 -54.60
N ILE A 609 13.12 -27.92 -55.71
CA ILE A 609 13.47 -29.02 -56.64
C ILE A 609 13.69 -28.56 -58.07
N SER A 610 14.95 -28.34 -58.42
CA SER A 610 15.33 -27.61 -59.62
C SER A 610 15.10 -28.36 -60.92
N GLU A 611 14.87 -27.58 -61.97
CA GLU A 611 14.67 -28.08 -63.32
C GLU A 611 15.50 -29.32 -63.59
N GLY A 612 14.95 -30.22 -64.40
CA GLY A 612 15.69 -31.38 -64.86
C GLY A 612 16.23 -32.26 -63.76
N ASN A 613 15.84 -32.00 -62.52
CA ASN A 613 16.27 -32.86 -61.44
C ASN A 613 15.17 -33.84 -61.06
N GLU A 614 15.55 -35.08 -60.78
CA GLU A 614 14.57 -36.13 -60.57
C GLU A 614 14.68 -36.82 -59.22
N THR A 615 13.67 -37.62 -58.91
CA THR A 615 13.74 -38.58 -57.81
C THR A 615 13.66 -40.00 -58.35
N VAL A 616 13.80 -40.97 -57.45
CA VAL A 616 13.71 -42.36 -57.81
C VAL A 616 12.44 -42.63 -58.56
N GLU A 617 11.34 -42.43 -57.87
CA GLU A 617 10.04 -42.67 -58.43
C GLU A 617 9.94 -41.96 -59.77
N ASP A 618 10.25 -40.67 -59.78
CA ASP A 618 10.28 -39.88 -61.01
C ASP A 618 10.94 -40.66 -62.13
N ILE A 619 11.95 -41.45 -61.76
CA ILE A 619 12.75 -42.20 -62.71
C ILE A 619 12.06 -43.49 -63.14
N ALA A 620 11.71 -44.34 -62.18
CA ALA A 620 11.09 -45.62 -62.51
C ALA A 620 10.06 -45.42 -63.61
N ALA A 621 9.25 -44.37 -63.48
CA ALA A 621 8.19 -44.11 -64.46
C ALA A 621 8.70 -43.32 -65.65
N ARG A 622 10.01 -43.19 -65.75
CA ARG A 622 10.63 -42.69 -66.96
C ARG A 622 11.45 -43.83 -67.58
N LEU A 623 11.25 -45.03 -67.07
CA LEU A 623 11.91 -46.23 -67.58
C LEU A 623 11.07 -47.47 -67.32
N ASN A 624 9.77 -47.30 -67.19
CA ASN A 624 8.88 -48.36 -66.73
C ASN A 624 9.61 -49.55 -66.12
N ILE A 625 10.30 -49.32 -65.01
CA ILE A 625 10.93 -50.39 -64.23
C ILE A 625 10.50 -50.25 -62.78
N PRO A 626 10.16 -51.38 -62.15
CA PRO A 626 9.86 -51.34 -60.71
C PRO A 626 10.88 -50.51 -59.93
N VAL A 627 10.44 -49.90 -58.84
CA VAL A 627 11.27 -48.91 -58.15
C VAL A 627 12.49 -49.49 -57.46
N SER A 628 12.27 -50.54 -56.68
CA SER A 628 13.36 -51.17 -55.93
C SER A 628 14.41 -51.69 -56.87
N GLN A 629 14.46 -51.08 -58.06
CA GLN A 629 15.37 -51.48 -59.12
C GLN A 629 16.20 -50.27 -59.55
N VAL A 630 15.91 -49.12 -58.94
CA VAL A 630 16.61 -47.87 -59.28
C VAL A 630 17.73 -47.58 -58.29
N ASN A 631 18.92 -47.33 -58.83
CA ASN A 631 20.09 -46.99 -58.02
C ASN A 631 19.90 -45.64 -57.32
N PRO A 632 19.47 -45.66 -56.05
CA PRO A 632 19.00 -44.47 -55.32
C PRO A 632 19.95 -43.28 -55.38
N ARG A 633 21.22 -43.51 -55.64
CA ARG A 633 22.18 -42.42 -55.74
C ARG A 633 22.14 -41.73 -57.11
N ASP A 634 21.30 -42.25 -58.02
CA ASP A 634 21.05 -41.61 -59.30
C ASP A 634 20.19 -40.38 -59.05
N ALA A 635 19.52 -40.38 -57.91
CA ALA A 635 18.48 -39.40 -57.60
C ALA A 635 18.98 -38.24 -56.75
N LYS A 636 19.02 -37.04 -57.33
CA LYS A 636 19.42 -35.88 -56.55
C LYS A 636 18.35 -35.50 -55.53
N ALA A 637 17.10 -35.36 -55.97
CA ALA A 637 16.01 -34.94 -55.08
C ALA A 637 15.23 -36.12 -54.54
N CYS A 638 14.43 -35.88 -53.49
CA CYS A 638 13.50 -36.91 -53.01
C CYS A 638 12.46 -36.39 -52.04
N VAL A 639 11.30 -37.03 -52.11
CA VAL A 639 10.18 -36.73 -51.24
C VAL A 639 10.03 -37.87 -50.25
N VAL A 640 9.98 -37.56 -48.98
CA VAL A 640 9.90 -38.60 -47.98
C VAL A 640 8.62 -38.48 -47.17
N HIS A 641 7.98 -39.60 -46.94
CA HIS A 641 6.71 -39.55 -46.26
C HIS A 641 6.85 -39.74 -44.78
N GLY A 642 6.18 -38.85 -44.05
CA GLY A 642 6.15 -38.91 -42.61
C GLY A 642 5.80 -40.26 -42.06
N SER A 643 5.37 -41.19 -42.91
CA SER A 643 4.95 -42.49 -42.43
C SER A 643 6.05 -43.49 -42.61
N ASP A 644 7.11 -43.05 -43.25
CA ASP A 644 8.32 -43.85 -43.35
C ASP A 644 9.36 -43.30 -42.38
N LEU A 645 9.28 -42.00 -42.11
CA LEU A 645 10.02 -41.37 -41.03
C LEU A 645 9.72 -42.09 -39.72
N LYS A 646 8.44 -42.24 -39.45
CA LYS A 646 7.96 -43.00 -38.31
C LYS A 646 8.88 -44.20 -37.99
N ASP A 647 9.28 -44.94 -39.03
CA ASP A 647 9.99 -46.20 -38.80
C ASP A 647 11.44 -46.13 -39.25
N MET A 648 11.92 -44.93 -39.53
CA MET A 648 13.31 -44.78 -39.89
C MET A 648 14.16 -44.65 -38.66
N THR A 649 15.47 -44.73 -38.86
CA THR A 649 16.42 -44.48 -37.80
C THR A 649 17.29 -43.31 -38.16
N SER A 650 17.61 -42.50 -37.16
CA SER A 650 18.52 -41.38 -37.30
C SER A 650 19.53 -41.62 -38.40
N GLU A 651 20.04 -42.85 -38.45
CA GLU A 651 21.12 -43.18 -39.37
C GLU A 651 20.68 -43.33 -40.82
N GLN A 652 19.55 -43.99 -41.06
CA GLN A 652 19.03 -44.06 -42.42
C GLN A 652 18.75 -42.63 -42.86
N LEU A 653 18.44 -41.80 -41.87
CA LEU A 653 18.13 -40.39 -42.06
C LEU A 653 19.36 -39.52 -42.32
N ASP A 654 20.42 -39.70 -41.52
CA ASP A 654 21.65 -38.96 -41.70
C ASP A 654 22.13 -39.25 -43.10
N ASP A 655 21.76 -40.43 -43.60
CA ASP A 655 22.07 -40.87 -44.96
C ASP A 655 21.19 -40.17 -45.99
N ILE A 656 19.91 -39.99 -45.67
CA ILE A 656 18.96 -39.30 -46.56
C ILE A 656 19.32 -37.83 -46.74
N LEU A 657 19.91 -37.23 -45.70
CA LEU A 657 20.42 -35.88 -45.77
C LEU A 657 21.83 -35.84 -46.41
N LYS A 658 22.70 -36.74 -45.98
CA LYS A 658 24.08 -36.74 -46.46
C LYS A 658 24.18 -36.95 -47.96
N TYR A 659 23.12 -37.50 -48.55
CA TYR A 659 23.19 -37.99 -49.94
C TYR A 659 22.21 -37.36 -50.95
N HIS A 660 21.31 -36.50 -50.50
CA HIS A 660 20.37 -35.81 -51.41
C HIS A 660 20.49 -34.31 -51.26
N THR A 661 20.28 -33.58 -52.35
CA THR A 661 20.32 -32.12 -52.27
C THR A 661 18.94 -31.52 -52.13
N GLU A 662 17.99 -31.99 -52.93
CA GLU A 662 16.63 -31.42 -52.88
C GLU A 662 15.63 -32.32 -52.14
N ILE A 663 15.36 -31.98 -50.90
CA ILE A 663 14.60 -32.84 -50.00
C ILE A 663 13.22 -32.25 -49.71
N VAL A 664 12.23 -33.12 -49.45
CA VAL A 664 10.87 -32.71 -49.05
C VAL A 664 10.23 -33.64 -48.04
N PHE A 665 10.42 -33.45 -46.75
CA PHE A 665 9.69 -34.32 -45.82
C PHE A 665 8.20 -33.93 -45.83
N ALA A 666 7.31 -34.81 -46.31
CA ALA A 666 5.89 -34.49 -46.42
C ALA A 666 5.03 -35.16 -45.35
N ARG A 667 3.86 -34.60 -45.11
CA ARG A 667 2.98 -35.02 -44.01
C ARG A 667 3.76 -35.52 -42.80
N THR A 668 3.99 -34.61 -41.85
CA THR A 668 4.93 -34.84 -40.79
C THR A 668 4.37 -34.44 -39.42
N SER A 669 4.65 -35.25 -38.40
CA SER A 669 4.21 -34.96 -37.04
C SER A 669 4.66 -33.55 -36.69
N PRO A 670 4.09 -32.95 -35.64
CA PRO A 670 4.91 -31.84 -35.17
C PRO A 670 6.26 -32.40 -34.77
N GLN A 671 6.28 -33.35 -33.85
CA GLN A 671 7.55 -33.95 -33.47
C GLN A 671 8.43 -34.13 -34.69
N GLN A 672 7.84 -34.58 -35.78
CA GLN A 672 8.67 -35.01 -36.87
C GLN A 672 9.49 -33.92 -37.49
N LYS A 673 9.01 -32.68 -37.43
CA LYS A 673 9.78 -31.59 -38.00
C LYS A 673 11.06 -31.44 -37.18
N LEU A 674 10.88 -31.30 -35.87
CA LEU A 674 11.98 -31.36 -34.92
C LEU A 674 12.86 -32.56 -35.22
N ILE A 675 12.31 -33.76 -35.18
CA ILE A 675 13.11 -34.93 -35.49
C ILE A 675 14.03 -34.74 -36.69
N ILE A 676 13.67 -33.83 -37.61
CA ILE A 676 14.50 -33.55 -38.78
C ILE A 676 15.52 -32.44 -38.53
N VAL A 677 15.04 -31.27 -38.12
CA VAL A 677 15.94 -30.23 -37.67
C VAL A 677 17.08 -30.87 -36.89
N GLU A 678 16.75 -31.53 -35.78
CA GLU A 678 17.73 -32.17 -34.88
C GLU A 678 18.80 -32.94 -35.62
N GLY A 679 18.42 -33.55 -36.73
CA GLY A 679 19.31 -34.37 -37.53
C GLY A 679 20.03 -33.63 -38.65
N CYS A 680 19.52 -32.46 -39.02
CA CYS A 680 20.30 -31.54 -39.85
C CYS A 680 21.40 -31.06 -38.94
N GLN A 681 21.00 -30.64 -37.74
CA GLN A 681 21.93 -30.23 -36.69
C GLN A 681 22.95 -31.34 -36.39
N ARG A 682 22.46 -32.53 -36.06
CA ARG A 682 23.31 -33.70 -35.86
C ARG A 682 24.74 -33.50 -36.36
N GLN A 683 24.89 -33.17 -37.64
CA GLN A 683 26.22 -32.93 -38.19
C GLN A 683 26.56 -31.45 -38.36
N GLY A 684 26.85 -30.79 -37.24
CA GLY A 684 27.43 -29.46 -37.23
C GLY A 684 26.54 -28.32 -37.66
N ALA A 685 26.03 -28.42 -38.88
CA ALA A 685 25.31 -27.31 -39.52
C ALA A 685 24.41 -26.44 -38.64
N ILE A 686 24.49 -25.14 -38.89
CA ILE A 686 23.60 -24.18 -38.27
C ILE A 686 22.31 -24.17 -39.11
N VAL A 687 21.17 -24.35 -38.45
CA VAL A 687 19.86 -24.38 -39.10
C VAL A 687 18.81 -23.36 -38.69
N ALA A 688 18.21 -22.76 -39.70
CA ALA A 688 17.10 -21.87 -39.47
C ALA A 688 15.80 -22.68 -39.68
N VAL A 689 14.66 -22.19 -39.21
CA VAL A 689 13.35 -22.79 -39.46
C VAL A 689 12.30 -21.72 -39.64
N THR A 690 11.57 -21.80 -40.75
CA THR A 690 10.47 -20.89 -41.03
C THR A 690 9.15 -21.55 -40.72
N GLY A 691 8.18 -20.81 -40.18
CA GLY A 691 6.90 -21.41 -39.84
C GLY A 691 5.79 -20.40 -39.69
N ASP A 692 4.61 -20.86 -39.31
CA ASP A 692 3.48 -19.97 -39.08
C ASP A 692 2.49 -20.66 -38.21
N GLY A 693 2.66 -21.97 -38.08
CA GLY A 693 1.62 -22.78 -37.49
C GLY A 693 1.99 -23.34 -36.14
N VAL A 694 1.02 -23.40 -35.24
CA VAL A 694 1.23 -24.05 -33.96
C VAL A 694 1.79 -25.42 -34.22
N ASN A 695 1.56 -25.96 -35.40
CA ASN A 695 2.13 -27.26 -35.71
C ASN A 695 3.65 -27.23 -35.80
N ASP A 696 4.22 -26.03 -35.79
CA ASP A 696 5.64 -25.85 -36.04
C ASP A 696 6.46 -25.71 -34.78
N SER A 697 5.84 -25.12 -33.76
CA SER A 697 6.57 -24.64 -32.59
C SER A 697 7.90 -25.34 -32.42
N PRO A 698 7.86 -26.62 -32.05
CA PRO A 698 9.06 -27.42 -31.80
C PRO A 698 10.29 -27.13 -32.68
N ALA A 699 10.19 -27.13 -34.00
CA ALA A 699 11.35 -26.77 -34.78
C ALA A 699 11.58 -25.29 -34.61
N SER A 700 10.52 -24.49 -34.79
CA SER A 700 10.65 -23.05 -34.64
C SER A 700 11.26 -22.73 -33.27
N LYS A 701 11.41 -23.74 -32.43
CA LYS A 701 12.04 -23.54 -31.12
C LYS A 701 13.19 -24.50 -30.80
N LYS A 702 13.77 -25.13 -31.81
CA LYS A 702 14.98 -25.91 -31.63
C LYS A 702 15.87 -25.29 -32.64
N ALA A 703 15.30 -24.32 -33.33
CA ALA A 703 15.98 -23.68 -34.43
C ALA A 703 17.18 -22.94 -33.90
N ASP A 704 18.28 -23.01 -34.63
CA ASP A 704 19.43 -22.19 -34.32
C ASP A 704 18.98 -20.72 -34.33
N ILE A 705 18.25 -20.36 -35.37
CA ILE A 705 17.40 -19.17 -35.33
C ILE A 705 16.07 -19.63 -35.90
N GLY A 706 14.95 -19.22 -35.29
CA GLY A 706 13.61 -19.55 -35.76
C GLY A 706 12.84 -18.35 -36.25
N VAL A 707 12.42 -18.41 -37.51
CA VAL A 707 11.63 -17.32 -38.07
C VAL A 707 10.15 -17.66 -38.17
N ALA A 708 9.30 -16.77 -37.66
CA ALA A 708 7.87 -17.00 -37.75
C ALA A 708 7.37 -16.16 -38.90
N MET A 709 6.07 -16.12 -39.08
CA MET A 709 5.50 -15.16 -40.00
C MET A 709 4.62 -14.25 -39.18
N GLY A 710 4.47 -13.02 -39.66
CA GLY A 710 3.91 -11.96 -38.87
C GLY A 710 2.42 -12.08 -38.74
N ILE A 711 1.73 -12.06 -39.86
CA ILE A 711 0.29 -11.98 -39.81
C ILE A 711 -0.38 -13.32 -40.07
N ALA A 712 0.24 -14.15 -40.89
CA ALA A 712 -0.24 -15.51 -41.05
C ALA A 712 -0.26 -16.15 -39.69
N GLY A 713 0.95 -16.47 -39.26
CA GLY A 713 1.22 -17.24 -38.06
C GLY A 713 0.42 -17.00 -36.80
N SER A 714 0.72 -17.85 -35.82
CA SER A 714 -0.10 -18.02 -34.64
C SER A 714 0.61 -17.52 -33.43
N ASP A 715 -0.16 -16.99 -32.48
CA ASP A 715 0.44 -16.57 -31.24
C ASP A 715 1.61 -17.48 -31.05
N VAL A 716 1.39 -18.78 -31.14
CA VAL A 716 2.44 -19.73 -30.82
C VAL A 716 3.69 -19.62 -31.69
N SER A 717 3.67 -20.27 -32.85
CA SER A 717 4.82 -20.26 -33.73
C SER A 717 5.76 -19.10 -33.44
N LYS A 718 5.19 -17.90 -33.42
CA LYS A 718 5.98 -16.70 -33.21
C LYS A 718 6.54 -16.60 -31.78
N GLN A 719 5.66 -16.62 -30.79
CA GLN A 719 6.11 -16.62 -29.39
C GLN A 719 7.03 -17.77 -29.12
N ALA A 720 7.50 -18.40 -30.17
CA ALA A 720 8.47 -19.44 -30.00
C ALA A 720 9.52 -19.25 -31.05
N ALA A 721 9.70 -18.01 -31.51
CA ALA A 721 10.66 -17.71 -32.56
C ALA A 721 11.58 -16.58 -32.18
N ASP A 722 12.59 -16.34 -33.01
CA ASP A 722 13.57 -15.29 -32.76
C ASP A 722 13.32 -14.04 -33.61
N MET A 723 13.19 -14.26 -34.92
CA MET A 723 12.70 -13.24 -35.84
C MET A 723 11.20 -13.41 -36.12
N ILE A 724 10.55 -12.36 -36.61
CA ILE A 724 9.11 -12.37 -36.82
C ILE A 724 8.76 -11.45 -38.01
N LEU A 725 8.90 -11.98 -39.22
CA LEU A 725 8.68 -11.18 -40.41
C LEU A 725 7.36 -10.44 -40.36
N LEU A 726 7.37 -9.26 -39.77
CA LEU A 726 6.14 -8.48 -39.65
C LEU A 726 5.33 -8.26 -40.95
N ASP A 727 5.95 -8.22 -42.13
CA ASP A 727 5.16 -8.04 -43.34
C ASP A 727 5.02 -9.35 -44.13
N ASP A 728 5.33 -10.46 -43.47
CA ASP A 728 5.22 -11.78 -44.07
C ASP A 728 6.03 -11.92 -45.36
N ASN A 729 6.91 -10.95 -45.66
CA ASN A 729 7.81 -11.03 -46.83
C ASN A 729 8.96 -12.02 -46.63
N PHE A 730 8.94 -13.09 -47.39
CA PHE A 730 9.89 -14.17 -47.23
C PHE A 730 11.21 -13.88 -47.98
N ALA A 731 11.49 -12.61 -48.21
CA ALA A 731 12.77 -12.19 -48.81
C ALA A 731 13.70 -11.61 -47.73
N SER A 732 13.09 -11.14 -46.65
CA SER A 732 13.82 -10.63 -45.49
C SER A 732 14.64 -11.75 -44.86
N ILE A 733 14.56 -12.97 -45.41
CA ILE A 733 15.46 -14.04 -44.98
C ILE A 733 16.76 -13.93 -45.76
N VAL A 734 16.69 -13.48 -47.01
CA VAL A 734 17.91 -13.16 -47.76
C VAL A 734 18.58 -11.86 -47.25
N THR A 735 17.83 -10.77 -47.21
CA THR A 735 18.26 -9.54 -46.54
C THR A 735 18.92 -9.81 -45.21
N GLY A 736 18.25 -10.57 -44.35
CA GLY A 736 18.78 -10.89 -43.03
C GLY A 736 20.03 -11.74 -43.01
N VAL A 737 20.12 -12.71 -43.93
CA VAL A 737 21.29 -13.58 -43.97
C VAL A 737 22.48 -12.82 -44.54
N GLU A 738 22.25 -11.65 -45.14
CA GLU A 738 23.37 -10.85 -45.60
C GLU A 738 23.78 -9.92 -44.50
N GLU A 739 22.85 -9.09 -44.06
CA GLU A 739 23.09 -8.15 -42.97
C GLU A 739 23.79 -8.83 -41.80
N GLY A 740 23.70 -10.16 -41.75
CA GLY A 740 24.26 -10.93 -40.66
C GLY A 740 25.62 -11.53 -40.97
N ARG A 741 26.02 -11.49 -42.23
CA ARG A 741 27.35 -11.92 -42.62
C ARG A 741 28.29 -10.75 -42.49
N LEU A 742 27.71 -9.58 -42.49
CA LEU A 742 28.41 -8.32 -42.44
C LEU A 742 28.66 -7.94 -40.98
N ILE A 743 27.66 -8.11 -40.12
CA ILE A 743 27.87 -7.87 -38.69
C ILE A 743 28.99 -8.76 -38.20
N PHE A 744 29.28 -9.83 -38.95
CA PHE A 744 30.37 -10.73 -38.58
C PHE A 744 31.71 -10.07 -38.86
N ASP A 745 31.99 -9.79 -40.12
CA ASP A 745 33.19 -9.03 -40.48
C ASP A 745 33.34 -7.81 -39.56
N ASN A 746 32.32 -6.97 -39.57
CA ASN A 746 32.33 -5.71 -38.86
C ASN A 746 32.34 -5.87 -37.34
N LEU A 747 32.37 -7.12 -36.90
CA LEU A 747 32.57 -7.42 -35.49
C LEU A 747 34.03 -7.82 -35.27
N LYS A 748 34.68 -8.42 -36.29
CA LYS A 748 36.12 -8.67 -36.29
C LYS A 748 36.86 -7.33 -36.32
N LYS A 749 36.56 -6.51 -37.31
CA LYS A 749 37.11 -5.17 -37.31
C LYS A 749 36.83 -4.55 -35.95
N SER A 750 35.57 -4.47 -35.53
CA SER A 750 35.29 -3.83 -34.26
C SER A 750 36.11 -4.38 -33.08
N ILE A 751 36.43 -5.67 -33.12
CA ILE A 751 37.22 -6.27 -32.03
C ILE A 751 38.70 -5.99 -32.19
N ALA A 752 39.30 -6.45 -33.28
CA ALA A 752 40.68 -6.07 -33.61
C ALA A 752 40.99 -4.67 -33.11
N TYR A 753 40.40 -3.64 -33.71
CA TYR A 753 40.68 -2.27 -33.26
C TYR A 753 40.63 -2.10 -31.75
N THR A 754 39.73 -2.77 -31.05
CA THR A 754 39.78 -2.76 -29.60
C THR A 754 41.05 -3.49 -29.11
N LEU A 755 41.13 -4.80 -29.34
CA LEU A 755 42.31 -5.56 -28.92
C LEU A 755 43.67 -4.97 -29.34
N THR A 756 43.81 -4.44 -30.55
CA THR A 756 45.11 -3.90 -30.98
C THR A 756 45.68 -2.93 -29.95
N SER A 757 44.84 -2.04 -29.42
CA SER A 757 45.33 -0.98 -28.53
C SER A 757 45.63 -1.52 -27.13
N ASN A 758 45.36 -2.80 -26.94
CA ASN A 758 45.67 -3.44 -25.67
C ASN A 758 47.17 -3.63 -25.43
N ILE A 759 47.93 -3.82 -26.50
CA ILE A 759 49.37 -4.09 -26.33
C ILE A 759 50.19 -2.93 -25.71
N PRO A 760 50.03 -1.71 -26.24
CA PRO A 760 50.61 -0.52 -25.61
C PRO A 760 49.84 -0.12 -24.36
N GLU A 761 49.54 -1.10 -23.53
CA GLU A 761 48.86 -0.89 -22.25
C GLU A 761 49.44 -1.92 -21.30
N ILE A 762 49.75 -3.09 -21.83
CA ILE A 762 50.40 -4.11 -21.03
C ILE A 762 51.89 -3.82 -20.90
N THR A 763 52.58 -3.63 -22.02
CA THR A 763 54.03 -3.44 -21.96
C THR A 763 54.57 -2.38 -20.96
N PRO A 764 53.85 -1.25 -20.79
CA PRO A 764 54.30 -0.33 -19.74
C PRO A 764 54.45 -1.05 -18.41
N PHE A 765 53.34 -1.50 -17.85
CA PHE A 765 53.34 -2.29 -16.62
C PHE A 765 54.31 -3.47 -16.68
N LEU A 766 54.70 -3.87 -17.89
CA LEU A 766 55.56 -5.03 -18.05
C LEU A 766 57.02 -4.65 -17.86
N ILE A 767 57.38 -3.47 -18.34
CA ILE A 767 58.74 -2.96 -18.18
C ILE A 767 58.94 -2.37 -16.79
N PHE A 768 57.85 -1.84 -16.21
CA PHE A 768 57.86 -1.30 -14.86
C PHE A 768 58.49 -2.31 -13.93
N ILE A 769 58.44 -3.56 -14.34
CA ILE A 769 59.07 -4.64 -13.61
C ILE A 769 60.44 -4.93 -14.18
N ILE A 770 60.55 -4.85 -15.49
CA ILE A 770 61.82 -5.12 -16.13
C ILE A 770 62.86 -4.08 -15.73
N ALA A 771 62.81 -2.86 -16.30
CA ALA A 771 63.84 -1.81 -16.09
C ALA A 771 63.50 -0.82 -14.98
N ASN A 772 63.18 -1.34 -13.79
CA ASN A 772 62.66 -0.59 -12.64
C ASN A 772 62.48 0.90 -12.94
N ILE A 773 61.75 1.14 -14.02
CA ILE A 773 61.52 2.43 -14.62
C ILE A 773 60.33 3.11 -13.97
N PRO A 774 60.21 4.43 -14.10
CA PRO A 774 59.01 5.12 -13.65
C PRO A 774 57.80 4.78 -14.52
N LEU A 775 56.77 4.19 -13.91
CA LEU A 775 55.57 3.76 -14.61
C LEU A 775 55.03 4.74 -15.65
N PRO A 776 55.19 4.43 -16.95
CA PRO A 776 54.78 5.31 -18.06
C PRO A 776 53.27 5.49 -18.17
N LEU A 777 52.55 4.38 -18.08
CA LEU A 777 51.10 4.40 -18.24
C LEU A 777 50.41 3.86 -17.02
N GLY A 778 49.52 4.66 -16.45
CA GLY A 778 48.92 4.35 -15.17
C GLY A 778 47.57 3.69 -15.29
N THR A 779 47.19 2.91 -14.27
CA THR A 779 45.95 2.17 -14.30
C THR A 779 44.74 3.03 -14.66
N VAL A 780 44.37 3.95 -13.77
CA VAL A 780 43.24 4.83 -14.00
C VAL A 780 43.37 5.45 -15.38
N THR A 781 44.59 5.44 -15.90
CA THR A 781 44.80 5.96 -17.24
C THR A 781 44.26 4.97 -18.29
N ILE A 782 44.37 3.67 -18.04
CA ILE A 782 43.92 2.71 -19.03
C ILE A 782 42.41 2.67 -19.23
N LEU A 783 41.63 2.69 -18.14
CA LEU A 783 40.16 2.84 -18.22
C LEU A 783 39.74 4.12 -18.91
N CYS A 784 40.59 4.65 -19.78
CA CYS A 784 40.28 5.85 -20.55
C CYS A 784 40.40 5.50 -22.01
N ILE A 785 41.02 4.37 -22.28
CA ILE A 785 41.14 3.92 -23.64
C ILE A 785 39.81 3.31 -24.08
N ASP A 786 39.53 2.12 -23.54
CA ASP A 786 38.42 1.32 -24.00
C ASP A 786 37.08 1.77 -23.44
N LEU A 787 37.12 2.59 -22.39
CA LEU A 787 35.91 3.19 -21.84
C LEU A 787 35.69 4.61 -22.31
N GLY A 788 36.76 5.25 -22.77
CA GLY A 788 36.67 6.62 -23.19
C GLY A 788 36.86 6.78 -24.68
N THR A 789 38.10 7.03 -25.09
CA THR A 789 38.38 7.34 -26.48
C THR A 789 37.92 6.23 -27.39
N ASP A 790 38.19 4.98 -27.02
CA ASP A 790 38.00 3.85 -27.93
C ASP A 790 36.56 3.37 -28.18
N MET A 791 35.67 3.49 -27.19
CA MET A 791 34.27 3.14 -27.38
C MET A 791 33.81 3.57 -28.76
N VAL A 792 33.48 4.85 -28.92
CA VAL A 792 32.87 5.37 -30.14
C VAL A 792 33.50 4.92 -31.46
N PRO A 793 34.82 5.04 -31.62
CA PRO A 793 35.46 4.60 -32.85
C PRO A 793 35.25 3.13 -33.18
N ALA A 794 35.07 2.30 -32.15
CA ALA A 794 34.84 0.86 -32.36
C ALA A 794 33.40 0.59 -32.79
N ILE A 795 32.47 1.08 -31.99
CA ILE A 795 31.07 1.08 -32.33
C ILE A 795 30.94 1.39 -33.81
N SER A 796 31.86 2.20 -34.33
CA SER A 796 31.73 2.75 -35.66
C SER A 796 32.02 1.81 -36.83
N LEU A 797 32.77 0.73 -36.61
CA LEU A 797 33.02 -0.18 -37.73
C LEU A 797 31.73 -0.91 -38.10
N ALA A 798 30.95 -1.25 -37.07
CA ALA A 798 29.68 -1.92 -37.24
C ALA A 798 28.88 -1.32 -38.37
N TYR A 799 29.19 -0.08 -38.71
CA TYR A 799 28.52 0.58 -39.81
C TYR A 799 29.27 0.40 -41.14
N GLU A 800 30.07 -0.64 -41.29
CA GLU A 800 30.93 -0.74 -42.47
C GLU A 800 30.41 -1.59 -43.62
N GLN A 801 30.19 -0.99 -44.79
CA GLN A 801 29.75 -1.74 -45.97
C GLN A 801 30.73 -2.90 -46.25
N ALA A 802 30.42 -3.74 -47.23
CA ALA A 802 31.16 -4.99 -47.45
C ALA A 802 32.45 -4.82 -48.25
N GLU A 803 32.93 -5.88 -48.89
CA GLU A 803 34.15 -5.80 -49.69
C GLU A 803 34.02 -6.73 -50.89
N SER A 804 32.85 -7.36 -50.97
CA SER A 804 32.48 -8.21 -52.10
C SER A 804 31.06 -8.78 -51.96
N ASP A 805 30.63 -9.54 -52.95
CA ASP A 805 29.35 -10.23 -52.88
C ASP A 805 29.45 -11.26 -51.77
N ILE A 806 29.21 -10.88 -50.52
CA ILE A 806 29.25 -11.88 -49.46
C ILE A 806 28.27 -13.01 -49.73
N MET A 807 27.05 -12.65 -50.13
CA MET A 807 26.04 -13.63 -50.44
C MET A 807 26.40 -14.36 -51.73
N LYS A 808 27.69 -14.68 -51.86
CA LYS A 808 28.24 -15.38 -53.02
C LYS A 808 29.34 -16.28 -52.50
N ARG A 809 29.39 -16.44 -51.19
CA ARG A 809 30.36 -17.33 -50.60
C ARG A 809 29.64 -18.35 -49.76
N GLN A 810 30.12 -19.59 -49.79
CA GLN A 810 29.55 -20.64 -48.95
C GLN A 810 29.39 -20.12 -47.53
N PRO A 811 28.47 -20.72 -46.77
CA PRO A 811 28.27 -20.19 -45.42
C PRO A 811 29.46 -20.55 -44.52
N ARG A 812 29.84 -19.63 -43.64
CA ARG A 812 30.90 -19.89 -42.68
C ARG A 812 30.68 -21.23 -42.00
N ASN A 813 31.69 -21.67 -41.28
CA ASN A 813 31.72 -23.04 -40.78
C ASN A 813 32.05 -23.21 -39.31
N PRO A 814 31.05 -23.01 -38.45
CA PRO A 814 31.10 -23.09 -36.98
C PRO A 814 32.39 -23.66 -36.38
N LYS A 815 32.89 -24.77 -36.92
CA LYS A 815 34.05 -25.46 -36.35
C LYS A 815 35.38 -24.81 -36.73
N THR A 816 35.62 -24.63 -38.02
CA THR A 816 36.79 -23.90 -38.50
C THR A 816 36.50 -22.39 -38.53
N ASP A 817 37.39 -21.61 -39.14
CA ASP A 817 37.15 -20.19 -39.35
C ASP A 817 36.29 -19.60 -38.24
N LYS A 818 36.90 -19.28 -37.11
CA LYS A 818 36.17 -18.73 -35.97
C LYS A 818 36.11 -17.21 -36.04
N LEU A 819 35.45 -16.57 -35.07
CA LEU A 819 35.34 -15.12 -35.08
C LEU A 819 36.72 -14.58 -34.82
N VAL A 820 37.30 -14.99 -33.69
CA VAL A 820 38.66 -14.61 -33.32
C VAL A 820 39.59 -15.80 -33.48
N ASN A 821 40.72 -15.59 -34.14
CA ASN A 821 41.65 -16.69 -34.36
C ASN A 821 43.15 -16.35 -34.47
N GLU A 822 43.93 -17.43 -34.58
CA GLU A 822 45.38 -17.38 -34.70
C GLU A 822 45.79 -16.21 -35.57
N GLN A 823 45.37 -16.24 -36.83
CA GLN A 823 45.76 -15.22 -37.79
C GLN A 823 45.36 -13.81 -37.36
N LEU A 824 44.39 -13.67 -36.46
CA LEU A 824 44.03 -12.33 -35.99
C LEU A 824 44.85 -11.86 -34.79
N ILE A 825 44.90 -12.68 -33.75
CA ILE A 825 45.71 -12.32 -32.59
C ILE A 825 47.15 -12.03 -33.03
N SER A 826 47.67 -12.85 -33.93
CA SER A 826 48.96 -12.64 -34.58
C SER A 826 49.12 -11.21 -35.11
N MET A 827 48.05 -10.42 -35.04
CA MET A 827 47.99 -9.12 -35.68
C MET A 827 47.71 -7.99 -34.71
N ALA A 828 46.71 -8.15 -33.86
CA ALA A 828 46.40 -7.08 -32.95
C ALA A 828 47.40 -7.08 -31.82
N TYR A 829 47.97 -8.25 -31.56
CA TYR A 829 48.92 -8.44 -30.47
C TYR A 829 50.35 -8.53 -31.02
N GLY A 830 50.62 -9.54 -31.83
CA GLY A 830 51.95 -9.72 -32.39
C GLY A 830 52.49 -8.61 -33.29
N GLN A 831 51.62 -7.87 -33.97
CA GLN A 831 52.08 -6.86 -34.92
C GLN A 831 51.63 -5.42 -34.59
N ILE A 832 50.65 -4.90 -35.31
CA ILE A 832 50.16 -3.54 -35.06
C ILE A 832 50.13 -3.17 -33.57
N GLY A 833 50.06 -4.15 -32.69
CA GLY A 833 50.05 -3.91 -31.27
C GLY A 833 51.38 -3.47 -30.70
N MET A 834 52.46 -4.13 -31.11
CA MET A 834 53.81 -3.72 -30.77
C MET A 834 54.06 -2.31 -31.28
N ILE A 835 53.96 -2.13 -32.59
CA ILE A 835 54.21 -0.82 -33.19
C ILE A 835 53.50 0.32 -32.45
N GLN A 836 52.35 0.02 -31.85
CA GLN A 836 51.62 1.03 -31.12
C GLN A 836 52.36 1.43 -29.86
N ALA A 837 53.17 0.51 -29.33
CA ALA A 837 53.89 0.71 -28.07
C ALA A 837 55.25 1.37 -28.28
N LEU A 838 55.98 0.89 -29.28
CA LEU A 838 57.20 1.55 -29.67
C LEU A 838 56.95 3.04 -29.79
N GLY A 839 55.74 3.43 -30.18
CA GLY A 839 55.40 4.84 -30.32
C GLY A 839 54.93 5.44 -29.02
N GLY A 840 54.43 4.59 -28.13
CA GLY A 840 53.89 5.04 -26.86
C GLY A 840 54.97 5.30 -25.84
N PHE A 841 55.99 4.44 -25.84
CA PHE A 841 57.18 4.62 -25.02
C PHE A 841 57.95 5.82 -25.52
N PHE A 842 58.28 5.81 -26.81
CA PHE A 842 59.09 6.84 -27.46
C PHE A 842 58.88 8.28 -26.96
N THR A 843 57.67 8.55 -26.47
CA THR A 843 57.34 9.91 -26.08
C THR A 843 57.50 10.08 -24.57
N TYR A 844 57.29 9.00 -23.84
CA TYR A 844 57.65 8.95 -22.42
C TYR A 844 59.15 9.19 -22.33
N PHE A 845 59.87 8.60 -23.28
CA PHE A 845 61.30 8.84 -23.37
C PHE A 845 61.62 10.28 -23.75
N VAL A 846 60.67 10.96 -24.39
CA VAL A 846 60.86 12.37 -24.77
C VAL A 846 60.37 13.36 -23.71
N ILE A 847 59.21 13.08 -23.13
CA ILE A 847 58.73 13.86 -21.99
C ILE A 847 59.77 13.96 -20.88
N LEU A 848 60.53 12.89 -20.64
CA LEU A 848 61.48 12.87 -19.54
C LEU A 848 62.85 13.51 -19.86
N ALA A 849 63.43 13.21 -21.01
CA ALA A 849 64.68 13.87 -21.38
C ALA A 849 64.49 15.37 -21.71
N GLU A 850 63.43 15.72 -22.44
CA GLU A 850 63.15 17.14 -22.66
C GLU A 850 62.89 17.84 -21.32
N ASN A 851 62.93 17.06 -20.24
CA ASN A 851 62.65 17.55 -18.90
C ASN A 851 63.79 17.18 -17.96
N GLY A 852 64.84 16.63 -18.55
CA GLY A 852 66.02 16.26 -17.81
C GLY A 852 66.43 14.80 -17.96
N PHE A 853 65.69 13.93 -17.28
CA PHE A 853 66.07 12.53 -17.10
C PHE A 853 66.35 11.79 -18.43
N LEU A 854 67.48 12.11 -19.06
CA LEU A 854 67.97 11.39 -20.23
C LEU A 854 67.79 9.90 -20.01
N PRO A 855 67.29 9.20 -21.04
CA PRO A 855 66.75 7.85 -20.83
C PRO A 855 67.46 7.04 -19.74
N ILE A 856 68.70 6.67 -19.99
CA ILE A 856 69.35 5.69 -19.14
C ILE A 856 69.35 5.98 -17.66
N HIS A 857 69.49 7.25 -17.30
CA HIS A 857 69.46 7.59 -15.88
C HIS A 857 68.07 7.35 -15.35
N LEU A 858 67.32 6.51 -16.07
CA LEU A 858 65.99 6.05 -15.65
C LEU A 858 66.00 4.58 -15.22
N LEU A 859 66.88 3.80 -15.82
CA LEU A 859 66.93 2.37 -15.56
C LEU A 859 67.28 2.10 -14.11
N GLY A 860 66.43 2.58 -13.21
CA GLY A 860 66.50 2.17 -11.82
C GLY A 860 65.60 2.99 -10.91
N LEU A 861 65.34 4.21 -11.35
CA LEU A 861 64.79 5.23 -10.46
C LEU A 861 63.72 4.70 -9.58
N ARG A 862 62.81 3.95 -10.16
CA ARG A 862 61.57 3.65 -9.46
C ARG A 862 61.83 3.41 -7.97
N VAL A 863 62.66 2.43 -7.68
CA VAL A 863 62.94 2.05 -6.31
C VAL A 863 63.01 3.30 -5.43
N ASN A 864 63.80 4.27 -5.87
CA ASN A 864 63.92 5.55 -5.19
C ASN A 864 62.84 6.54 -5.59
N TRP A 865 62.65 6.68 -6.90
CA TRP A 865 61.71 7.63 -7.47
C TRP A 865 60.40 7.63 -6.69
N ASP A 866 59.76 6.48 -6.65
CA ASP A 866 58.46 6.34 -5.98
C ASP A 866 58.54 6.66 -4.48
N ASP A 867 59.73 6.96 -3.96
CA ASP A 867 59.87 7.24 -2.53
C ASP A 867 59.42 8.65 -2.19
N ARG A 868 58.51 8.74 -1.20
CA ARG A 868 57.87 9.98 -0.84
C ARG A 868 58.70 10.82 0.12
N TRP A 869 59.88 10.30 0.48
CA TRP A 869 60.77 11.02 1.39
C TRP A 869 62.04 11.47 0.69
N ILE A 870 62.52 10.66 -0.24
CA ILE A 870 63.72 11.01 -0.98
C ILE A 870 63.47 12.20 -1.92
N ASN A 871 63.28 13.37 -1.32
CA ASN A 871 62.95 14.57 -2.07
C ASN A 871 64.11 15.13 -2.89
N ASP A 872 65.24 14.43 -2.83
CA ASP A 872 66.49 14.97 -3.32
C ASP A 872 67.14 14.05 -4.32
N VAL A 873 66.55 13.89 -5.51
CA VAL A 873 67.09 12.91 -6.45
C VAL A 873 67.67 13.47 -7.72
N GLU A 874 68.90 13.08 -7.99
CA GLU A 874 69.64 13.56 -9.16
C GLU A 874 68.95 13.15 -10.45
N ASP A 875 68.84 14.12 -11.36
CA ASP A 875 68.41 13.83 -12.71
C ASP A 875 69.60 13.47 -13.59
N SER A 876 69.82 14.17 -14.69
CA SER A 876 70.96 13.89 -15.56
C SER A 876 71.82 15.13 -15.72
N TYR A 877 71.63 16.05 -14.80
CA TYR A 877 72.28 17.35 -14.85
C TYR A 877 72.80 17.70 -13.48
N GLY A 878 71.96 17.47 -12.49
CA GLY A 878 72.30 17.67 -11.09
C GLY A 878 71.03 18.01 -10.35
N GLN A 879 70.12 18.66 -11.07
CA GLN A 879 68.86 19.13 -10.52
C GLN A 879 68.24 18.12 -9.57
N GLN A 880 67.75 18.61 -8.44
CA GLN A 880 67.16 17.76 -7.41
C GLN A 880 65.65 17.96 -7.32
N TRP A 881 64.89 16.89 -7.57
CA TRP A 881 63.44 16.99 -7.61
C TRP A 881 62.86 16.46 -6.32
N THR A 882 61.77 17.07 -5.86
CA THR A 882 61.06 16.57 -4.68
C THR A 882 60.17 15.39 -5.09
N TYR A 883 59.05 15.19 -4.41
CA TYR A 883 58.15 14.13 -4.80
C TYR A 883 57.16 14.69 -5.79
N GLU A 884 56.14 15.33 -5.27
CA GLU A 884 55.09 15.90 -6.09
C GLU A 884 55.69 16.65 -7.26
N GLN A 885 56.95 17.06 -7.12
CA GLN A 885 57.63 17.76 -8.20
C GLN A 885 57.85 16.85 -9.40
N ARG A 886 58.37 15.64 -9.15
CA ARG A 886 58.66 14.71 -10.24
C ARG A 886 57.42 13.94 -10.70
N LYS A 887 56.57 13.53 -9.76
CA LYS A 887 55.34 12.83 -10.11
C LYS A 887 54.52 13.68 -11.09
N ILE A 888 54.31 14.94 -10.74
CA ILE A 888 53.65 15.87 -11.65
C ILE A 888 54.30 15.82 -13.03
N VAL A 889 55.42 15.11 -13.15
CA VAL A 889 55.95 14.80 -14.46
C VAL A 889 55.69 13.35 -14.84
N GLU A 890 55.58 12.48 -13.84
CA GLU A 890 55.17 11.11 -14.13
C GLU A 890 53.78 11.14 -14.74
N PHE A 891 52.84 11.76 -14.03
CA PHE A 891 51.48 11.92 -14.54
C PHE A 891 51.54 12.69 -15.84
N THR A 892 52.39 13.70 -15.92
CA THR A 892 52.59 14.31 -17.21
C THR A 892 53.09 13.24 -18.19
N CYS A 893 53.60 12.12 -17.72
CA CYS A 893 54.02 11.12 -18.69
C CYS A 893 52.86 10.23 -19.11
N HIS A 894 52.02 9.82 -18.16
CA HIS A 894 50.75 9.19 -18.49
C HIS A 894 50.09 10.04 -19.58
N THR A 895 49.51 11.16 -19.16
CA THR A 895 48.83 12.11 -20.04
C THR A 895 49.25 12.11 -21.51
N PRO A 896 50.49 11.80 -21.85
CA PRO A 896 50.62 11.80 -23.30
C PRO A 896 51.13 10.48 -23.81
N PHE A 897 51.13 9.48 -22.95
CA PHE A 897 51.19 8.12 -23.43
C PHE A 897 49.76 7.87 -23.88
N PHE A 898 48.84 8.13 -22.96
CA PHE A 898 47.40 8.17 -23.22
C PHE A 898 47.03 8.90 -24.50
N VAL A 899 47.99 9.59 -25.10
CA VAL A 899 47.70 10.25 -26.36
C VAL A 899 48.38 9.53 -27.51
N THR A 900 49.70 9.43 -27.48
CA THR A 900 50.34 8.69 -28.55
C THR A 900 49.56 7.39 -28.82
N ILE A 901 48.83 6.93 -27.81
CA ILE A 901 47.89 5.79 -27.97
C ILE A 901 46.62 6.12 -28.78
N VAL A 902 45.98 7.23 -28.43
CA VAL A 902 44.91 7.77 -29.22
C VAL A 902 45.40 8.21 -30.59
N VAL A 903 46.63 8.66 -30.67
CA VAL A 903 47.12 9.13 -31.96
C VAL A 903 47.40 7.96 -32.88
N VAL A 904 47.93 6.89 -32.32
CA VAL A 904 48.15 5.70 -33.13
C VAL A 904 46.82 5.04 -33.56
N GLN A 905 45.79 5.12 -32.71
CA GLN A 905 44.44 4.54 -32.98
C GLN A 905 43.70 5.15 -34.17
N TRP A 906 44.19 6.29 -34.65
CA TRP A 906 43.70 6.86 -35.89
C TRP A 906 44.09 5.85 -36.95
N ALA A 907 45.39 5.73 -37.18
CA ALA A 907 45.95 4.76 -38.11
C ALA A 907 45.30 3.40 -37.92
N ASP A 908 44.94 3.08 -36.69
CA ASP A 908 44.32 1.79 -36.42
C ASP A 908 42.89 1.77 -36.91
N LEU A 909 42.07 2.66 -36.37
CA LEU A 909 40.65 2.73 -36.71
C LEU A 909 40.42 2.76 -38.21
N VAL A 910 41.49 2.93 -38.98
CA VAL A 910 41.35 3.14 -40.43
C VAL A 910 41.87 1.93 -41.20
N ILE A 911 42.51 1.02 -40.49
CA ILE A 911 42.93 -0.22 -41.13
C ILE A 911 42.26 -1.45 -40.50
N CYS A 912 41.54 -1.19 -39.41
CA CYS A 912 40.60 -2.15 -38.88
C CYS A 912 39.27 -1.82 -39.55
N LYS A 913 39.36 -1.18 -40.70
CA LYS A 913 38.20 -0.77 -41.44
C LYS A 913 37.97 -1.79 -42.51
N THR A 914 39.05 -2.16 -43.19
CA THR A 914 38.97 -3.13 -44.27
C THR A 914 39.91 -4.28 -43.97
N ARG A 915 39.70 -5.43 -44.60
CA ARG A 915 40.58 -6.58 -44.39
C ARG A 915 41.13 -7.12 -45.71
N ARG A 916 40.84 -6.44 -46.80
CA ARG A 916 41.39 -6.85 -48.10
C ARG A 916 41.58 -5.65 -49.02
N ASN A 917 40.64 -4.72 -48.96
CA ASN A 917 40.70 -3.57 -49.84
C ASN A 917 41.66 -2.48 -49.35
N SER A 918 42.51 -1.97 -50.23
CA SER A 918 43.23 -0.75 -49.92
C SER A 918 42.19 0.28 -49.49
N VAL A 919 42.60 1.26 -48.70
CA VAL A 919 41.65 2.28 -48.27
C VAL A 919 41.28 3.18 -49.44
N PHE A 920 42.05 3.10 -50.52
CA PHE A 920 41.73 3.81 -51.75
C PHE A 920 40.81 3.01 -52.66
N GLN A 921 40.64 1.74 -52.33
CA GLN A 921 39.73 0.85 -53.05
C GLN A 921 38.34 0.96 -52.40
N GLN A 922 38.31 1.11 -51.08
CA GLN A 922 37.05 1.19 -50.34
C GLN A 922 36.67 2.59 -49.87
N GLY A 923 37.66 3.48 -49.76
CA GLY A 923 37.42 4.86 -49.43
C GLY A 923 36.90 5.07 -48.02
N MET A 924 36.61 6.32 -47.67
CA MET A 924 36.24 6.65 -46.31
C MET A 924 34.84 7.19 -46.23
N LYS A 925 33.89 6.52 -46.90
CA LYS A 925 32.50 6.95 -46.89
C LYS A 925 31.80 6.72 -45.54
N ASN A 926 32.54 6.25 -44.54
CA ASN A 926 31.93 6.00 -43.23
C ASN A 926 31.75 7.28 -42.42
N LYS A 927 30.67 7.99 -42.71
CA LYS A 927 30.43 9.29 -42.12
C LYS A 927 30.12 9.20 -40.63
N ILE A 928 30.60 8.14 -39.98
CA ILE A 928 30.35 7.95 -38.55
C ILE A 928 31.68 7.63 -37.93
N LEU A 929 32.41 6.73 -38.58
CA LEU A 929 33.74 6.36 -38.15
C LEU A 929 34.60 7.62 -38.04
N ILE A 930 34.49 8.48 -39.06
CA ILE A 930 35.16 9.77 -39.04
C ILE A 930 34.83 10.55 -37.77
N PHE A 931 33.55 10.56 -37.41
CA PHE A 931 33.10 11.20 -36.18
C PHE A 931 33.84 10.63 -34.98
N GLY A 932 33.91 9.30 -34.90
CA GLY A 932 34.66 8.62 -33.85
C GLY A 932 36.04 9.23 -33.70
N LEU A 933 36.70 9.45 -34.82
CA LEU A 933 37.96 10.14 -34.83
C LEU A 933 37.84 11.49 -34.13
N PHE A 934 37.21 12.46 -34.78
CA PHE A 934 37.07 13.79 -34.19
C PHE A 934 36.73 13.75 -32.70
N GLU A 935 35.79 12.91 -32.32
CA GLU A 935 35.50 12.68 -30.90
C GLU A 935 36.76 12.19 -30.18
N GLU A 936 37.04 10.89 -30.30
CA GLU A 936 38.25 10.28 -29.74
C GLU A 936 39.31 11.30 -29.42
N THR A 937 39.91 11.85 -30.47
CA THR A 937 40.92 12.90 -30.37
C THR A 937 40.58 14.03 -29.40
N ALA A 938 39.53 14.79 -29.71
CA ALA A 938 39.15 15.94 -28.90
C ALA A 938 38.81 15.59 -27.47
N LEU A 939 38.22 14.43 -27.27
CA LEU A 939 37.94 13.93 -25.94
C LEU A 939 39.23 14.04 -25.16
N ALA A 940 40.27 13.44 -25.72
CA ALA A 940 41.58 13.39 -25.09
C ALA A 940 42.00 14.77 -24.63
N ALA A 941 42.13 15.67 -25.60
CA ALA A 941 42.39 17.07 -25.33
C ALA A 941 41.63 17.52 -24.08
N PHE A 942 40.30 17.48 -24.15
CA PHE A 942 39.46 17.92 -23.04
C PHE A 942 39.87 17.23 -21.74
N LEU A 943 40.17 15.95 -21.86
CA LEU A 943 40.58 15.17 -20.72
C LEU A 943 41.95 15.66 -20.22
N SER A 944 42.48 16.70 -20.85
CA SER A 944 43.86 17.11 -20.55
C SER A 944 44.02 18.61 -20.34
N TYR A 945 42.96 19.39 -20.50
CA TYR A 945 43.10 20.83 -20.46
C TYR A 945 42.09 21.47 -19.56
N CYS A 946 41.01 20.75 -19.32
CA CYS A 946 40.02 21.21 -18.39
C CYS A 946 40.68 21.36 -17.02
N PRO A 947 40.45 22.50 -16.38
CA PRO A 947 40.85 22.68 -14.98
C PRO A 947 40.17 21.60 -14.14
N GLY A 948 40.87 20.50 -13.92
CA GLY A 948 40.33 19.44 -13.10
C GLY A 948 40.90 18.06 -13.39
N MET A 949 40.99 17.72 -14.67
CA MET A 949 41.43 16.39 -15.07
C MET A 949 42.75 15.99 -14.39
N GLY A 950 43.54 16.97 -14.00
CA GLY A 950 44.79 16.71 -13.32
C GLY A 950 44.54 16.20 -11.91
N VAL A 951 43.79 16.98 -11.13
CA VAL A 951 43.47 16.64 -9.74
C VAL A 951 42.49 15.47 -9.64
N ALA A 952 41.93 15.08 -10.77
CA ALA A 952 40.97 13.99 -10.79
C ALA A 952 41.53 12.71 -11.41
N LEU A 953 42.35 12.86 -12.45
CA LEU A 953 42.77 11.71 -13.26
C LEU A 953 44.27 11.54 -13.47
N ARG A 954 45.09 12.35 -12.82
CA ARG A 954 46.50 12.48 -13.19
C ARG A 954 46.57 12.77 -14.69
N MET A 955 45.87 13.83 -15.09
CA MET A 955 45.92 14.27 -16.46
C MET A 955 46.34 15.72 -16.47
N TYR A 956 47.51 15.99 -17.03
CA TYR A 956 48.03 17.35 -17.00
C TYR A 956 48.20 17.88 -18.40
N PRO A 957 47.94 19.18 -18.58
CA PRO A 957 47.99 19.86 -19.88
C PRO A 957 49.28 19.55 -20.61
N LEU A 958 49.25 19.51 -21.94
CA LEU A 958 50.46 19.19 -22.71
C LEU A 958 50.96 20.38 -23.51
N LYS A 959 52.20 20.29 -23.99
CA LYS A 959 52.81 21.36 -24.76
C LYS A 959 52.77 21.03 -26.24
N PRO A 960 52.27 21.95 -27.08
CA PRO A 960 52.17 21.70 -28.51
C PRO A 960 53.10 20.61 -29.03
N THR A 961 54.39 20.90 -29.15
CA THR A 961 55.32 19.88 -29.60
C THR A 961 55.01 18.44 -29.13
N TRP A 962 54.33 18.32 -28.00
CA TRP A 962 54.05 17.03 -27.34
C TRP A 962 53.18 16.02 -28.08
N TRP A 963 52.14 16.50 -28.78
CA TRP A 963 51.11 15.65 -29.39
C TRP A 963 51.62 14.83 -30.59
N PHE A 964 52.45 15.49 -31.41
CA PHE A 964 52.94 14.93 -32.68
C PHE A 964 53.97 13.80 -32.55
N CYS A 965 54.17 13.29 -31.35
CA CYS A 965 55.15 12.23 -31.14
C CYS A 965 54.83 11.00 -31.95
N ALA A 966 53.80 10.28 -31.52
CA ALA A 966 53.44 9.01 -32.14
C ALA A 966 53.34 9.08 -33.66
N PHE A 967 53.14 10.28 -34.20
CA PHE A 967 52.88 10.48 -35.63
C PHE A 967 53.60 9.58 -36.61
N PRO A 968 54.94 9.56 -36.60
CA PRO A 968 55.65 8.68 -37.53
C PRO A 968 55.15 7.27 -37.32
N TYR A 969 54.80 6.97 -36.06
CA TYR A 969 54.34 5.65 -35.68
C TYR A 969 52.92 5.32 -36.12
N SER A 970 51.99 6.26 -35.96
CA SER A 970 50.68 6.09 -36.58
C SER A 970 50.90 5.79 -38.06
N LEU A 971 51.54 6.72 -38.75
CA LEU A 971 51.85 6.59 -40.18
C LEU A 971 52.63 5.31 -40.58
N LEU A 972 53.34 4.68 -39.65
CA LEU A 972 54.00 3.38 -39.92
C LEU A 972 52.92 2.31 -39.92
N ILE A 973 52.34 2.08 -38.75
CA ILE A 973 51.13 1.30 -38.62
C ILE A 973 50.35 1.35 -39.92
N PHE A 974 50.05 2.57 -40.37
CA PHE A 974 49.25 2.79 -41.58
C PHE A 974 49.87 2.15 -42.80
N VAL A 975 51.13 2.49 -43.06
CA VAL A 975 51.78 2.01 -44.27
C VAL A 975 52.07 0.51 -44.22
N TYR A 976 52.40 -0.01 -43.05
CA TYR A 976 52.57 -1.46 -42.92
C TYR A 976 51.30 -2.21 -43.36
N ASP A 977 50.16 -1.86 -42.76
CA ASP A 977 48.91 -2.57 -43.07
C ASP A 977 48.55 -2.51 -44.56
N GLU A 978 48.76 -1.36 -45.19
CA GLU A 978 48.41 -1.21 -46.59
C GLU A 978 49.18 -2.18 -47.47
N VAL A 979 50.46 -2.29 -47.19
CA VAL A 979 51.33 -3.20 -47.94
C VAL A 979 51.00 -4.68 -47.70
N ARG A 980 50.43 -5.01 -46.54
CA ARG A 980 49.94 -6.38 -46.31
C ARG A 980 48.93 -6.73 -47.39
N LYS A 981 47.82 -6.02 -47.32
CA LYS A 981 46.68 -6.27 -48.15
C LYS A 981 47.09 -6.41 -49.62
N LEU A 982 47.96 -5.53 -50.07
CA LEU A 982 48.46 -5.63 -51.42
C LEU A 982 48.92 -7.04 -51.69
N ILE A 983 49.97 -7.42 -50.99
CA ILE A 983 50.58 -8.73 -51.15
C ILE A 983 49.48 -9.72 -51.41
N ILE A 984 48.66 -9.92 -50.39
CA ILE A 984 47.54 -10.82 -50.48
C ILE A 984 46.92 -10.70 -51.86
N ARG A 985 46.35 -9.54 -52.17
CA ARG A 985 45.65 -9.36 -53.42
C ARG A 985 46.50 -9.68 -54.66
N ARG A 986 47.81 -9.77 -54.47
CA ARG A 986 48.70 -10.12 -55.57
C ARG A 986 49.03 -11.61 -55.51
N ARG A 987 49.06 -12.15 -54.31
CA ARG A 987 49.22 -13.58 -54.15
C ARG A 987 48.18 -14.02 -53.14
N PRO A 988 47.06 -14.56 -53.63
CA PRO A 988 45.93 -14.83 -52.73
C PRO A 988 46.04 -16.16 -52.01
N GLY A 989 46.92 -17.05 -52.48
CA GLY A 989 47.14 -18.31 -51.78
C GLY A 989 48.44 -18.30 -51.00
N GLY A 990 49.20 -17.23 -51.21
CA GLY A 990 50.56 -17.09 -50.70
C GLY A 990 50.67 -16.96 -49.20
N TRP A 991 51.91 -16.90 -48.72
CA TRP A 991 52.13 -16.98 -47.29
C TRP A 991 51.43 -15.87 -46.50
N VAL A 992 51.47 -14.65 -47.01
CA VAL A 992 50.98 -13.51 -46.23
C VAL A 992 49.55 -13.73 -45.82
N GLU A 993 48.71 -14.09 -46.79
CA GLU A 993 47.30 -14.25 -46.51
C GLU A 993 47.08 -15.26 -45.41
N LYS A 994 47.76 -16.41 -45.50
CA LYS A 994 47.60 -17.45 -44.49
C LYS A 994 47.82 -16.86 -43.12
N GLU A 995 48.65 -15.82 -43.08
CA GLU A 995 49.15 -15.28 -41.83
C GLU A 995 48.49 -13.99 -41.35
N THR A 996 47.96 -13.17 -42.24
CA THR A 996 47.28 -11.95 -41.77
C THR A 996 45.77 -11.84 -42.05
N TYR A 997 45.28 -12.53 -43.06
CA TYR A 997 43.86 -12.46 -43.35
C TYR A 997 43.14 -13.09 -42.17
N TYR A 998 42.50 -12.29 -41.32
CA TYR A 998 41.85 -12.85 -40.14
C TYR A 998 41.21 -14.17 -40.50
N ASN B 1 41.05 -31.60 -28.52
CA ASN B 1 41.77 -31.81 -27.26
C ASN B 1 43.13 -32.43 -27.50
N SER B 2 43.54 -32.42 -28.76
CA SER B 2 44.90 -32.75 -29.14
C SER B 2 45.36 -31.75 -30.23
N GLU B 3 46.52 -31.12 -30.03
CA GLU B 3 47.03 -30.19 -31.03
C GLU B 3 47.24 -30.97 -32.30
N LYS B 4 47.73 -32.19 -32.16
CA LYS B 4 48.03 -33.05 -33.28
C LYS B 4 46.77 -33.75 -33.84
N LYS B 5 46.82 -34.39 -35.03
CA LYS B 5 48.02 -34.54 -35.89
C LYS B 5 47.67 -35.41 -37.12
N GLU B 6 48.71 -36.08 -37.65
CA GLU B 6 48.58 -37.10 -38.69
C GLU B 6 47.54 -36.75 -39.73
N PHE B 7 46.28 -37.03 -39.42
CA PHE B 7 45.16 -36.56 -40.22
C PHE B 7 45.32 -35.06 -40.43
N LEU B 8 46.37 -34.51 -39.83
CA LEU B 8 46.63 -33.07 -39.82
C LEU B 8 48.06 -32.76 -40.28
N GLY B 9 49.00 -32.80 -39.34
CA GLY B 9 50.39 -32.41 -39.55
C GLY B 9 50.87 -31.53 -38.41
N ARG B 10 50.19 -31.62 -37.26
CA ARG B 10 50.44 -30.75 -36.10
C ARG B 10 49.91 -29.33 -36.32
N THR B 11 50.30 -28.39 -35.46
CA THR B 11 49.78 -27.02 -35.56
C THR B 11 50.23 -26.28 -36.85
N GLY B 12 51.52 -26.43 -37.21
CA GLY B 12 52.02 -26.05 -38.55
C GLY B 12 53.10 -26.95 -39.15
N GLY B 13 53.95 -27.50 -38.27
CA GLY B 13 55.18 -28.16 -38.68
C GLY B 13 56.07 -27.21 -39.45
N SER B 14 56.26 -26.00 -38.89
CA SER B 14 56.90 -24.85 -39.57
C SER B 14 55.91 -23.68 -39.85
N TRP B 15 55.71 -22.77 -38.90
CA TRP B 15 56.45 -22.63 -37.63
C TRP B 15 57.80 -21.95 -37.79
N PHE B 16 58.65 -22.52 -38.63
CA PHE B 16 59.89 -21.85 -38.97
C PHE B 16 59.61 -20.42 -39.41
N LYS B 17 58.94 -20.29 -40.56
CA LYS B 17 58.48 -18.99 -41.03
C LYS B 17 57.71 -18.28 -39.91
N ILE B 18 56.60 -18.88 -39.50
CA ILE B 18 55.68 -18.27 -38.54
C ILE B 18 56.41 -17.60 -37.38
N LEU B 19 57.62 -18.07 -37.07
CA LEU B 19 58.43 -17.51 -35.98
C LEU B 19 59.66 -16.72 -36.46
N LEU B 20 60.45 -17.31 -37.35
CA LEU B 20 61.59 -16.56 -37.90
C LEU B 20 61.13 -15.20 -38.39
N PHE B 21 60.05 -15.18 -39.17
CA PHE B 21 59.55 -13.89 -39.66
C PHE B 21 58.84 -13.12 -38.57
N TYR B 22 59.53 -13.06 -37.43
CA TYR B 22 59.08 -12.36 -36.24
C TYR B 22 60.27 -11.79 -35.52
N VAL B 23 61.42 -12.46 -35.63
CA VAL B 23 62.67 -11.80 -35.23
C VAL B 23 62.87 -10.65 -36.21
N ILE B 24 63.01 -10.98 -37.49
CA ILE B 24 63.03 -9.98 -38.50
C ILE B 24 62.13 -8.82 -38.11
N PHE B 25 60.84 -9.08 -37.97
CA PHE B 25 59.91 -8.02 -37.57
C PHE B 25 60.41 -7.31 -36.32
N TYR B 26 60.29 -7.97 -35.18
CA TYR B 26 60.64 -7.37 -33.90
C TYR B 26 61.98 -6.65 -33.85
N GLY B 27 62.89 -7.04 -34.75
CA GLY B 27 64.18 -6.37 -34.85
C GLY B 27 64.10 -5.13 -35.71
N CYS B 28 63.73 -5.32 -36.98
CA CYS B 28 63.44 -4.21 -37.86
C CYS B 28 62.60 -3.19 -37.11
N LEU B 29 61.74 -3.68 -36.23
CA LEU B 29 60.98 -2.78 -35.36
C LEU B 29 61.93 -2.18 -34.33
N ALA B 30 62.56 -3.05 -33.54
CA ALA B 30 63.50 -2.60 -32.51
C ALA B 30 64.39 -1.46 -33.03
N GLY B 31 65.11 -1.74 -34.11
CA GLY B 31 65.96 -0.76 -34.73
C GLY B 31 65.23 0.56 -34.93
N ILE B 32 64.16 0.52 -35.71
CA ILE B 32 63.36 1.71 -35.99
C ILE B 32 63.00 2.49 -34.74
N PHE B 33 62.96 1.81 -33.59
CA PHE B 33 62.72 2.48 -32.33
C PHE B 33 64.02 3.13 -31.91
N ILE B 34 65.09 2.35 -31.97
CA ILE B 34 66.43 2.81 -31.62
C ILE B 34 66.84 4.07 -32.36
N GLY B 35 66.77 4.01 -33.68
CA GLY B 35 66.93 5.20 -34.48
C GLY B 35 66.11 6.37 -33.95
N THR B 36 64.80 6.36 -34.21
CA THR B 36 63.91 7.44 -33.76
C THR B 36 64.13 7.88 -32.30
N ILE B 37 64.77 7.05 -31.47
CA ILE B 37 65.06 7.47 -30.11
C ILE B 37 66.47 8.03 -30.02
N GLN B 38 67.28 7.76 -31.03
CA GLN B 38 68.60 8.38 -31.14
C GLN B 38 68.55 9.78 -31.77
N VAL B 39 67.88 9.89 -32.92
CA VAL B 39 67.62 11.20 -33.55
C VAL B 39 66.73 12.08 -32.69
N MET B 40 65.88 11.45 -31.88
CA MET B 40 65.13 12.19 -30.90
C MET B 40 66.15 12.93 -30.07
N LEU B 41 67.30 12.29 -29.90
CA LEU B 41 68.36 12.84 -29.07
C LEU B 41 69.38 13.65 -29.86
N LEU B 42 68.89 14.57 -30.68
CA LEU B 42 69.78 15.43 -31.43
C LEU B 42 69.58 16.93 -31.14
N THR B 43 69.10 17.33 -29.98
CA THR B 43 68.62 16.51 -28.89
C THR B 43 67.90 17.49 -28.00
N ILE B 44 68.64 17.90 -26.98
CA ILE B 44 68.24 18.91 -26.02
C ILE B 44 69.56 19.34 -25.38
N SER B 45 70.22 20.30 -26.00
CA SER B 45 71.60 20.70 -25.70
C SER B 45 72.27 19.97 -24.53
N GLU B 46 73.47 19.50 -24.79
CA GLU B 46 74.22 18.67 -23.86
C GLU B 46 74.38 19.25 -22.46
N PHE B 47 74.03 20.51 -22.28
CA PHE B 47 74.44 21.22 -21.06
C PHE B 47 73.28 21.69 -20.20
N LYS B 48 72.19 22.06 -20.86
CA LYS B 48 71.00 22.52 -20.15
C LYS B 48 69.81 21.60 -20.46
N PRO B 49 68.73 21.72 -19.68
CA PRO B 49 67.48 21.06 -20.02
C PRO B 49 66.85 21.69 -21.27
N THR B 50 65.57 21.45 -21.52
CA THR B 50 64.87 22.13 -22.60
C THR B 50 63.69 22.84 -21.97
N TYR B 51 63.24 22.28 -20.86
CA TYR B 51 62.15 22.84 -20.08
C TYR B 51 62.63 22.82 -18.63
N GLN B 52 62.25 23.83 -17.85
CA GLN B 52 62.72 23.86 -16.47
C GLN B 52 61.64 24.22 -15.47
N ASP B 53 60.47 24.62 -15.98
CA ASP B 53 59.36 25.05 -15.13
C ASP B 53 58.92 23.98 -14.15
N ARG B 54 59.32 22.74 -14.39
CA ARG B 54 58.88 21.61 -13.57
C ARG B 54 59.77 21.38 -12.35
N VAL B 55 60.78 22.23 -12.19
CA VAL B 55 61.67 22.18 -11.03
C VAL B 55 61.70 23.53 -10.30
N ALA B 56 61.09 24.55 -10.90
CA ALA B 56 61.08 25.90 -10.33
C ALA B 56 60.58 25.89 -8.88
N PRO B 57 60.28 27.06 -8.29
CA PRO B 57 60.30 27.18 -6.82
C PRO B 57 60.83 25.95 -6.08
N PRO B 58 62.13 25.66 -6.23
CA PRO B 58 62.80 24.50 -5.65
C PRO B 58 62.54 24.36 -4.16
N GLY B 59 62.72 23.14 -3.65
CA GLY B 59 62.38 22.84 -2.26
C GLY B 59 63.56 22.54 -1.37
N LEU B 60 63.30 22.51 -0.06
CA LEU B 60 64.37 22.35 0.92
C LEU B 60 64.55 20.89 1.35
N THR B 61 65.56 20.23 0.80
CA THR B 61 65.92 18.89 1.25
C THR B 61 66.71 18.96 2.56
N GLN B 62 67.24 17.82 3.01
CA GLN B 62 68.01 17.78 4.25
C GLN B 62 69.14 16.76 4.21
N ILE B 63 69.62 16.38 5.40
CA ILE B 63 70.67 15.38 5.52
C ILE B 63 70.37 14.28 6.55
N PRO B 64 69.21 14.36 7.21
CA PRO B 64 68.71 13.13 7.82
C PRO B 64 67.74 12.43 6.87
N GLN B 65 68.23 11.47 6.09
CA GLN B 65 67.39 10.60 5.26
C GLN B 65 66.12 10.24 6.02
N SER B 66 65.05 10.97 5.78
CA SER B 66 63.87 10.88 6.62
C SER B 66 63.15 9.55 6.55
N GLN B 67 63.00 8.90 7.70
CA GLN B 67 62.21 7.67 7.78
C GLN B 67 60.80 7.99 7.33
N LYS B 68 60.24 9.04 7.93
CA LYS B 68 58.91 9.53 7.58
C LYS B 68 58.89 11.01 7.92
N THR B 69 59.91 11.72 7.46
CA THR B 69 60.23 13.07 7.92
C THR B 69 60.38 13.10 9.43
N GLU B 70 61.16 12.19 9.99
CA GLU B 70 61.33 12.19 11.45
C GLU B 70 62.50 11.39 11.98
N ILE B 71 62.86 11.72 13.22
CA ILE B 71 64.06 11.24 13.90
C ILE B 71 63.74 10.86 15.36
N SER B 72 63.70 9.57 15.65
CA SER B 72 63.38 9.11 17.01
C SER B 72 64.48 8.22 17.57
N PHE B 73 65.24 8.75 18.53
CA PHE B 73 66.33 8.00 19.15
C PHE B 73 66.53 8.38 20.62
N ARG B 74 67.28 7.56 21.35
CA ARG B 74 67.64 7.85 22.74
C ARG B 74 69.11 8.21 22.83
N PRO B 75 69.45 9.15 23.72
CA PRO B 75 70.86 9.42 24.03
C PRO B 75 71.56 8.12 24.40
N ASN B 76 70.82 7.22 25.03
CA ASN B 76 71.32 5.92 25.42
C ASN B 76 71.81 5.11 24.22
N ASP B 77 70.93 4.27 23.70
CA ASP B 77 71.27 3.34 22.63
C ASP B 77 72.24 3.93 21.61
N PRO B 78 73.50 3.51 21.67
CA PRO B 78 74.50 3.90 20.66
C PRO B 78 74.15 3.30 19.30
N GLN B 79 73.04 2.58 19.24
CA GLN B 79 72.54 2.03 17.99
C GLN B 79 71.35 2.86 17.51
N SER B 80 70.80 3.65 18.43
CA SER B 80 69.58 4.41 18.15
C SER B 80 69.79 5.59 17.21
N TYR B 81 71.00 6.13 17.17
CA TYR B 81 71.29 7.24 16.26
C TYR B 81 72.21 6.85 15.11
N GLU B 82 72.34 5.55 14.87
CA GLU B 82 73.17 5.05 13.78
C GLU B 82 72.64 5.45 12.41
N SER B 83 71.37 5.15 12.16
CA SER B 83 70.74 5.44 10.89
C SER B 83 70.96 6.89 10.47
N TYR B 84 71.09 7.76 11.46
CA TYR B 84 71.22 9.19 11.19
C TYR B 84 72.67 9.58 10.99
N VAL B 85 73.55 8.91 11.71
CA VAL B 85 74.96 9.26 11.72
C VAL B 85 75.71 8.73 10.50
N VAL B 86 75.44 7.49 10.13
CA VAL B 86 76.14 6.88 9.01
C VAL B 86 75.78 7.58 7.69
N SER B 87 74.56 8.13 7.63
CA SER B 87 74.07 8.79 6.42
C SER B 87 74.50 10.26 6.33
N ILE B 88 74.61 10.91 7.48
CA ILE B 88 75.29 12.19 7.53
C ILE B 88 76.72 11.95 7.04
N VAL B 89 77.39 10.99 7.68
CA VAL B 89 78.68 10.48 7.24
C VAL B 89 78.72 10.33 5.73
N ARG B 90 77.59 9.92 5.16
CA ARG B 90 77.48 9.70 3.72
C ARG B 90 77.78 10.97 2.93
N PHE B 91 77.04 12.04 3.25
CA PHE B 91 77.02 13.25 2.42
C PHE B 91 78.16 14.20 2.71
N LEU B 92 78.57 14.26 3.97
CA LEU B 92 79.64 15.18 4.39
C LEU B 92 81.03 14.68 3.98
N GLU B 93 81.15 13.37 3.78
CA GLU B 93 82.41 12.75 3.40
C GLU B 93 82.87 13.21 2.01
N LYS B 94 81.96 13.79 1.26
CA LYS B 94 82.24 14.33 -0.08
C LYS B 94 82.85 15.72 0.07
N TYR B 95 83.09 16.10 1.32
CA TYR B 95 83.47 17.47 1.64
C TYR B 95 84.84 17.61 2.29
N LYS B 96 85.39 16.51 2.81
CA LYS B 96 86.69 16.54 3.46
C LYS B 96 87.71 17.35 2.67
N ASP B 97 88.47 18.18 3.38
CA ASP B 97 89.41 19.09 2.73
C ASP B 97 90.50 18.32 2.01
N LEU B 98 90.56 17.02 2.27
CA LEU B 98 91.51 16.13 1.62
C LEU B 98 91.14 15.93 0.16
N ALA B 99 89.86 16.10 -0.15
CA ALA B 99 89.36 15.93 -1.51
C ALA B 99 89.33 17.26 -2.26
N GLN B 100 88.91 18.33 -1.58
CA GLN B 100 88.98 19.67 -2.15
C GLN B 100 90.44 20.09 -2.27
N LYS B 101 91.00 19.94 -3.47
CA LYS B 101 92.44 20.12 -3.65
C LYS B 101 92.86 21.00 -4.83
N ASP B 102 93.64 22.02 -4.50
CA ASP B 102 94.29 22.91 -5.48
C ASP B 102 93.36 23.87 -6.19
N ASP B 103 93.93 24.98 -6.69
CA ASP B 103 93.19 25.97 -7.45
C ASP B 103 92.52 25.31 -8.65
N MET B 104 92.89 24.06 -8.88
CA MET B 104 92.13 23.18 -9.76
C MET B 104 91.80 21.93 -8.93
N ILE B 105 90.54 21.51 -8.97
CA ILE B 105 89.53 22.07 -9.86
C ILE B 105 88.70 23.19 -9.22
N PHE B 106 88.89 23.40 -7.92
CA PHE B 106 88.12 24.40 -7.18
C PHE B 106 88.80 25.76 -7.19
N GLU B 107 88.45 26.58 -6.22
CA GLU B 107 89.09 27.87 -5.99
C GLU B 107 88.48 28.53 -4.75
N ASP B 108 89.31 28.84 -3.76
CA ASP B 108 88.84 29.47 -2.54
C ASP B 108 88.10 30.77 -2.83
N CYS B 109 87.03 31.02 -2.09
CA CYS B 109 86.29 32.27 -2.22
C CYS B 109 85.87 32.86 -0.87
N GLY B 110 85.43 34.11 -0.91
CA GLY B 110 85.19 34.91 0.27
C GLY B 110 84.62 34.20 1.48
N ASN B 111 85.35 34.25 2.59
CA ASN B 111 84.82 33.81 3.88
C ASN B 111 83.62 34.66 4.26
N VAL B 112 83.35 35.68 3.45
CA VAL B 112 82.14 36.47 3.55
C VAL B 112 81.33 36.29 2.26
N PRO B 113 80.00 36.31 2.39
CA PRO B 113 79.10 36.11 1.25
C PRO B 113 79.38 37.09 0.12
N SER B 114 79.80 36.58 -1.04
CA SER B 114 80.22 37.43 -2.15
C SER B 114 79.13 37.66 -3.20
N GLU B 115 79.54 38.10 -4.39
CA GLU B 115 78.62 38.45 -5.46
C GLU B 115 78.20 37.20 -6.24
N LEU B 116 77.57 37.39 -7.39
CA LEU B 116 77.06 36.27 -8.19
C LEU B 116 78.00 35.87 -9.33
N LYS B 117 78.97 35.01 -9.03
CA LYS B 117 80.01 34.69 -9.99
C LYS B 117 79.45 33.87 -11.15
N GLU B 118 79.16 34.54 -12.26
CA GLU B 118 78.65 33.85 -13.43
C GLU B 118 79.75 33.28 -14.31
N ARG B 119 80.42 32.25 -13.79
CA ARG B 119 81.50 31.50 -14.47
C ARG B 119 81.70 31.74 -15.98
N GLY B 120 80.60 31.81 -16.74
CA GLY B 120 80.66 32.07 -18.17
C GLY B 120 79.42 31.62 -18.93
N GLU B 121 79.53 31.48 -20.25
CA GLU B 121 78.43 30.95 -21.06
C GLU B 121 78.41 29.42 -20.99
N TYR B 122 77.22 28.83 -21.09
CA TYR B 122 77.04 27.38 -20.99
C TYR B 122 77.61 26.62 -22.18
N ASN B 123 78.51 27.27 -22.91
CA ASN B 123 79.24 26.64 -24.00
C ASN B 123 80.28 25.70 -23.46
N ASN B 124 80.80 24.84 -24.34
CA ASN B 124 81.85 23.91 -23.97
C ASN B 124 83.23 24.58 -24.03
N GLU B 125 83.23 25.88 -24.32
CA GLU B 125 84.48 26.61 -24.52
C GLU B 125 85.47 26.46 -23.37
N ARG B 126 85.06 26.81 -22.15
CA ARG B 126 85.87 26.45 -20.97
C ARG B 126 85.53 25.03 -20.56
N GLY B 127 86.56 24.24 -20.24
CA GLY B 127 86.37 22.87 -19.79
C GLY B 127 85.72 22.81 -18.43
N GLU B 128 86.10 21.81 -17.64
CA GLU B 128 85.61 21.70 -16.27
C GLU B 128 85.63 23.07 -15.60
N ARG B 129 84.51 23.79 -15.65
CA ARG B 129 84.44 25.11 -15.05
C ARG B 129 84.73 25.07 -13.56
N LYS B 130 85.33 26.14 -13.05
CA LYS B 130 85.81 26.17 -11.68
C LYS B 130 84.69 26.42 -10.66
N VAL B 131 84.96 26.07 -9.40
CA VAL B 131 83.91 25.87 -8.41
C VAL B 131 84.21 26.38 -7.01
N CYS B 132 83.73 27.58 -6.70
CA CYS B 132 83.90 28.14 -5.36
C CYS B 132 83.45 27.14 -4.30
N ARG B 133 84.37 26.74 -3.44
CA ARG B 133 84.14 25.65 -2.48
C ARG B 133 83.70 26.09 -1.08
N SER B 134 83.60 25.12 -0.18
CA SER B 134 82.99 25.32 1.12
C SER B 134 83.58 24.28 2.07
N ARG B 135 84.07 24.75 3.22
CA ARG B 135 84.73 23.87 4.20
C ARG B 135 83.79 23.42 5.30
N LEU B 136 83.86 22.15 5.67
CA LEU B 136 82.96 21.56 6.68
C LEU B 136 83.02 22.34 7.98
N GLU B 137 83.95 23.30 8.03
CA GLU B 137 84.31 24.04 9.24
C GLU B 137 83.36 25.21 9.57
N TRP B 138 82.41 25.48 8.68
CA TRP B 138 81.37 26.47 8.96
C TRP B 138 80.19 25.76 9.65
N LEU B 139 80.48 24.67 10.35
CA LEU B 139 79.45 23.86 11.00
C LEU B 139 79.53 23.87 12.51
N GLY B 140 78.77 24.76 13.13
CA GLY B 140 78.81 24.93 14.57
C GLY B 140 78.71 23.64 15.37
N ASN B 141 79.78 23.32 16.10
CA ASN B 141 79.84 22.10 16.90
C ASN B 141 79.17 20.91 16.22
N CYS B 142 79.22 20.92 14.87
CA CYS B 142 78.80 19.80 14.02
C CYS B 142 79.98 19.37 13.15
N SER B 143 81.15 19.24 13.78
CA SER B 143 82.40 18.83 13.13
C SER B 143 83.57 18.78 14.12
N GLY B 144 84.53 17.90 13.85
CA GLY B 144 85.69 17.72 14.70
C GLY B 144 86.60 16.68 14.07
N LEU B 145 87.38 15.98 14.88
CA LEU B 145 88.25 14.92 14.38
C LEU B 145 87.97 13.61 15.12
N ASN B 146 87.28 12.68 14.46
CA ASN B 146 86.84 11.44 15.10
C ASN B 146 87.42 10.16 14.45
N ASP B 147 86.66 9.07 14.50
CA ASP B 147 87.07 7.79 13.91
C ASP B 147 86.34 7.52 12.59
N GLU B 148 85.52 6.47 12.54
CA GLU B 148 84.71 6.19 11.36
C GLU B 148 83.26 6.64 11.56
N THR B 149 83.08 7.69 12.36
CA THR B 149 81.76 8.23 12.65
C THR B 149 81.87 9.47 13.56
N TYR B 150 81.59 10.64 12.99
CA TYR B 150 81.72 11.91 13.72
C TYR B 150 81.04 11.87 15.08
N GLY B 151 81.46 12.76 15.98
CA GLY B 151 80.89 12.84 17.31
C GLY B 151 79.60 13.65 17.36
N TYR B 152 78.50 13.03 16.92
CA TYR B 152 77.21 13.72 16.78
C TYR B 152 76.21 13.50 17.91
N LYS B 153 75.81 14.62 18.51
CA LYS B 153 74.62 14.74 19.36
C LYS B 153 74.07 13.48 20.01
N ASP B 154 74.54 13.21 21.23
CA ASP B 154 73.97 12.17 22.07
C ASP B 154 72.76 12.71 22.80
N GLY B 155 72.89 13.95 23.27
CA GLY B 155 71.78 14.66 23.87
C GLY B 155 71.59 16.00 23.19
N LYS B 156 70.41 16.21 22.62
CA LYS B 156 70.09 17.44 21.87
C LYS B 156 70.70 17.41 20.47
N PRO B 157 69.98 16.81 19.50
CA PRO B 157 70.43 16.46 18.15
C PRO B 157 70.97 17.59 17.27
N CYS B 158 70.88 17.36 15.96
CA CYS B 158 71.50 18.21 14.95
C CYS B 158 70.98 17.77 13.58
N VAL B 159 70.44 18.72 12.81
CA VAL B 159 69.91 18.42 11.47
C VAL B 159 70.21 19.52 10.45
N ILE B 160 71.13 19.23 9.53
CA ILE B 160 71.57 20.21 8.54
C ILE B 160 70.56 20.33 7.39
N ILE B 161 70.34 21.55 6.93
CA ILE B 161 69.38 21.80 5.84
C ILE B 161 70.06 22.28 4.55
N LYS B 162 69.44 22.00 3.41
CA LYS B 162 70.07 22.17 2.11
C LYS B 162 69.13 22.86 1.11
N LEU B 163 69.67 23.22 -0.06
CA LEU B 163 68.85 23.79 -1.12
C LEU B 163 68.79 22.86 -2.36
N ASN B 164 67.73 22.99 -3.14
CA ASN B 164 67.54 22.19 -4.35
C ASN B 164 68.30 22.74 -5.56
N ARG B 165 69.35 22.03 -5.97
CA ARG B 165 70.18 22.49 -7.07
C ARG B 165 69.44 22.53 -8.41
N VAL B 166 69.36 23.71 -9.00
CA VAL B 166 68.76 23.89 -10.34
C VAL B 166 69.79 24.44 -11.32
N LEU B 167 69.63 24.13 -12.59
CA LEU B 167 70.60 24.54 -13.60
C LEU B 167 70.44 26.01 -13.99
N GLY B 168 71.27 26.87 -13.41
CA GLY B 168 71.30 28.28 -13.76
C GLY B 168 70.33 29.14 -12.96
N PHE B 169 70.04 28.71 -11.73
CA PHE B 169 69.06 29.39 -10.89
C PHE B 169 69.70 30.42 -9.94
N LYS B 170 69.31 31.69 -10.10
CA LYS B 170 69.89 32.79 -9.32
C LYS B 170 68.92 33.33 -8.27
N PRO B 171 69.14 32.98 -6.98
CA PRO B 171 68.27 33.44 -5.89
C PRO B 171 68.25 34.97 -5.74
N LYS B 172 67.07 35.53 -5.50
CA LYS B 172 66.91 36.96 -5.28
C LYS B 172 66.18 37.21 -3.96
N PRO B 173 66.95 37.43 -2.87
CA PRO B 173 66.42 37.52 -1.50
C PRO B 173 65.44 38.68 -1.30
N PRO B 174 64.68 38.63 -0.19
CA PRO B 174 63.65 39.63 0.07
C PRO B 174 64.23 41.00 0.38
N LYS B 175 63.52 42.05 0.03
CA LYS B 175 63.92 43.41 0.41
C LYS B 175 63.57 43.64 1.87
N ASN B 176 63.96 44.80 2.41
CA ASN B 176 63.59 45.17 3.77
C ASN B 176 62.14 45.65 3.85
N GLU B 177 61.22 44.73 4.12
CA GLU B 177 59.80 45.04 4.19
C GLU B 177 59.08 44.22 5.27
N SER B 178 58.24 43.28 4.84
CA SER B 178 57.43 42.49 5.76
C SER B 178 57.67 40.98 5.65
N LEU B 179 58.74 40.51 6.29
CA LEU B 179 59.09 39.09 6.31
C LEU B 179 58.61 38.39 7.56
N GLU B 180 59.52 37.69 8.22
CA GLU B 180 59.22 37.02 9.48
C GLU B 180 60.28 37.31 10.54
N THR B 181 61.54 37.10 10.18
CA THR B 181 62.64 37.43 11.09
C THR B 181 63.07 38.89 10.89
N TYR B 182 62.42 39.79 11.61
CA TYR B 182 62.66 41.23 11.52
C TYR B 182 64.13 41.59 11.40
N PRO B 183 64.43 42.68 10.66
CA PRO B 183 65.77 43.22 10.46
C PRO B 183 66.58 43.37 11.76
N VAL B 184 67.21 42.28 12.20
CA VAL B 184 68.14 42.30 13.32
C VAL B 184 69.38 41.52 12.91
N MET B 185 69.86 41.83 11.71
CA MET B 185 70.94 41.12 11.03
C MET B 185 70.43 40.51 9.73
N LYS B 186 69.51 41.22 9.06
CA LYS B 186 68.93 40.78 7.80
C LYS B 186 69.86 41.11 6.63
N TYR B 187 70.86 40.25 6.42
CA TYR B 187 71.83 40.39 5.34
C TYR B 187 71.15 40.73 4.01
N ASN B 188 70.82 42.01 3.83
CA ASN B 188 69.99 42.46 2.71
C ASN B 188 70.37 41.90 1.34
N PRO B 189 71.66 41.98 0.96
CA PRO B 189 72.00 41.78 -0.45
C PRO B 189 72.37 40.35 -0.87
N TYR B 190 73.13 39.62 -0.07
CA TYR B 190 73.75 38.38 -0.57
C TYR B 190 73.48 37.09 0.22
N VAL B 191 72.27 36.92 0.75
CA VAL B 191 71.98 35.71 1.52
C VAL B 191 70.49 35.36 1.61
N LEU B 192 70.17 34.07 1.57
CA LEU B 192 68.79 33.58 1.66
C LEU B 192 68.45 33.07 3.05
N PRO B 193 67.50 33.74 3.74
CA PRO B 193 67.15 33.43 5.13
C PRO B 193 66.32 32.15 5.26
N VAL B 194 66.37 31.54 6.44
CA VAL B 194 65.57 30.34 6.74
C VAL B 194 65.03 30.40 8.17
N HIS B 195 63.72 30.60 8.31
CA HIS B 195 63.12 30.79 9.64
C HIS B 195 62.30 29.58 10.08
N CYS B 196 62.63 29.06 11.27
CA CYS B 196 61.98 27.85 11.79
C CYS B 196 60.82 28.16 12.73
N THR B 197 59.72 27.42 12.55
CA THR B 197 58.50 27.63 13.33
C THR B 197 57.80 26.30 13.67
N GLY B 198 56.82 26.35 14.57
CA GLY B 198 56.10 25.15 14.98
C GLY B 198 54.93 24.82 14.08
N LYS B 199 53.90 25.67 14.11
CA LYS B 199 52.75 25.52 13.22
C LYS B 199 52.12 26.88 12.89
N ARG B 200 52.79 27.60 11.99
CA ARG B 200 52.37 28.94 11.54
C ARG B 200 52.63 30.04 12.57
N ASP B 201 51.95 31.17 12.40
CA ASP B 201 52.09 32.31 13.32
C ASP B 201 51.11 32.19 14.48
N GLU B 202 50.18 31.24 14.37
CA GLU B 202 49.19 30.96 15.42
C GLU B 202 49.83 30.17 16.56
N ASP B 203 49.16 30.13 17.71
CA ASP B 203 49.74 29.53 18.92
C ASP B 203 50.27 28.11 18.72
N LYS B 204 51.55 28.01 18.40
CA LYS B 204 52.24 26.74 18.33
C LYS B 204 52.83 26.44 19.69
N GLU B 205 52.95 25.16 20.02
CA GLU B 205 53.45 24.78 21.34
C GLU B 205 54.97 24.94 21.48
N LYS B 206 55.50 26.07 21.02
CA LYS B 206 56.95 26.26 20.96
C LYS B 206 57.63 25.56 22.11
N VAL B 207 58.26 24.42 21.80
CA VAL B 207 58.88 23.60 22.82
C VAL B 207 60.34 23.40 22.42
N GLY B 208 60.87 24.35 21.66
CA GLY B 208 62.23 24.27 21.18
C GLY B 208 63.13 25.46 21.47
N THR B 209 64.42 25.28 21.21
CA THR B 209 65.38 26.37 21.28
C THR B 209 66.14 26.46 19.95
N MET B 210 65.89 27.53 19.22
CA MET B 210 66.35 27.67 17.83
C MET B 210 67.78 28.19 17.70
N GLU B 211 68.68 27.34 17.21
CA GLU B 211 70.08 27.73 17.04
C GLU B 211 70.64 27.33 15.67
N TYR B 212 71.26 28.30 14.98
CA TYR B 212 71.64 28.15 13.58
C TYR B 212 73.16 28.10 13.39
N PHE B 213 73.60 27.86 12.14
CA PHE B 213 75.02 27.90 11.78
C PHE B 213 75.22 28.31 10.33
N GLY B 214 76.47 28.36 9.87
CA GLY B 214 76.74 28.72 8.48
C GLY B 214 78.03 29.47 8.10
N LEU B 215 77.97 30.10 6.92
CA LEU B 215 79.12 30.69 6.24
C LEU B 215 79.19 32.17 6.53
N GLY B 216 80.06 32.53 7.47
CA GLY B 216 80.13 33.88 8.00
C GLY B 216 79.25 33.96 9.22
N GLY B 217 78.79 32.80 9.67
CA GLY B 217 77.86 32.72 10.79
C GLY B 217 76.47 33.16 10.39
N TYR B 218 76.13 32.94 9.12
CA TYR B 218 74.82 33.35 8.59
C TYR B 218 73.89 32.18 8.32
N PRO B 219 72.64 32.30 8.79
CA PRO B 219 71.58 31.31 8.54
C PRO B 219 70.96 31.47 7.15
N GLY B 220 71.65 30.97 6.12
CA GLY B 220 71.17 31.08 4.76
C GLY B 220 72.19 30.62 3.73
N PHE B 221 72.09 31.12 2.51
CA PHE B 221 73.01 30.71 1.45
C PHE B 221 73.69 31.87 0.71
N PRO B 222 74.96 31.69 0.33
CA PRO B 222 75.83 32.68 -0.32
C PRO B 222 75.70 32.66 -1.84
N LEU B 223 75.39 33.81 -2.44
CA LEU B 223 75.21 33.89 -3.88
C LEU B 223 76.54 33.83 -4.63
N GLN B 224 77.59 33.41 -3.92
CA GLN B 224 78.92 33.30 -4.51
C GLN B 224 79.08 31.99 -5.27
N TYR B 225 78.01 31.18 -5.25
CA TYR B 225 78.06 29.84 -5.83
C TYR B 225 77.22 29.69 -7.10
N TYR B 226 76.08 30.36 -7.17
CA TYR B 226 75.17 30.22 -8.30
C TYR B 226 75.56 31.18 -9.41
N PRO B 227 75.27 30.80 -10.66
CA PRO B 227 74.55 29.61 -11.11
C PRO B 227 75.37 28.29 -11.09
N TYR B 228 74.66 27.18 -10.90
CA TYR B 228 75.21 25.84 -11.04
C TYR B 228 75.31 25.57 -12.54
N TYR B 229 76.40 24.95 -12.98
CA TYR B 229 76.66 24.77 -14.42
C TYR B 229 76.64 23.32 -14.95
N GLY B 230 75.74 22.47 -14.44
CA GLY B 230 75.60 21.11 -14.92
C GLY B 230 76.65 20.14 -14.40
N LYS B 231 76.25 18.91 -14.12
CA LYS B 231 77.19 17.90 -13.66
C LYS B 231 78.09 17.43 -14.81
N LEU B 232 78.05 18.16 -15.93
CA LEU B 232 78.93 17.86 -17.07
C LEU B 232 80.03 18.89 -17.13
N LEU B 233 79.61 20.15 -17.21
CA LEU B 233 80.53 21.28 -17.19
C LEU B 233 80.93 21.60 -15.75
N GLN B 234 80.82 20.63 -14.85
CA GLN B 234 81.04 20.93 -13.44
C GLN B 234 80.84 19.76 -12.48
N PRO B 235 81.41 18.59 -12.80
CA PRO B 235 81.35 17.58 -11.73
C PRO B 235 82.09 18.19 -10.55
N LYS B 236 82.20 17.47 -9.44
CA LYS B 236 82.95 17.98 -8.27
C LYS B 236 82.28 19.18 -7.61
N TYR B 237 81.37 19.83 -8.34
CA TYR B 237 80.64 20.96 -7.79
C TYR B 237 80.01 20.55 -6.49
N LEU B 238 80.10 21.42 -5.50
CA LEU B 238 79.47 21.16 -4.23
C LEU B 238 78.52 22.30 -3.90
N GLN B 239 77.44 21.98 -3.19
CA GLN B 239 76.43 22.98 -2.87
C GLN B 239 76.60 23.46 -1.43
N PRO B 240 75.98 24.61 -1.11
CA PRO B 240 75.98 25.22 0.23
C PRO B 240 75.27 24.37 1.27
N LEU B 241 75.66 24.50 2.54
CA LEU B 241 74.99 23.80 3.64
C LEU B 241 74.67 24.77 4.79
N MET B 242 73.81 24.39 5.72
CA MET B 242 73.30 25.35 6.69
C MET B 242 72.75 24.76 8.00
N ALA B 243 73.53 23.89 8.67
CA ALA B 243 73.05 23.18 9.86
C ALA B 243 72.32 24.03 10.89
N VAL B 244 71.32 23.44 11.54
CA VAL B 244 70.57 24.08 12.61
C VAL B 244 70.45 23.13 13.80
N GLN B 245 71.33 23.29 14.79
CA GLN B 245 71.35 22.38 15.94
C GLN B 245 70.18 22.63 16.89
N PHE B 246 69.51 21.55 17.29
CA PHE B 246 68.35 21.64 18.16
C PHE B 246 68.68 21.29 19.62
N THR B 247 68.96 22.31 20.41
CA THR B 247 69.29 22.15 21.83
C THR B 247 68.16 22.62 22.73
N ASN B 248 66.93 22.36 22.31
CA ASN B 248 65.73 22.69 23.07
C ASN B 248 65.72 22.04 24.45
N LEU B 249 65.29 22.78 25.46
CA LEU B 249 65.22 22.25 26.82
C LEU B 249 64.17 21.13 26.95
N THR B 250 63.43 20.87 25.86
CA THR B 250 62.36 19.85 25.83
C THR B 250 62.81 18.50 25.27
N MET B 251 61.98 17.49 25.50
CA MET B 251 62.28 16.14 25.03
C MET B 251 61.08 15.22 25.28
N ASP B 252 61.11 14.04 24.68
CA ASP B 252 60.05 13.05 24.84
C ASP B 252 58.72 13.55 24.28
N THR B 253 58.76 14.29 23.18
CA THR B 253 57.54 14.83 22.60
C THR B 253 57.67 15.09 21.10
N GLU B 254 56.64 14.70 20.35
CA GLU B 254 56.58 14.98 18.92
C GLU B 254 56.01 16.38 18.69
N ILE B 255 56.79 17.24 18.02
CA ILE B 255 56.34 18.60 17.71
C ILE B 255 56.76 19.00 16.31
N ARG B 256 55.79 19.26 15.45
CA ARG B 256 56.09 19.56 14.05
C ARG B 256 56.70 20.95 13.91
N ILE B 257 57.78 21.01 13.15
CA ILE B 257 58.46 22.27 12.86
C ILE B 257 58.66 22.42 11.36
N GLU B 258 58.48 23.63 10.86
CA GLU B 258 58.64 23.91 9.44
C GLU B 258 59.79 24.88 9.23
N CYS B 259 60.70 24.55 8.31
CA CYS B 259 61.80 25.45 8.00
C CYS B 259 61.68 26.08 6.61
N LYS B 260 60.85 27.11 6.52
CA LYS B 260 60.65 27.85 5.28
C LYS B 260 61.92 28.56 4.84
N ALA B 261 62.03 28.79 3.53
CA ALA B 261 63.07 29.65 2.98
C ALA B 261 62.38 30.81 2.26
N TYR B 262 62.99 31.99 2.31
CA TYR B 262 62.35 33.18 1.77
C TYR B 262 63.08 33.77 0.60
N GLY B 263 62.34 34.48 -0.24
CA GLY B 263 62.89 35.13 -1.42
C GLY B 263 61.86 35.29 -2.51
N GLU B 264 62.16 36.15 -3.48
CA GLU B 264 61.25 36.38 -4.60
C GLU B 264 61.20 35.17 -5.55
N ASN B 265 62.34 34.49 -5.71
CA ASN B 265 62.38 33.24 -6.46
C ASN B 265 62.17 32.05 -5.53
N ILE B 266 61.26 32.20 -4.58
CA ILE B 266 60.92 31.14 -3.64
C ILE B 266 59.41 31.07 -3.49
N GLY B 267 58.86 29.89 -3.71
CA GLY B 267 57.42 29.69 -3.59
C GLY B 267 57.11 28.43 -2.81
N TYR B 268 55.84 28.06 -2.78
CA TYR B 268 55.38 26.87 -2.07
C TYR B 268 54.19 26.23 -2.77
N SER B 269 54.05 24.92 -2.63
CA SER B 269 52.80 24.25 -2.99
C SER B 269 52.17 23.73 -1.71
N GLU B 270 50.86 23.55 -1.72
CA GLU B 270 50.17 23.09 -0.53
C GLU B 270 50.17 21.57 -0.48
N LYS B 271 50.36 20.91 -1.63
CA LYS B 271 50.46 19.46 -1.64
C LYS B 271 51.90 18.98 -1.74
N ASP B 272 52.80 19.84 -2.22
CA ASP B 272 54.23 19.54 -2.20
C ASP B 272 54.81 19.92 -0.84
N ARG B 273 54.87 18.93 0.05
CA ARG B 273 55.29 19.17 1.42
C ARG B 273 56.76 19.53 1.53
N PHE B 274 57.40 19.81 0.40
CA PHE B 274 58.82 20.19 0.42
C PHE B 274 59.21 21.21 -0.64
N GLN B 275 58.23 21.89 -1.24
CA GLN B 275 58.50 22.91 -2.26
C GLN B 275 58.76 24.26 -1.64
N GLY B 276 60.01 24.67 -1.66
CA GLY B 276 60.42 25.92 -1.05
C GLY B 276 60.15 25.93 0.44
N ARG B 277 60.35 24.80 1.09
CA ARG B 277 60.15 24.71 2.54
C ARG B 277 60.48 23.33 3.08
N PHE B 278 60.24 23.15 4.38
CA PHE B 278 60.52 21.91 5.09
C PHE B 278 59.31 21.39 5.85
N ASP B 279 59.54 20.38 6.68
CA ASP B 279 58.50 19.77 7.52
C ASP B 279 59.09 18.54 8.17
N VAL B 280 59.36 18.62 9.47
CA VAL B 280 59.98 17.50 10.18
C VAL B 280 59.43 17.29 11.59
N LYS B 281 59.10 16.04 11.89
CA LYS B 281 58.65 15.65 13.23
C LYS B 281 59.87 15.18 14.04
N ILE B 282 59.92 15.59 15.31
CA ILE B 282 61.13 15.43 16.11
C ILE B 282 60.86 15.02 17.56
N GLU B 283 61.60 14.01 18.02
CA GLU B 283 61.38 13.42 19.34
C GLU B 283 62.59 12.61 19.78
N VAL B 284 63.24 13.04 20.85
CA VAL B 284 64.41 12.34 21.40
C VAL B 284 64.08 11.56 22.65
N LYS B 285 63.17 10.59 22.50
CA LYS B 285 62.72 9.76 23.62
C LYS B 285 63.89 9.18 24.39
N SER B 286 64.33 9.91 25.42
CA SER B 286 65.47 9.48 26.22
C SER B 286 65.21 8.14 26.88
N TYR C 1 51.70 29.01 -19.32
CA TYR C 1 50.79 27.87 -19.33
C TYR C 1 49.34 28.27 -19.54
N GLU C 2 48.96 29.42 -18.96
CA GLU C 2 47.60 29.94 -19.11
C GLU C 2 47.20 30.02 -20.58
N THR C 3 48.19 30.26 -21.43
CA THR C 3 47.97 30.46 -22.87
C THR C 3 47.88 29.14 -23.64
N VAL C 4 48.12 28.02 -22.94
CA VAL C 4 48.03 26.71 -23.58
C VAL C 4 46.70 26.03 -23.26
N ARG C 5 46.21 26.28 -22.05
CA ARG C 5 44.95 25.69 -21.59
C ARG C 5 43.77 26.22 -22.41
N ASN C 6 43.77 27.52 -22.69
CA ASN C 6 42.76 28.11 -23.58
C ASN C 6 43.11 27.85 -25.04
N GLY C 7 44.15 27.05 -25.27
CA GLY C 7 44.60 26.73 -26.62
C GLY C 7 44.07 25.39 -27.10
N GLY C 8 44.03 24.41 -26.20
CA GLY C 8 43.52 23.10 -26.53
C GLY C 8 42.00 23.01 -26.47
N LEU C 9 41.39 23.86 -25.66
CA LEU C 9 39.94 23.87 -25.51
C LEU C 9 39.24 24.33 -26.78
N ILE C 10 40.00 24.82 -27.75
CA ILE C 10 39.43 25.36 -28.98
C ILE C 10 39.43 24.35 -30.14
N PHE C 11 40.61 23.90 -30.56
CA PHE C 11 40.71 22.92 -31.63
C PHE C 11 40.09 21.59 -31.22
N ALA C 12 39.75 21.48 -29.94
CA ALA C 12 38.98 20.36 -29.44
C ALA C 12 37.50 20.63 -29.70
N ALA C 13 37.02 21.77 -29.24
CA ALA C 13 35.61 22.15 -29.38
C ALA C 13 35.19 22.32 -30.83
N LEU C 14 36.16 22.59 -31.71
CA LEU C 14 35.88 22.64 -33.14
C LEU C 14 36.04 21.25 -33.76
N ALA C 15 35.88 20.22 -32.91
CA ALA C 15 36.00 18.84 -33.35
C ALA C 15 34.83 17.99 -32.83
N PHE C 16 34.24 18.43 -31.72
CA PHE C 16 32.97 17.87 -31.26
C PHE C 16 31.88 18.45 -32.15
N ILE C 17 32.21 19.59 -32.79
CA ILE C 17 31.27 20.29 -33.65
C ILE C 17 31.34 19.84 -35.11
N VAL C 18 32.55 19.76 -35.67
CA VAL C 18 32.72 19.24 -37.03
C VAL C 18 32.29 17.78 -37.09
N GLY C 19 32.34 17.11 -35.95
CA GLY C 19 31.88 15.74 -35.85
C GLY C 19 30.37 15.66 -35.90
N LEU C 20 29.71 16.63 -35.28
CA LEU C 20 28.25 16.70 -35.34
C LEU C 20 27.77 17.05 -36.74
N ILE C 21 28.60 17.76 -37.50
CA ILE C 21 28.26 18.15 -38.85
C ILE C 21 28.59 17.05 -39.85
N ILE C 22 29.48 16.14 -39.47
CA ILE C 22 29.75 14.95 -40.28
C ILE C 22 28.76 13.85 -39.90
N LEU C 23 28.22 13.95 -38.68
CA LEU C 23 27.24 12.99 -38.15
C LEU C 23 25.85 13.27 -38.72
N LEU C 24 25.39 14.50 -38.55
CA LEU C 24 24.08 14.92 -39.04
C LEU C 24 24.12 15.03 -40.56
N SER C 25 25.18 14.52 -41.17
CA SER C 25 25.27 14.43 -42.61
C SER C 25 24.52 13.18 -43.08
N LYS C 26 23.20 13.25 -43.00
CA LYS C 26 22.28 12.15 -43.33
C LYS C 26 21.92 11.27 -42.13
N ARG C 27 22.57 11.51 -40.99
CA ARG C 27 22.36 10.72 -39.76
C ARG C 27 23.14 9.40 -39.80
N ALA D 1 -37.84 6.67 -8.74
CA ALA D 1 -37.34 7.11 -7.44
C ALA D 1 -37.85 8.50 -7.08
N LYS D 2 -38.96 8.56 -6.36
CA LYS D 2 -39.57 9.82 -5.95
C LYS D 2 -39.18 10.16 -4.52
N LYS D 3 -40.08 10.80 -3.79
CA LYS D 3 -39.84 11.12 -2.39
C LYS D 3 -39.59 9.85 -1.58
N GLU D 4 -39.52 9.99 -0.26
CA GLU D 4 -39.45 8.85 0.62
C GLU D 4 -40.84 8.28 0.85
N ARG D 5 -41.82 9.18 1.03
CA ARG D 5 -43.21 8.79 1.24
C ARG D 5 -43.79 8.07 0.01
N ASP D 6 -42.91 7.66 -0.89
CA ASP D 6 -43.30 6.95 -2.11
C ASP D 6 -42.33 5.78 -2.33
N MET D 7 -41.07 6.10 -2.57
CA MET D 7 -40.03 5.08 -2.74
C MET D 7 -40.09 4.06 -1.61
N ASP D 8 -40.67 4.47 -0.49
CA ASP D 8 -40.74 3.69 0.74
C ASP D 8 -42.20 3.40 1.14
N GLU D 9 -43.15 4.08 0.50
CA GLU D 9 -44.55 3.81 0.79
C GLU D 9 -45.07 2.72 -0.09
N LEU D 10 -44.51 2.63 -1.29
CA LEU D 10 -44.90 1.57 -2.22
C LEU D 10 -44.32 0.27 -1.69
N LYS D 11 -43.14 0.34 -1.12
CA LYS D 11 -42.59 -0.83 -0.49
C LYS D 11 -43.47 -1.30 0.69
N LYS D 12 -44.68 -0.78 0.83
CA LYS D 12 -45.47 -1.15 2.01
C LYS D 12 -46.79 -1.82 1.67
N GLU D 13 -47.23 -1.67 0.43
CA GLU D 13 -48.44 -2.34 -0.01
C GLU D 13 -48.01 -3.75 -0.35
N VAL D 14 -48.91 -4.72 -0.21
CA VAL D 14 -48.52 -6.10 -0.49
C VAL D 14 -48.50 -6.28 -1.99
N SER D 15 -47.82 -7.31 -2.47
CA SER D 15 -47.55 -7.44 -3.89
C SER D 15 -48.71 -8.05 -4.71
N MET D 16 -48.42 -8.45 -5.95
CA MET D 16 -49.44 -8.90 -6.92
C MET D 16 -48.74 -9.65 -8.04
N ASP D 17 -49.35 -10.70 -8.59
CA ASP D 17 -48.52 -11.62 -9.39
C ASP D 17 -49.04 -12.23 -10.80
N ASP D 18 -48.59 -13.45 -11.13
CA ASP D 18 -48.71 -14.07 -12.47
C ASP D 18 -48.48 -15.59 -12.36
N HIS D 19 -48.84 -16.13 -11.21
CA HIS D 19 -48.96 -17.55 -11.02
C HIS D 19 -50.29 -17.96 -11.51
N LYS D 20 -51.11 -16.99 -11.90
CA LYS D 20 -52.43 -17.29 -12.47
C LYS D 20 -52.40 -17.49 -14.00
N LEU D 21 -51.27 -17.20 -14.63
CA LEU D 21 -51.05 -17.39 -16.06
C LEU D 21 -51.01 -18.88 -16.33
N SER D 22 -51.25 -19.26 -17.58
CA SER D 22 -51.11 -20.63 -18.03
C SER D 22 -49.69 -20.79 -18.40
N LEU D 23 -49.32 -21.94 -18.88
CA LEU D 23 -47.95 -22.06 -19.34
C LEU D 23 -47.67 -21.32 -20.63
N ASP D 24 -48.70 -21.08 -21.44
CA ASP D 24 -48.46 -20.30 -22.64
C ASP D 24 -48.78 -18.84 -22.39
N GLU D 25 -49.29 -18.54 -21.21
CA GLU D 25 -49.44 -17.14 -20.84
C GLU D 25 -48.07 -16.60 -20.44
N LEU D 26 -47.20 -17.48 -19.92
CA LEU D 26 -45.76 -17.17 -19.79
C LEU D 26 -45.14 -17.15 -21.15
N HIS D 27 -44.38 -18.20 -21.45
CA HIS D 27 -43.75 -18.35 -22.76
C HIS D 27 -43.60 -17.01 -23.47
N ARG D 28 -44.67 -16.53 -24.09
CA ARG D 28 -44.67 -15.17 -24.63
C ARG D 28 -44.05 -14.20 -23.65
N LYS D 29 -44.80 -13.92 -22.60
CA LYS D 29 -44.44 -12.94 -21.56
C LYS D 29 -42.97 -12.80 -21.18
N TYR D 30 -42.21 -13.89 -21.18
CA TYR D 30 -40.79 -13.74 -20.94
C TYR D 30 -39.94 -14.04 -22.16
N GLY D 31 -40.47 -14.84 -23.06
CA GLY D 31 -39.76 -15.18 -24.28
C GLY D 31 -38.95 -16.43 -24.03
N THR D 32 -38.74 -16.70 -22.76
CA THR D 32 -38.03 -17.90 -22.33
C THR D 32 -38.67 -19.13 -22.96
N ASP D 33 -37.84 -20.06 -23.42
CA ASP D 33 -38.36 -21.32 -23.91
C ASP D 33 -38.99 -21.98 -22.72
N LEU D 34 -38.62 -23.22 -22.44
CA LEU D 34 -39.23 -23.93 -21.32
C LEU D 34 -38.84 -25.38 -21.43
N SER D 35 -39.02 -26.00 -22.58
CA SER D 35 -38.43 -27.30 -22.73
C SER D 35 -36.95 -27.12 -22.41
N ARG D 36 -36.49 -25.87 -22.50
CA ARG D 36 -35.04 -25.61 -22.58
C ARG D 36 -34.44 -24.18 -22.35
N GLY D 37 -35.17 -23.29 -21.68
CA GLY D 37 -34.61 -22.07 -21.13
C GLY D 37 -34.59 -20.83 -22.02
N LEU D 38 -33.65 -19.91 -21.75
CA LEU D 38 -33.41 -18.79 -22.65
C LEU D 38 -32.30 -19.11 -23.63
N THR D 39 -31.94 -18.13 -24.43
CA THR D 39 -30.69 -18.21 -25.14
C THR D 39 -29.74 -17.81 -24.05
N PRO D 40 -28.45 -18.14 -24.15
CA PRO D 40 -27.54 -17.57 -23.16
C PRO D 40 -27.23 -16.15 -23.60
N ALA D 41 -27.45 -15.92 -24.89
CA ALA D 41 -27.16 -14.65 -25.52
C ALA D 41 -28.20 -13.58 -25.14
N ARG D 42 -29.46 -13.96 -25.06
CA ARG D 42 -30.48 -13.03 -24.61
C ARG D 42 -30.48 -13.00 -23.09
N ALA D 43 -29.46 -13.62 -22.53
CA ALA D 43 -29.33 -13.66 -21.09
C ALA D 43 -28.54 -12.47 -20.60
N ALA D 44 -27.22 -12.58 -20.65
CA ALA D 44 -26.37 -11.46 -20.30
C ALA D 44 -26.89 -10.23 -21.02
N GLU D 45 -27.74 -10.47 -22.02
CA GLU D 45 -28.33 -9.40 -22.79
C GLU D 45 -29.60 -8.87 -22.14
N ILE D 46 -30.20 -9.66 -21.27
CA ILE D 46 -31.23 -9.12 -20.42
C ILE D 46 -30.54 -8.52 -19.23
N LEU D 47 -29.31 -8.94 -19.00
CA LEU D 47 -28.55 -8.44 -17.87
C LEU D 47 -28.38 -6.94 -17.99
N ALA D 48 -27.77 -6.51 -19.10
CA ALA D 48 -27.60 -5.08 -19.35
C ALA D 48 -28.92 -4.34 -19.16
N ARG D 49 -29.95 -4.70 -19.93
CA ARG D 49 -31.21 -3.96 -19.86
C ARG D 49 -31.80 -3.91 -18.46
N ASP D 50 -31.70 -5.01 -17.72
CA ASP D 50 -32.38 -5.09 -16.42
C ASP D 50 -31.44 -4.96 -15.21
N GLY D 51 -30.18 -5.38 -15.38
CA GLY D 51 -29.16 -5.15 -14.37
C GLY D 51 -29.04 -6.07 -13.15
N PRO D 52 -27.82 -6.59 -12.92
CA PRO D 52 -27.38 -7.64 -11.98
C PRO D 52 -28.36 -8.00 -10.89
N ASN D 53 -28.42 -9.28 -10.58
CA ASN D 53 -29.30 -9.79 -9.54
C ASN D 53 -28.61 -9.78 -8.21
N ALA D 54 -29.09 -8.92 -7.32
CA ALA D 54 -28.72 -8.89 -5.90
C ALA D 54 -28.90 -7.48 -5.38
N LEU D 55 -28.81 -7.30 -4.07
CA LEU D 55 -29.16 -6.03 -3.47
C LEU D 55 -27.94 -5.24 -3.10
N THR D 56 -28.10 -3.92 -3.07
CA THR D 56 -27.01 -3.02 -2.78
C THR D 56 -27.37 -2.19 -1.55
N PRO D 57 -26.47 -2.19 -0.54
CA PRO D 57 -26.70 -1.64 0.81
C PRO D 57 -26.58 -0.12 0.86
N PRO D 58 -27.30 0.52 1.80
CA PRO D 58 -27.33 1.98 1.83
C PRO D 58 -25.93 2.50 2.16
N PRO D 59 -25.56 3.69 1.67
CA PRO D 59 -24.19 4.18 1.90
C PRO D 59 -23.95 4.50 3.37
N THR D 60 -22.68 4.62 3.76
CA THR D 60 -22.34 4.81 5.16
C THR D 60 -21.66 6.14 5.46
N THR D 61 -22.32 6.97 6.25
CA THR D 61 -21.70 8.20 6.75
C THR D 61 -20.64 7.80 7.76
N PRO D 62 -19.36 8.09 7.45
CA PRO D 62 -18.19 7.50 8.13
C PRO D 62 -18.06 7.88 9.60
N GLU D 63 -16.96 7.49 10.22
CA GLU D 63 -16.76 7.75 11.62
C GLU D 63 -16.27 9.18 11.90
N TRP D 64 -15.81 9.86 10.87
CA TRP D 64 -15.62 11.30 10.99
C TRP D 64 -16.92 11.82 11.56
N VAL D 65 -17.88 11.98 10.66
CA VAL D 65 -19.11 12.70 10.97
C VAL D 65 -19.85 12.23 12.21
N LYS D 66 -19.91 10.92 12.45
CA LYS D 66 -20.73 10.45 13.55
C LYS D 66 -20.17 11.03 14.85
N PHE D 67 -18.85 10.99 14.98
CA PHE D 67 -18.18 11.53 16.16
C PHE D 67 -18.29 13.04 16.23
N CYS D 68 -18.24 13.68 15.06
CA CYS D 68 -18.30 15.13 15.00
C CYS D 68 -19.66 15.69 15.36
N ARG D 69 -20.70 15.33 14.63
CA ARG D 69 -22.02 15.87 14.90
C ARG D 69 -22.28 16.09 16.40
N GLN D 70 -21.72 15.22 17.24
CA GLN D 70 -21.88 15.32 18.69
C GLN D 70 -21.15 16.52 19.33
N LEU D 71 -20.13 17.02 18.63
CA LEU D 71 -19.39 18.22 19.05
C LEU D 71 -20.25 19.47 19.02
N PHE D 72 -21.56 19.32 18.88
CA PHE D 72 -22.47 20.44 18.96
C PHE D 72 -23.66 20.01 19.78
N GLY D 73 -23.55 18.78 20.29
CA GLY D 73 -24.52 18.18 21.19
C GLY D 73 -24.89 19.10 22.33
N GLY D 74 -25.86 19.96 22.05
CA GLY D 74 -26.38 20.88 23.04
C GLY D 74 -25.33 21.78 23.64
N PHE D 75 -24.67 21.34 24.70
CA PHE D 75 -23.93 22.28 25.56
C PHE D 75 -22.71 22.92 24.96
N SER D 76 -22.40 22.62 23.71
CA SER D 76 -21.17 23.10 23.12
C SER D 76 -21.41 24.31 22.23
N MET D 77 -22.68 24.64 22.04
CA MET D 77 -23.00 25.96 21.51
C MET D 77 -22.39 26.96 22.49
N LEU D 78 -22.69 26.79 23.77
CA LEU D 78 -22.05 27.57 24.81
C LEU D 78 -20.56 27.23 24.96
N LEU D 79 -20.25 26.05 25.50
CA LEU D 79 -18.86 25.64 25.69
C LEU D 79 -17.92 25.95 24.52
N TRP D 80 -18.47 26.27 23.36
CA TRP D 80 -17.63 26.62 22.23
C TRP D 80 -17.30 28.11 22.14
N ILE D 81 -18.28 28.97 22.43
CA ILE D 81 -18.02 30.41 22.50
C ILE D 81 -16.98 30.65 23.56
N GLY D 82 -17.21 30.13 24.76
CA GLY D 82 -16.17 30.13 25.78
C GLY D 82 -14.84 29.76 25.16
N ALA D 83 -14.73 28.52 24.70
CA ALA D 83 -13.50 28.03 24.09
C ALA D 83 -12.82 29.13 23.29
N ILE D 84 -13.55 29.68 22.32
CA ILE D 84 -13.00 30.66 21.39
C ILE D 84 -12.75 32.04 22.06
N LEU D 85 -13.72 32.50 22.84
CA LEU D 85 -13.68 33.78 23.55
C LEU D 85 -12.40 33.91 24.39
N CYS D 86 -11.87 32.77 24.81
CA CYS D 86 -10.67 32.75 25.66
C CYS D 86 -9.42 33.01 24.83
N PHE D 87 -9.54 32.82 23.53
CA PHE D 87 -8.44 33.11 22.61
C PHE D 87 -8.58 34.53 22.08
N LEU D 88 -9.71 35.16 22.42
CA LEU D 88 -9.89 36.59 22.21
C LEU D 88 -9.20 37.29 23.36
N ALA D 89 -9.49 36.83 24.57
CA ALA D 89 -8.88 37.35 25.78
C ALA D 89 -7.36 37.19 25.79
N TYR D 90 -6.85 36.08 25.28
CA TYR D 90 -5.39 35.89 25.29
C TYR D 90 -4.73 36.75 24.22
N GLY D 91 -5.55 37.37 23.38
CA GLY D 91 -5.04 38.29 22.38
C GLY D 91 -4.90 39.65 23.01
N ILE D 92 -5.97 40.07 23.67
CA ILE D 92 -5.99 41.24 24.53
C ILE D 92 -4.67 41.45 25.29
N GLN D 93 -4.12 40.38 25.85
CA GLN D 93 -2.89 40.44 26.63
C GLN D 93 -1.69 40.00 25.80
N ALA D 94 -1.95 39.58 24.57
CA ALA D 94 -0.89 39.26 23.62
C ALA D 94 -0.52 40.55 22.90
N ALA D 95 -1.33 41.58 23.14
CA ALA D 95 -1.15 42.88 22.53
C ALA D 95 -0.79 43.93 23.59
N THR D 96 -1.70 44.14 24.54
CA THR D 96 -1.60 45.26 25.48
C THR D 96 -0.40 45.17 26.46
N GLU D 97 -0.57 45.70 27.67
CA GLU D 97 0.51 45.68 28.67
C GLU D 97 0.93 44.24 29.00
N GLU D 98 1.91 43.75 28.24
CA GLU D 98 2.30 42.34 28.26
C GLU D 98 1.96 41.57 29.53
N GLU D 99 1.00 40.65 29.39
CA GLU D 99 0.63 39.73 30.46
C GLU D 99 0.97 38.31 30.01
N PRO D 100 2.28 37.97 30.03
CA PRO D 100 2.72 36.62 29.66
C PRO D 100 1.83 35.60 30.34
N GLN D 101 1.16 36.04 31.41
CA GLN D 101 0.17 35.25 32.10
C GLN D 101 -0.34 34.14 31.21
N ASN D 102 0.18 32.94 31.45
CA ASN D 102 -0.32 31.74 30.82
C ASN D 102 -1.85 31.74 30.83
N ASP D 103 -2.42 32.46 31.80
CA ASP D 103 -3.82 32.35 32.20
C ASP D 103 -4.85 31.95 31.14
N ASN D 104 -5.49 32.94 30.52
CA ASN D 104 -6.69 32.70 29.73
C ASN D 104 -6.50 31.77 28.52
N LEU D 105 -5.28 31.70 28.01
CA LEU D 105 -4.97 30.80 26.90
C LEU D 105 -5.24 29.35 27.27
N TYR D 106 -4.72 28.90 28.41
CA TYR D 106 -4.99 27.55 28.86
C TYR D 106 -6.49 27.31 29.03
N LEU D 107 -7.16 28.22 29.74
CA LEU D 107 -8.60 28.04 30.01
C LEU D 107 -9.41 28.16 28.74
N GLY D 108 -8.74 28.08 27.60
CA GLY D 108 -9.41 28.01 26.33
C GLY D 108 -9.14 26.65 25.72
N VAL D 109 -7.89 26.22 25.84
CA VAL D 109 -7.49 24.90 25.38
C VAL D 109 -8.11 23.85 26.28
N VAL D 110 -8.10 24.10 27.58
CA VAL D 110 -8.80 23.20 28.48
C VAL D 110 -10.30 23.19 28.20
N LEU D 111 -10.94 24.35 28.24
CA LEU D 111 -12.36 24.42 27.95
C LEU D 111 -12.69 23.70 26.63
N SER D 112 -11.78 23.77 25.67
CA SER D 112 -12.00 23.13 24.36
C SER D 112 -11.90 21.61 24.46
N ALA D 113 -11.04 21.14 25.36
CA ALA D 113 -10.92 19.71 25.60
C ALA D 113 -12.14 19.15 26.33
N VAL D 114 -12.80 19.99 27.12
CA VAL D 114 -14.01 19.57 27.82
C VAL D 114 -15.16 19.50 26.83
N VAL D 115 -14.97 20.08 25.67
CA VAL D 115 -15.98 19.96 24.63
C VAL D 115 -15.76 18.68 23.83
N ILE D 116 -14.48 18.30 23.72
CA ILE D 116 -14.12 17.04 23.09
C ILE D 116 -14.39 15.85 24.03
N ILE D 117 -13.62 15.73 25.11
CA ILE D 117 -13.86 14.73 26.14
C ILE D 117 -15.37 14.46 26.29
N THR D 118 -16.18 15.50 26.24
CA THR D 118 -17.60 15.38 26.57
C THR D 118 -18.39 14.82 25.40
N GLY D 119 -17.79 14.90 24.23
CA GLY D 119 -18.43 14.51 22.98
C GLY D 119 -18.36 13.02 22.68
N CYS D 120 -17.13 12.48 22.64
CA CYS D 120 -16.96 11.04 22.57
C CYS D 120 -18.01 10.45 23.48
N PHE D 121 -17.91 10.79 24.75
CA PHE D 121 -18.87 10.41 25.76
C PHE D 121 -20.31 10.32 25.33
N SER D 122 -20.79 11.31 24.57
CA SER D 122 -22.19 11.31 24.12
C SER D 122 -22.28 10.88 22.66
N TYR D 123 -21.17 10.40 22.13
CA TYR D 123 -21.14 9.80 20.80
C TYR D 123 -21.23 8.29 20.97
N TYR D 124 -20.36 7.76 21.80
CA TYR D 124 -20.49 6.40 22.26
C TYR D 124 -21.91 6.12 22.70
N GLN D 125 -22.63 7.12 23.17
CA GLN D 125 -24.00 6.87 23.58
C GLN D 125 -24.91 6.64 22.39
N GLU D 126 -24.64 7.36 21.30
CA GLU D 126 -25.41 7.16 20.08
C GLU D 126 -24.56 6.38 19.08
N ALA D 127 -24.21 5.16 19.47
CA ALA D 127 -23.62 4.20 18.56
C ALA D 127 -24.78 3.35 18.08
N LYS D 128 -24.67 2.82 16.85
CA LYS D 128 -25.79 2.15 16.25
C LYS D 128 -25.44 1.52 14.89
N SER D 129 -24.64 0.45 14.93
CA SER D 129 -24.29 -0.28 13.72
C SER D 129 -25.49 -1.02 13.14
N SER D 130 -25.88 -0.65 11.92
CA SER D 130 -27.15 -1.12 11.35
C SER D 130 -27.04 -2.06 10.16
N LYS D 131 -26.11 -2.99 10.21
CA LYS D 131 -25.90 -3.90 9.08
C LYS D 131 -27.08 -4.87 8.85
N ILE D 132 -28.04 -4.41 8.03
CA ILE D 132 -29.24 -5.17 7.67
C ILE D 132 -29.16 -5.91 6.34
N MET D 133 -28.52 -5.30 5.35
CA MET D 133 -28.31 -5.94 4.06
C MET D 133 -27.13 -6.89 4.17
N GLU D 134 -26.02 -6.41 4.71
CA GLU D 134 -24.86 -7.28 4.87
C GLU D 134 -25.29 -8.51 5.66
N SER D 135 -26.60 -8.62 5.84
CA SER D 135 -27.23 -9.81 6.36
C SER D 135 -28.10 -10.46 5.29
N PHE D 136 -29.17 -9.77 4.88
CA PHE D 136 -30.06 -10.28 3.82
C PHE D 136 -29.31 -10.78 2.62
N LYS D 137 -28.46 -9.93 2.06
CA LYS D 137 -27.62 -10.31 0.93
C LYS D 137 -26.87 -11.62 1.17
N ASN D 138 -26.80 -12.06 2.43
CA ASN D 138 -26.19 -13.35 2.76
C ASN D 138 -27.11 -14.55 2.52
N MET D 139 -28.36 -14.29 2.13
CA MET D 139 -29.37 -15.33 1.95
C MET D 139 -29.62 -15.69 0.49
N VAL D 140 -29.14 -14.85 -0.42
CA VAL D 140 -28.94 -15.29 -1.80
C VAL D 140 -27.75 -16.23 -1.78
N PRO D 141 -27.60 -17.05 -2.83
CA PRO D 141 -26.54 -18.06 -2.83
C PRO D 141 -25.38 -17.72 -3.74
N GLN D 142 -24.30 -18.48 -3.59
CA GLN D 142 -23.12 -18.26 -4.40
C GLN D 142 -23.46 -18.45 -5.87
N GLN D 143 -23.89 -19.67 -6.21
CA GLN D 143 -24.26 -19.98 -7.57
C GLN D 143 -25.76 -20.28 -7.64
N ALA D 144 -26.28 -20.39 -8.86
CA ALA D 144 -27.66 -20.83 -9.10
C ALA D 144 -27.65 -21.74 -10.30
N LEU D 145 -28.67 -22.60 -10.42
CA LEU D 145 -28.76 -23.54 -11.52
C LEU D 145 -29.78 -23.07 -12.55
N VAL D 146 -29.30 -22.66 -13.71
CA VAL D 146 -30.20 -22.37 -14.80
C VAL D 146 -29.83 -23.14 -16.07
N ILE D 147 -30.82 -23.31 -16.96
CA ILE D 147 -30.66 -23.99 -18.25
C ILE D 147 -30.81 -23.03 -19.42
N ARG D 148 -30.05 -23.30 -20.48
CA ARG D 148 -30.06 -22.48 -21.68
C ARG D 148 -29.77 -23.27 -22.98
N ASN D 149 -30.53 -23.01 -24.04
CA ASN D 149 -30.28 -23.76 -25.24
C ASN D 149 -30.59 -25.21 -24.96
N GLY D 150 -30.54 -25.57 -23.69
CA GLY D 150 -30.67 -26.94 -23.27
C GLY D 150 -29.64 -27.38 -22.26
N GLU D 151 -28.41 -26.89 -22.41
CA GLU D 151 -27.37 -27.10 -21.40
C GLU D 151 -27.90 -26.70 -20.04
N LYS D 152 -27.63 -27.49 -19.01
CA LYS D 152 -27.86 -26.97 -17.65
C LYS D 152 -26.55 -26.48 -17.12
N MET D 153 -26.56 -25.29 -16.53
CA MET D 153 -25.32 -24.72 -16.04
C MET D 153 -25.56 -23.91 -14.80
N SER D 154 -24.75 -24.18 -13.79
CA SER D 154 -24.75 -23.34 -12.63
C SER D 154 -23.97 -22.13 -13.01
N ILE D 155 -24.24 -21.04 -12.34
CA ILE D 155 -23.49 -19.81 -12.50
C ILE D 155 -23.69 -18.84 -11.32
N ASN D 156 -22.85 -17.81 -11.28
CA ASN D 156 -22.96 -16.77 -10.29
C ASN D 156 -24.40 -16.27 -10.16
N ALA D 157 -24.96 -16.46 -8.97
CA ALA D 157 -26.34 -16.13 -8.71
C ALA D 157 -26.76 -14.77 -9.26
N GLU D 158 -25.81 -13.91 -9.56
CA GLU D 158 -26.18 -12.57 -9.92
C GLU D 158 -26.33 -12.50 -11.42
N GLU D 159 -25.99 -13.58 -12.11
CA GLU D 159 -26.10 -13.61 -13.55
C GLU D 159 -27.44 -14.25 -13.98
N VAL D 160 -28.31 -14.46 -13.00
CA VAL D 160 -29.72 -14.81 -13.21
C VAL D 160 -30.48 -13.61 -13.74
N VAL D 161 -31.35 -13.78 -14.71
CA VAL D 161 -32.03 -12.64 -15.29
C VAL D 161 -33.56 -12.76 -15.29
N VAL D 162 -34.24 -11.63 -15.40
CA VAL D 162 -35.68 -11.70 -15.39
C VAL D 162 -36.16 -12.43 -16.62
N GLY D 163 -36.24 -13.74 -16.50
CA GLY D 163 -36.60 -14.57 -17.63
C GLY D 163 -36.21 -16.05 -17.66
N ASP D 164 -35.06 -16.43 -17.14
CA ASP D 164 -34.60 -17.83 -17.34
C ASP D 164 -35.12 -18.94 -16.39
N LEU D 165 -34.57 -20.13 -16.65
CA LEU D 165 -35.08 -21.39 -16.15
C LEU D 165 -34.22 -21.93 -15.04
N VAL D 166 -34.79 -22.00 -13.85
CA VAL D 166 -33.97 -22.34 -12.71
C VAL D 166 -34.43 -23.63 -12.06
N GLU D 167 -33.50 -24.50 -11.71
CA GLU D 167 -33.86 -25.76 -11.11
C GLU D 167 -33.41 -25.75 -9.68
N VAL D 168 -34.31 -25.51 -8.74
CA VAL D 168 -33.92 -25.61 -7.32
C VAL D 168 -33.95 -27.09 -6.94
N LYS D 169 -32.93 -27.55 -6.21
CA LYS D 169 -32.85 -28.95 -5.81
C LYS D 169 -33.06 -29.01 -4.33
N GLY D 170 -32.67 -30.08 -3.67
CA GLY D 170 -33.00 -30.20 -2.26
C GLY D 170 -31.95 -29.65 -1.32
N GLY D 171 -32.39 -28.92 -0.32
CA GLY D 171 -31.48 -28.36 0.66
C GLY D 171 -30.98 -26.97 0.36
N ASP D 172 -30.62 -26.71 -0.90
CA ASP D 172 -30.06 -25.42 -1.29
C ASP D 172 -31.09 -24.27 -1.37
N ARG D 173 -30.62 -23.07 -1.71
CA ARG D 173 -31.45 -21.87 -1.54
C ARG D 173 -32.06 -21.41 -2.84
N ILE D 174 -33.07 -20.55 -2.73
CA ILE D 174 -33.85 -20.14 -3.92
C ILE D 174 -33.38 -18.79 -4.51
N PRO D 175 -32.68 -18.83 -5.65
CA PRO D 175 -31.98 -17.75 -6.36
C PRO D 175 -32.77 -16.48 -6.63
N ALA D 176 -33.90 -16.60 -7.31
CA ALA D 176 -34.73 -15.41 -7.45
C ALA D 176 -36.16 -15.67 -7.03
N ASP D 177 -37.11 -15.01 -7.67
CA ASP D 177 -38.50 -15.37 -7.45
C ASP D 177 -38.94 -16.27 -8.57
N LEU D 178 -39.36 -17.47 -8.18
CA LEU D 178 -39.76 -18.46 -9.15
C LEU D 178 -41.28 -18.66 -9.32
N ARG D 179 -41.70 -18.80 -10.58
CA ARG D 179 -42.99 -19.40 -10.91
C ARG D 179 -42.69 -20.78 -11.42
N ILE D 180 -43.23 -21.78 -10.73
CA ILE D 180 -42.82 -23.15 -10.93
C ILE D 180 -43.58 -23.78 -12.06
N ILE D 181 -42.81 -24.24 -13.05
CA ILE D 181 -43.39 -24.94 -14.17
C ILE D 181 -43.30 -26.45 -13.88
N SER D 182 -42.19 -27.08 -14.20
CA SER D 182 -42.04 -28.45 -13.75
C SER D 182 -41.91 -28.40 -12.24
N ALA D 183 -41.83 -29.55 -11.57
CA ALA D 183 -41.62 -29.56 -10.12
C ALA D 183 -41.72 -30.92 -9.47
N ASN D 184 -40.88 -31.19 -8.51
CA ASN D 184 -41.12 -32.46 -7.91
C ASN D 184 -40.93 -32.58 -6.45
N GLY D 185 -41.86 -33.32 -5.88
CA GLY D 185 -41.83 -33.70 -4.49
C GLY D 185 -41.12 -32.66 -3.68
N CYS D 186 -41.61 -31.42 -3.77
CA CYS D 186 -40.79 -30.28 -3.45
C CYS D 186 -41.44 -29.57 -2.33
N LYS D 187 -40.83 -29.66 -1.17
CA LYS D 187 -41.26 -28.90 -0.04
C LYS D 187 -40.21 -27.81 0.20
N VAL D 188 -40.53 -26.79 1.00
CA VAL D 188 -39.74 -25.58 1.00
C VAL D 188 -39.94 -24.75 2.26
N ASP D 189 -38.83 -24.41 2.91
CA ASP D 189 -38.83 -23.73 4.21
C ASP D 189 -39.26 -22.29 4.03
N ASN D 190 -40.53 -22.02 4.23
CA ASN D 190 -40.96 -20.67 3.98
C ASN D 190 -40.79 -19.76 5.18
N SER D 191 -39.96 -20.17 6.14
CA SER D 191 -39.81 -19.43 7.43
C SER D 191 -39.64 -17.91 7.29
N SER D 192 -38.62 -17.48 6.53
CA SER D 192 -38.36 -16.06 6.19
C SER D 192 -39.58 -15.27 5.77
N LEU D 193 -40.76 -15.86 5.89
CA LEU D 193 -41.93 -15.26 5.28
C LEU D 193 -43.13 -15.46 6.18
N THR D 194 -43.39 -16.71 6.48
CA THR D 194 -44.51 -17.09 7.30
C THR D 194 -44.04 -16.88 8.70
N GLY D 195 -42.81 -17.27 8.94
CA GLY D 195 -42.32 -17.32 10.30
C GLY D 195 -42.20 -18.74 10.83
N GLU D 196 -42.89 -19.71 10.22
CA GLU D 196 -42.77 -21.09 10.70
C GLU D 196 -41.90 -21.83 9.75
N SER D 197 -41.31 -22.90 10.25
CA SER D 197 -40.23 -23.55 9.52
C SER D 197 -40.67 -24.90 9.01
N GLU D 198 -41.98 -25.18 9.11
CA GLU D 198 -42.49 -26.44 8.60
C GLU D 198 -42.60 -26.25 7.12
N PRO D 199 -42.17 -27.27 6.33
CA PRO D 199 -42.06 -27.15 4.86
C PRO D 199 -43.42 -27.02 4.25
N GLN D 200 -43.60 -26.21 3.20
CA GLN D 200 -44.83 -26.22 2.43
C GLN D 200 -44.45 -26.85 1.13
N THR D 201 -45.43 -27.32 0.36
CA THR D 201 -45.17 -28.02 -0.89
C THR D 201 -45.26 -27.14 -2.09
N ARG D 202 -44.37 -27.39 -3.03
CA ARG D 202 -44.43 -26.65 -4.26
C ARG D 202 -44.77 -27.57 -5.43
N SER D 203 -45.81 -27.16 -6.15
CA SER D 203 -46.28 -27.86 -7.31
C SER D 203 -46.54 -26.74 -8.28
N PRO D 204 -46.77 -27.06 -9.55
CA PRO D 204 -47.31 -25.99 -10.41
C PRO D 204 -48.84 -25.77 -10.19
N ASP D 205 -49.42 -26.52 -9.27
CA ASP D 205 -50.81 -26.28 -8.93
C ASP D 205 -51.00 -24.83 -8.58
N PHE D 206 -51.44 -24.02 -9.54
CA PHE D 206 -51.95 -22.71 -9.15
C PHE D 206 -52.96 -23.06 -8.14
N THR D 207 -53.00 -22.44 -7.00
CA THR D 207 -54.14 -22.84 -6.21
C THR D 207 -54.90 -21.65 -5.72
N ASN D 208 -54.25 -20.50 -5.68
CA ASN D 208 -54.79 -19.48 -4.84
C ASN D 208 -54.59 -18.10 -5.38
N GLU D 209 -55.57 -17.27 -5.11
CA GLU D 209 -55.53 -15.88 -5.46
C GLU D 209 -54.20 -15.33 -5.03
N ASN D 210 -53.91 -15.45 -3.74
CA ASN D 210 -52.81 -14.71 -3.12
C ASN D 210 -51.43 -15.29 -3.33
N PRO D 211 -50.56 -14.56 -4.05
CA PRO D 211 -49.26 -15.08 -4.47
C PRO D 211 -48.40 -15.58 -3.29
N LEU D 212 -48.76 -15.26 -2.06
CA LEU D 212 -47.96 -15.74 -0.92
C LEU D 212 -48.37 -17.16 -0.55
N GLU D 213 -49.50 -17.60 -1.07
CA GLU D 213 -50.12 -18.83 -0.63
C GLU D 213 -50.16 -19.95 -1.68
N THR D 214 -50.11 -19.57 -2.96
CA THR D 214 -50.11 -20.55 -4.04
C THR D 214 -48.89 -21.40 -3.91
N ARG D 215 -49.00 -22.64 -4.34
CA ARG D 215 -47.89 -23.52 -4.18
C ARG D 215 -47.06 -23.49 -5.43
N ASN D 216 -47.33 -22.52 -6.31
CA ASN D 216 -46.59 -22.47 -7.60
C ASN D 216 -45.58 -21.30 -7.74
N ILE D 217 -45.41 -20.58 -6.63
CA ILE D 217 -44.45 -19.50 -6.50
C ILE D 217 -43.37 -19.89 -5.47
N ALA D 218 -42.10 -19.82 -5.88
CA ALA D 218 -41.01 -20.07 -4.96
C ALA D 218 -40.44 -18.70 -4.56
N PHE D 219 -39.81 -18.62 -3.39
CA PHE D 219 -39.44 -17.33 -2.81
C PHE D 219 -37.96 -17.03 -2.51
N PHE D 220 -37.52 -15.80 -2.82
CA PHE D 220 -36.15 -15.36 -2.53
C PHE D 220 -35.85 -15.47 -1.04
N SER D 221 -34.68 -16.02 -0.71
CA SER D 221 -34.24 -16.19 0.67
C SER D 221 -34.54 -17.60 1.16
N THR D 222 -35.72 -18.12 0.80
CA THR D 222 -36.08 -19.44 1.26
C THR D 222 -35.18 -20.53 0.69
N ASN D 223 -35.32 -21.72 1.28
CA ASN D 223 -34.58 -22.88 0.87
C ASN D 223 -35.50 -24.08 0.62
N CYS D 224 -35.08 -24.91 -0.29
CA CYS D 224 -35.81 -26.10 -0.64
C CYS D 224 -35.42 -27.25 0.32
N VAL D 225 -36.27 -27.52 1.32
CA VAL D 225 -35.96 -28.53 2.34
C VAL D 225 -35.88 -29.96 1.82
N GLU D 226 -36.66 -30.27 0.78
CA GLU D 226 -36.64 -31.59 0.16
C GLU D 226 -37.27 -31.53 -1.20
N GLY D 227 -36.74 -32.31 -2.13
CA GLY D 227 -37.36 -32.42 -3.43
C GLY D 227 -36.59 -31.81 -4.59
N THR D 228 -37.31 -31.27 -5.55
CA THR D 228 -36.74 -30.54 -6.69
C THR D 228 -37.84 -29.76 -7.41
N ALA D 229 -37.51 -28.69 -8.14
CA ALA D 229 -38.50 -27.93 -8.90
C ALA D 229 -37.85 -27.31 -10.12
N ARG D 230 -38.65 -26.78 -11.02
CA ARG D 230 -38.14 -25.88 -12.04
C ARG D 230 -39.04 -24.65 -12.08
N GLY D 231 -38.46 -23.52 -12.51
CA GLY D 231 -39.18 -22.25 -12.53
C GLY D 231 -38.75 -21.26 -13.59
N ILE D 232 -39.66 -20.34 -13.87
CA ILE D 232 -39.28 -19.16 -14.61
C ILE D 232 -39.22 -18.02 -13.59
N VAL D 233 -38.15 -17.25 -13.71
CA VAL D 233 -37.81 -16.23 -12.73
C VAL D 233 -38.69 -15.00 -13.00
N VAL D 234 -39.55 -14.67 -12.05
CA VAL D 234 -40.35 -13.45 -12.24
C VAL D 234 -39.81 -12.21 -11.54
N TYR D 235 -38.95 -12.41 -10.53
CA TYR D 235 -38.29 -11.27 -9.93
C TYR D 235 -36.84 -11.51 -9.55
N THR D 236 -36.02 -10.50 -9.79
CA THR D 236 -34.58 -10.61 -9.79
C THR D 236 -34.04 -9.60 -8.78
N GLY D 237 -33.68 -10.09 -7.59
CA GLY D 237 -33.00 -9.30 -6.55
C GLY D 237 -33.72 -8.19 -5.79
N ASP D 238 -33.17 -6.98 -5.86
CA ASP D 238 -33.78 -5.78 -5.31
C ASP D 238 -35.26 -5.79 -5.58
N ARG D 239 -35.63 -6.37 -6.72
CA ARG D 239 -36.97 -6.26 -7.27
C ARG D 239 -37.96 -7.34 -6.79
N THR D 240 -37.45 -8.37 -6.12
CA THR D 240 -38.25 -9.50 -5.65
C THR D 240 -39.29 -9.17 -4.59
N VAL D 241 -39.40 -10.06 -3.60
CA VAL D 241 -40.35 -9.90 -2.49
C VAL D 241 -39.66 -9.76 -1.15
N MET D 242 -38.67 -10.62 -0.92
CA MET D 242 -37.89 -10.47 0.28
C MET D 242 -36.98 -9.26 0.12
N GLY D 243 -36.32 -9.18 -1.04
CA GLY D 243 -35.54 -8.00 -1.40
C GLY D 243 -36.30 -6.68 -1.29
N ARG D 244 -37.56 -6.68 -1.71
CA ARG D 244 -38.38 -5.49 -1.56
C ARG D 244 -38.61 -5.19 -0.08
N ILE D 245 -38.10 -6.05 0.80
CA ILE D 245 -38.23 -5.82 2.23
C ILE D 245 -36.92 -5.35 2.82
N ALA D 246 -35.86 -6.15 2.65
CA ALA D 246 -34.49 -5.74 2.96
C ALA D 246 -34.25 -4.28 2.59
N THR D 247 -34.76 -3.91 1.43
CA THR D 247 -35.04 -2.52 1.14
C THR D 247 -35.90 -1.91 2.28
N LEU D 248 -37.23 -1.95 2.20
CA LEU D 248 -38.04 -1.31 3.24
C LEU D 248 -37.49 -1.27 4.70
N ALA D 249 -36.70 -2.27 5.11
CA ALA D 249 -36.11 -2.25 6.45
C ALA D 249 -34.82 -1.42 6.50
N SER D 250 -33.76 -1.94 5.88
CA SER D 250 -32.54 -1.14 5.67
C SER D 250 -32.94 0.12 4.89
N GLY D 251 -33.84 0.88 5.46
CA GLY D 251 -34.37 2.07 4.86
C GLY D 251 -35.20 2.72 5.93
N LEU D 252 -34.83 2.50 7.19
CA LEU D 252 -35.65 3.03 8.25
C LEU D 252 -34.94 3.85 9.31
N GLU D 253 -35.29 5.13 9.34
CA GLU D 253 -34.80 6.08 10.32
C GLU D 253 -35.07 5.56 11.72
N GLY D 254 -33.99 5.34 12.47
CA GLY D 254 -34.12 4.98 13.87
C GLY D 254 -34.99 6.02 14.57
N GLY D 255 -34.64 7.29 14.40
CA GLY D 255 -35.41 8.39 14.96
C GLY D 255 -35.18 8.61 16.44
N GLN D 256 -35.74 9.68 16.98
CA GLN D 256 -35.55 10.00 18.38
C GLN D 256 -35.85 8.80 19.26
N THR D 257 -34.87 8.46 20.10
CA THR D 257 -35.09 7.47 21.14
C THR D 257 -36.11 8.15 22.05
N PRO D 258 -36.31 7.70 23.30
CA PRO D 258 -37.32 8.49 24.02
C PRO D 258 -36.70 9.35 25.10
N ILE D 259 -35.52 8.92 25.53
CA ILE D 259 -34.74 9.58 26.56
C ILE D 259 -34.00 10.73 25.91
N ALA D 260 -33.17 10.42 24.91
CA ALA D 260 -32.29 11.41 24.29
C ALA D 260 -33.10 12.60 23.90
N ALA D 261 -34.40 12.41 23.88
CA ALA D 261 -35.29 13.50 23.59
C ALA D 261 -35.71 14.19 24.87
N GLU D 262 -34.96 13.96 25.92
CA GLU D 262 -35.15 14.69 27.17
C GLU D 262 -33.89 15.47 27.40
N ILE D 263 -32.78 14.87 27.02
CA ILE D 263 -31.52 15.58 26.90
C ILE D 263 -31.73 16.74 25.92
N GLU D 264 -32.23 16.45 24.72
CA GLU D 264 -32.56 17.52 23.79
C GLU D 264 -33.83 18.20 24.24
N HIS D 265 -33.84 18.64 25.48
CA HIS D 265 -34.94 19.41 26.07
C HIS D 265 -34.33 20.17 27.22
N PHE D 266 -33.98 19.47 28.29
CA PHE D 266 -33.31 20.13 29.41
C PHE D 266 -32.12 20.92 28.86
N ILE D 267 -31.55 20.50 27.74
CA ILE D 267 -30.51 21.33 27.13
C ILE D 267 -31.13 22.67 26.74
N HIS D 268 -32.24 22.65 26.03
CA HIS D 268 -32.90 23.91 25.73
C HIS D 268 -33.27 24.67 27.01
N ILE D 269 -34.14 24.13 27.85
CA ILE D 269 -34.43 24.76 29.13
C ILE D 269 -33.18 25.45 29.64
N ILE D 270 -32.12 24.66 29.84
CA ILE D 270 -30.93 25.14 30.51
C ILE D 270 -30.12 26.16 29.69
N THR D 271 -29.52 25.71 28.60
CA THR D 271 -28.90 26.61 27.64
C THR D 271 -29.75 27.89 27.48
N GLY D 272 -30.99 27.82 27.96
CA GLY D 272 -31.88 28.97 28.06
C GLY D 272 -31.37 30.04 29.01
N VAL D 273 -31.53 29.84 30.31
CA VAL D 273 -30.94 30.78 31.27
C VAL D 273 -29.53 31.15 30.79
N ALA D 274 -28.75 30.15 30.38
CA ALA D 274 -27.39 30.36 29.88
C ALA D 274 -27.20 31.66 29.08
N VAL D 275 -28.15 32.01 28.22
CA VAL D 275 -28.02 33.29 27.49
C VAL D 275 -28.81 34.42 28.13
N PHE D 276 -29.89 34.11 28.84
CA PHE D 276 -30.64 35.17 29.49
C PHE D 276 -29.72 35.88 30.47
N LEU D 277 -28.90 35.10 31.17
CA LEU D 277 -27.88 35.72 31.98
C LEU D 277 -26.88 36.38 31.04
N GLY D 278 -25.99 35.58 30.45
CA GLY D 278 -25.04 36.07 29.47
C GLY D 278 -25.29 37.47 28.88
N VAL D 279 -26.24 37.59 27.97
CA VAL D 279 -26.49 38.87 27.30
C VAL D 279 -26.98 39.91 28.29
N SER D 280 -27.88 39.54 29.18
CA SER D 280 -28.38 40.50 30.14
C SER D 280 -27.24 41.10 30.99
N PHE D 281 -26.32 40.25 31.44
CA PHE D 281 -25.16 40.70 32.23
C PHE D 281 -23.95 40.88 31.35
N PHE D 282 -24.22 41.39 30.16
CA PHE D 282 -23.20 41.82 29.22
C PHE D 282 -23.84 42.88 28.33
N ILE D 283 -24.81 43.57 28.92
CA ILE D 283 -25.29 44.86 28.45
C ILE D 283 -25.33 45.70 29.71
N LEU D 284 -25.72 45.08 30.82
CA LEU D 284 -25.53 45.67 32.13
C LEU D 284 -24.03 45.84 32.32
N SER D 285 -23.28 44.84 31.86
CA SER D 285 -21.84 44.83 32.05
C SER D 285 -21.19 45.94 31.27
N LEU D 286 -21.41 45.98 29.97
CA LEU D 286 -20.86 47.04 29.14
C LEU D 286 -21.43 48.41 29.53
N ILE D 287 -22.61 48.43 30.13
CA ILE D 287 -23.26 49.68 30.49
C ILE D 287 -22.53 50.41 31.62
N LEU D 288 -21.71 49.67 32.36
CA LEU D 288 -20.80 50.25 33.34
C LEU D 288 -19.45 50.45 32.66
N GLU D 289 -19.49 50.83 31.38
CA GLU D 289 -18.30 50.98 30.56
C GLU D 289 -17.09 50.25 31.12
N TYR D 290 -17.23 48.94 31.31
CA TYR D 290 -16.10 48.10 31.67
C TYR D 290 -15.08 48.18 30.55
N THR D 291 -14.16 47.23 30.55
CA THR D 291 -13.23 47.05 29.43
C THR D 291 -13.67 45.88 28.57
N TRP D 292 -13.15 45.79 27.36
CA TRP D 292 -13.40 44.59 26.57
C TRP D 292 -12.80 43.36 27.27
N LEU D 293 -11.47 43.34 27.41
CA LEU D 293 -10.79 42.27 28.14
C LEU D 293 -11.50 41.97 29.45
N GLU D 294 -12.02 43.01 30.09
CA GLU D 294 -12.69 42.89 31.37
C GLU D 294 -14.16 42.50 31.23
N ALA D 295 -14.70 42.63 30.04
CA ALA D 295 -16.10 42.25 29.78
C ALA D 295 -16.18 40.77 29.40
N VAL D 296 -15.41 40.39 28.37
CA VAL D 296 -15.37 39.00 27.95
C VAL D 296 -14.83 38.10 29.07
N ILE D 297 -13.76 38.51 29.75
CA ILE D 297 -13.27 37.68 30.85
C ILE D 297 -14.40 37.45 31.85
N PHE D 298 -15.35 38.39 31.91
CA PHE D 298 -16.47 38.24 32.81
C PHE D 298 -17.55 37.34 32.24
N LEU D 299 -17.68 37.34 30.92
CA LEU D 299 -18.66 36.50 30.22
C LEU D 299 -18.24 35.03 30.22
N ILE D 300 -16.97 34.79 29.89
CA ILE D 300 -16.35 33.47 29.96
C ILE D 300 -16.52 32.82 31.34
N GLY D 301 -17.10 33.56 32.27
CA GLY D 301 -17.54 32.97 33.51
C GLY D 301 -19.00 32.61 33.37
N ILE D 302 -19.85 33.63 33.32
CA ILE D 302 -21.29 33.46 33.17
C ILE D 302 -21.62 32.26 32.30
N ILE D 303 -20.91 32.11 31.19
CA ILE D 303 -21.03 30.91 30.39
C ILE D 303 -20.70 29.70 31.26
N VAL D 304 -19.41 29.48 31.54
CA VAL D 304 -18.94 28.27 32.24
C VAL D 304 -19.63 28.02 33.57
N ALA D 305 -20.00 29.09 34.27
CA ALA D 305 -20.71 28.94 35.54
C ALA D 305 -22.19 28.61 35.36
N ASN D 306 -22.59 28.30 34.12
CA ASN D 306 -23.99 27.98 33.82
C ASN D 306 -24.17 26.65 33.09
N VAL D 307 -23.12 26.27 32.37
CA VAL D 307 -23.07 25.07 31.56
C VAL D 307 -22.53 23.89 32.35
N PRO D 308 -23.42 22.96 32.72
CA PRO D 308 -23.10 21.79 33.56
C PRO D 308 -22.16 20.80 32.89
N GLU D 309 -20.86 21.08 32.89
CA GLU D 309 -19.93 20.18 32.24
C GLU D 309 -20.14 18.74 32.71
N GLY D 310 -20.04 18.51 34.00
CA GLY D 310 -20.16 17.16 34.55
C GLY D 310 -21.56 16.59 34.53
N LEU D 311 -22.17 16.53 33.35
CA LEU D 311 -23.50 15.99 33.21
C LEU D 311 -23.69 15.18 31.94
N LEU D 312 -23.60 15.82 30.77
CA LEU D 312 -23.85 15.09 29.52
C LEU D 312 -23.08 13.78 29.50
N ALA D 313 -21.86 13.82 30.02
CA ALA D 313 -21.05 12.63 30.20
C ALA D 313 -21.42 11.84 31.46
N THR D 314 -21.98 12.53 32.46
CA THR D 314 -22.51 11.88 33.66
C THR D 314 -23.71 11.03 33.29
N VAL D 315 -24.57 11.55 32.41
CA VAL D 315 -25.76 10.80 32.04
C VAL D 315 -25.41 9.54 31.28
N THR D 316 -24.66 9.68 30.20
CA THR D 316 -24.09 8.54 29.50
C THR D 316 -23.58 7.51 30.50
N VAL D 317 -22.59 7.89 31.31
CA VAL D 317 -22.01 6.93 32.24
C VAL D 317 -23.04 6.34 33.20
N CYS D 318 -24.11 7.06 33.49
CA CYS D 318 -25.15 6.50 34.34
C CYS D 318 -25.85 5.35 33.63
N LEU D 319 -26.17 5.54 32.36
CA LEU D 319 -26.72 4.45 31.58
C LEU D 319 -25.72 3.31 31.53
N THR D 320 -24.52 3.55 30.99
CA THR D 320 -23.58 2.46 30.71
C THR D 320 -23.42 1.53 31.89
N LEU D 321 -23.82 2.01 33.05
CA LEU D 321 -23.97 1.16 34.21
C LEU D 321 -25.29 0.42 34.19
N THR D 322 -26.39 1.12 34.45
CA THR D 322 -27.70 0.48 34.40
C THR D 322 -27.85 -0.34 33.14
N ALA D 323 -26.88 -0.24 32.24
CA ALA D 323 -26.87 -0.98 30.97
C ALA D 323 -26.15 -2.29 31.10
N LYS D 324 -24.84 -2.23 31.31
CA LYS D 324 -24.06 -3.44 31.53
C LYS D 324 -24.51 -4.11 32.82
N ARG D 325 -25.54 -3.55 33.43
CA ARG D 325 -26.18 -4.16 34.59
C ARG D 325 -26.98 -5.30 34.07
N MET D 326 -27.87 -5.00 33.12
CA MET D 326 -28.76 -6.01 32.57
C MET D 326 -27.98 -7.09 31.84
N ALA D 327 -26.94 -6.69 31.13
CA ALA D 327 -26.08 -7.62 30.42
C ALA D 327 -25.58 -8.75 31.32
N ARG D 328 -25.75 -8.57 32.63
CA ARG D 328 -25.41 -9.63 33.56
C ARG D 328 -26.61 -10.52 33.76
N LYS D 329 -27.81 -10.00 33.52
CA LYS D 329 -29.01 -10.82 33.53
C LYS D 329 -29.16 -11.45 32.15
N ASN D 330 -28.09 -11.35 31.39
CA ASN D 330 -27.95 -11.98 30.08
C ASN D 330 -28.70 -11.32 28.93
N CYS D 331 -29.18 -10.12 29.18
CA CYS D 331 -29.79 -9.31 28.14
C CYS D 331 -28.80 -8.30 27.61
N LEU D 332 -28.43 -8.41 26.34
CA LEU D 332 -27.41 -7.51 25.78
C LEU D 332 -28.00 -6.26 25.16
N VAL D 333 -27.29 -5.13 25.32
CA VAL D 333 -27.73 -3.84 24.80
C VAL D 333 -26.75 -3.30 23.75
N LYS D 334 -27.27 -3.09 22.55
CA LYS D 334 -26.45 -2.72 21.42
C LYS D 334 -26.51 -1.22 21.23
N ASN D 335 -27.49 -0.61 21.86
CA ASN D 335 -27.69 0.82 21.72
C ASN D 335 -27.96 1.44 23.07
N LEU D 336 -26.95 2.11 23.61
CA LEU D 336 -27.05 2.62 24.97
C LEU D 336 -28.42 3.27 25.19
N GLU D 337 -28.70 4.31 24.41
CA GLU D 337 -29.94 5.08 24.52
C GLU D 337 -31.10 4.20 24.86
N ALA D 338 -30.98 2.93 24.51
CA ALA D 338 -32.09 2.02 24.57
C ALA D 338 -32.29 1.49 25.98
N VAL D 339 -31.26 1.61 26.80
CA VAL D 339 -31.33 1.08 28.15
C VAL D 339 -32.50 1.73 28.89
N GLU D 340 -32.84 2.95 28.49
CA GLU D 340 -34.02 3.58 29.03
C GLU D 340 -35.20 2.94 28.37
N THR D 341 -35.23 3.12 27.05
CA THR D 341 -36.42 2.89 26.21
C THR D 341 -37.47 1.90 26.69
N LEU D 342 -37.04 0.70 27.05
CA LEU D 342 -37.99 -0.33 27.44
C LEU D 342 -38.96 0.15 28.53
N GLY D 343 -38.50 1.05 29.39
CA GLY D 343 -39.30 1.44 30.53
C GLY D 343 -40.48 2.34 30.22
N SER D 344 -40.24 3.28 29.32
CA SER D 344 -41.23 4.30 28.96
C SER D 344 -42.34 3.73 28.09
N THR D 345 -42.40 2.41 28.02
CA THR D 345 -43.16 1.68 27.01
C THR D 345 -44.59 1.33 27.40
N SER D 346 -45.54 1.61 26.52
CA SER D 346 -46.94 1.38 26.85
C SER D 346 -47.60 0.30 26.01
N THR D 347 -46.89 -0.16 24.96
CA THR D 347 -47.34 -1.28 24.09
C THR D 347 -46.20 -2.19 23.58
N ILE D 348 -46.43 -3.50 23.69
CA ILE D 348 -45.54 -4.53 23.15
C ILE D 348 -46.23 -5.31 22.01
N CYS D 349 -45.49 -5.53 20.91
CA CYS D 349 -45.93 -6.38 19.80
C CYS D 349 -44.97 -7.55 19.70
N SER D 350 -45.49 -8.75 19.84
CA SER D 350 -44.66 -9.95 19.83
C SER D 350 -44.97 -10.98 18.72
N ASP D 351 -43.97 -11.27 17.90
CA ASP D 351 -43.94 -12.48 17.08
C ASP D 351 -44.30 -13.64 18.06
N LYS D 352 -45.21 -14.53 17.66
CA LYS D 352 -45.57 -15.70 18.46
C LYS D 352 -44.50 -16.76 18.32
N THR D 353 -44.37 -17.27 17.11
CA THR D 353 -43.44 -18.35 16.81
C THR D 353 -42.01 -17.98 17.14
N GLY D 354 -41.40 -18.77 18.02
CA GLY D 354 -39.99 -18.64 18.30
C GLY D 354 -39.67 -17.61 19.37
N THR D 355 -40.52 -16.60 19.46
CA THR D 355 -40.36 -15.54 20.44
C THR D 355 -41.18 -15.87 21.66
N LEU D 356 -42.48 -15.67 21.52
CA LEU D 356 -43.46 -16.09 22.53
C LEU D 356 -43.39 -17.57 22.86
N THR D 357 -43.14 -18.43 21.86
CA THR D 357 -43.07 -19.90 21.99
C THR D 357 -41.69 -20.43 21.64
N GLN D 358 -41.53 -21.75 21.63
CA GLN D 358 -40.19 -22.26 21.40
C GLN D 358 -39.89 -22.70 19.98
N ASN D 359 -40.89 -22.64 19.11
CA ASN D 359 -40.77 -23.11 17.72
C ASN D 359 -40.22 -24.52 17.76
N ARG D 360 -40.82 -25.34 18.62
CA ARG D 360 -40.53 -26.76 18.66
C ARG D 360 -41.84 -27.55 18.83
N MET D 361 -42.32 -28.12 17.70
CA MET D 361 -43.57 -28.87 17.70
C MET D 361 -43.48 -29.89 18.82
N THR D 362 -44.52 -30.00 19.66
CA THR D 362 -44.33 -30.80 20.84
C THR D 362 -45.55 -31.30 21.62
N VAL D 363 -45.42 -32.53 22.11
CA VAL D 363 -46.53 -33.30 22.68
C VAL D 363 -47.16 -32.61 23.88
N ALA D 364 -48.45 -32.28 23.74
CA ALA D 364 -49.21 -31.51 24.71
C ALA D 364 -50.26 -32.26 25.55
N HIS D 365 -51.13 -33.06 24.92
CA HIS D 365 -52.18 -33.82 25.65
C HIS D 365 -52.33 -35.31 25.27
N MET D 366 -53.26 -36.00 25.92
CA MET D 366 -53.53 -37.39 25.59
C MET D 366 -54.93 -37.88 25.97
N TRP D 367 -55.32 -39.02 25.40
CA TRP D 367 -56.57 -39.69 25.75
C TRP D 367 -56.43 -41.19 26.12
N SER D 368 -55.52 -41.53 27.02
CA SER D 368 -55.49 -42.86 27.65
C SER D 368 -56.86 -43.03 28.33
N ASP D 369 -57.25 -44.27 28.61
CA ASP D 369 -58.31 -44.63 29.58
C ASP D 369 -59.47 -43.68 29.81
N ASN D 370 -60.08 -43.17 28.75
CA ASN D 370 -61.22 -42.28 28.93
C ASN D 370 -60.94 -40.92 29.64
N GLN D 371 -59.75 -40.76 30.23
CA GLN D 371 -59.38 -39.51 30.90
C GLN D 371 -58.41 -38.69 30.03
N ILE D 372 -58.52 -37.36 30.09
CA ILE D 372 -57.57 -36.50 29.37
C ILE D 372 -56.35 -36.18 30.21
N HIS D 373 -55.17 -36.51 29.70
CA HIS D 373 -53.94 -36.24 30.42
C HIS D 373 -53.25 -35.03 29.81
N GLU D 374 -52.40 -34.36 30.58
CA GLU D 374 -51.60 -33.27 30.04
C GLU D 374 -50.14 -33.43 30.39
N ALA D 375 -49.26 -33.07 29.47
CA ALA D 375 -47.84 -33.26 29.66
C ALA D 375 -47.13 -31.93 29.72
N ASP D 376 -45.80 -31.97 29.91
CA ASP D 376 -44.99 -30.79 30.21
C ASP D 376 -44.44 -30.10 28.99
N THR D 377 -45.05 -28.98 28.63
CA THR D 377 -44.71 -28.32 27.40
C THR D 377 -43.61 -27.30 27.58
N THR D 378 -42.80 -27.48 28.61
CA THR D 378 -41.70 -26.55 28.84
C THR D 378 -40.44 -27.03 28.13
N GLU D 379 -39.33 -26.34 28.40
CA GLU D 379 -38.10 -26.58 27.68
C GLU D 379 -37.21 -27.32 28.63
N ASN D 380 -37.56 -27.25 29.90
CA ASN D 380 -36.73 -27.76 30.98
C ASN D 380 -37.46 -28.80 31.83
N GLN D 381 -38.78 -28.75 31.76
CA GLN D 381 -39.61 -29.73 32.45
C GLN D 381 -39.81 -29.32 33.90
N SER D 382 -40.31 -28.10 34.05
CA SER D 382 -40.81 -27.59 35.32
C SER D 382 -41.87 -28.51 35.88
N GLY D 383 -43.11 -28.31 35.41
CA GLY D 383 -44.28 -29.07 35.87
C GLY D 383 -44.25 -30.58 35.88
N VAL D 384 -45.43 -31.19 35.86
CA VAL D 384 -45.58 -32.59 36.22
C VAL D 384 -45.70 -33.57 35.05
N SER D 385 -45.59 -34.86 35.37
CA SER D 385 -45.78 -35.90 34.36
C SER D 385 -47.25 -36.02 34.02
N PHE D 386 -47.79 -37.22 34.14
CA PHE D 386 -49.22 -37.44 33.86
C PHE D 386 -49.73 -38.81 34.27
N ASP D 387 -48.81 -39.78 34.36
CA ASP D 387 -49.12 -41.15 34.76
C ASP D 387 -48.32 -42.18 33.95
N LYS D 388 -48.63 -43.44 34.18
CA LYS D 388 -47.94 -44.57 33.59
C LYS D 388 -48.36 -45.75 34.45
N THR D 389 -49.02 -45.42 35.55
CA THR D 389 -49.57 -46.41 36.46
C THR D 389 -50.31 -47.44 35.63
N SER D 390 -51.17 -46.94 34.75
CA SER D 390 -52.00 -47.78 33.90
C SER D 390 -51.19 -48.55 32.86
N ALA D 391 -51.70 -49.73 32.49
CA ALA D 391 -51.05 -50.53 31.47
C ALA D 391 -51.31 -49.87 30.15
N THR D 392 -52.52 -49.39 29.95
CA THR D 392 -52.89 -48.72 28.72
C THR D 392 -51.73 -47.85 28.22
N TRP D 393 -51.06 -47.14 29.12
CA TRP D 393 -49.92 -46.36 28.66
C TRP D 393 -48.84 -47.27 28.05
N LEU D 394 -48.31 -48.22 28.81
CA LEU D 394 -47.29 -49.08 28.23
C LEU D 394 -47.62 -49.38 26.78
N ALA D 395 -48.92 -49.34 26.45
CA ALA D 395 -49.45 -49.79 25.15
C ALA D 395 -49.48 -48.70 24.10
N LEU D 396 -49.99 -47.55 24.50
CA LEU D 396 -49.98 -46.35 23.69
C LEU D 396 -48.55 -45.81 23.48
N SER D 397 -47.74 -45.84 24.53
CA SER D 397 -46.34 -45.55 24.33
C SER D 397 -45.80 -46.40 23.19
N ARG D 398 -46.10 -47.69 23.24
CA ARG D 398 -45.56 -48.66 22.30
C ARG D 398 -45.89 -48.26 20.87
N ILE D 399 -47.17 -48.03 20.62
CA ILE D 399 -47.61 -47.58 19.31
C ILE D 399 -46.79 -46.36 18.85
N ALA D 400 -46.98 -45.26 19.57
CA ALA D 400 -46.49 -43.93 19.20
C ALA D 400 -45.02 -43.94 18.91
N GLY D 401 -44.31 -44.82 19.61
CA GLY D 401 -42.89 -44.97 19.48
C GLY D 401 -42.55 -45.96 18.41
N LEU D 402 -43.33 -47.04 18.32
CA LEU D 402 -43.03 -48.16 17.42
C LEU D 402 -43.32 -47.82 15.93
N CYS D 403 -44.34 -47.01 15.73
CA CYS D 403 -44.86 -46.65 14.42
C CYS D 403 -44.46 -45.19 14.08
N ASN D 404 -43.27 -45.03 13.53
CA ASN D 404 -42.56 -43.76 13.64
C ASN D 404 -41.18 -43.95 13.00
N ARG D 405 -40.78 -43.04 12.12
CA ARG D 405 -39.55 -43.24 11.35
C ARG D 405 -38.42 -42.34 11.83
N ALA D 406 -38.67 -41.67 12.95
CA ALA D 406 -37.76 -40.69 13.53
C ALA D 406 -36.64 -41.35 14.32
N VAL D 407 -35.40 -40.99 14.03
CA VAL D 407 -34.29 -41.35 14.89
C VAL D 407 -33.83 -40.09 15.61
N PHE D 408 -32.72 -40.19 16.33
CA PHE D 408 -32.02 -39.00 16.75
C PHE D 408 -30.80 -38.89 15.86
N GLN D 409 -30.26 -37.70 15.72
CA GLN D 409 -29.01 -37.52 14.99
C GLN D 409 -27.84 -38.09 15.77
N ALA D 410 -26.82 -38.53 15.05
CA ALA D 410 -25.63 -39.07 15.73
C ALA D 410 -25.06 -38.09 16.75
N ASN D 411 -24.40 -38.61 17.76
CA ASN D 411 -23.67 -37.75 18.69
C ASN D 411 -24.55 -36.66 19.26
N GLN D 412 -25.41 -37.02 20.21
CA GLN D 412 -26.34 -36.07 20.80
C GLN D 412 -26.84 -36.48 22.18
N GLU D 413 -26.33 -37.59 22.70
CA GLU D 413 -26.74 -38.06 24.02
C GLU D 413 -26.38 -37.01 25.05
N ASN D 414 -25.51 -36.09 24.66
CA ASN D 414 -25.06 -35.02 25.53
C ASN D 414 -26.19 -34.12 25.95
N LEU D 415 -26.80 -33.44 24.97
CA LEU D 415 -27.81 -32.42 25.23
C LEU D 415 -29.04 -33.01 25.89
N PRO D 416 -29.94 -32.14 26.38
CA PRO D 416 -31.16 -32.64 27.00
C PRO D 416 -32.03 -33.24 25.93
N ILE D 417 -32.69 -34.35 26.25
CA ILE D 417 -33.56 -35.05 25.33
C ILE D 417 -34.24 -34.10 24.36
N LEU D 418 -34.95 -33.11 24.91
CA LEU D 418 -35.74 -32.17 24.10
C LEU D 418 -34.93 -31.36 23.09
N LYS D 419 -33.80 -30.82 23.50
CA LYS D 419 -33.01 -29.99 22.60
C LYS D 419 -32.18 -30.80 21.62
N ARG D 420 -32.52 -32.07 21.44
CA ARG D 420 -31.77 -32.95 20.55
C ARG D 420 -32.23 -32.87 19.09
N ALA D 421 -31.30 -33.02 18.18
CA ALA D 421 -31.62 -32.91 16.77
C ALA D 421 -32.28 -34.16 16.24
N VAL D 422 -33.54 -34.02 15.83
CA VAL D 422 -34.25 -35.16 15.25
C VAL D 422 -33.87 -35.37 13.81
N ALA D 423 -34.41 -36.43 13.22
CA ALA D 423 -34.21 -36.68 11.80
C ALA D 423 -35.56 -37.08 11.24
N GLY D 424 -36.60 -36.38 11.67
CA GLY D 424 -37.96 -36.78 11.35
C GLY D 424 -38.84 -35.68 10.82
N ASP D 425 -39.74 -35.21 11.68
CA ASP D 425 -40.63 -34.11 11.33
C ASP D 425 -41.64 -33.77 12.42
N ALA D 426 -42.20 -32.58 12.30
CA ALA D 426 -43.30 -32.15 13.13
C ALA D 426 -43.65 -33.19 14.15
N SER D 427 -44.67 -33.99 13.83
CA SER D 427 -45.25 -34.94 14.76
C SER D 427 -44.31 -36.07 15.10
N GLU D 428 -43.79 -36.75 14.08
CA GLU D 428 -43.08 -38.00 14.32
C GLU D 428 -42.07 -37.85 15.44
N SER D 429 -41.24 -36.82 15.34
CA SER D 429 -40.18 -36.59 16.33
C SER D 429 -40.72 -36.01 17.62
N ALA D 430 -41.73 -35.16 17.50
CA ALA D 430 -42.37 -34.62 18.67
C ALA D 430 -42.85 -35.79 19.50
N LEU D 431 -43.13 -36.91 18.85
CA LEU D 431 -43.63 -38.11 19.53
C LEU D 431 -42.46 -38.92 20.04
N LEU D 432 -41.44 -38.97 19.20
CA LEU D 432 -40.21 -39.68 19.51
C LEU D 432 -39.69 -39.16 20.80
N LYS D 433 -39.60 -37.86 20.91
CA LYS D 433 -39.09 -37.27 22.13
C LYS D 433 -40.03 -37.55 23.29
N CYS D 434 -41.33 -37.30 23.11
CA CYS D 434 -42.23 -37.54 24.21
C CYS D 434 -41.86 -38.83 24.89
N ILE D 435 -41.71 -39.88 24.10
CA ILE D 435 -41.40 -41.20 24.62
C ILE D 435 -39.99 -41.28 25.23
N GLU D 436 -38.96 -41.41 24.40
CA GLU D 436 -37.57 -41.43 24.86
C GLU D 436 -37.43 -40.76 26.21
N LEU D 437 -37.81 -39.50 26.26
CA LEU D 437 -37.85 -38.71 27.50
C LEU D 437 -38.48 -39.49 28.65
N CYS D 438 -39.75 -39.85 28.54
CA CYS D 438 -40.45 -40.44 29.68
C CYS D 438 -40.85 -41.90 29.54
N CYS D 439 -40.17 -42.64 28.69
CA CYS D 439 -40.46 -44.06 28.55
C CYS D 439 -39.24 -44.85 28.13
N GLY D 440 -38.12 -44.57 28.77
CA GLY D 440 -36.88 -45.24 28.44
C GLY D 440 -36.51 -44.97 26.99
N SER D 441 -35.43 -45.61 26.53
CA SER D 441 -34.93 -45.39 25.18
C SER D 441 -35.91 -45.84 24.11
N VAL D 442 -35.64 -45.46 22.87
CA VAL D 442 -36.36 -46.01 21.71
C VAL D 442 -35.36 -46.63 20.73
N LYS D 443 -34.11 -46.21 20.72
CA LYS D 443 -33.15 -46.96 19.93
C LYS D 443 -33.29 -48.43 20.33
N GLU D 444 -33.68 -48.65 21.58
CA GLU D 444 -33.87 -49.99 22.12
C GLU D 444 -35.26 -50.52 21.81
N MET D 445 -36.28 -49.83 22.30
CA MET D 445 -37.68 -50.27 22.17
C MET D 445 -38.06 -50.59 20.74
N ARG D 446 -37.08 -50.66 19.85
CA ARG D 446 -37.37 -50.96 18.47
C ARG D 446 -36.39 -51.97 18.00
N GLU D 447 -36.18 -52.98 18.82
CA GLU D 447 -35.43 -54.13 18.40
C GLU D 447 -36.05 -55.22 19.21
N ARG D 448 -36.65 -54.80 20.31
CA ARG D 448 -37.51 -55.70 21.06
C ARG D 448 -38.57 -56.11 20.05
N TYR D 449 -39.41 -55.16 19.67
CA TYR D 449 -40.44 -55.41 18.68
C TYR D 449 -39.95 -55.12 17.28
N THR D 450 -39.33 -56.10 16.64
CA THR D 450 -38.74 -55.83 15.35
C THR D 450 -39.82 -55.69 14.28
N LYS D 451 -39.68 -54.72 13.37
CA LYS D 451 -40.69 -54.56 12.34
C LYS D 451 -40.39 -55.52 11.20
N ILE D 452 -41.44 -56.22 10.73
CA ILE D 452 -41.37 -57.19 9.63
C ILE D 452 -41.89 -56.61 8.36
N VAL D 453 -42.99 -55.89 8.44
CA VAL D 453 -43.40 -55.07 7.30
C VAL D 453 -44.09 -53.73 7.70
N GLU D 454 -44.19 -52.79 6.77
CA GLU D 454 -44.83 -51.52 7.07
C GLU D 454 -45.37 -50.83 5.88
N ILE D 455 -46.25 -49.89 6.18
CA ILE D 455 -47.04 -49.17 5.20
C ILE D 455 -46.90 -47.70 5.57
N PRO D 456 -46.10 -46.94 4.79
CA PRO D 456 -45.89 -45.55 5.16
C PRO D 456 -47.09 -44.71 4.84
N PHE D 457 -47.19 -43.54 5.46
CA PHE D 457 -48.36 -42.69 5.34
C PHE D 457 -48.69 -42.32 3.88
N ASN D 458 -49.88 -42.72 3.43
CA ASN D 458 -50.38 -42.34 2.11
C ASN D 458 -51.59 -41.44 2.19
N SER D 459 -51.54 -40.36 1.43
CA SER D 459 -52.54 -39.29 1.52
C SER D 459 -53.97 -39.81 1.33
N THR D 460 -54.11 -40.82 0.48
CA THR D 460 -55.40 -41.42 0.22
C THR D 460 -56.02 -41.89 1.53
N ASN D 461 -55.34 -42.82 2.23
CA ASN D 461 -55.88 -43.56 3.38
C ASN D 461 -55.67 -42.92 4.75
N LYS D 462 -54.88 -41.85 4.80
CA LYS D 462 -54.69 -41.07 6.01
C LYS D 462 -54.22 -41.89 7.23
N TYR D 463 -53.74 -43.11 6.99
CA TYR D 463 -53.22 -43.92 8.07
C TYR D 463 -51.77 -44.43 7.85
N GLN D 464 -51.14 -44.91 8.92
CA GLN D 464 -49.80 -45.45 8.83
C GLN D 464 -49.72 -46.66 9.74
N LEU D 465 -49.00 -47.71 9.32
CA LEU D 465 -48.96 -48.97 10.10
C LEU D 465 -47.70 -49.88 9.99
N SER D 466 -47.41 -50.58 11.07
CA SER D 466 -46.34 -51.52 11.03
C SER D 466 -46.83 -52.78 11.73
N ILE D 467 -46.39 -53.93 11.23
CA ILE D 467 -46.56 -55.20 11.96
C ILE D 467 -45.18 -55.60 12.49
N HIS D 468 -45.15 -55.99 13.75
CA HIS D 468 -43.92 -56.18 14.47
C HIS D 468 -43.98 -57.51 15.18
N LYS D 469 -42.86 -58.20 15.33
CA LYS D 469 -42.88 -59.39 16.15
C LYS D 469 -42.82 -59.06 17.62
N ASN D 470 -43.98 -58.99 18.24
CA ASN D 470 -44.06 -58.98 19.70
C ASN D 470 -43.26 -60.17 20.18
N PRO D 471 -42.52 -60.01 21.27
CA PRO D 471 -41.56 -61.08 21.56
C PRO D 471 -41.90 -61.74 22.86
N ASN D 472 -43.02 -61.38 23.42
CA ASN D 472 -43.38 -61.90 24.71
C ASN D 472 -43.17 -63.38 24.83
N THR D 473 -43.06 -63.85 26.06
CA THR D 473 -43.00 -65.28 26.29
C THR D 473 -44.41 -65.87 26.07
N ALA D 474 -45.35 -64.98 25.74
CA ALA D 474 -46.75 -65.35 25.42
C ALA D 474 -47.61 -64.14 25.06
N GLU D 475 -47.44 -63.55 23.86
CA GLU D 475 -46.57 -63.95 22.74
C GLU D 475 -47.41 -64.16 21.47
N PRO D 476 -48.48 -63.39 21.30
CA PRO D 476 -49.18 -63.67 20.06
C PRO D 476 -48.29 -63.54 18.81
N ARG D 477 -47.09 -63.01 18.92
CA ARG D 477 -46.23 -62.84 17.75
C ARG D 477 -47.03 -62.19 16.68
N HIS D 478 -46.71 -60.95 16.37
CA HIS D 478 -47.43 -60.18 15.37
C HIS D 478 -48.29 -59.15 16.07
N LEU D 479 -47.70 -57.99 16.29
CA LEU D 479 -48.43 -56.83 16.75
C LEU D 479 -48.56 -55.88 15.58
N LEU D 480 -49.80 -55.47 15.31
CA LEU D 480 -50.05 -54.51 14.28
C LEU D 480 -50.40 -53.26 15.00
N VAL D 481 -49.67 -52.20 14.66
CA VAL D 481 -49.82 -50.91 15.30
C VAL D 481 -50.03 -49.94 14.19
N MET D 482 -51.03 -49.09 14.35
CA MET D 482 -51.23 -48.02 13.37
C MET D 482 -51.64 -46.68 14.04
N LYS D 483 -51.25 -45.57 13.42
CA LYS D 483 -51.80 -44.29 13.81
C LYS D 483 -52.35 -43.63 12.57
N GLY D 484 -53.01 -42.50 12.76
CA GLY D 484 -53.49 -41.74 11.63
C GLY D 484 -54.47 -40.69 12.08
N ALA D 485 -55.08 -40.01 11.14
CA ALA D 485 -56.17 -39.14 11.48
C ALA D 485 -57.05 -39.91 12.47
N PRO D 486 -57.73 -39.20 13.38
CA PRO D 486 -58.55 -39.85 14.40
C PRO D 486 -59.98 -40.17 13.95
N GLU D 487 -60.76 -39.15 13.64
CA GLU D 487 -62.13 -39.40 13.24
C GLU D 487 -62.15 -40.53 12.21
N ARG D 488 -61.06 -40.66 11.47
CA ARG D 488 -60.99 -41.70 10.46
C ARG D 488 -60.12 -42.86 10.87
N ILE D 489 -59.99 -43.06 12.18
CA ILE D 489 -59.34 -44.25 12.73
C ILE D 489 -60.24 -45.00 13.72
N LEU D 490 -61.52 -44.66 13.71
CA LEU D 490 -62.52 -45.46 14.40
C LEU D 490 -63.23 -46.36 13.39
N ASP D 491 -63.47 -45.83 12.19
CA ASP D 491 -64.01 -46.64 11.11
C ASP D 491 -63.10 -47.82 10.86
N ARG D 492 -62.08 -47.95 11.70
CA ARG D 492 -61.16 -49.07 11.64
C ARG D 492 -60.96 -49.63 13.03
N CYS D 493 -61.84 -49.30 13.94
CA CYS D 493 -61.73 -49.84 15.29
C CYS D 493 -63.06 -50.34 15.80
N SER D 494 -62.99 -51.34 16.66
CA SER D 494 -64.21 -51.90 17.23
C SER D 494 -64.05 -52.11 18.73
N SER D 495 -62.88 -51.75 19.26
CA SER D 495 -62.63 -51.93 20.68
C SER D 495 -61.74 -50.84 21.23
N ILE D 496 -61.82 -50.62 22.54
CA ILE D 496 -61.11 -49.52 23.17
C ILE D 496 -60.45 -49.98 24.46
N LEU D 497 -59.17 -50.29 24.38
CA LEU D 497 -58.33 -50.63 25.54
C LEU D 497 -58.55 -49.73 26.78
N ILE D 498 -58.76 -50.33 27.96
CA ILE D 498 -58.96 -49.54 29.21
C ILE D 498 -58.29 -50.07 30.50
N HIS D 499 -57.26 -49.36 30.95
CA HIS D 499 -56.47 -49.74 32.12
C HIS D 499 -55.73 -51.04 31.90
N GLY D 500 -56.14 -51.75 30.87
CA GLY D 500 -55.47 -52.97 30.45
C GLY D 500 -56.35 -53.92 29.69
N LYS D 501 -57.65 -53.68 29.74
CA LYS D 501 -58.61 -54.67 29.27
C LYS D 501 -59.46 -54.14 28.13
N GLU D 502 -59.37 -54.79 26.98
CA GLU D 502 -60.19 -54.45 25.82
C GLU D 502 -61.67 -54.42 26.16
N GLN D 503 -62.45 -53.73 25.34
CA GLN D 503 -63.87 -53.64 25.58
C GLN D 503 -64.49 -53.35 24.24
N PRO D 504 -65.81 -53.29 24.20
CA PRO D 504 -66.52 -52.91 22.98
C PRO D 504 -66.49 -51.40 22.75
N LEU D 505 -66.39 -50.98 21.49
CA LEU D 505 -66.41 -49.56 21.15
C LEU D 505 -67.86 -49.09 21.07
N ASP D 506 -68.54 -49.13 22.20
CA ASP D 506 -69.96 -48.80 22.27
C ASP D 506 -70.27 -47.40 21.81
N GLU D 507 -71.39 -46.87 22.30
CA GLU D 507 -71.81 -45.53 21.98
C GLU D 507 -71.42 -44.55 23.08
N GLU D 508 -71.26 -45.04 24.30
CA GLU D 508 -70.82 -44.17 25.38
C GLU D 508 -69.56 -43.48 24.93
N LEU D 509 -68.56 -44.30 24.60
CA LEU D 509 -67.23 -43.81 24.27
C LEU D 509 -67.17 -43.11 22.93
N LYS D 510 -67.87 -43.64 21.95
CA LYS D 510 -67.82 -43.02 20.62
C LYS D 510 -68.22 -41.55 20.71
N ASP D 511 -69.24 -41.25 21.50
CA ASP D 511 -69.65 -39.86 21.69
C ASP D 511 -68.65 -39.08 22.53
N ALA D 512 -68.09 -39.72 23.54
CA ALA D 512 -67.17 -39.06 24.45
C ALA D 512 -65.74 -38.96 23.89
N PHE D 513 -65.43 -39.79 22.90
CA PHE D 513 -64.19 -39.65 22.13
C PHE D 513 -64.27 -38.49 21.16
N GLN D 514 -65.39 -38.36 20.45
CA GLN D 514 -65.65 -37.16 19.65
C GLN D 514 -65.86 -35.98 20.59
N ASN D 515 -66.23 -36.29 21.83
CA ASN D 515 -66.40 -35.27 22.84
C ASN D 515 -65.06 -34.77 23.34
N ALA D 516 -63.98 -35.46 23.00
CA ALA D 516 -62.67 -35.04 23.46
C ALA D 516 -61.75 -34.61 22.30
N TYR D 517 -62.06 -35.11 21.10
CA TYR D 517 -61.38 -34.66 19.89
C TYR D 517 -61.70 -33.19 19.65
N LEU D 518 -62.91 -32.76 20.02
CA LEU D 518 -63.24 -31.36 19.91
C LEU D 518 -62.50 -30.58 20.98
N GLU D 519 -62.85 -30.82 22.24
CA GLU D 519 -62.18 -30.13 23.33
C GLU D 519 -60.71 -30.00 23.05
N LEU D 520 -60.06 -31.12 22.76
CA LEU D 520 -58.63 -31.17 22.59
C LEU D 520 -58.11 -30.23 21.50
N GLY D 521 -58.68 -30.34 20.31
CA GLY D 521 -58.19 -29.58 19.17
C GLY D 521 -58.68 -28.16 19.14
N GLY D 522 -59.69 -27.88 19.96
CA GLY D 522 -60.13 -26.53 20.17
C GLY D 522 -59.04 -25.74 20.88
N LEU D 523 -57.94 -26.41 21.18
CA LEU D 523 -56.78 -25.76 21.76
C LEU D 523 -55.71 -25.57 20.72
N GLY D 524 -56.11 -25.73 19.47
CA GLY D 524 -55.24 -25.44 18.35
C GLY D 524 -54.14 -26.45 18.33
N GLU D 525 -54.51 -27.70 18.57
CA GLU D 525 -53.55 -28.80 18.55
C GLU D 525 -53.77 -29.76 17.39
N ARG D 526 -52.67 -30.24 16.82
CA ARG D 526 -52.73 -31.34 15.90
C ARG D 526 -53.07 -32.53 16.78
N VAL D 527 -54.11 -33.25 16.43
CA VAL D 527 -54.51 -34.45 17.18
C VAL D 527 -54.40 -35.74 16.33
N LEU D 528 -53.82 -36.79 16.89
CA LEU D 528 -53.63 -38.05 16.18
C LEU D 528 -54.37 -39.21 16.79
N GLY D 529 -54.62 -40.24 16.00
CA GLY D 529 -55.28 -41.44 16.49
C GLY D 529 -54.33 -42.62 16.52
N PHE D 530 -54.32 -43.36 17.63
CA PHE D 530 -53.42 -44.51 17.76
C PHE D 530 -54.20 -45.75 18.10
N CYS D 531 -53.92 -46.81 17.35
CA CYS D 531 -54.61 -48.11 17.51
C CYS D 531 -53.79 -49.34 17.07
N HIS D 532 -54.09 -50.47 17.69
CA HIS D 532 -53.33 -51.67 17.40
C HIS D 532 -54.23 -52.89 17.37
N LEU D 533 -53.63 -53.99 16.92
CA LEU D 533 -54.22 -55.35 16.89
C LEU D 533 -53.25 -56.50 17.24
N PHE D 534 -53.62 -57.35 18.16
CA PHE D 534 -52.81 -58.53 18.32
C PHE D 534 -53.35 -59.51 17.35
N LEU D 535 -52.54 -59.81 16.35
CA LEU D 535 -53.00 -60.58 15.22
C LEU D 535 -53.25 -62.04 15.54
N PRO D 536 -54.53 -62.47 15.44
CA PRO D 536 -54.98 -63.82 15.80
C PRO D 536 -53.88 -64.89 15.62
N ASP D 537 -53.63 -65.65 16.67
CA ASP D 537 -52.45 -66.49 16.65
C ASP D 537 -52.52 -67.52 15.53
N GLU D 538 -53.65 -68.17 15.43
CA GLU D 538 -53.86 -69.20 14.43
C GLU D 538 -53.63 -68.62 13.05
N GLN D 539 -54.58 -67.78 12.65
CA GLN D 539 -54.62 -67.13 11.33
C GLN D 539 -53.28 -66.63 10.75
N PHE D 540 -52.25 -66.55 11.57
CA PHE D 540 -50.93 -66.23 11.07
C PHE D 540 -49.93 -66.89 11.98
N PRO D 541 -49.22 -67.87 11.47
CA PRO D 541 -48.32 -68.59 12.36
C PRO D 541 -46.93 -68.05 12.17
N GLU D 542 -45.96 -68.67 12.84
CA GLU D 542 -44.61 -68.17 12.79
C GLU D 542 -44.02 -68.41 11.43
N GLY D 543 -44.13 -67.41 10.57
CA GLY D 543 -43.58 -67.49 9.23
C GLY D 543 -44.37 -66.59 8.28
N PHE D 544 -45.61 -66.34 8.64
CA PHE D 544 -46.49 -65.68 7.73
C PHE D 544 -45.88 -64.61 6.84
N GLN D 545 -46.13 -64.72 5.55
CA GLN D 545 -45.63 -63.74 4.59
C GLN D 545 -46.61 -62.63 4.37
N PHE D 546 -46.63 -61.68 5.28
CA PHE D 546 -47.52 -60.55 5.06
C PHE D 546 -47.20 -59.91 3.71
N ASP D 547 -48.20 -59.38 3.03
CA ASP D 547 -47.90 -58.64 1.83
C ASP D 547 -48.46 -57.25 1.99
N THR D 548 -47.89 -56.29 1.25
CA THR D 548 -48.39 -54.92 1.30
C THR D 548 -48.84 -54.37 -0.06
N ASP D 549 -48.81 -55.21 -1.09
CA ASP D 549 -49.41 -54.88 -2.38
C ASP D 549 -50.84 -55.35 -2.28
N ASP D 550 -51.05 -56.63 -2.55
CA ASP D 550 -52.30 -57.26 -2.17
C ASP D 550 -52.33 -57.11 -0.68
N VAL D 551 -53.35 -56.48 -0.14
CA VAL D 551 -53.48 -56.54 1.30
C VAL D 551 -53.54 -58.02 1.61
N ASN D 552 -53.68 -58.34 2.87
CA ASN D 552 -53.33 -59.69 3.33
C ASN D 552 -53.69 -59.99 4.81
N PHE D 553 -53.65 -58.93 5.64
CA PHE D 553 -53.97 -58.98 7.06
C PHE D 553 -55.08 -58.00 7.40
N PRO D 554 -55.70 -58.18 8.58
CA PRO D 554 -56.92 -57.46 8.96
C PRO D 554 -56.68 -55.97 8.96
N LEU D 555 -57.72 -55.15 8.78
CA LEU D 555 -57.60 -53.74 9.07
C LEU D 555 -58.80 -53.23 9.81
N ASP D 556 -59.55 -54.12 10.44
CA ASP D 556 -60.71 -53.67 11.16
C ASP D 556 -60.82 -54.29 12.53
N ASN D 557 -61.66 -53.68 13.34
CA ASN D 557 -61.91 -54.20 14.66
C ASN D 557 -60.62 -54.17 15.44
N LEU D 558 -59.65 -53.45 14.88
CA LEU D 558 -58.44 -53.13 15.59
C LEU D 558 -58.82 -52.50 16.94
N CYS D 559 -57.92 -52.62 17.92
CA CYS D 559 -58.16 -52.04 19.22
C CYS D 559 -57.77 -50.57 19.17
N PHE D 560 -58.47 -49.73 19.93
CA PHE D 560 -58.23 -48.29 19.98
C PHE D 560 -57.54 -47.90 21.28
N VAL D 561 -56.25 -47.53 21.20
CA VAL D 561 -55.45 -47.29 22.40
C VAL D 561 -55.60 -45.87 22.97
N GLY D 562 -55.55 -44.85 22.10
CA GLY D 562 -55.79 -43.50 22.57
C GLY D 562 -55.37 -42.38 21.62
N LEU D 563 -55.81 -41.16 21.95
CA LEU D 563 -55.46 -39.93 21.21
C LEU D 563 -54.21 -39.26 21.79
N ILE D 564 -53.33 -38.76 20.93
CA ILE D 564 -52.21 -37.89 21.35
C ILE D 564 -52.19 -36.57 20.57
N SER D 565 -51.79 -35.49 21.21
CA SER D 565 -51.93 -34.18 20.57
C SER D 565 -50.75 -33.23 20.81
N MET D 566 -50.30 -32.57 19.75
CA MET D 566 -49.15 -31.69 19.87
C MET D 566 -49.49 -30.26 19.58
N ILE D 567 -48.51 -29.39 19.83
CA ILE D 567 -48.65 -27.94 19.64
C ILE D 567 -47.28 -27.25 19.61
N ASP D 568 -47.25 -26.02 19.10
CA ASP D 568 -46.10 -25.17 19.35
C ASP D 568 -46.46 -24.29 20.51
N PRO D 569 -45.87 -24.59 21.68
CA PRO D 569 -46.15 -24.11 23.04
C PRO D 569 -45.33 -22.93 23.49
N PRO D 570 -45.87 -22.19 24.45
CA PRO D 570 -45.13 -21.06 24.98
C PRO D 570 -43.86 -21.57 25.59
N ARG D 571 -42.86 -20.70 25.75
CA ARG D 571 -41.72 -21.02 26.56
C ARG D 571 -42.17 -20.77 27.97
N ALA D 572 -41.43 -21.26 28.93
CA ALA D 572 -41.90 -21.28 30.31
C ALA D 572 -42.31 -19.94 30.83
N ALA D 573 -41.40 -18.98 30.71
CA ALA D 573 -41.57 -17.72 31.42
C ALA D 573 -42.72 -16.93 30.84
N VAL D 574 -42.96 -17.15 29.57
CA VAL D 574 -43.81 -16.26 28.83
C VAL D 574 -45.13 -15.93 29.46
N PRO D 575 -45.82 -16.93 30.01
CA PRO D 575 -47.16 -16.62 30.53
C PRO D 575 -47.15 -15.80 31.83
N ASP D 576 -46.48 -16.31 32.85
CA ASP D 576 -46.35 -15.60 34.10
C ASP D 576 -45.86 -14.19 33.80
N ALA D 577 -44.92 -14.10 32.86
CA ALA D 577 -44.23 -12.86 32.59
C ALA D 577 -44.85 -12.07 31.44
N VAL D 578 -46.14 -12.24 31.23
CA VAL D 578 -46.84 -11.40 30.26
C VAL D 578 -47.87 -10.64 31.06
N GLY D 579 -48.44 -11.34 32.04
CA GLY D 579 -49.41 -10.75 32.94
C GLY D 579 -48.67 -9.79 33.85
N LYS D 580 -47.35 -9.94 33.88
CA LYS D 580 -46.52 -9.01 34.60
C LYS D 580 -46.62 -7.66 33.93
N CYS D 581 -46.39 -7.63 32.62
CA CYS D 581 -46.43 -6.38 31.89
C CYS D 581 -47.78 -5.67 31.94
N ARG D 582 -48.68 -6.17 32.77
CA ARG D 582 -50.00 -5.57 32.88
C ARG D 582 -50.27 -5.08 34.29
N SER D 583 -49.56 -5.63 35.26
CA SER D 583 -49.49 -5.00 36.58
C SER D 583 -48.79 -3.69 36.31
N ALA D 584 -48.03 -3.68 35.22
CA ALA D 584 -47.33 -2.49 34.75
C ALA D 584 -48.19 -1.64 33.82
N GLY D 585 -49.33 -2.16 33.36
CA GLY D 585 -50.25 -1.37 32.56
C GLY D 585 -49.82 -1.21 31.11
N ILE D 586 -48.98 -2.12 30.66
CA ILE D 586 -48.57 -2.15 29.27
C ILE D 586 -49.60 -2.95 28.49
N LYS D 587 -49.84 -2.58 27.23
CA LYS D 587 -50.71 -3.38 26.38
C LYS D 587 -49.84 -4.37 25.62
N VAL D 588 -50.25 -5.66 25.61
CA VAL D 588 -49.64 -6.68 24.74
C VAL D 588 -50.53 -7.04 23.58
N ILE D 589 -49.86 -7.27 22.45
CA ILE D 589 -50.51 -7.55 21.19
C ILE D 589 -49.76 -8.65 20.43
N MET D 590 -50.47 -9.65 19.94
CA MET D 590 -49.83 -10.69 19.14
C MET D 590 -49.73 -10.21 17.72
N VAL D 591 -48.54 -10.27 17.14
CA VAL D 591 -48.38 -10.00 15.70
C VAL D 591 -47.62 -11.13 15.06
N THR D 592 -48.35 -12.00 14.35
CA THR D 592 -47.84 -13.28 13.87
C THR D 592 -48.36 -13.66 12.48
N GLY D 593 -47.48 -14.20 11.65
CA GLY D 593 -47.83 -14.61 10.32
C GLY D 593 -48.23 -16.07 10.33
N ASP D 594 -48.66 -16.57 11.48
CA ASP D 594 -49.14 -17.94 11.57
C ASP D 594 -50.65 -17.95 11.31
N HIS D 595 -51.34 -19.05 11.58
CA HIS D 595 -52.76 -19.10 11.27
C HIS D 595 -53.60 -18.82 12.49
N PRO D 596 -54.77 -18.23 12.28
CA PRO D 596 -55.62 -17.66 13.34
C PRO D 596 -56.04 -18.65 14.40
N ILE D 597 -56.05 -19.94 14.07
CA ILE D 597 -56.63 -20.94 14.95
C ILE D 597 -55.64 -21.28 16.05
N THR D 598 -54.38 -21.41 15.65
CA THR D 598 -53.29 -21.52 16.59
C THR D 598 -53.21 -20.22 17.37
N ALA D 599 -52.88 -19.14 16.65
CA ALA D 599 -52.81 -17.79 17.22
C ALA D 599 -53.69 -17.62 18.47
N LYS D 600 -54.99 -17.45 18.25
CA LYS D 600 -55.93 -17.23 19.35
C LYS D 600 -55.82 -18.29 20.45
N ALA D 601 -55.35 -19.48 20.13
CA ALA D 601 -55.25 -20.51 21.16
C ALA D 601 -54.01 -20.31 22.00
N ILE D 602 -52.92 -19.91 21.34
CA ILE D 602 -51.68 -19.60 22.01
C ILE D 602 -51.82 -18.26 22.72
N ALA D 603 -52.49 -17.32 22.05
CA ALA D 603 -52.85 -16.06 22.70
C ALA D 603 -53.41 -16.30 24.10
N LYS D 604 -54.53 -17.02 24.17
CA LYS D 604 -55.18 -17.31 25.44
C LYS D 604 -54.24 -18.04 26.39
N GLY D 605 -53.23 -18.68 25.84
CA GLY D 605 -52.36 -19.54 26.62
C GLY D 605 -51.33 -18.80 27.44
N VAL D 606 -50.58 -17.92 26.78
CA VAL D 606 -49.66 -17.03 27.45
C VAL D 606 -50.43 -15.99 28.28
N GLY D 607 -51.51 -15.47 27.71
CA GLY D 607 -52.42 -14.66 28.51
C GLY D 607 -52.78 -13.34 27.88
N ILE D 608 -52.49 -13.20 26.60
CA ILE D 608 -52.90 -12.02 25.88
C ILE D 608 -54.41 -11.94 25.69
N ILE D 609 -55.12 -13.07 25.86
CA ILE D 609 -56.60 -13.05 25.89
C ILE D 609 -57.16 -13.72 27.13
N SER D 610 -57.51 -12.89 28.10
CA SER D 610 -57.74 -13.36 29.47
C SER D 610 -59.05 -14.10 29.68
N GLU D 611 -59.03 -14.96 30.70
CA GLU D 611 -60.18 -15.76 31.10
C GLU D 611 -61.50 -15.02 30.90
N GLY D 612 -62.53 -15.76 30.55
CA GLY D 612 -63.87 -15.20 30.46
C GLY D 612 -64.01 -14.02 29.52
N ASN D 613 -62.97 -13.74 28.75
CA ASN D 613 -63.06 -12.68 27.77
C ASN D 613 -63.32 -13.22 26.37
N GLU D 614 -64.18 -12.55 25.61
CA GLU D 614 -64.64 -13.09 24.35
C GLU D 614 -64.39 -12.16 23.18
N THR D 615 -64.56 -12.71 21.97
CA THR D 615 -64.63 -11.91 20.76
C THR D 615 -66.01 -12.02 20.15
N VAL D 616 -66.24 -11.31 19.06
CA VAL D 616 -67.51 -11.38 18.35
C VAL D 616 -67.89 -12.79 17.99
N GLU D 617 -67.07 -13.38 17.13
CA GLU D 617 -67.28 -14.74 16.70
C GLU D 617 -67.53 -15.62 17.90
N ASP D 618 -66.61 -15.57 18.87
CA ASP D 618 -66.75 -16.33 20.12
C ASP D 618 -68.18 -16.22 20.64
N ILE D 619 -68.78 -15.06 20.43
CA ILE D 619 -70.13 -14.77 20.92
C ILE D 619 -71.22 -15.38 20.02
N ALA D 620 -71.21 -15.02 18.74
CA ALA D 620 -72.23 -15.51 17.86
C ALA D 620 -72.49 -16.97 18.15
N ALA D 621 -71.43 -17.76 18.28
CA ALA D 621 -71.59 -19.20 18.50
C ALA D 621 -71.84 -19.53 19.97
N ARG D 622 -72.10 -18.50 20.76
CA ARG D 622 -72.58 -18.68 22.11
C ARG D 622 -74.00 -18.13 22.19
N LEU D 623 -74.57 -17.85 21.02
CA LEU D 623 -75.95 -17.37 20.91
C LEU D 623 -76.55 -17.74 19.55
N ASN D 624 -76.04 -18.80 18.93
CA ASN D 624 -76.36 -19.13 17.55
C ASN D 624 -77.08 -18.01 16.79
N ILE D 625 -76.40 -16.87 16.65
CA ILE D 625 -76.86 -15.76 15.82
C ILE D 625 -75.79 -15.35 14.81
N PRO D 626 -76.18 -15.15 13.55
CA PRO D 626 -75.22 -14.69 12.55
C PRO D 626 -74.35 -13.56 13.11
N VAL D 627 -73.13 -13.44 12.62
CA VAL D 627 -72.14 -12.55 13.22
C VAL D 627 -72.45 -11.08 13.05
N SER D 628 -72.73 -10.68 11.81
CA SER D 628 -73.01 -9.28 11.51
C SER D 628 -74.22 -8.80 12.30
N GLN D 629 -74.46 -9.46 13.42
CA GLN D 629 -75.63 -9.17 14.24
C GLN D 629 -75.17 -8.91 15.67
N VAL D 630 -73.86 -9.03 15.89
CA VAL D 630 -73.26 -8.82 17.21
C VAL D 630 -72.70 -7.43 17.36
N ASN D 631 -73.13 -6.74 18.41
CA ASN D 631 -72.65 -5.39 18.73
C ASN D 631 -71.16 -5.38 19.06
N PRO D 632 -70.31 -5.09 18.07
CA PRO D 632 -68.85 -5.29 18.14
C PRO D 632 -68.18 -4.73 19.41
N ARG D 633 -68.83 -3.77 20.06
CA ARG D 633 -68.26 -3.22 21.28
C ARG D 633 -68.57 -4.09 22.50
N ASP D 634 -69.31 -5.17 22.30
CA ASP D 634 -69.54 -6.14 23.37
C ASP D 634 -68.26 -6.93 23.56
N ALA D 635 -67.40 -6.85 22.56
CA ALA D 635 -66.23 -7.72 22.47
C ALA D 635 -64.98 -7.06 22.95
N LYS D 636 -64.42 -7.53 24.04
CA LYS D 636 -63.15 -6.98 24.49
C LYS D 636 -61.99 -7.40 23.57
N ALA D 637 -61.84 -8.69 23.30
CA ALA D 637 -60.72 -9.19 22.50
C ALA D 637 -61.10 -9.37 21.04
N CYS D 638 -60.10 -9.54 20.19
CA CYS D 638 -60.38 -9.91 18.81
C CYS D 638 -59.15 -10.39 18.02
N VAL D 639 -59.44 -11.26 17.06
CA VAL D 639 -58.43 -11.80 16.18
C VAL D 639 -58.68 -11.18 14.83
N VAL D 640 -57.64 -10.63 14.23
CA VAL D 640 -57.79 -10.01 12.92
C VAL D 640 -56.91 -10.67 11.88
N HIS D 641 -57.49 -10.94 10.72
CA HIS D 641 -56.75 -11.66 9.72
C HIS D 641 -56.04 -10.74 8.79
N GLY D 642 -54.76 -11.02 8.58
CA GLY D 642 -53.95 -10.27 7.66
C GLY D 642 -54.55 -10.06 6.27
N SER D 643 -55.68 -10.71 5.99
CA SER D 643 -56.29 -10.63 4.66
C SER D 643 -57.43 -9.66 4.69
N ASP D 644 -57.73 -9.17 5.88
CA ASP D 644 -58.67 -8.09 6.05
C ASP D 644 -57.90 -6.79 6.35
N LEU D 645 -56.71 -6.93 6.95
CA LEU D 645 -55.77 -5.82 7.08
C LEU D 645 -55.45 -5.27 5.71
N LYS D 646 -55.09 -6.18 4.81
CA LYS D 646 -54.90 -5.90 3.39
C LYS D 646 -55.82 -4.78 2.91
N ASP D 647 -57.10 -4.85 3.25
CA ASP D 647 -58.07 -3.94 2.69
C ASP D 647 -58.63 -2.98 3.72
N MET D 648 -58.00 -2.91 4.88
CA MET D 648 -58.44 -1.96 5.87
C MET D 648 -57.79 -0.63 5.63
N THR D 649 -58.28 0.37 6.35
CA THR D 649 -57.64 1.66 6.34
C THR D 649 -57.17 2.05 7.73
N SER D 650 -56.03 2.71 7.78
CA SER D 650 -55.46 3.21 9.02
C SER D 650 -56.56 3.53 10.03
N GLU D 651 -57.65 4.14 9.56
CA GLU D 651 -58.70 4.61 10.44
C GLU D 651 -59.59 3.50 10.98
N GLN D 652 -59.98 2.53 10.16
CA GLN D 652 -60.73 1.41 10.67
C GLN D 652 -59.83 0.72 11.68
N LEU D 653 -58.54 0.88 11.46
CA LEU D 653 -57.50 0.28 12.29
C LEU D 653 -57.27 1.01 13.63
N ASP D 654 -57.17 2.33 13.56
CA ASP D 654 -57.01 3.16 14.76
C ASP D 654 -58.18 2.84 15.67
N ASP D 655 -59.30 2.48 15.04
CA ASP D 655 -60.53 2.10 15.74
C ASP D 655 -60.40 0.70 16.36
N ILE D 656 -59.78 -0.23 15.63
CA ILE D 656 -59.57 -1.59 16.11
C ILE D 656 -58.66 -1.62 17.32
N LEU D 657 -57.74 -0.67 17.36
CA LEU D 657 -56.85 -0.49 18.50
C LEU D 657 -57.50 0.34 19.63
N LYS D 658 -58.15 1.43 19.26
CA LYS D 658 -58.74 2.33 20.23
C LYS D 658 -59.84 1.67 21.05
N TYR D 659 -60.36 0.57 20.54
CA TYR D 659 -61.58 -0.02 21.09
C TYR D 659 -61.50 -1.47 21.60
N HIS D 660 -60.36 -2.13 21.42
CA HIS D 660 -60.18 -3.50 21.92
C HIS D 660 -58.98 -3.56 22.85
N THR D 661 -59.03 -4.41 23.86
CA THR D 661 -57.88 -4.58 24.75
C THR D 661 -56.99 -5.77 24.33
N GLU D 662 -57.62 -6.90 24.00
CA GLU D 662 -56.86 -8.10 23.67
C GLU D 662 -56.88 -8.40 22.19
N ILE D 663 -55.79 -8.03 21.53
CA ILE D 663 -55.71 -8.08 20.08
C ILE D 663 -54.76 -9.19 19.57
N VAL D 664 -55.06 -9.74 18.38
CA VAL D 664 -54.19 -10.72 17.71
C VAL D 664 -54.19 -10.56 16.20
N PHE D 665 -53.29 -9.77 15.62
CA PHE D 665 -53.20 -9.77 14.16
C PHE D 665 -52.54 -11.08 13.68
N ALA D 666 -53.31 -11.92 13.00
CA ALA D 666 -52.81 -13.22 12.52
C ALA D 666 -52.51 -13.26 11.03
N ARG D 667 -51.67 -14.22 10.65
CA ARG D 667 -51.12 -14.32 9.30
C ARG D 667 -50.96 -12.97 8.65
N THR D 668 -49.74 -12.44 8.76
CA THR D 668 -49.48 -11.03 8.49
C THR D 668 -48.22 -10.81 7.62
N SER D 669 -48.29 -9.91 6.64
CA SER D 669 -47.13 -9.64 5.80
C SER D 669 -45.94 -9.32 6.69
N PRO D 670 -44.71 -9.34 6.13
CA PRO D 670 -43.77 -8.61 6.96
C PRO D 670 -44.26 -7.18 7.07
N GLN D 671 -44.42 -6.52 5.93
CA GLN D 671 -44.93 -5.17 5.96
C GLN D 671 -46.02 -5.04 6.99
N GLN D 672 -46.88 -6.03 7.10
CA GLN D 672 -48.07 -5.83 7.90
C GLN D 672 -47.81 -5.63 9.35
N LYS D 673 -46.72 -6.19 9.85
CA LYS D 673 -46.40 -6.05 11.26
C LYS D 673 -46.10 -4.59 11.46
N LEU D 674 -45.14 -4.07 10.69
CA LEU D 674 -44.86 -2.66 10.65
C LEU D 674 -46.17 -1.88 10.50
N ILE D 675 -46.93 -2.11 9.45
CA ILE D 675 -48.20 -1.41 9.32
C ILE D 675 -48.98 -1.29 10.63
N ILE D 676 -48.75 -2.22 11.56
CA ILE D 676 -49.46 -2.20 12.84
C ILE D 676 -48.72 -1.40 13.91
N VAL D 677 -47.47 -1.77 14.15
CA VAL D 677 -46.60 -0.93 14.96
C VAL D 677 -46.86 0.55 14.67
N GLU D 678 -46.59 0.96 13.43
CA GLU D 678 -46.77 2.34 12.98
C GLU D 678 -48.04 2.97 13.51
N GLY D 679 -49.09 2.17 13.61
CA GLY D 679 -50.42 2.63 13.99
C GLY D 679 -50.75 2.54 15.46
N CYS D 680 -49.98 1.73 16.18
CA CYS D 680 -49.93 1.79 17.63
C CYS D 680 -49.26 3.10 17.97
N GLN D 681 -48.12 3.31 17.30
CA GLN D 681 -47.39 4.57 17.36
C GLN D 681 -48.28 5.76 16.99
N ARG D 682 -48.85 5.73 15.79
CA ARG D 682 -49.84 6.73 15.36
C ARG D 682 -50.34 7.64 16.50
N GLN D 683 -50.90 7.06 17.54
CA GLN D 683 -51.36 7.84 18.69
C GLN D 683 -50.41 7.78 19.88
N GLY D 684 -49.30 8.50 19.78
CA GLY D 684 -48.41 8.78 20.89
C GLY D 684 -47.59 7.63 21.43
N ALA D 685 -48.28 6.58 21.88
CA ALA D 685 -47.67 5.45 22.61
C ALA D 685 -46.27 5.04 22.18
N ILE D 686 -45.46 4.71 23.17
CA ILE D 686 -44.14 4.18 22.94
C ILE D 686 -44.30 2.66 22.81
N VAL D 687 -43.77 2.09 21.73
CA VAL D 687 -43.90 0.64 21.45
C VAL D 687 -42.61 -0.17 21.33
N ALA D 688 -42.63 -1.31 21.99
CA ALA D 688 -41.56 -2.28 21.84
C ALA D 688 -42.01 -3.35 20.86
N VAL D 689 -41.08 -4.13 20.31
CA VAL D 689 -41.41 -5.25 19.42
C VAL D 689 -40.45 -6.40 19.66
N THR D 690 -41.02 -7.58 19.91
CA THR D 690 -40.24 -8.79 20.12
C THR D 690 -40.30 -9.66 18.86
N GLY D 691 -39.20 -10.33 18.50
CA GLY D 691 -39.16 -11.08 17.27
C GLY D 691 -38.01 -12.05 17.25
N ASP D 692 -37.83 -12.75 16.14
CA ASP D 692 -36.76 -13.75 16.04
C ASP D 692 -36.53 -14.05 14.60
N GLY D 693 -37.46 -13.60 13.78
CA GLY D 693 -37.47 -14.05 12.41
C GLY D 693 -37.17 -12.95 11.44
N VAL D 694 -36.47 -13.29 10.37
CA VAL D 694 -36.27 -12.36 9.29
C VAL D 694 -37.60 -11.84 8.85
N ASN D 695 -38.67 -12.53 9.15
CA ASN D 695 -39.95 -11.98 8.78
C ASN D 695 -40.33 -10.76 9.60
N ASP D 696 -39.56 -10.47 10.65
CA ASP D 696 -39.89 -9.42 11.62
C ASP D 696 -39.19 -8.10 11.40
N SER D 697 -37.96 -8.19 10.92
CA SER D 697 -37.07 -7.04 10.82
C SER D 697 -37.79 -5.70 10.89
N PRO D 698 -38.53 -5.31 9.82
CA PRO D 698 -39.29 -4.05 9.76
C PRO D 698 -39.91 -3.51 11.07
N ALA D 699 -40.68 -4.29 11.82
CA ALA D 699 -41.14 -3.82 13.12
C ALA D 699 -39.99 -3.79 14.09
N SER D 700 -39.24 -4.89 14.16
CA SER D 700 -38.09 -4.95 15.03
C SER D 700 -37.14 -3.80 14.69
N LYS D 701 -37.42 -3.11 13.60
CA LYS D 701 -36.64 -1.90 13.25
C LYS D 701 -37.44 -0.60 13.06
N LYS D 702 -38.67 -0.55 13.55
CA LYS D 702 -39.44 0.67 13.57
C LYS D 702 -39.78 0.81 15.02
N ALA D 703 -39.35 -0.19 15.76
CA ALA D 703 -39.68 -0.28 17.14
C ALA D 703 -39.05 0.89 17.89
N ASP D 704 -39.80 1.44 18.83
CA ASP D 704 -39.25 2.43 19.74
C ASP D 704 -38.03 1.83 20.44
N ILE D 705 -38.22 0.61 20.94
CA ILE D 705 -37.10 -0.27 21.25
C ILE D 705 -37.47 -1.63 20.67
N GLY D 706 -36.51 -2.30 20.01
CA GLY D 706 -36.77 -3.59 19.39
C GLY D 706 -35.99 -4.70 20.03
N VAL D 707 -36.68 -5.72 20.51
CA VAL D 707 -36.02 -6.84 21.15
C VAL D 707 -35.98 -8.09 20.27
N ALA D 708 -34.80 -8.65 20.07
CA ALA D 708 -34.71 -9.88 19.29
C ALA D 708 -34.65 -11.02 20.27
N MET D 709 -34.43 -12.22 19.74
CA MET D 709 -34.12 -13.36 20.57
C MET D 709 -32.73 -13.82 20.23
N GLY D 710 -32.06 -14.35 21.24
CA GLY D 710 -30.64 -14.60 21.15
C GLY D 710 -30.30 -15.75 20.25
N ILE D 711 -30.81 -16.93 20.59
CA ILE D 711 -30.37 -18.13 19.92
C ILE D 711 -31.37 -18.62 18.90
N ALA D 712 -32.65 -18.40 19.18
CA ALA D 712 -33.67 -18.69 18.17
C ALA D 712 -33.37 -17.87 16.91
N GLY D 713 -33.67 -16.59 17.01
CA GLY D 713 -33.61 -15.62 15.94
C GLY D 713 -32.44 -15.64 14.99
N SER D 714 -32.52 -14.72 14.05
CA SER D 714 -31.74 -14.77 12.85
C SER D 714 -30.79 -13.62 12.78
N ASP D 715 -29.63 -13.85 12.19
CA ASP D 715 -28.72 -12.77 11.98
C ASP D 715 -29.57 -11.53 11.88
N VAL D 716 -30.56 -11.56 10.99
CA VAL D 716 -31.35 -10.37 10.73
C VAL D 716 -32.10 -9.81 11.92
N SER D 717 -33.28 -10.30 12.20
CA SER D 717 -34.07 -9.79 13.32
C SER D 717 -33.22 -9.04 14.34
N LYS D 718 -32.17 -9.69 14.83
CA LYS D 718 -31.28 -9.12 15.84
C LYS D 718 -30.45 -7.94 15.35
N GLN D 719 -29.67 -8.13 14.29
CA GLN D 719 -28.93 -7.04 13.66
C GLN D 719 -29.86 -5.93 13.23
N ALA D 720 -31.09 -5.96 13.72
CA ALA D 720 -32.02 -4.91 13.43
C ALA D 720 -32.77 -4.61 14.71
N ALA D 721 -32.16 -4.98 15.84
CA ALA D 721 -32.78 -4.78 17.14
C ALA D 721 -31.86 -3.98 18.10
N ASP D 722 -32.41 -3.60 19.24
CA ASP D 722 -31.70 -2.78 20.21
C ASP D 722 -31.21 -3.64 21.35
N MET D 723 -32.13 -4.41 21.93
CA MET D 723 -31.79 -5.45 22.89
C MET D 723 -31.76 -6.82 22.20
N ILE D 724 -31.12 -7.79 22.82
CA ILE D 724 -30.93 -9.10 22.19
C ILE D 724 -30.88 -10.16 23.27
N LEU D 725 -32.03 -10.65 23.74
CA LEU D 725 -32.08 -11.56 24.87
C LEU D 725 -31.17 -12.77 24.72
N LEU D 726 -29.94 -12.67 25.20
CA LEU D 726 -28.97 -13.72 24.96
C LEU D 726 -29.41 -15.12 25.40
N ASP D 727 -30.21 -15.22 26.47
CA ASP D 727 -30.62 -16.54 26.92
C ASP D 727 -32.05 -16.86 26.50
N ASP D 728 -32.58 -16.07 25.58
CA ASP D 728 -33.94 -16.29 25.08
C ASP D 728 -35.02 -16.27 26.17
N ASN D 729 -34.67 -15.87 27.39
CA ASN D 729 -35.64 -15.67 28.49
C ASN D 729 -36.53 -14.43 28.34
N PHE D 730 -37.81 -14.67 28.10
CA PHE D 730 -38.75 -13.61 27.78
C PHE D 730 -39.28 -12.97 29.06
N ALA D 731 -38.51 -13.06 30.14
CA ALA D 731 -38.84 -12.37 31.41
C ALA D 731 -37.98 -11.12 31.55
N SER D 732 -36.82 -11.15 30.90
CA SER D 732 -35.92 -10.02 30.86
C SER D 732 -36.59 -8.83 30.20
N ILE D 733 -37.83 -8.99 29.74
CA ILE D 733 -38.61 -7.83 29.28
C ILE D 733 -39.26 -7.16 30.50
N VAL D 734 -39.62 -7.95 31.50
CA VAL D 734 -40.14 -7.35 32.70
C VAL D 734 -39.01 -6.73 33.50
N THR D 735 -37.98 -7.51 33.79
CA THR D 735 -36.73 -7.00 34.39
C THR D 735 -36.27 -5.69 33.76
N GLY D 736 -36.15 -5.68 32.44
CA GLY D 736 -35.74 -4.51 31.71
C GLY D 736 -36.68 -3.33 31.80
N VAL D 737 -37.99 -3.57 31.75
CA VAL D 737 -38.94 -2.47 31.84
C VAL D 737 -39.01 -1.93 33.27
N GLU D 738 -38.40 -2.62 34.23
CA GLU D 738 -38.32 -2.05 35.57
C GLU D 738 -37.04 -1.26 35.70
N GLU D 739 -35.94 -1.95 35.51
CA GLU D 739 -34.62 -1.32 35.54
C GLU D 739 -34.59 0.00 34.76
N GLY D 740 -35.55 0.17 33.85
CA GLY D 740 -35.60 1.35 33.01
C GLY D 740 -36.55 2.40 33.53
N ARG D 741 -37.37 2.05 34.50
CA ARG D 741 -38.26 3.02 35.10
C ARG D 741 -37.52 3.69 36.21
N LEU D 742 -36.49 2.99 36.64
CA LEU D 742 -35.65 3.42 37.74
C LEU D 742 -34.52 4.34 37.25
N ILE D 743 -33.89 3.98 36.13
CA ILE D 743 -32.91 4.87 35.53
C ILE D 743 -33.57 6.24 35.26
N PHE D 744 -34.90 6.25 35.13
CA PHE D 744 -35.63 7.49 34.89
C PHE D 744 -35.59 8.34 36.15
N ASP D 745 -36.20 7.86 37.24
CA ASP D 745 -36.11 8.57 38.50
C ASP D 745 -34.68 8.98 38.78
N ASN D 746 -33.80 7.99 38.75
CA ASN D 746 -32.41 8.17 39.15
C ASN D 746 -31.60 8.98 38.17
N LEU D 747 -32.25 9.41 37.10
CA LEU D 747 -31.60 10.31 36.17
C LEU D 747 -32.02 11.69 36.60
N LYS D 748 -32.99 11.69 37.48
CA LYS D 748 -33.41 12.94 38.04
C LYS D 748 -32.51 13.22 39.23
N LYS D 749 -32.41 12.28 40.15
CA LYS D 749 -31.49 12.47 41.25
C LYS D 749 -30.12 12.81 40.67
N SER D 750 -29.57 11.99 39.79
CA SER D 750 -28.22 12.24 39.30
C SER D 750 -28.08 13.63 38.68
N ILE D 751 -29.15 14.14 38.06
CA ILE D 751 -29.10 15.47 37.46
C ILE D 751 -29.28 16.58 38.50
N ALA D 752 -30.44 16.60 39.16
CA ALA D 752 -30.63 17.47 40.31
C ALA D 752 -29.29 17.72 41.08
N TYR D 753 -28.75 16.73 41.75
CA TYR D 753 -27.49 16.91 42.47
C TYR D 753 -26.43 17.66 41.66
N THR D 754 -26.35 17.39 40.35
CA THR D 754 -25.45 18.18 39.51
C THR D 754 -25.95 19.62 39.44
N LEU D 755 -27.10 19.84 38.82
CA LEU D 755 -27.66 21.19 38.69
C LEU D 755 -27.77 21.98 40.01
N THR D 756 -28.13 21.36 41.13
CA THR D 756 -28.25 22.13 42.39
C THR D 756 -26.99 22.95 42.69
N SER D 757 -25.80 22.36 42.51
CA SER D 757 -24.55 23.02 42.86
C SER D 757 -24.14 24.08 41.84
N ASN D 758 -24.93 24.21 40.79
CA ASN D 758 -24.71 25.25 39.78
C ASN D 758 -25.02 26.68 40.31
N ILE D 759 -25.98 26.79 41.22
CA ILE D 759 -26.38 28.12 41.69
C ILE D 759 -25.28 28.88 42.46
N PRO D 760 -24.66 28.23 43.46
CA PRO D 760 -23.46 28.80 44.12
C PRO D 760 -22.23 28.73 43.22
N GLU D 761 -22.38 29.11 41.95
CA GLU D 761 -21.32 29.16 40.97
C GLU D 761 -21.62 30.35 40.07
N ILE D 762 -22.91 30.57 39.83
CA ILE D 762 -23.34 31.71 39.05
C ILE D 762 -23.32 32.96 39.93
N THR D 763 -24.00 32.92 41.06
CA THR D 763 -24.13 34.12 41.88
C THR D 763 -22.82 34.86 42.22
N PRO D 764 -21.71 34.13 42.44
CA PRO D 764 -20.45 34.87 42.63
C PRO D 764 -20.20 35.83 41.48
N PHE D 765 -19.97 35.29 40.29
CA PHE D 765 -19.83 36.08 39.06
C PHE D 765 -20.98 37.07 38.86
N LEU D 766 -22.08 36.86 39.56
CA LEU D 766 -23.25 37.72 39.40
C LEU D 766 -23.13 38.96 40.27
N ILE D 767 -22.58 38.78 41.48
CA ILE D 767 -22.37 39.88 42.40
C ILE D 767 -21.11 40.65 42.04
N PHE D 768 -20.14 39.94 41.45
CA PHE D 768 -18.88 40.55 41.00
C PHE D 768 -19.21 41.74 40.12
N ILE D 769 -20.41 41.75 39.57
CA ILE D 769 -20.90 42.88 38.78
C ILE D 769 -21.76 43.79 39.64
N ILE D 770 -22.51 43.20 40.54
CA ILE D 770 -23.37 43.98 41.42
C ILE D 770 -22.55 44.84 42.37
N ALA D 771 -21.99 44.27 43.44
CA ALA D 771 -21.27 45.06 44.47
C ALA D 771 -19.74 45.16 44.26
N ASN D 772 -19.35 45.59 43.05
CA ASN D 772 -17.98 45.55 42.55
C ASN D 772 -16.99 44.95 43.56
N ILE D 773 -17.33 43.73 43.96
CA ILE D 773 -16.67 42.99 45.01
C ILE D 773 -15.51 42.19 44.43
N PRO D 774 -14.57 41.75 45.28
CA PRO D 774 -13.49 40.86 44.82
C PRO D 774 -14.03 39.48 44.52
N LEU D 775 -13.87 39.05 43.27
CA LEU D 775 -14.41 37.78 42.79
C LEU D 775 -14.20 36.61 43.75
N PRO D 776 -15.28 36.14 44.40
CA PRO D 776 -15.23 35.04 45.38
C PRO D 776 -14.84 33.69 44.78
N LEU D 777 -15.50 33.34 43.68
CA LEU D 777 -15.29 32.06 43.03
C LEU D 777 -14.81 32.24 41.61
N GLY D 778 -13.66 31.64 41.30
CA GLY D 778 -12.99 31.86 40.04
C GLY D 778 -13.28 30.78 39.00
N THR D 779 -13.14 31.14 37.73
CA THR D 779 -13.52 30.24 36.65
C THR D 779 -12.82 28.89 36.76
N VAL D 780 -11.51 28.88 36.61
CA VAL D 780 -10.74 27.64 36.74
C VAL D 780 -11.14 26.91 38.01
N THR D 781 -11.72 27.64 38.94
CA THR D 781 -12.19 27.01 40.16
C THR D 781 -13.49 26.23 39.90
N ILE D 782 -14.33 26.71 39.00
CA ILE D 782 -15.59 26.03 38.75
C ILE D 782 -15.43 24.66 38.07
N LEU D 783 -14.56 24.57 37.06
CA LEU D 783 -14.24 23.27 36.44
C LEU D 783 -13.59 22.32 37.43
N CYS D 784 -13.91 22.47 38.70
CA CYS D 784 -13.41 21.59 39.73
C CYS D 784 -14.60 21.00 40.46
N ILE D 785 -15.76 21.59 40.22
CA ILE D 785 -16.97 21.05 40.81
C ILE D 785 -17.44 19.85 39.99
N ASP D 786 -17.95 20.12 38.81
CA ASP D 786 -18.62 19.11 38.02
C ASP D 786 -17.64 18.22 37.28
N LEU D 787 -16.38 18.64 37.19
CA LEU D 787 -15.38 17.80 36.57
C LEU D 787 -14.55 17.08 37.62
N GLY D 788 -14.57 17.59 38.85
CA GLY D 788 -13.73 17.04 39.90
C GLY D 788 -14.57 16.40 40.97
N THR D 789 -14.84 17.15 42.04
CA THR D 789 -15.54 16.61 43.20
C THR D 789 -16.87 15.97 42.81
N ASP D 790 -17.64 16.63 41.95
CA ASP D 790 -19.02 16.23 41.71
C ASP D 790 -19.24 15.01 40.83
N MET D 791 -18.33 14.75 39.89
CA MET D 791 -18.44 13.56 39.03
C MET D 791 -18.88 12.37 39.87
N VAL D 792 -17.94 11.78 40.59
CA VAL D 792 -18.19 10.53 41.32
C VAL D 792 -19.47 10.46 42.14
N PRO D 793 -19.72 11.45 43.00
CA PRO D 793 -20.96 11.45 43.78
C PRO D 793 -22.24 11.35 42.94
N ALA D 794 -22.21 11.91 41.73
CA ALA D 794 -23.40 11.91 40.87
C ALA D 794 -23.59 10.55 40.25
N ILE D 795 -22.52 10.07 39.61
CA ILE D 795 -22.45 8.74 39.04
C ILE D 795 -23.11 7.82 40.04
N SER D 796 -23.01 8.16 41.31
CA SER D 796 -23.38 7.25 42.38
C SER D 796 -24.87 7.07 42.62
N LEU D 797 -25.69 8.01 42.20
CA LEU D 797 -27.12 7.84 42.44
C LEU D 797 -27.65 6.71 41.56
N ALA D 798 -27.14 6.66 40.34
CA ALA D 798 -27.49 5.63 39.37
C ALA D 798 -27.56 4.24 40.00
N TYR D 799 -26.89 4.08 41.13
CA TYR D 799 -26.91 2.83 41.85
C TYR D 799 -28.02 2.79 42.91
N GLU D 800 -29.06 3.60 42.78
CA GLU D 800 -30.05 3.74 43.85
C GLU D 800 -31.31 2.88 43.73
N GLN D 801 -31.53 1.97 44.68
CA GLN D 801 -32.73 1.15 44.70
C GLN D 801 -33.97 2.05 44.66
N ALA D 802 -35.16 1.45 44.60
CA ALA D 802 -36.40 2.20 44.32
C ALA D 802 -37.02 2.85 45.56
N GLU D 803 -38.32 3.11 45.53
CA GLU D 803 -39.01 3.70 46.69
C GLU D 803 -40.41 3.16 46.76
N SER D 804 -40.71 2.26 45.82
CA SER D 804 -41.99 1.54 45.79
C SER D 804 -42.04 0.53 44.62
N ASP D 805 -43.14 -0.19 44.51
CA ASP D 805 -43.37 -1.08 43.37
C ASP D 805 -43.50 -0.24 42.12
N ILE D 806 -42.39 0.14 41.50
CA ILE D 806 -42.50 0.94 40.28
C ILE D 806 -43.32 0.19 39.22
N MET D 807 -43.07 -1.11 39.07
CA MET D 807 -43.80 -1.93 38.13
C MET D 807 -45.23 -2.14 38.61
N LYS D 808 -45.81 -1.07 39.14
CA LYS D 808 -47.16 -1.07 39.69
C LYS D 808 -47.77 0.29 39.40
N ARG D 809 -47.10 1.05 38.55
CA ARG D 809 -47.58 2.36 38.14
C ARG D 809 -47.69 2.36 36.63
N GLN D 810 -48.75 2.98 36.13
CA GLN D 810 -48.91 3.15 34.70
C GLN D 810 -47.61 3.67 34.10
N PRO D 811 -47.39 3.41 32.80
CA PRO D 811 -46.12 3.85 32.22
C PRO D 811 -46.07 5.36 32.07
N ARG D 812 -44.91 5.96 32.35
CA ARG D 812 -44.75 7.40 32.14
C ARG D 812 -45.31 7.83 30.80
N ASN D 813 -45.41 9.14 30.61
CA ASN D 813 -46.15 9.68 29.49
C ASN D 813 -45.42 10.76 28.69
N PRO D 814 -44.54 10.35 27.79
CA PRO D 814 -43.72 11.15 26.88
C PRO D 814 -44.06 12.64 26.82
N LYS D 815 -45.33 13.00 26.72
CA LYS D 815 -45.75 14.39 26.54
C LYS D 815 -45.73 15.16 27.86
N THR D 816 -46.43 14.65 28.87
CA THR D 816 -46.40 15.23 30.21
C THR D 816 -45.22 14.67 31.00
N ASP D 817 -45.17 14.95 32.30
CA ASP D 817 -44.19 14.35 33.19
C ASP D 817 -42.86 14.08 32.48
N LYS D 818 -42.05 15.11 32.34
CA LYS D 818 -40.79 14.98 31.60
C LYS D 818 -39.68 14.58 32.55
N LEU D 819 -38.47 14.45 32.01
CA LEU D 819 -37.32 14.08 32.84
C LEU D 819 -37.02 15.26 33.74
N VAL D 820 -36.78 16.40 33.11
CA VAL D 820 -36.53 17.65 33.84
C VAL D 820 -37.73 18.59 33.69
N ASN D 821 -38.19 19.15 34.80
CA ASN D 821 -39.35 20.03 34.73
C ASN D 821 -39.48 21.18 35.77
N GLU D 822 -40.54 21.95 35.58
CA GLU D 822 -40.84 23.11 36.40
C GLU D 822 -40.56 22.75 37.85
N GLN D 823 -41.28 21.77 38.37
CA GLN D 823 -41.19 21.40 39.77
C GLN D 823 -39.77 21.02 40.18
N LEU D 824 -38.91 20.62 39.23
CA LEU D 824 -37.52 20.31 39.59
C LEU D 824 -36.61 21.51 39.57
N ILE D 825 -36.62 22.26 38.49
CA ILE D 825 -35.77 23.45 38.44
C ILE D 825 -36.09 24.39 39.62
N SER D 826 -37.37 24.45 39.97
CA SER D 826 -37.87 25.18 41.13
C SER D 826 -37.15 24.79 42.41
N MET D 827 -36.29 23.78 42.30
CA MET D 827 -35.69 23.12 43.46
C MET D 827 -34.19 23.16 43.44
N ALA D 828 -33.57 22.79 42.34
CA ALA D 828 -32.12 22.81 42.26
C ALA D 828 -31.61 24.24 42.12
N TYR D 829 -32.45 25.08 41.53
CA TYR D 829 -32.12 26.47 41.25
C TYR D 829 -32.82 27.39 42.27
N GLY D 830 -34.15 27.40 42.27
CA GLY D 830 -34.91 28.26 43.16
C GLY D 830 -34.73 28.04 44.66
N GLN D 831 -34.38 26.83 45.08
CA GLN D 831 -34.31 26.52 46.50
C GLN D 831 -32.93 26.01 46.96
N ILE D 832 -32.78 24.72 47.18
CA ILE D 832 -31.50 24.15 47.62
C ILE D 832 -30.29 24.84 46.96
N GLY D 833 -30.49 25.43 45.78
CA GLY D 833 -29.42 26.12 45.07
C GLY D 833 -28.99 27.42 45.72
N MET D 834 -29.97 28.23 46.12
CA MET D 834 -29.69 29.46 46.87
C MET D 834 -29.00 29.14 48.18
N ILE D 835 -29.67 28.36 49.02
CA ILE D 835 -29.10 27.97 50.31
C ILE D 835 -27.64 27.54 50.19
N GLN D 836 -27.28 26.92 49.08
CA GLN D 836 -25.90 26.50 48.87
C GLN D 836 -24.95 27.69 48.72
N ALA D 837 -25.50 28.81 48.27
CA ALA D 837 -24.70 30.00 48.01
C ALA D 837 -24.58 30.87 49.26
N LEU D 838 -25.71 31.08 49.93
CA LEU D 838 -25.71 31.76 51.20
C LEU D 838 -24.61 31.18 52.06
N GLY D 839 -24.34 29.90 51.90
CA GLY D 839 -23.28 29.28 52.67
C GLY D 839 -21.93 29.46 52.02
N GLY D 840 -21.93 29.75 50.73
CA GLY D 840 -20.69 29.83 49.97
C GLY D 840 -20.06 31.20 50.06
N PHE D 841 -20.92 32.21 50.05
CA PHE D 841 -20.51 33.58 50.32
C PHE D 841 -20.05 33.73 51.76
N PHE D 842 -20.92 33.32 52.69
CA PHE D 842 -20.70 33.49 54.13
C PHE D 842 -19.26 33.29 54.60
N THR D 843 -18.51 32.47 53.87
CA THR D 843 -17.17 32.13 54.29
C THR D 843 -16.13 33.00 53.61
N TYR D 844 -16.45 33.42 52.38
CA TYR D 844 -15.70 34.46 51.70
C TYR D 844 -15.77 35.69 52.56
N PHE D 845 -16.94 35.91 53.15
CA PHE D 845 -17.12 37.00 54.07
C PHE D 845 -16.34 36.80 55.36
N VAL D 846 -16.01 35.55 55.68
CA VAL D 846 -15.22 35.25 56.87
C VAL D 846 -13.72 35.21 56.59
N ILE D 847 -13.32 34.59 55.48
CA ILE D 847 -11.93 34.60 55.04
C ILE D 847 -11.36 36.03 54.99
N LEU D 848 -12.19 37.00 54.58
CA LEU D 848 -11.69 38.35 54.39
C LEU D 848 -11.69 39.19 55.67
N ALA D 849 -12.73 39.10 56.49
CA ALA D 849 -12.74 39.85 57.75
C ALA D 849 -11.77 39.27 58.77
N GLU D 850 -11.71 37.94 58.88
CA GLU D 850 -10.71 37.30 59.74
C GLU D 850 -9.30 37.64 59.25
N ASN D 851 -9.24 38.38 58.14
CA ASN D 851 -7.99 38.73 57.49
C ASN D 851 -7.94 40.25 57.28
N GLY D 852 -8.92 40.93 57.86
CA GLY D 852 -8.99 42.38 57.80
C GLY D 852 -10.27 42.93 57.18
N PHE D 853 -10.37 42.79 55.87
CA PHE D 853 -11.42 43.44 55.08
C PHE D 853 -12.85 43.16 55.56
N LEU D 854 -13.23 43.73 56.71
CA LEU D 854 -14.60 43.70 57.22
C LEU D 854 -15.56 43.96 56.08
N PRO D 855 -16.62 43.14 55.98
CA PRO D 855 -17.40 43.06 54.75
C PRO D 855 -17.49 44.38 53.96
N ILE D 856 -18.19 45.35 54.52
CA ILE D 856 -18.55 46.54 53.76
C ILE D 856 -17.42 47.24 53.05
N HIS D 857 -16.25 47.31 53.69
CA HIS D 857 -15.12 47.95 53.04
C HIS D 857 -14.69 47.11 51.86
N LEU D 858 -15.62 46.28 51.40
CA LEU D 858 -15.43 45.48 50.20
C LEU D 858 -16.27 46.01 49.04
N LEU D 859 -17.42 46.60 49.37
CA LEU D 859 -18.35 47.07 48.36
C LEU D 859 -17.76 48.16 47.48
N GLY D 860 -16.65 47.85 46.82
CA GLY D 860 -16.13 48.70 45.79
C GLY D 860 -14.78 48.24 45.30
N LEU D 861 -14.03 47.60 46.18
CA LEU D 861 -12.62 47.35 45.97
C LEU D 861 -12.24 46.98 44.57
N ARG D 862 -12.97 46.04 43.99
CA ARG D 862 -12.54 45.44 42.74
C ARG D 862 -11.87 46.47 41.85
N VAL D 863 -12.61 47.51 41.49
CA VAL D 863 -12.12 48.52 40.58
C VAL D 863 -10.63 48.81 40.87
N ASN D 864 -10.32 49.06 42.13
CA ASN D 864 -8.96 49.26 42.58
C ASN D 864 -8.23 47.96 42.88
N TRP D 865 -8.89 47.11 43.66
CA TRP D 865 -8.31 45.85 44.10
C TRP D 865 -7.58 45.15 42.95
N ASP D 866 -8.30 44.85 41.88
CA ASP D 866 -7.74 44.16 40.72
C ASP D 866 -6.58 44.92 40.05
N ASP D 867 -6.28 46.13 40.53
CA ASP D 867 -5.21 46.93 39.94
C ASP D 867 -3.83 46.44 40.38
N ARG D 868 -2.97 46.18 39.39
CA ARG D 868 -1.66 45.58 39.62
C ARG D 868 -0.62 46.61 40.00
N TRP D 869 -1.02 47.87 40.08
CA TRP D 869 -0.10 48.94 40.42
C TRP D 869 -0.44 49.55 41.77
N ILE D 870 -1.72 49.63 42.07
CA ILE D 870 -2.16 50.19 43.35
C ILE D 870 -1.78 49.26 44.51
N ASN D 871 -0.49 49.16 44.77
CA ASN D 871 0.03 48.27 45.81
C ASN D 871 -0.27 48.72 47.21
N ASP D 872 -1.01 49.83 47.33
CA ASP D 872 -1.15 50.51 48.60
C ASP D 872 -2.61 50.73 48.95
N VAL D 873 -3.34 49.66 49.27
CA VAL D 873 -4.77 49.83 49.51
C VAL D 873 -5.22 49.51 50.92
N GLU D 874 -5.92 50.48 51.49
CA GLU D 874 -6.44 50.40 52.85
C GLU D 874 -7.42 49.24 53.02
N ASP D 875 -7.23 48.47 54.09
CA ASP D 875 -8.21 47.46 54.48
C ASP D 875 -9.27 48.09 55.37
N SER D 876 -9.46 47.56 56.57
CA SER D 876 -10.43 48.12 57.53
C SER D 876 -9.74 48.49 58.83
N TYR D 877 -8.43 48.64 58.75
CA TYR D 877 -7.61 48.90 59.92
C TYR D 877 -6.59 49.96 59.57
N GLY D 878 -6.02 49.83 58.39
CA GLY D 878 -5.06 50.79 57.88
C GLY D 878 -4.06 50.05 57.01
N GLN D 879 -3.83 48.80 57.38
CA GLN D 879 -2.87 47.94 56.69
C GLN D 879 -2.93 48.12 55.17
N GLN D 880 -1.76 48.19 54.55
CA GLN D 880 -1.66 48.40 53.11
C GLN D 880 -1.15 47.15 52.41
N TRP D 881 -1.97 46.60 51.51
CA TRP D 881 -1.64 45.34 50.85
C TRP D 881 -1.13 45.62 49.43
N THR D 882 -0.17 44.83 48.98
CA THR D 882 0.34 44.93 47.61
C THR D 882 -0.64 44.24 46.66
N TYR D 883 -0.16 43.71 45.54
CA TYR D 883 -1.02 42.95 44.66
C TYR D 883 -1.03 41.50 45.05
N GLU D 884 0.00 40.79 44.62
CA GLU D 884 0.14 39.38 44.94
C GLU D 884 -0.11 39.13 46.42
N GLN D 885 0.04 40.17 47.24
CA GLN D 885 -0.24 40.05 48.67
C GLN D 885 -1.72 39.79 48.92
N ARG D 886 -2.59 40.60 48.31
CA ARG D 886 -4.02 40.45 48.52
C ARG D 886 -4.65 39.34 47.68
N LYS D 887 -4.20 39.20 46.43
CA LYS D 887 -4.69 38.13 45.57
C LYS D 887 -4.48 36.77 46.24
N ILE D 888 -3.28 36.53 46.74
CA ILE D 888 -2.99 35.32 47.52
C ILE D 888 -4.00 35.17 48.66
N VAL D 889 -4.85 36.16 48.87
CA VAL D 889 -6.00 35.98 49.73
C VAL D 889 -7.29 35.85 48.91
N GLU D 890 -7.33 36.44 47.73
CA GLU D 890 -8.47 36.24 46.83
C GLU D 890 -8.52 34.76 46.51
N PHE D 891 -7.42 34.23 45.98
CA PHE D 891 -7.35 32.81 45.67
C PHE D 891 -7.58 32.01 46.95
N THR D 892 -7.05 32.50 48.05
CA THR D 892 -7.41 31.87 49.30
C THR D 892 -8.92 32.01 49.48
N CYS D 893 -9.58 32.90 48.77
CA CYS D 893 -11.04 32.94 48.94
C CYS D 893 -11.74 31.94 48.05
N HIS D 894 -11.28 31.79 46.80
CA HIS D 894 -11.72 30.69 45.97
C HIS D 894 -11.61 29.41 46.80
N THR D 895 -10.39 28.92 46.93
CA THR D 895 -10.10 27.71 47.67
C THR D 895 -11.10 27.28 48.74
N PRO D 896 -11.76 28.21 49.42
CA PRO D 896 -12.68 27.56 50.35
C PRO D 896 -14.08 28.00 50.08
N PHE D 897 -14.30 28.65 48.97
CA PHE D 897 -15.64 28.73 48.44
C PHE D 897 -15.83 27.34 47.84
N PHE D 898 -14.87 26.99 46.98
CA PHE D 898 -14.72 25.66 46.40
C PHE D 898 -14.88 24.53 47.41
N VAL D 899 -14.91 24.87 48.70
CA VAL D 899 -15.14 23.87 49.73
C VAL D 899 -16.53 23.99 50.34
N THR D 900 -16.86 25.12 50.91
CA THR D 900 -18.22 25.24 51.41
C THR D 900 -19.21 24.71 50.35
N ILE D 901 -18.78 24.69 49.09
CA ILE D 901 -19.56 24.10 48.01
C ILE D 901 -19.53 22.57 48.04
N VAL D 902 -18.34 21.98 48.20
CA VAL D 902 -18.22 20.55 48.43
C VAL D 902 -18.81 20.14 49.78
N VAL D 903 -18.77 21.04 50.75
CA VAL D 903 -19.31 20.68 52.04
C VAL D 903 -20.83 20.70 52.01
N VAL D 904 -21.41 21.64 51.29
CA VAL D 904 -22.86 21.65 51.15
C VAL D 904 -23.36 20.46 50.31
N GLN D 905 -22.56 20.01 49.34
CA GLN D 905 -22.90 18.89 48.44
C GLN D 905 -23.03 17.54 49.14
N TRP D 906 -22.57 17.48 50.39
CA TRP D 906 -22.79 16.31 51.24
C TRP D 906 -24.29 16.25 51.48
N ALA D 907 -24.78 17.24 52.21
CA ALA D 907 -26.22 17.41 52.41
C ALA D 907 -27.01 17.26 51.12
N ASP D 908 -26.42 17.65 50.00
CA ASP D 908 -27.09 17.53 48.73
C ASP D 908 -27.13 16.08 48.25
N LEU D 909 -25.95 15.51 48.04
CA LEU D 909 -25.82 14.13 47.57
C LEU D 909 -26.66 13.18 48.40
N VAL D 910 -27.19 13.64 49.53
CA VAL D 910 -27.94 12.76 50.44
C VAL D 910 -29.45 13.02 50.43
N ILE D 911 -29.85 14.09 49.76
CA ILE D 911 -31.27 14.31 49.60
C ILE D 911 -31.66 14.32 48.12
N CYS D 912 -30.64 14.25 47.26
CA CYS D 912 -30.85 13.92 45.86
C CYS D 912 -30.74 12.41 45.76
N LYS D 913 -30.98 11.76 46.89
CA LYS D 913 -30.89 10.32 46.97
C LYS D 913 -32.30 9.77 46.86
N THR D 914 -33.23 10.39 47.57
CA THR D 914 -34.62 9.95 47.56
C THR D 914 -35.49 11.12 47.16
N ARG D 915 -36.72 10.86 46.73
CA ARG D 915 -37.63 11.95 46.36
C ARG D 915 -38.98 11.82 47.06
N ARG D 916 -39.08 10.88 47.99
CA ARG D 916 -40.29 10.76 48.80
C ARG D 916 -39.99 10.18 50.18
N ASN D 917 -39.03 9.26 50.27
CA ASN D 917 -38.72 8.64 51.54
C ASN D 917 -37.78 9.50 52.39
N SER D 918 -38.10 9.64 53.68
CA SER D 918 -37.12 10.17 54.62
C SER D 918 -35.87 9.33 54.47
N VAL D 919 -34.71 9.88 54.80
CA VAL D 919 -33.49 9.10 54.69
C VAL D 919 -33.45 7.99 55.72
N PHE D 920 -34.32 8.09 56.72
CA PHE D 920 -34.48 7.04 57.74
C PHE D 920 -35.46 5.95 57.31
N GLN D 921 -36.19 6.22 56.24
CA GLN D 921 -37.12 5.26 55.67
C GLN D 921 -36.36 4.45 54.64
N GLN D 922 -35.42 5.09 53.95
CA GLN D 922 -34.67 4.42 52.90
C GLN D 922 -33.25 4.04 53.31
N GLY D 923 -32.70 4.77 54.28
CA GLY D 923 -31.39 4.45 54.82
C GLY D 923 -30.26 4.71 53.85
N MET D 924 -29.04 4.39 54.25
CA MET D 924 -27.87 4.71 53.44
C MET D 924 -27.13 3.50 52.98
N LYS D 925 -27.85 2.51 52.48
CA LYS D 925 -27.25 1.25 52.04
C LYS D 925 -26.46 1.40 50.72
N ASN D 926 -26.36 2.62 50.20
CA ASN D 926 -25.61 2.82 48.96
C ASN D 926 -24.10 2.85 49.17
N LYS D 927 -23.51 1.66 49.21
CA LYS D 927 -22.11 1.50 49.56
C LYS D 927 -21.18 2.06 48.47
N ILE D 928 -21.68 2.98 47.67
CA ILE D 928 -20.90 3.58 46.60
C ILE D 928 -21.02 5.08 46.72
N LEU D 929 -22.26 5.52 46.93
CA LEU D 929 -22.55 6.93 47.12
C LEU D 929 -21.70 7.43 48.27
N ILE D 930 -21.63 6.64 49.34
CA ILE D 930 -20.79 6.96 50.49
C ILE D 930 -19.35 7.18 50.06
N PHE D 931 -18.86 6.33 49.17
CA PHE D 931 -17.52 6.47 48.63
C PHE D 931 -17.36 7.80 47.93
N GLY D 932 -18.33 8.16 47.10
CA GLY D 932 -18.34 9.46 46.44
C GLY D 932 -18.06 10.56 47.44
N LEU D 933 -18.73 10.49 48.58
CA LEU D 933 -18.47 11.40 49.68
C LEU D 933 -16.98 11.39 50.01
N PHE D 934 -16.52 10.36 50.71
CA PHE D 934 -15.12 10.32 51.10
C PHE D 934 -14.17 10.79 50.01
N GLU D 935 -14.41 10.39 48.77
CA GLU D 935 -13.64 10.89 47.64
C GLU D 935 -13.81 12.40 47.55
N GLU D 936 -14.93 12.83 46.96
CA GLU D 936 -15.30 14.23 46.86
C GLU D 936 -14.53 15.09 47.85
N THR D 937 -14.88 14.94 49.12
CA THR D 937 -14.23 15.63 50.23
C THR D 937 -12.69 15.63 50.18
N ALA D 938 -12.10 14.45 50.30
CA ALA D 938 -10.65 14.32 50.34
C ALA D 938 -9.96 14.84 49.08
N LEU D 939 -10.63 14.68 47.95
CA LEU D 939 -10.12 15.24 46.70
C LEU D 939 -9.82 16.70 46.96
N ALA D 940 -10.83 17.41 47.45
CA ALA D 940 -10.73 18.83 47.74
C ALA D 940 -9.48 19.14 48.53
N ALA D 941 -9.43 18.58 49.73
CA ALA D 941 -8.25 18.66 50.57
C ALA D 941 -6.99 18.57 49.71
N PHE D 942 -6.79 17.43 49.04
CA PHE D 942 -5.60 17.21 48.23
C PHE D 942 -5.41 18.36 47.25
N LEU D 943 -6.52 18.79 46.68
CA LEU D 943 -6.51 19.88 45.74
C LEU D 943 -6.11 21.18 46.43
N SER D 944 -5.78 21.11 47.71
CA SER D 944 -5.56 22.32 48.49
C SER D 944 -4.32 22.27 49.39
N TYR D 945 -3.62 21.14 49.42
CA TYR D 945 -2.54 21.00 50.36
C TYR D 945 -1.29 20.49 49.69
N CYS D 946 -1.46 19.86 48.54
CA CYS D 946 -0.33 19.43 47.77
C CYS D 946 0.49 20.65 47.40
N PRO D 947 1.80 20.58 47.62
CA PRO D 947 2.72 21.59 47.11
C PRO D 947 2.57 21.68 45.59
N GLY D 948 1.70 22.57 45.13
CA GLY D 948 1.49 22.74 43.71
C GLY D 948 0.16 23.36 43.34
N MET D 949 -0.90 22.85 43.93
CA MET D 949 -2.25 23.28 43.56
C MET D 949 -2.41 24.81 43.60
N GLY D 950 -1.57 25.48 44.39
CA GLY D 950 -1.59 26.92 44.46
C GLY D 950 -1.07 27.55 43.18
N VAL D 951 0.16 27.18 42.81
CA VAL D 951 0.82 27.69 41.61
C VAL D 951 0.18 27.16 40.32
N ALA D 952 -0.70 26.18 40.45
CA ALA D 952 -1.35 25.58 39.30
C ALA D 952 -2.82 25.97 39.17
N LEU D 953 -3.51 26.09 40.31
CA LEU D 953 -4.96 26.25 40.31
C LEU D 953 -5.53 27.43 41.11
N ARG D 954 -4.66 28.30 41.62
CA ARG D 954 -5.08 29.26 42.64
C ARG D 954 -5.80 28.49 43.74
N MET D 955 -5.11 27.49 44.27
CA MET D 955 -5.61 26.71 45.39
C MET D 955 -4.59 26.79 46.51
N TYR D 956 -4.97 27.42 47.61
CA TYR D 956 -4.05 27.60 48.71
C TYR D 956 -4.54 26.91 49.96
N PRO D 957 -3.60 26.33 50.72
CA PRO D 957 -3.90 25.58 51.94
C PRO D 957 -4.87 26.35 52.85
N LEU D 958 -5.72 25.64 53.58
CA LEU D 958 -6.67 26.29 54.49
C LEU D 958 -6.34 26.05 55.96
N LYS D 959 -6.96 26.85 56.82
CA LYS D 959 -6.72 26.76 58.26
C LYS D 959 -7.88 26.04 58.93
N PRO D 960 -7.60 25.00 59.72
CA PRO D 960 -8.66 24.23 60.38
C PRO D 960 -10.00 24.95 60.51
N THR D 961 -10.12 25.91 61.40
CA THR D 961 -11.37 26.66 61.52
C THR D 961 -12.10 26.94 60.19
N TRP D 962 -11.36 26.97 59.09
CA TRP D 962 -11.86 27.33 57.76
C TRP D 962 -12.92 26.40 57.13
N TRP D 963 -12.77 25.10 57.33
CA TRP D 963 -13.60 24.10 56.62
C TRP D 963 -15.06 24.07 57.09
N PHE D 964 -15.23 24.20 58.40
CA PHE D 964 -16.52 24.07 59.05
C PHE D 964 -17.49 25.23 58.82
N CYS D 965 -17.19 26.10 57.87
CA CYS D 965 -18.06 27.22 57.60
C CYS D 965 -19.43 26.74 57.16
N ALA D 966 -19.49 26.25 55.94
CA ALA D 966 -20.77 25.92 55.34
C ALA D 966 -21.63 25.04 56.22
N PHE D 967 -21.01 24.37 57.19
CA PHE D 967 -21.69 23.36 58.03
C PHE D 967 -23.15 23.60 58.45
N PRO D 968 -23.43 24.72 59.14
CA PRO D 968 -24.83 25.01 59.48
C PRO D 968 -25.68 25.01 58.22
N TYR D 969 -25.08 25.44 57.12
CA TYR D 969 -25.72 25.52 55.83
C TYR D 969 -25.95 24.15 55.19
N SER D 970 -24.96 23.27 55.22
CA SER D 970 -25.21 21.89 54.80
C SER D 970 -26.37 21.35 55.59
N LEU D 971 -26.24 21.39 56.91
CA LEU D 971 -27.29 20.91 57.79
C LEU D 971 -28.66 21.62 57.66
N LEU D 972 -28.70 22.84 57.12
CA LEU D 972 -29.99 23.49 56.78
C LEU D 972 -30.60 22.79 55.55
N ILE D 973 -29.96 22.98 54.41
CA ILE D 973 -30.21 22.18 53.24
C ILE D 973 -30.80 20.84 53.65
N PHE D 974 -30.11 20.12 54.53
CA PHE D 974 -30.52 18.79 54.96
C PHE D 974 -31.87 18.83 55.62
N VAL D 975 -32.02 19.66 56.63
CA VAL D 975 -33.27 19.66 57.37
C VAL D 975 -34.43 20.19 56.56
N TYR D 976 -34.18 21.19 55.70
CA TYR D 976 -35.25 21.68 54.83
C TYR D 976 -35.84 20.54 53.99
N ASP D 977 -34.98 19.84 53.26
CA ASP D 977 -35.45 18.78 52.36
C ASP D 977 -36.25 17.69 53.08
N GLU D 978 -35.81 17.32 54.28
CA GLU D 978 -36.49 16.27 55.00
C GLU D 978 -37.91 16.67 55.32
N VAL D 979 -38.08 17.92 55.70
CA VAL D 979 -39.39 18.43 56.06
C VAL D 979 -40.32 18.56 54.84
N ARG D 980 -39.75 18.71 53.66
CA ARG D 980 -40.57 18.72 52.45
C ARG D 980 -41.28 17.41 52.35
N LYS D 981 -40.47 16.38 52.19
CA LYS D 981 -40.94 15.04 51.94
C LYS D 981 -42.03 14.65 52.93
N LEU D 982 -41.81 14.97 54.19
CA LEU D 982 -42.82 14.70 55.19
C LEU D 982 -44.15 15.21 54.73
N ILE D 983 -44.21 16.52 54.61
CA ILE D 983 -45.43 17.21 54.20
C ILE D 983 -46.13 16.36 53.17
N ILE D 984 -45.49 16.25 52.02
CA ILE D 984 -46.00 15.45 50.94
C ILE D 984 -46.64 14.20 51.53
N ARG D 985 -45.83 13.33 52.13
CA ARG D 985 -46.34 12.05 52.64
C ARG D 985 -47.50 12.18 53.63
N ARG D 986 -47.73 13.39 54.12
CA ARG D 986 -48.85 13.64 55.03
C ARG D 986 -50.01 14.25 54.25
N ARG D 987 -49.69 15.00 53.20
CA ARG D 987 -50.69 15.51 52.30
C ARG D 987 -50.21 15.25 50.90
N PRO D 988 -50.68 14.16 50.29
CA PRO D 988 -50.08 13.74 49.01
C PRO D 988 -50.68 14.50 47.81
N GLY D 989 -51.80 15.18 48.00
CA GLY D 989 -52.41 15.92 46.90
C GLY D 989 -52.18 17.40 47.09
N GLY D 990 -51.66 17.72 48.29
CA GLY D 990 -51.51 19.08 48.76
C GLY D 990 -50.51 19.92 48.00
N TRP D 991 -50.41 21.19 48.38
CA TRP D 991 -49.64 22.13 47.60
C TRP D 991 -48.17 21.76 47.46
N VAL D 992 -47.55 21.32 48.54
CA VAL D 992 -46.11 21.09 48.52
C VAL D 992 -45.75 20.15 47.41
N GLU D 993 -46.46 19.02 47.32
CA GLU D 993 -46.14 17.98 46.35
C GLU D 993 -46.18 18.55 44.96
N LYS D 994 -47.23 19.29 44.65
CA LYS D 994 -47.39 19.88 43.32
C LYS D 994 -46.13 20.67 42.99
N GLU D 995 -45.49 21.17 44.03
CA GLU D 995 -44.41 22.12 43.87
C GLU D 995 -42.99 21.55 44.01
N THR D 996 -42.80 20.52 44.82
CA THR D 996 -41.46 19.97 44.94
C THR D 996 -41.24 18.56 44.39
N TYR D 997 -42.29 17.74 44.30
CA TYR D 997 -42.12 16.39 43.79
C TYR D 997 -41.73 16.51 42.33
N TYR D 998 -40.47 16.27 41.99
CA TYR D 998 -40.05 16.46 40.62
C TYR D 998 -41.15 15.98 39.69
N ASN E 1 -47.17 25.83 21.71
CA ASN E 1 -46.70 27.12 21.21
C ASN E 1 -47.57 28.26 21.67
N SER E 2 -48.41 27.95 22.64
CA SER E 2 -49.16 28.96 23.38
C SER E 2 -49.16 28.56 24.86
N GLU E 3 -48.78 29.50 25.73
CA GLU E 3 -48.80 29.23 27.17
C GLU E 3 -50.22 28.90 27.56
N LYS E 4 -51.14 29.66 26.98
CA LYS E 4 -52.56 29.53 27.25
C LYS E 4 -53.21 28.30 26.53
N LYS E 5 -54.42 27.84 26.89
CA LYS E 5 -55.32 28.43 27.91
C LYS E 5 -56.66 27.71 27.93
N GLU E 6 -57.70 28.43 28.37
CA GLU E 6 -59.09 28.00 28.30
C GLU E 6 -59.26 26.52 28.60
N PHE E 7 -59.03 25.68 27.60
CA PHE E 7 -58.96 24.24 27.78
C PHE E 7 -57.97 23.95 28.92
N LEU E 8 -57.38 25.02 29.44
CA LEU E 8 -56.33 24.95 30.45
C LEU E 8 -56.66 25.86 31.65
N GLY E 9 -56.29 27.13 31.53
CA GLY E 9 -56.41 28.11 32.61
C GLY E 9 -55.12 28.92 32.72
N ARG E 10 -54.34 28.93 31.65
CA ARG E 10 -53.01 29.57 31.61
C ARG E 10 -51.98 28.72 32.34
N THR E 11 -50.80 29.29 32.62
CA THR E 11 -49.71 28.54 33.25
C THR E 11 -50.03 28.16 34.72
N GLY E 12 -50.55 29.13 35.49
CA GLY E 12 -51.15 28.81 36.77
C GLY E 12 -52.44 29.56 37.10
N GLY E 13 -52.50 30.80 36.64
CA GLY E 13 -53.51 31.73 37.13
C GLY E 13 -53.44 31.86 38.65
N SER E 14 -52.23 32.08 39.18
CA SER E 14 -51.88 31.99 40.62
C SER E 14 -50.97 30.78 40.97
N TRP E 15 -49.65 30.92 40.87
CA TRP E 15 -48.91 32.17 40.61
C TRP E 15 -48.75 33.08 41.82
N PHE E 16 -49.86 33.49 42.41
CA PHE E 16 -49.83 34.19 43.68
C PHE E 16 -48.96 33.43 44.68
N LYS E 17 -49.43 32.26 45.12
CA LYS E 17 -48.63 31.34 45.92
C LYS E 17 -47.25 31.08 45.30
N ILE E 18 -47.24 30.50 44.11
CA ILE E 18 -45.99 30.14 43.44
C ILE E 18 -44.92 31.23 43.52
N LEU E 19 -45.32 32.50 43.65
CA LEU E 19 -44.37 33.62 43.79
C LEU E 19 -44.31 34.22 45.19
N LEU E 20 -45.45 34.57 45.79
CA LEU E 20 -45.45 35.05 47.16
C LEU E 20 -44.63 34.14 48.07
N PHE E 21 -44.87 32.85 48.00
CA PHE E 21 -44.09 31.93 48.83
C PHE E 21 -42.68 31.72 48.29
N TYR E 22 -42.07 32.86 48.01
CA TYR E 22 -40.73 32.95 47.47
C TYR E 22 -40.05 34.22 47.99
N VAL E 23 -40.86 35.25 48.23
CA VAL E 23 -40.38 36.36 49.03
C VAL E 23 -40.14 35.79 50.42
N ILE E 24 -41.20 35.35 51.08
CA ILE E 24 -41.06 34.65 52.33
C ILE E 24 -39.77 33.83 52.33
N PHE E 25 -39.63 32.88 51.41
CA PHE E 25 -38.41 32.10 51.35
C PHE E 25 -37.18 32.99 51.29
N TYR E 26 -36.97 33.60 50.13
CA TYR E 26 -35.78 34.43 49.92
C TYR E 26 -35.47 35.44 51.03
N GLY E 27 -36.48 35.84 51.81
CA GLY E 27 -36.25 36.71 52.95
C GLY E 27 -35.83 35.94 54.20
N CYS E 28 -36.72 35.04 54.64
CA CYS E 28 -36.35 34.09 55.68
C CYS E 28 -34.96 33.55 55.41
N LEU E 29 -34.62 33.35 54.14
CA LEU E 29 -33.25 33.02 53.79
C LEU E 29 -32.36 34.23 54.00
N ALA E 30 -32.66 35.34 53.35
CA ALA E 30 -31.85 36.53 53.48
C ALA E 30 -31.49 36.80 54.94
N GLY E 31 -32.50 36.87 55.80
CA GLY E 31 -32.29 37.11 57.21
C GLY E 31 -31.27 36.16 57.80
N ILE E 32 -31.56 34.87 57.71
CA ILE E 32 -30.66 33.79 58.16
C ILE E 32 -29.20 33.98 57.70
N PHE E 33 -29.01 34.64 56.57
CA PHE E 33 -27.67 34.97 56.11
C PHE E 33 -27.18 36.15 56.93
N ILE E 34 -28.03 37.18 57.02
CA ILE E 34 -27.74 38.38 57.80
C ILE E 34 -27.31 38.07 59.22
N GLY E 35 -28.14 37.33 59.93
CA GLY E 35 -27.78 36.85 61.25
C GLY E 35 -26.39 36.20 61.23
N THR E 36 -26.31 35.01 60.65
CA THR E 36 -25.05 34.28 60.61
C THR E 36 -23.85 35.12 60.16
N ILE E 37 -24.09 36.22 59.48
CA ILE E 37 -22.98 37.06 59.06
C ILE E 37 -22.75 38.17 60.09
N GLN E 38 -23.73 38.37 60.95
CA GLN E 38 -23.59 39.32 62.06
C GLN E 38 -22.92 38.66 63.27
N VAL E 39 -23.40 37.50 63.68
CA VAL E 39 -22.75 36.72 64.73
C VAL E 39 -21.38 36.23 64.27
N MET E 40 -21.20 36.09 62.97
CA MET E 40 -19.88 35.78 62.44
C MET E 40 -19.00 36.89 62.93
N LEU E 41 -19.60 38.07 63.04
CA LEU E 41 -18.89 39.27 63.43
C LEU E 41 -18.96 39.57 64.93
N LEU E 42 -18.65 38.59 65.75
CA LEU E 42 -18.63 38.80 67.17
C LEU E 42 -17.29 38.49 67.83
N THR E 43 -16.15 38.55 67.13
CA THR E 43 -16.02 38.84 65.73
C THR E 43 -14.58 38.49 65.42
N ILE E 44 -13.78 39.54 65.44
CA ILE E 44 -12.36 39.50 65.27
C ILE E 44 -11.88 40.84 65.82
N SER E 45 -11.68 40.88 67.14
CA SER E 45 -11.45 42.11 67.91
C SER E 45 -11.41 43.42 67.11
N GLU E 46 -12.16 44.39 67.61
CA GLU E 46 -12.37 45.66 66.94
C GLU E 46 -11.08 46.39 66.54
N PHE E 47 -9.94 45.94 67.04
CA PHE E 47 -8.74 46.75 66.95
C PHE E 47 -7.62 46.12 66.12
N LYS E 48 -7.51 44.80 66.17
CA LYS E 48 -6.51 44.09 65.40
C LYS E 48 -7.17 43.12 64.43
N PRO E 49 -6.38 42.60 63.46
CA PRO E 49 -6.86 41.52 62.60
C PRO E 49 -7.03 40.23 63.41
N THR E 50 -7.10 39.09 62.74
CA THR E 50 -7.12 37.82 63.46
C THR E 50 -5.97 37.00 62.91
N TYR E 51 -5.62 37.30 61.66
CA TYR E 51 -4.51 36.68 60.98
C TYR E 51 -3.73 37.81 60.36
N GLN E 52 -2.41 37.71 60.31
CA GLN E 52 -1.63 38.80 59.74
C GLN E 52 -0.52 38.33 58.81
N ASP E 53 -0.29 37.02 58.76
CA ASP E 53 0.77 36.44 57.94
C ASP E 53 0.65 36.80 56.46
N ARG E 54 -0.53 37.27 56.06
CA ARG E 54 -0.79 37.54 54.65
C ARG E 54 -0.38 38.94 54.25
N VAL E 55 0.18 39.69 55.20
CA VAL E 55 0.68 41.06 54.94
C VAL E 55 2.13 41.18 55.35
N ALA E 56 2.67 40.14 55.98
CA ALA E 56 4.05 40.13 56.46
C ALA E 56 5.04 40.48 55.34
N PRO E 57 6.36 40.29 55.57
CA PRO E 57 7.33 41.04 54.77
C PRO E 57 6.75 42.11 53.86
N PRO E 58 6.19 43.18 54.44
CA PRO E 58 5.52 44.28 53.72
C PRO E 58 6.38 44.86 52.61
N GLY E 59 5.74 45.52 51.64
CA GLY E 59 6.43 46.01 50.47
C GLY E 59 6.51 47.52 50.35
N LEU E 60 7.37 47.98 49.43
CA LEU E 60 7.63 49.41 49.29
C LEU E 60 6.76 50.07 48.22
N THR E 61 5.71 50.76 48.66
CA THR E 61 4.89 51.55 47.76
C THR E 61 5.59 52.89 47.44
N GLN E 62 4.90 53.79 46.76
CA GLN E 62 5.48 55.07 46.37
C GLN E 62 4.47 56.20 46.36
N ILE E 63 4.82 57.29 45.67
CA ILE E 63 3.92 58.43 45.53
C ILE E 63 3.78 58.94 44.09
N PRO E 64 4.48 58.29 43.14
CA PRO E 64 4.00 58.43 41.76
C PRO E 64 3.08 57.28 41.38
N GLN E 65 1.78 57.48 41.52
CA GLN E 65 0.77 56.54 41.05
C GLN E 65 1.20 55.94 39.71
N SER E 66 1.83 54.78 39.75
CA SER E 66 2.50 54.24 38.59
C SER E 66 1.57 53.87 37.43
N GLN E 67 1.81 54.46 36.27
CA GLN E 67 1.07 54.10 35.08
C GLN E 67 1.32 52.63 34.81
N LYS E 68 2.60 52.26 34.79
CA LYS E 68 3.03 50.88 34.61
C LYS E 68 4.37 50.72 35.32
N THR E 69 4.42 51.21 36.55
CA THR E 69 5.67 51.42 37.28
C THR E 69 6.61 52.32 36.49
N GLU E 70 6.11 53.44 35.98
CA GLU E 70 6.96 54.34 35.21
C GLU E 70 6.45 55.76 34.99
N ILE E 71 7.40 56.63 34.64
CA ILE E 71 7.22 58.07 34.57
C ILE E 71 7.90 58.62 33.32
N SER E 72 7.10 59.00 32.31
CA SER E 72 7.64 59.52 31.05
C SER E 72 7.09 60.91 30.73
N PHE E 73 7.95 61.92 30.87
CA PHE E 73 7.56 63.29 30.61
C PHE E 73 8.71 64.14 30.07
N ARG E 74 8.38 65.31 29.53
CA ARG E 74 9.39 66.26 29.06
C ARG E 74 9.43 67.48 29.97
N PRO E 75 10.64 68.02 30.21
CA PRO E 75 10.76 69.30 30.91
C PRO E 75 9.85 70.33 30.26
N ASN E 76 9.71 70.22 28.94
CA ASN E 76 8.85 71.11 28.17
C ASN E 76 7.41 71.06 28.64
N ASP E 77 6.60 70.23 27.98
CA ASP E 77 5.17 70.15 28.22
C ASP E 77 4.81 70.31 29.69
N PRO E 78 4.29 71.49 30.07
CA PRO E 78 3.76 71.73 31.41
C PRO E 78 2.54 70.87 31.67
N GLN E 79 2.17 70.05 30.69
CA GLN E 79 1.08 69.10 30.86
C GLN E 79 1.66 67.70 31.03
N SER E 80 2.93 67.55 30.70
CA SER E 80 3.57 66.23 30.68
C SER E 80 3.85 65.67 32.08
N TYR E 81 4.01 66.55 33.06
CA TYR E 81 4.23 66.10 34.43
C TYR E 81 3.05 66.36 35.37
N GLU E 82 1.87 66.59 34.78
CA GLU E 82 0.66 66.84 35.54
C GLU E 82 0.21 65.62 36.32
N SER E 83 0.09 64.50 35.63
CA SER E 83 -0.36 63.26 36.26
C SER E 83 0.45 62.93 37.51
N TYR E 84 1.70 63.36 37.52
CA TYR E 84 2.61 63.04 38.62
C TYR E 84 2.50 64.08 39.72
N VAL E 85 2.28 65.33 39.33
CA VAL E 85 2.26 66.43 40.27
C VAL E 85 0.95 66.56 41.07
N VAL E 86 -0.18 66.40 40.39
CA VAL E 86 -1.47 66.52 41.05
C VAL E 86 -1.68 65.39 42.07
N SER E 87 -1.08 64.24 41.81
CA SER E 87 -1.21 63.07 42.69
C SER E 87 -0.22 63.09 43.87
N ILE E 88 0.97 63.64 43.64
CA ILE E 88 1.85 63.98 44.76
C ILE E 88 1.09 64.96 45.64
N VAL E 89 0.61 66.03 45.01
CA VAL E 89 -0.30 66.99 45.63
C VAL E 89 -1.35 66.27 46.47
N ARG E 90 -1.81 65.12 45.97
CA ARG E 90 -2.83 64.34 46.63
C ARG E 90 -2.40 63.92 48.04
N PHE E 91 -1.26 63.23 48.11
CA PHE E 91 -0.85 62.56 49.35
C PHE E 91 -0.16 63.48 50.34
N LEU E 92 0.59 64.45 49.84
CA LEU E 92 1.33 65.36 50.71
C LEU E 92 0.43 66.40 51.35
N GLU E 93 -0.71 66.67 50.72
CA GLU E 93 -1.66 67.65 51.23
C GLU E 93 -2.25 67.24 52.58
N LYS E 94 -2.08 65.97 52.92
CA LYS E 94 -2.56 65.41 54.18
C LYS E 94 -1.52 65.70 55.26
N TYR E 95 -0.51 66.48 54.88
CA TYR E 95 0.66 66.70 55.74
C TYR E 95 0.90 68.16 56.15
N LYS E 96 0.28 69.09 55.43
CA LYS E 96 0.46 70.51 55.74
C LYS E 96 0.39 70.79 57.24
N ASP E 97 1.31 71.61 57.72
CA ASP E 97 1.42 71.88 59.15
C ASP E 97 0.18 72.57 59.67
N LEU E 98 -0.67 73.02 58.75
CA LEU E 98 -1.93 73.66 59.09
C LEU E 98 -2.92 72.64 59.65
N ALA E 99 -2.75 71.37 59.26
CA ALA E 99 -3.61 70.27 59.71
C ALA E 99 -3.06 69.57 60.96
N GLN E 100 -1.74 69.38 61.00
CA GLN E 100 -1.06 68.89 62.21
C GLN E 100 -1.09 69.97 63.29
N LYS E 101 -2.05 69.86 64.20
CA LYS E 101 -2.29 70.94 65.15
C LYS E 101 -2.44 70.51 66.61
N ASP E 102 -1.61 71.11 67.46
CA ASP E 102 -1.67 70.97 68.91
C ASP E 102 -1.19 69.63 69.46
N ASP E 103 -0.78 69.63 70.72
CA ASP E 103 -0.33 68.41 71.41
C ASP E 103 -1.46 67.37 71.38
N MET E 104 -2.63 67.81 70.93
CA MET E 104 -3.68 66.91 70.52
C MET E 104 -4.06 67.31 69.10
N ILE E 105 -4.16 66.33 68.20
CA ILE E 105 -4.09 64.91 68.55
C ILE E 105 -2.68 64.32 68.43
N PHE E 106 -1.75 65.10 67.89
CA PHE E 106 -0.38 64.64 67.65
C PHE E 106 0.51 64.92 68.85
N GLU E 107 1.81 64.95 68.60
CA GLU E 107 2.80 65.35 69.58
C GLU E 107 4.18 65.34 68.93
N ASP E 108 4.87 66.49 68.95
CA ASP E 108 6.19 66.59 68.36
C ASP E 108 7.14 65.55 68.96
N CYS E 109 8.00 64.99 68.12
CA CYS E 109 9.03 64.06 68.58
C CYS E 109 10.39 64.28 67.93
N GLY E 110 11.41 63.63 68.49
CA GLY E 110 12.79 63.89 68.15
C GLY E 110 13.11 64.17 66.69
N ASN E 111 13.69 65.35 66.44
CA ASN E 111 14.24 65.65 65.12
C ASN E 111 15.36 64.66 64.79
N VAL E 112 15.69 63.82 65.76
CA VAL E 112 16.60 62.71 65.56
C VAL E 112 15.82 61.42 65.80
N PRO E 113 16.15 60.37 65.04
CA PRO E 113 15.48 59.07 65.15
C PRO E 113 15.49 58.53 66.58
N SER E 114 14.30 58.39 67.18
CA SER E 114 14.19 57.99 68.58
C SER E 114 13.93 56.49 68.79
N GLU E 115 13.44 56.14 69.97
CA GLU E 115 13.23 54.74 70.33
C GLU E 115 11.88 54.25 69.82
N LEU E 116 11.44 53.09 70.30
CA LEU E 116 10.18 52.48 69.83
C LEU E 116 9.00 52.76 70.76
N LYS E 117 8.34 53.89 70.56
CA LYS E 117 7.30 54.34 71.49
C LYS E 117 6.07 53.44 71.37
N GLU E 118 5.95 52.50 72.29
CA GLU E 118 4.81 51.59 72.30
C GLU E 118 3.59 52.17 73.03
N ARG E 119 3.00 53.21 72.43
CA ARG E 119 1.81 53.92 72.94
C ARG E 119 1.02 53.26 74.09
N GLY E 120 0.82 51.95 74.02
CA GLY E 120 0.13 51.21 75.07
C GLY E 120 -0.44 49.89 74.61
N GLU E 121 -1.39 49.33 75.37
CA GLU E 121 -2.08 48.10 74.96
C GLU E 121 -3.20 48.43 73.97
N TYR E 122 -3.48 47.49 73.06
CA TYR E 122 -4.48 47.71 72.02
C TYR E 122 -5.90 47.72 72.56
N ASN E 123 -6.03 47.97 73.86
CA ASN E 123 -7.33 48.13 74.49
C ASN E 123 -7.93 49.49 74.14
N ASN E 124 -9.22 49.64 74.41
CA ASN E 124 -9.91 50.89 74.15
C ASN E 124 -9.72 51.87 75.30
N GLU E 125 -8.90 51.47 76.27
CA GLU E 125 -8.69 52.25 77.50
C GLU E 125 -8.28 53.70 77.24
N ARG E 126 -7.19 53.92 76.51
CA ARG E 126 -6.89 55.26 76.00
C ARG E 126 -7.67 55.49 74.70
N GLY E 127 -8.27 56.67 74.56
CA GLY E 127 -9.01 57.00 73.35
C GLY E 127 -8.08 57.18 72.16
N GLU E 128 -8.43 58.11 71.28
CA GLU E 128 -7.57 58.43 70.14
C GLU E 128 -6.12 58.51 70.59
N ARG E 129 -5.39 57.41 70.48
CA ARG E 129 -3.99 57.39 70.89
C ARG E 129 -3.15 58.41 70.13
N LYS E 130 -2.14 58.94 70.80
CA LYS E 130 -1.37 60.04 70.24
C LYS E 130 -0.34 59.59 69.21
N VAL E 131 0.11 60.53 68.38
CA VAL E 131 0.79 60.21 67.13
C VAL E 131 2.00 61.08 66.78
N CYS E 132 3.19 60.58 67.07
CA CYS E 132 4.41 61.30 66.70
C CYS E 132 4.37 61.67 65.21
N ARG E 133 4.43 62.97 64.93
CA ARG E 133 4.23 63.49 63.58
C ARG E 133 5.51 63.74 62.78
N SER E 134 5.34 64.31 61.59
CA SER E 134 6.40 64.43 60.60
C SER E 134 6.09 65.62 59.70
N ARG E 135 7.07 66.53 59.55
CA ARG E 135 6.87 67.76 58.79
C ARG E 135 7.40 67.63 57.36
N LEU E 136 6.63 68.15 56.40
CA LEU E 136 6.99 68.04 54.99
C LEU E 136 8.38 68.61 54.72
N GLU E 137 8.96 69.21 55.76
CA GLU E 137 10.20 69.97 55.65
C GLU E 137 11.45 69.10 55.69
N TRP E 138 11.30 67.79 55.86
CA TRP E 138 12.42 66.86 55.78
C TRP E 138 12.55 66.38 54.34
N LEU E 139 12.10 67.21 53.41
CA LEU E 139 12.09 66.84 52.00
C LEU E 139 13.01 67.69 51.14
N GLY E 140 14.23 67.19 50.93
CA GLY E 140 15.24 67.94 50.19
C GLY E 140 14.76 68.51 48.87
N ASN E 141 14.76 69.85 48.79
CA ASN E 141 14.30 70.56 47.60
C ASN E 141 13.10 69.88 46.94
N CYS E 142 12.28 69.23 47.77
CA CYS E 142 10.98 68.68 47.36
C CYS E 142 9.88 69.29 48.22
N SER E 143 9.95 70.62 48.38
CA SER E 143 8.99 71.41 49.16
C SER E 143 9.35 72.91 49.13
N GLY E 144 8.33 73.74 49.26
CA GLY E 144 8.47 75.19 49.24
C GLY E 144 7.11 75.83 49.46
N LEU E 145 6.93 77.04 48.94
CA LEU E 145 5.64 77.73 49.03
C LEU E 145 5.14 78.15 47.64
N ASN E 146 4.17 77.43 47.11
CA ASN E 146 3.69 77.64 45.75
C ASN E 146 2.22 78.05 45.65
N ASP E 147 1.55 77.65 44.56
CA ASP E 147 0.13 77.96 44.34
C ASP E 147 -0.74 76.74 44.58
N GLU E 148 -1.41 76.23 43.54
CA GLU E 148 -2.20 75.00 43.65
C GLU E 148 -1.45 73.81 43.05
N THR E 149 -0.13 73.85 43.13
CA THR E 149 0.74 72.79 42.61
C THR E 149 2.20 73.09 42.88
N TYR E 150 2.81 72.34 43.80
CA TYR E 150 4.20 72.56 44.21
C TYR E 150 5.13 72.70 43.01
N GLY E 151 6.29 73.35 43.22
CA GLY E 151 7.27 73.53 42.17
C GLY E 151 8.16 72.31 41.98
N TYR E 152 7.63 71.29 41.30
CA TYR E 152 8.34 70.01 41.15
C TYR E 152 9.06 69.78 39.82
N LYS E 153 10.37 69.52 39.94
CA LYS E 153 11.21 68.93 38.91
C LYS E 153 10.76 69.07 37.45
N ASP E 154 11.22 70.14 36.81
CA ASP E 154 11.04 70.32 35.38
C ASP E 154 12.15 69.57 34.64
N GLY E 155 13.36 69.67 35.18
CA GLY E 155 14.49 68.90 34.67
C GLY E 155 15.12 68.14 35.82
N LYS E 156 15.15 66.80 35.69
CA LYS E 156 15.70 65.91 36.71
C LYS E 156 14.70 65.71 37.87
N PRO E 157 13.78 64.74 37.68
CA PRO E 157 12.59 64.49 38.52
C PRO E 157 12.81 64.27 40.02
N CYS E 158 11.84 63.57 40.62
CA CYS E 158 11.76 63.39 42.07
C CYS E 158 10.68 62.33 42.34
N VAL E 159 11.03 61.29 43.11
CA VAL E 159 10.08 60.22 43.44
C VAL E 159 10.22 59.73 44.88
N ILE E 160 9.25 60.07 45.72
CA ILE E 160 9.31 59.73 47.14
C ILE E 160 8.88 58.28 47.37
N ILE E 161 9.56 57.60 48.29
CA ILE E 161 9.27 56.20 48.59
C ILE E 161 8.73 56.01 50.01
N LYS E 162 7.92 54.97 50.20
CA LYS E 162 7.12 54.80 51.41
C LYS E 162 7.20 53.37 51.94
N LEU E 163 6.66 53.13 53.13
CA LEU E 163 6.59 51.79 53.69
C LEU E 163 5.15 51.30 53.85
N ASN E 164 4.97 49.99 53.86
CA ASN E 164 3.65 49.37 53.99
C ASN E 164 3.17 49.27 55.43
N ARG E 165 2.20 50.11 55.79
CA ARG E 165 1.70 50.12 57.16
C ARG E 165 1.03 48.81 57.60
N VAL E 166 1.60 48.18 58.63
CA VAL E 166 1.02 46.97 59.21
C VAL E 166 0.64 47.21 60.67
N LEU E 167 -0.35 46.47 61.16
CA LEU E 167 -0.86 46.66 62.52
C LEU E 167 0.05 46.04 63.60
N GLY E 168 0.92 46.86 64.18
CA GLY E 168 1.78 46.44 65.28
C GLY E 168 3.11 45.85 64.83
N PHE E 169 3.60 46.33 63.69
CA PHE E 169 4.82 45.80 63.09
C PHE E 169 6.07 46.61 63.49
N LYS E 170 7.01 45.95 64.15
CA LYS E 170 8.22 46.61 64.65
C LYS E 170 9.47 46.23 63.85
N PRO E 171 9.95 47.14 62.98
CA PRO E 171 11.14 46.90 62.17
C PRO E 171 12.40 46.67 63.01
N LYS E 172 13.21 45.68 62.60
CA LYS E 172 14.47 45.38 63.27
C LYS E 172 15.62 45.40 62.25
N PRO E 173 16.30 46.55 62.14
CA PRO E 173 17.32 46.80 61.11
C PRO E 173 18.51 45.85 61.19
N PRO E 174 19.31 45.79 60.11
CA PRO E 174 20.44 44.86 60.02
C PRO E 174 21.56 45.24 60.99
N LYS E 175 22.29 44.24 61.48
CA LYS E 175 23.47 44.49 62.28
C LYS E 175 24.64 44.89 61.37
N ASN E 176 25.77 45.26 61.97
CA ASN E 176 26.96 45.57 61.19
C ASN E 176 27.65 44.31 60.70
N GLU E 177 27.28 43.87 59.49
CA GLU E 177 27.86 42.66 58.90
C GLU E 177 28.03 42.78 57.38
N SER E 178 27.21 42.06 56.63
CA SER E 178 27.33 42.00 55.18
C SER E 178 26.07 42.46 54.44
N LEU E 179 25.89 43.78 54.32
CA LEU E 179 24.74 44.36 53.63
C LEU E 179 25.10 44.74 52.19
N GLU E 180 24.78 45.99 51.83
CA GLU E 180 25.11 46.52 50.51
C GLU E 180 25.78 47.89 50.61
N THR E 181 25.16 48.80 51.36
CA THR E 181 25.75 50.11 51.59
C THR E 181 26.65 50.08 52.81
N TYR E 182 27.92 49.72 52.59
CA TYR E 182 28.91 49.58 53.66
C TYR E 182 28.82 50.67 54.72
N PRO E 183 29.14 50.32 55.98
CA PRO E 183 29.17 51.24 57.13
C PRO E 183 29.92 52.54 56.87
N VAL E 184 29.24 53.50 56.24
CA VAL E 184 29.78 54.85 56.07
C VAL E 184 28.69 55.85 56.48
N MET E 185 28.09 55.56 57.64
CA MET E 185 26.92 56.26 58.18
C MET E 185 25.75 55.28 58.31
N LYS E 186 26.08 54.04 58.67
CA LYS E 186 25.06 53.00 58.87
C LYS E 186 24.42 53.11 60.24
N TYR E 187 23.44 54.01 60.35
CA TYR E 187 22.68 54.23 61.57
C TYR E 187 22.24 52.90 62.22
N ASN E 188 23.18 52.28 62.94
CA ASN E 188 23.00 50.92 63.47
C ASN E 188 21.65 50.64 64.14
N PRO E 189 21.23 51.50 65.08
CA PRO E 189 20.14 51.11 65.97
C PRO E 189 18.72 51.50 65.54
N TYR E 190 18.50 52.69 65.00
CA TYR E 190 17.14 53.20 64.87
C TYR E 190 16.68 53.64 63.47
N VAL E 191 17.11 52.95 62.42
CA VAL E 191 16.71 53.34 61.06
C VAL E 191 16.79 52.21 60.03
N LEU E 192 15.85 52.20 59.09
CA LEU E 192 15.81 51.18 58.04
C LEU E 192 16.35 51.72 56.70
N PRO E 193 17.45 51.15 56.22
CA PRO E 193 18.15 51.62 55.01
C PRO E 193 17.42 51.26 53.72
N VAL E 194 17.66 52.04 52.66
CA VAL E 194 17.09 51.77 51.34
C VAL E 194 18.13 52.04 50.24
N HIS E 195 18.62 50.99 49.61
CA HIS E 195 19.69 51.13 48.63
C HIS E 195 19.20 50.91 47.20
N CYS E 196 19.48 51.89 46.34
CA CYS E 196 19.00 51.87 44.95
C CYS E 196 20.03 51.31 43.97
N THR E 197 19.58 50.46 43.06
CA THR E 197 20.45 49.80 42.09
C THR E 197 19.78 49.65 40.71
N GLY E 198 20.57 49.30 39.70
CA GLY E 198 20.05 49.15 38.35
C GLY E 198 19.48 47.78 38.07
N LYS E 199 20.34 46.77 38.05
CA LYS E 199 19.90 45.38 37.89
C LYS E 199 20.85 44.42 38.61
N ARG E 200 20.71 44.35 39.92
CA ARG E 200 21.54 43.51 40.81
C ARG E 200 22.96 44.03 40.99
N ASP E 201 23.86 43.14 41.42
CA ASP E 201 25.26 43.51 41.65
C ASP E 201 26.07 43.30 40.38
N GLU E 202 25.46 42.66 39.38
CA GLU E 202 26.08 42.43 38.08
C GLU E 202 26.06 43.72 37.25
N ASP E 203 26.87 43.75 36.19
CA ASP E 203 27.05 44.98 35.40
C ASP E 203 25.74 45.59 34.92
N LYS E 204 25.22 46.53 35.71
CA LYS E 204 24.06 47.33 35.32
C LYS E 204 24.57 48.58 34.63
N GLU E 205 23.77 49.12 33.71
CA GLU E 205 24.20 50.29 32.94
C GLU E 205 24.10 51.58 33.75
N LYS E 206 24.57 51.56 35.00
CA LYS E 206 24.41 52.71 35.89
C LYS E 206 24.44 54.01 35.13
N VAL E 207 23.27 54.59 34.92
CA VAL E 207 23.14 55.80 34.14
C VAL E 207 22.45 56.85 35.01
N GLY E 208 22.63 56.72 36.32
CA GLY E 208 22.00 57.61 37.27
C GLY E 208 22.91 58.26 38.29
N THR E 209 22.36 59.24 39.01
CA THR E 209 23.05 59.87 40.12
C THR E 209 22.16 59.80 41.36
N MET E 210 22.57 59.00 42.33
CA MET E 210 21.74 58.64 43.48
C MET E 210 21.77 59.66 44.62
N GLU E 211 20.65 60.33 44.85
CA GLU E 211 20.57 61.33 45.92
C GLU E 211 19.31 61.17 46.78
N TYR E 212 19.51 61.13 48.09
CA TYR E 212 18.45 60.78 49.04
C TYR E 212 18.00 61.95 49.91
N PHE E 213 16.97 61.73 50.73
CA PHE E 213 16.50 62.74 51.71
C PHE E 213 15.88 62.07 52.94
N GLY E 214 15.42 62.87 53.91
CA GLY E 214 14.76 62.30 55.07
C GLY E 214 14.84 63.00 56.41
N LEU E 215 14.59 62.22 57.46
CA LEU E 215 14.42 62.72 58.83
C LEU E 215 15.74 62.65 59.62
N GLY E 216 16.40 63.79 59.73
CA GLY E 216 17.73 63.84 60.29
C GLY E 216 18.73 63.71 59.15
N GLY E 217 18.21 63.79 57.93
CA GLY E 217 19.02 63.61 56.74
C GLY E 217 19.39 62.16 56.52
N TYR E 218 18.51 61.26 56.96
CA TYR E 218 18.74 59.82 56.86
C TYR E 218 17.87 59.15 55.81
N PRO E 219 18.49 58.31 54.97
CA PRO E 219 17.78 57.49 53.96
C PRO E 219 17.16 56.23 54.57
N GLY E 220 16.01 56.38 55.22
CA GLY E 220 15.34 55.26 55.86
C GLY E 220 14.16 55.69 56.72
N PHE E 221 13.82 54.89 57.73
CA PHE E 221 12.68 55.19 58.58
C PHE E 221 12.98 55.12 60.08
N PRO E 222 12.34 56.00 60.85
CA PRO E 222 12.54 56.20 62.29
C PRO E 222 11.61 55.32 63.11
N LEU E 223 12.17 54.53 64.00
CA LEU E 223 11.39 53.63 64.84
C LEU E 223 10.63 54.38 65.94
N GLN E 224 10.54 55.70 65.81
CA GLN E 224 9.84 56.52 66.78
C GLN E 224 8.34 56.53 66.50
N TYR E 225 7.93 55.82 65.45
CA TYR E 225 6.55 55.83 65.00
C TYR E 225 5.79 54.50 65.22
N TYR E 226 6.50 53.38 65.10
CA TYR E 226 5.87 52.07 65.22
C TYR E 226 5.84 51.63 66.66
N PRO E 227 4.83 50.83 67.04
CA PRO E 227 3.78 50.25 66.19
C PRO E 227 2.65 51.20 65.79
N TYR E 228 2.05 50.92 64.62
CA TYR E 228 0.82 51.56 64.17
C TYR E 228 -0.32 50.94 64.97
N TYR E 229 -1.28 51.75 65.42
CA TYR E 229 -2.37 51.26 66.29
C TYR E 229 -3.79 51.30 65.71
N GLY E 230 -3.94 51.00 64.43
CA GLY E 230 -5.26 50.89 63.79
C GLY E 230 -5.90 52.22 63.45
N LYS E 231 -6.58 52.29 62.31
CA LYS E 231 -7.25 53.52 61.89
C LYS E 231 -8.48 53.78 62.76
N LEU E 232 -8.59 53.03 63.86
CA LEU E 232 -9.69 53.23 64.79
C LEU E 232 -9.16 53.89 66.05
N LEU E 233 -8.17 53.25 66.64
CA LEU E 233 -7.49 53.80 67.80
C LEU E 233 -6.43 54.81 67.35
N GLN E 234 -6.59 55.37 66.15
CA GLN E 234 -5.53 56.22 65.60
C GLN E 234 -5.80 56.79 64.21
N PRO E 235 -6.99 57.37 63.99
CA PRO E 235 -7.10 58.06 62.71
C PRO E 235 -6.05 59.17 62.75
N LYS E 236 -5.92 59.96 61.69
CA LYS E 236 -4.98 61.08 61.69
C LYS E 236 -3.52 60.61 61.70
N TYR E 237 -3.30 59.34 62.05
CA TYR E 237 -1.96 58.77 62.02
C TYR E 237 -1.35 59.01 60.66
N LEU E 238 -0.09 59.42 60.65
CA LEU E 238 0.63 59.59 59.40
C LEU E 238 1.88 58.74 59.42
N GLN E 239 2.29 58.26 58.26
CA GLN E 239 3.44 57.38 58.16
C GLN E 239 4.66 58.13 57.68
N PRO E 240 5.85 57.54 57.86
CA PRO E 240 7.14 58.12 57.45
C PRO E 240 7.28 58.24 55.94
N LEU E 241 8.09 59.20 55.47
CA LEU E 241 8.37 59.37 54.04
C LEU E 241 9.88 59.49 53.79
N MET E 242 10.33 59.32 52.56
CA MET E 242 11.76 59.20 52.28
C MET E 242 12.20 59.53 50.85
N ALA E 243 11.82 60.69 50.34
CA ALA E 243 12.09 61.05 48.94
C ALA E 243 13.53 60.79 48.47
N VAL E 244 13.67 60.42 47.20
CA VAL E 244 14.97 60.21 46.57
C VAL E 244 15.00 60.92 45.22
N GLN E 245 15.56 62.13 45.19
CA GLN E 245 15.58 62.92 43.96
C GLN E 245 16.59 62.38 42.94
N PHE E 246 16.14 62.25 41.69
CA PHE E 246 16.96 61.69 40.61
C PHE E 246 17.53 62.79 39.71
N THR E 247 18.76 63.23 40.02
CA THR E 247 19.43 64.27 39.24
C THR E 247 20.58 63.69 38.40
N ASN E 248 20.34 62.50 37.86
CA ASN E 248 21.29 61.82 36.99
C ASN E 248 21.63 62.64 35.75
N LEU E 249 22.91 62.68 35.38
CA LEU E 249 23.35 63.42 34.20
C LEU E 249 22.79 62.82 32.90
N THR E 250 22.06 61.69 33.01
CA THR E 250 21.47 61.01 31.85
C THR E 250 20.02 61.38 31.58
N MET E 251 19.53 61.00 30.42
CA MET E 251 18.17 61.29 30.00
C MET E 251 17.86 60.61 28.68
N ASP E 252 16.58 60.56 28.33
CA ASP E 252 16.12 59.96 27.08
C ASP E 252 16.42 58.45 27.02
N THR E 253 16.30 57.78 28.15
CA THR E 253 16.59 56.34 28.20
C THR E 253 15.84 55.63 29.33
N GLU E 254 15.28 54.47 29.01
CA GLU E 254 14.61 53.65 30.00
C GLU E 254 15.64 52.78 30.72
N ILE E 255 15.73 52.89 32.03
CA ILE E 255 16.66 52.08 32.81
C ILE E 255 16.03 51.64 34.12
N ARG E 256 15.89 50.33 34.28
CA ARG E 256 15.20 49.80 35.45
C ARG E 256 16.06 49.95 36.72
N ILE E 257 15.43 50.46 37.77
CA ILE E 257 16.08 50.63 39.06
C ILE E 257 15.23 50.00 40.15
N GLU E 258 15.88 49.33 41.10
CA GLU E 258 15.20 48.68 42.20
C GLU E 258 15.59 49.34 43.52
N CYS E 259 14.60 49.70 44.33
CA CYS E 259 14.88 50.26 45.64
C CYS E 259 14.51 49.32 46.78
N LYS E 260 15.40 48.38 47.05
CA LYS E 260 15.24 47.43 48.15
C LYS E 260 15.27 48.12 49.51
N ALA E 261 14.63 47.49 50.48
CA ALA E 261 14.75 47.90 51.87
C ALA E 261 15.31 46.72 52.66
N TYR E 262 16.12 47.01 53.66
CA TYR E 262 16.81 45.95 54.39
C TYR E 262 16.40 45.84 55.84
N GLY E 263 16.57 44.64 56.40
CA GLY E 263 16.23 44.38 57.77
C GLY E 263 15.88 42.91 58.00
N GLU E 264 15.87 42.49 59.26
CA GLU E 264 15.53 41.11 59.59
C GLU E 264 14.04 40.83 59.39
N ASN E 265 13.21 41.83 59.67
CA ASN E 265 11.79 41.76 59.36
C ASN E 265 11.49 42.31 57.97
N ILE E 266 12.37 41.99 57.02
CA ILE E 266 12.21 42.40 55.63
C ILE E 266 12.54 41.23 54.72
N GLY E 267 11.60 40.89 53.83
CA GLY E 267 11.79 39.79 52.91
C GLY E 267 11.37 40.18 51.50
N TYR E 268 11.37 39.21 50.59
CA TYR E 268 10.99 39.43 49.21
C TYR E 268 10.30 38.21 48.63
N SER E 269 9.41 38.44 47.66
CA SER E 269 8.91 37.36 46.81
C SER E 269 9.44 37.60 45.40
N GLU E 270 9.54 36.53 44.63
CA GLU E 270 10.05 36.66 43.28
C GLU E 270 8.92 37.00 42.31
N LYS E 271 7.68 36.71 42.70
CA LYS E 271 6.55 37.08 41.86
C LYS E 271 5.83 38.33 42.35
N ASP E 272 6.03 38.65 43.64
CA ASP E 272 5.53 39.91 44.19
C ASP E 272 6.54 41.03 43.91
N ARG E 273 6.32 41.73 42.80
CA ARG E 273 7.27 42.73 42.34
C ARG E 273 7.34 43.94 43.26
N PHE E 274 6.72 43.83 44.43
CA PHE E 274 6.75 44.94 45.39
C PHE E 274 6.78 44.50 46.86
N GLN E 275 7.13 43.24 47.12
CA GLN E 275 7.23 42.76 48.49
C GLN E 275 8.60 43.02 49.09
N GLY E 276 8.66 43.97 50.01
CA GLY E 276 9.92 44.38 50.62
C GLY E 276 10.90 44.93 49.60
N ARG E 277 10.39 45.66 48.61
CA ARG E 277 11.26 46.26 47.60
C ARG E 277 10.48 47.09 46.59
N PHE E 278 11.18 47.55 45.57
CA PHE E 278 10.60 48.42 44.54
C PHE E 278 10.92 47.90 43.16
N ASP E 279 10.59 48.71 42.15
CA ASP E 279 10.86 48.42 40.74
C ASP E 279 10.21 49.50 39.89
N VAL E 280 11.01 50.36 39.29
CA VAL E 280 10.48 51.47 38.52
C VAL E 280 11.30 51.79 37.26
N LYS E 281 10.60 51.90 36.13
CA LYS E 281 11.22 52.30 34.87
C LYS E 281 11.13 53.81 34.71
N ILE E 282 12.22 54.43 34.24
CA ILE E 282 12.35 55.88 34.29
C ILE E 282 12.96 56.49 33.03
N GLU E 283 12.33 57.55 32.53
CA GLU E 283 12.74 58.16 31.27
C GLU E 283 12.17 59.58 31.11
N VAL E 284 13.04 60.59 31.09
CA VAL E 284 12.61 61.97 30.95
C VAL E 284 12.85 62.50 29.54
N LYS E 285 12.19 61.86 28.58
CA LYS E 285 12.33 62.22 27.16
C LYS E 285 12.15 63.71 26.95
N SER E 286 13.25 64.45 27.01
CA SER E 286 13.20 65.91 26.86
C SER E 286 12.64 66.30 25.49
N TYR F 1 2.45 27.50 58.69
CA TYR F 1 1.76 26.92 57.53
C TYR F 1 2.25 25.51 57.19
N GLU F 2 3.55 25.28 57.35
CA GLU F 2 4.15 23.97 57.08
C GLU F 2 3.42 22.88 57.84
N THR F 3 2.88 23.24 58.99
CA THR F 3 2.22 22.29 59.88
C THR F 3 0.76 22.05 59.50
N VAL F 4 0.26 22.79 58.52
CA VAL F 4 -1.11 22.64 58.06
C VAL F 4 -1.16 21.79 56.79
N ARG F 5 -0.14 21.95 55.94
CA ARG F 5 -0.05 21.22 54.67
C ARG F 5 0.08 19.71 54.92
N ASN F 6 0.92 19.34 55.87
CA ASN F 6 1.05 17.95 56.29
C ASN F 6 -0.10 17.54 57.20
N GLY F 7 -1.07 18.42 57.36
CA GLY F 7 -2.22 18.16 58.22
C GLY F 7 -3.44 17.71 57.44
N GLY F 8 -3.64 18.31 56.26
CA GLY F 8 -4.75 17.94 55.41
C GLY F 8 -4.47 16.72 54.56
N LEU F 9 -3.19 16.46 54.28
CA LEU F 9 -2.80 15.32 53.46
C LEU F 9 -3.07 13.99 54.18
N ILE F 10 -3.43 14.06 55.46
CA ILE F 10 -3.64 12.84 56.24
C ILE F 10 -5.12 12.44 56.35
N PHE F 11 -5.95 13.30 56.94
CA PHE F 11 -7.38 12.99 57.04
C PHE F 11 -8.02 12.92 55.67
N ALA F 12 -7.26 13.32 54.65
CA ALA F 12 -7.66 13.11 53.27
C ALA F 12 -7.32 11.70 52.85
N ALA F 13 -6.05 11.33 53.03
CA ALA F 13 -5.57 9.99 52.63
C ALA F 13 -6.23 8.86 53.42
N LEU F 14 -6.74 9.18 54.60
CA LEU F 14 -7.51 8.21 55.39
C LEU F 14 -8.98 8.28 54.99
N ALA F 15 -9.23 8.75 53.77
CA ALA F 15 -10.59 8.87 53.25
C ALA F 15 -10.69 8.31 51.82
N PHE F 16 -9.56 8.28 51.12
CA PHE F 16 -9.46 7.55 49.86
C PHE F 16 -9.32 6.08 50.22
N ILE F 17 -8.88 5.83 51.46
CA ILE F 17 -8.67 4.48 51.96
C ILE F 17 -9.93 3.86 52.61
N VAL F 18 -10.57 4.61 53.51
CA VAL F 18 -11.82 4.15 54.12
C VAL F 18 -12.89 4.01 53.06
N GLY F 19 -12.74 4.74 51.96
CA GLY F 19 -13.65 4.65 50.84
C GLY F 19 -13.43 3.37 50.05
N LEU F 20 -12.16 2.96 49.93
CA LEU F 20 -11.83 1.69 49.30
C LEU F 20 -12.33 0.51 50.12
N ILE F 21 -12.40 0.70 51.44
CA ILE F 21 -12.83 -0.36 52.34
C ILE F 21 -14.37 -0.41 52.43
N ILE F 22 -15.03 0.70 52.09
CA ILE F 22 -16.49 0.72 52.01
C ILE F 22 -16.89 0.28 50.60
N LEU F 23 -15.97 0.44 49.65
CA LEU F 23 -16.19 0.06 48.25
C LEU F 23 -16.03 -1.45 48.08
N LEU F 24 -14.88 -1.96 48.50
CA LEU F 24 -14.58 -3.39 48.41
C LEU F 24 -15.41 -4.16 49.42
N SER F 25 -16.39 -3.48 50.02
CA SER F 25 -17.36 -4.13 50.89
C SER F 25 -18.45 -4.78 50.04
N LYS F 26 -18.07 -5.87 49.38
CA LYS F 26 -18.93 -6.62 48.46
C LYS F 26 -18.81 -6.15 47.01
N ARG F 27 -18.07 -5.07 46.78
CA ARG F 27 -17.90 -4.48 45.44
C ARG F 27 -19.10 -3.60 45.05
#